data_6FIK
#
_entry.id   6FIK
#
_cell.length_a   1.0
_cell.length_b   1.0
_cell.length_c   1.0
_cell.angle_alpha   90.00
_cell.angle_beta   90.00
_cell.angle_gamma   90.00
#
_symmetry.space_group_name_H-M   'P 1'
#
loop_
_entity.id
_entity.type
_entity.pdbx_description
1 polymer 'Polyketide synthase'
2 polymer 'Polyketide synthase'
#
loop_
_entity_poly.entity_id
_entity_poly.type
_entity_poly.pdbx_seq_one_letter_code
_entity_poly.pdbx_strand_id
1 'polypeptide(L)'
;MEDGAQMRVVAFGDQTYDCSEAVSQLLRVRDDAIVVDFLERAPAVLKAELARLSSEQQEETPRFATLAELVPRYRAGTLN
PAVSQALTCIAQLGLFIRQHSSGQEAYPTAHDSCITGVATGALTAVAVGSASSVTALVPLALHTVAVAVRLGARAWEIGS
CLADARRGANGRYASWTSAVGGISPQDLQDRISAYTAEQALASVSVPYLSAAVGPGQSSVSAAPVILDAFLSTLLRPLTT
TRLPITAPYHAPHLFTAKDVQHVTDCLPPSEAWPTVRIPIISFSRDEAVSRGASFPAAMSEAVRDCLIRPIALDRMAVSI
ANHARDLGKDSVLPSPIALSFSDKLGPQVNSHLPGAKAPTPELTSKSIPSAIGAEQQPMAKSPIAILAASGRFPQSSSMD
QFWDVLINGVDTHELVPPTRWNAATHVSEDPKAKNVSGTGFGCWLHEAGEFDAAYFNMSPREAPQVDPAQRLALLTATEA
LEQAGVVPNRTSSTQKNRVGVWYGATSNDWMETNSAQNVDTYFIPGGNRAFIPGRVNYFHKFSGPSYTIDTACSSSLAAL
HMACNALWRGEVDTAIVGGTNVLTNPDMTAGLDAGHFLSRSGNCKTFDDEADGYCRGEAVVTLILKRLPDAQADKDPIQA
SILGIATNHSAEAASITRPHAGAQQDLFQQVLTETGLTANDISVCEMHGTGTQAGDSGETTSVVETLAPLNRSGSAVRTT
PLYIGAVKSNVGHAESAAGVSSLAKILLMLKHSKIPPHVGIKTKLNHRLPDLAARNTHIARSEVPWPRPKNGKRRVLLNN
FSAAGGNTCLVLEDAPEPEDSQEVDPREHHIVALSAKTPDSMVNNLTNMITWIDKHSGDSLATLPQLSYTTTARRVHHRH
RAVATGTDLLQIRSSLQEQLDRRVSGERSIPHPPNGPSFVLAFTGQGSAFAGMGVDLYKRFASFRSDIARYDQICEGMSL
PSIKAMFEDEKVFSTASPTLQQLTHVCFQMALYRLWKSLGVQAKAVVGHALGEYAALYAAGVLSQSDTLYLVGRRAQLME
KHLSQGTHAMLAVRAKEEAIVAAIDGPPGEAYEFSCRNGEQRNVLGGTVAQIQAAKAALEAKKIRCQYLDTPMAFHTGQV
DPILPELLQVAAACSIQDPQIPVISPAYGKVIRSAKDFQPEYFTHHCRSSVNMVDALQSAVEEGLLDKNVIGLEIGPGPV
VTQFVKEAVGTTMQTFASINKDKDTWQLMTQALAKFYLAGASVEWSRYHEDFPGAQKVLELPAYGWALKNYWLQYVNDWS
LRKGDPAVVVAASAAALEHHHHHH
;
A,B
2 'polypeptide(L)'
;GSHMDPSPNEIGTVWRDALKILSEESGLTDEELTDDTSFADVGVDSLMSLVITSRLRDELDIDFPDRALFEECQTIFDLR
KRFSGSTE
;
C
#
# COMPACT_ATOMS: atom_id res chain seq x y z
N ALA A 5 37.15 -13.63 29.08
CA ALA A 5 35.80 -13.90 29.58
C ALA A 5 35.10 -12.59 29.96
N GLN A 6 34.79 -11.77 28.96
CA GLN A 6 34.14 -10.49 29.17
C GLN A 6 32.64 -10.69 29.16
N MET A 7 31.96 -9.92 29.99
CA MET A 7 30.51 -10.00 30.16
C MET A 7 29.81 -8.69 29.80
N ARG A 8 28.94 -8.72 28.80
CA ARG A 8 28.24 -7.49 28.43
C ARG A 8 27.03 -7.23 29.32
N VAL A 9 26.90 -5.97 29.77
CA VAL A 9 25.74 -5.52 30.55
C VAL A 9 24.90 -4.60 29.68
N VAL A 10 23.61 -4.87 29.60
CA VAL A 10 22.65 -4.10 28.82
C VAL A 10 21.94 -3.17 29.80
N ALA A 11 22.25 -1.86 29.73
CA ALA A 11 21.76 -0.88 30.68
C ALA A 11 20.81 0.09 29.98
N PHE A 12 19.59 0.21 30.50
CA PHE A 12 18.60 1.16 30.02
C PHE A 12 18.49 2.36 30.97
N GLY A 13 18.09 3.50 30.42
CA GLY A 13 18.05 4.75 31.15
C GLY A 13 16.65 5.12 31.60
N ASP A 14 16.52 6.37 32.06
CA ASP A 14 15.27 6.94 32.56
C ASP A 14 14.84 8.09 31.66
N GLN A 15 13.89 8.90 32.15
CA GLN A 15 13.37 10.03 31.39
C GLN A 15 14.45 11.08 31.12
N THR A 16 15.52 11.11 31.92
CA THR A 16 16.51 12.19 31.81
C THR A 16 17.22 12.20 30.46
N TYR A 17 17.36 11.05 29.82
CA TYR A 17 17.99 10.99 28.51
C TYR A 17 17.01 11.49 27.47
N ASP A 18 17.49 12.32 26.55
CA ASP A 18 16.63 12.87 25.52
C ASP A 18 16.46 11.81 24.43
N CYS A 19 15.23 11.33 24.28
CA CYS A 19 14.88 10.30 23.32
C CYS A 19 14.32 10.87 22.02
N SER A 20 14.31 12.20 21.87
CA SER A 20 13.83 12.83 20.65
C SER A 20 14.67 12.39 19.45
N GLU A 21 15.99 12.51 19.58
CA GLU A 21 16.87 12.07 18.50
C GLU A 21 16.76 10.58 18.28
N ALA A 22 16.62 9.82 19.37
CA ALA A 22 16.52 8.36 19.27
C ALA A 22 15.34 7.97 18.38
N VAL A 23 14.13 8.39 18.78
CA VAL A 23 12.91 8.04 18.05
C VAL A 23 12.93 8.64 16.66
N SER A 24 13.51 9.84 16.53
CA SER A 24 13.71 10.45 15.22
C SER A 24 14.53 9.54 14.31
N GLN A 25 15.52 8.84 14.87
CA GLN A 25 16.31 7.88 14.11
C GLN A 25 15.61 6.52 13.97
N LEU A 26 14.64 6.20 14.83
CA LEU A 26 13.96 4.91 14.75
C LEU A 26 12.85 4.92 13.72
N LEU A 27 12.20 6.07 13.53
CA LEU A 27 11.26 6.24 12.42
C LEU A 27 11.95 6.17 11.06
N ARG A 28 13.28 6.22 11.01
CA ARG A 28 14.05 6.09 9.78
C ARG A 28 14.32 4.64 9.40
N VAL A 29 14.08 3.70 10.32
CA VAL A 29 14.41 2.31 10.06
C VAL A 29 13.48 1.76 8.99
N ARG A 30 14.07 1.06 8.02
CA ARG A 30 13.37 0.48 6.90
C ARG A 30 13.83 -0.95 6.64
N ASP A 31 15.16 -1.17 6.61
CA ASP A 31 15.82 -2.45 6.36
C ASP A 31 15.14 -3.68 6.97
N ASP A 32 14.61 -3.55 8.18
CA ASP A 32 13.97 -4.65 8.90
C ASP A 32 12.56 -4.20 9.23
N ALA A 33 11.58 -5.03 8.85
CA ALA A 33 10.18 -4.66 8.99
C ALA A 33 9.66 -4.74 10.42
N ILE A 34 10.37 -5.40 11.34
CA ILE A 34 9.84 -5.53 12.69
C ILE A 34 9.90 -4.21 13.42
N VAL A 35 10.84 -3.33 13.07
CA VAL A 35 10.96 -2.05 13.76
C VAL A 35 9.81 -1.13 13.36
N VAL A 36 9.54 -1.02 12.05
CA VAL A 36 8.40 -0.21 11.61
C VAL A 36 7.09 -0.86 12.04
N ASP A 37 7.06 -2.19 12.15
CA ASP A 37 5.87 -2.86 12.65
C ASP A 37 5.63 -2.53 14.12
N PHE A 38 6.69 -2.60 14.92
CA PHE A 38 6.59 -2.26 16.34
C PHE A 38 6.20 -0.81 16.53
N LEU A 39 6.84 0.09 15.76
CA LEU A 39 6.50 1.50 15.79
C LEU A 39 5.15 1.79 15.16
N GLU A 40 4.55 0.82 14.46
CA GLU A 40 3.20 0.97 13.94
C GLU A 40 2.17 0.61 15.01
N ARG A 41 2.41 -0.50 15.72
CA ARG A 41 1.43 -0.96 16.70
C ARG A 41 1.54 -0.18 18.01
N ALA A 42 2.74 0.30 18.32
CA ALA A 42 2.98 1.01 19.57
C ALA A 42 2.11 2.24 19.74
N PRO A 43 2.04 3.19 18.79
CA PRO A 43 1.16 4.35 19.01
C PRO A 43 -0.31 4.00 18.99
N ALA A 44 -0.70 2.94 18.27
CA ALA A 44 -2.10 2.55 18.20
C ALA A 44 -2.57 1.96 19.53
N VAL A 45 -1.82 0.98 20.05
CA VAL A 45 -2.13 0.43 21.37
C VAL A 45 -1.96 1.50 22.44
N LEU A 46 -1.00 2.40 22.25
CA LEU A 46 -0.79 3.51 23.18
C LEU A 46 -2.04 4.35 23.31
N LYS A 47 -2.52 4.89 22.20
CA LYS A 47 -3.74 5.69 22.22
C LYS A 47 -4.94 4.87 22.63
N ALA A 48 -4.93 3.56 22.34
CA ALA A 48 -6.01 2.70 22.81
C ALA A 48 -6.05 2.65 24.33
N GLU A 49 -4.89 2.61 24.97
CA GLU A 49 -4.83 2.68 26.43
C GLU A 49 -5.07 4.08 26.97
N LEU A 50 -4.80 5.12 26.17
CA LEU A 50 -5.06 6.48 26.63
C LEU A 50 -6.55 6.80 26.69
N ALA A 51 -7.39 6.06 25.97
CA ALA A 51 -8.83 6.28 26.02
C ALA A 51 -9.47 5.84 27.33
N ARG A 52 -8.78 5.04 28.13
CA ARG A 52 -9.30 4.55 29.41
C ARG A 52 -9.02 5.50 30.56
N LEU A 53 -8.52 6.70 30.28
CA LEU A 53 -8.01 7.64 31.26
C LEU A 53 -9.13 8.55 31.77
N SER A 54 -8.77 9.56 32.57
CA SER A 54 -9.71 10.56 33.09
C SER A 54 -9.71 11.81 32.20
N SER A 55 -10.58 12.76 32.53
CA SER A 55 -10.80 13.89 31.62
C SER A 55 -9.58 14.80 31.54
N GLU A 56 -8.92 15.04 32.68
CA GLU A 56 -7.72 15.86 32.67
C GLU A 56 -6.59 15.17 31.91
N GLN A 57 -6.63 13.85 31.80
CA GLN A 57 -5.61 13.04 31.16
C GLN A 57 -5.84 12.93 29.65
N GLN A 58 -6.87 13.60 29.12
CA GLN A 58 -7.37 13.41 27.77
C GLN A 58 -7.47 14.76 27.07
N GLU A 59 -8.18 15.71 27.69
CA GLU A 59 -8.36 17.05 27.10
C GLU A 59 -7.02 17.67 26.71
N GLU A 60 -5.97 17.42 27.50
CA GLU A 60 -4.64 17.91 27.20
C GLU A 60 -3.86 16.93 26.34
N THR A 61 -4.31 15.68 26.23
CA THR A 61 -3.69 14.72 25.33
C THR A 61 -4.05 15.07 23.88
N PRO A 62 -3.05 15.16 22.96
CA PRO A 62 -3.39 15.50 21.57
C PRO A 62 -3.63 14.29 20.67
N ARG A 63 -3.91 14.56 19.39
CA ARG A 63 -4.01 13.54 18.35
C ARG A 63 -2.66 13.31 17.68
N PHE A 64 -2.35 12.04 17.40
CA PHE A 64 -1.21 11.71 16.56
C PHE A 64 -1.45 10.36 15.90
N ALA A 65 -1.05 10.26 14.63
CA ALA A 65 -1.05 8.98 13.93
C ALA A 65 0.18 8.16 14.26
N THR A 66 1.36 8.76 14.17
CA THR A 66 2.65 8.14 14.40
C THR A 66 3.36 8.90 15.50
N LEU A 67 4.60 8.51 15.79
CA LEU A 67 5.39 9.11 16.84
C LEU A 67 6.17 10.33 16.36
N ALA A 68 5.93 10.80 15.13
CA ALA A 68 6.66 11.95 14.60
C ALA A 68 6.11 13.29 15.10
N GLU A 69 4.79 13.39 15.28
CA GLU A 69 4.20 14.67 15.71
C GLU A 69 4.54 15.03 17.16
N LEU A 70 4.84 14.04 18.00
CA LEU A 70 5.19 14.30 19.40
C LEU A 70 6.66 14.66 19.61
N VAL A 71 7.50 14.57 18.57
CA VAL A 71 8.92 14.89 18.66
C VAL A 71 9.17 16.36 18.98
N PRO A 72 8.66 17.32 18.19
CA PRO A 72 8.97 18.74 18.49
C PRO A 72 8.42 19.18 19.83
N ARG A 73 7.21 18.74 20.16
CA ARG A 73 6.63 19.08 21.44
C ARG A 73 7.32 18.37 22.59
N TYR A 74 7.92 17.20 22.34
CA TYR A 74 8.72 16.56 23.37
C TYR A 74 9.99 17.38 23.62
N ARG A 75 10.58 17.94 22.56
CA ARG A 75 11.65 18.89 22.75
C ARG A 75 11.17 20.12 23.52
N ALA A 76 9.96 20.58 23.24
CA ALA A 76 9.40 21.76 23.88
C ALA A 76 8.85 21.50 25.28
N GLY A 77 8.86 20.25 25.76
CA GLY A 77 8.48 20.00 27.13
C GLY A 77 7.01 20.16 27.45
N THR A 78 6.13 20.04 26.44
CA THR A 78 4.69 20.18 26.61
C THR A 78 3.98 18.82 26.71
N LEU A 79 4.74 17.72 26.75
CA LEU A 79 4.19 16.38 26.64
C LEU A 79 3.96 15.75 28.00
N ASN A 80 2.85 15.00 28.12
CA ASN A 80 2.45 14.51 29.43
C ASN A 80 3.37 13.39 29.88
N PRO A 81 3.35 13.02 31.16
CA PRO A 81 4.16 11.89 31.59
C PRO A 81 3.74 10.55 31.02
N ALA A 82 2.46 10.30 30.74
CA ALA A 82 2.08 8.97 30.27
C ALA A 82 2.66 8.69 28.89
N VAL A 83 2.58 9.68 28.01
CA VAL A 83 3.06 9.48 26.66
C VAL A 83 4.58 9.55 26.63
N SER A 84 5.17 10.54 27.30
CA SER A 84 6.63 10.65 27.30
C SER A 84 7.28 9.43 27.93
N GLN A 85 6.59 8.81 28.87
CA GLN A 85 7.05 7.57 29.49
C GLN A 85 7.01 6.45 28.46
N ALA A 86 5.86 6.31 27.79
CA ALA A 86 5.72 5.30 26.75
C ALA A 86 6.70 5.56 25.61
N LEU A 87 6.97 6.83 25.31
CA LEU A 87 7.87 7.21 24.22
C LEU A 87 9.29 6.79 24.54
N THR A 88 9.74 7.08 25.76
CA THR A 88 11.06 6.61 26.20
C THR A 88 11.14 5.09 26.11
N CYS A 89 10.07 4.39 26.51
CA CYS A 89 10.09 2.93 26.42
C CYS A 89 10.17 2.45 24.97
N ILE A 90 9.43 3.10 24.08
CA ILE A 90 9.45 2.77 22.64
C ILE A 90 10.86 2.99 22.09
N ALA A 91 11.48 4.11 22.47
CA ALA A 91 12.82 4.41 21.97
C ALA A 91 13.84 3.36 22.40
N GLN A 92 13.80 3.00 23.68
CA GLN A 92 14.73 2.00 24.23
C GLN A 92 14.61 0.67 23.51
N LEU A 93 13.38 0.14 23.44
CA LEU A 93 13.11 -1.09 22.71
C LEU A 93 13.46 -0.99 21.23
N GLY A 94 13.14 0.13 20.60
CA GLY A 94 13.47 0.29 19.19
C GLY A 94 14.95 0.17 18.92
N LEU A 95 15.77 0.86 19.72
CA LEU A 95 17.21 0.76 19.52
C LEU A 95 17.71 -0.66 19.81
N PHE A 96 17.18 -1.32 20.85
CA PHE A 96 17.63 -2.68 21.13
C PHE A 96 17.24 -3.65 20.01
N ILE A 97 16.00 -3.53 19.51
CA ILE A 97 15.51 -4.42 18.45
C ILE A 97 16.34 -4.23 17.19
N ARG A 98 16.62 -2.97 16.84
CA ARG A 98 17.41 -2.70 15.65
C ARG A 98 18.82 -3.25 15.80
N GLN A 99 19.39 -3.09 17.00
CA GLN A 99 20.74 -3.56 17.23
C GLN A 99 20.85 -5.06 17.07
N HIS A 100 19.82 -5.80 17.49
CA HIS A 100 19.86 -7.26 17.52
C HIS A 100 19.17 -7.94 16.34
N SER A 101 18.64 -7.19 15.38
CA SER A 101 18.12 -7.76 14.12
C SER A 101 18.81 -7.14 12.91
N SER A 102 18.62 -5.84 12.65
CA SER A 102 19.39 -5.19 11.59
C SER A 102 20.88 -5.20 11.91
N GLY A 103 21.25 -4.93 13.16
CA GLY A 103 22.64 -4.94 13.57
C GLY A 103 23.25 -6.33 13.67
N GLN A 104 22.45 -7.40 13.59
CA GLN A 104 22.92 -8.79 13.63
C GLN A 104 23.79 -9.05 14.85
N GLU A 105 23.40 -8.43 15.97
CA GLU A 105 24.04 -8.65 17.25
C GLU A 105 23.32 -9.80 17.94
N ALA A 106 24.08 -10.76 18.46
CA ALA A 106 23.49 -11.91 19.14
C ALA A 106 22.69 -11.49 20.37
N TYR A 107 21.62 -12.24 20.63
CA TYR A 107 20.73 -11.92 21.73
C TYR A 107 21.41 -12.25 23.08
N PRO A 108 21.22 -11.43 24.13
CA PRO A 108 21.81 -11.75 25.45
C PRO A 108 21.47 -13.14 25.98
N THR A 109 22.41 -13.71 26.76
CA THR A 109 22.20 -15.00 27.41
C THR A 109 22.63 -14.89 28.86
N ALA A 110 21.99 -15.70 29.73
CA ALA A 110 22.29 -15.66 31.17
C ALA A 110 23.76 -15.92 31.49
N HIS A 111 24.47 -16.64 30.62
CA HIS A 111 25.84 -17.03 30.91
C HIS A 111 26.77 -15.84 30.74
N ASP A 112 26.66 -15.17 29.58
CA ASP A 112 27.62 -14.16 29.15
C ASP A 112 27.17 -12.72 29.39
N SER A 113 26.01 -12.49 30.01
CA SER A 113 25.46 -11.13 30.02
C SER A 113 24.36 -10.98 31.06
N CYS A 114 24.16 -9.73 31.48
CA CYS A 114 23.12 -9.35 32.42
C CYS A 114 22.47 -8.06 31.93
N ILE A 115 21.30 -7.78 32.46
CA ILE A 115 20.49 -6.62 32.09
C ILE A 115 20.25 -5.77 33.32
N THR A 116 20.09 -4.48 33.10
CA THR A 116 19.81 -3.56 34.18
C THR A 116 19.09 -2.35 33.60
N GLY A 117 18.39 -1.65 34.48
CA GLY A 117 17.65 -0.47 34.08
C GLY A 117 17.28 0.35 35.29
N VAL A 118 17.03 1.64 35.06
CA VAL A 118 16.64 2.56 36.12
C VAL A 118 15.36 3.22 35.64
N ALA A 119 14.34 3.27 36.51
CA ALA A 119 13.04 3.88 36.20
C ALA A 119 12.49 3.14 34.97
N THR A 120 12.26 3.81 33.82
CA THR A 120 11.70 3.19 32.61
C THR A 120 12.47 1.93 32.21
N GLY A 121 13.80 2.03 32.29
CA GLY A 121 14.66 0.93 31.95
C GLY A 121 14.34 -0.37 32.65
N ALA A 122 13.80 -0.29 33.88
CA ALA A 122 13.41 -1.50 34.61
C ALA A 122 12.36 -2.30 33.84
N LEU A 123 11.25 -1.64 33.46
CA LEU A 123 10.19 -2.27 32.67
C LEU A 123 10.76 -2.90 31.41
N THR A 124 11.52 -2.10 30.65
CA THR A 124 12.10 -2.61 29.42
C THR A 124 13.06 -3.76 29.70
N ALA A 125 13.75 -3.70 30.84
CA ALA A 125 14.70 -4.74 31.21
C ALA A 125 13.97 -6.05 31.42
N VAL A 126 12.78 -5.98 32.03
CA VAL A 126 11.97 -7.17 32.26
C VAL A 126 11.70 -7.82 30.91
N ALA A 127 11.27 -6.99 29.94
CA ALA A 127 10.93 -7.52 28.61
C ALA A 127 12.12 -8.20 27.96
N VAL A 128 13.30 -7.58 27.98
CA VAL A 128 14.45 -8.23 27.34
C VAL A 128 14.86 -9.47 28.13
N GLY A 129 14.68 -9.45 29.45
CA GLY A 129 15.10 -10.59 30.24
C GLY A 129 14.19 -11.79 30.12
N SER A 130 12.96 -11.59 29.61
CA SER A 130 11.97 -12.67 29.53
C SER A 130 11.84 -13.36 28.16
N ALA A 131 12.64 -12.99 27.15
CA ALA A 131 12.56 -13.57 25.81
C ALA A 131 13.86 -14.29 25.48
N SER A 132 13.79 -15.20 24.49
CA SER A 132 14.98 -15.84 23.92
C SER A 132 15.48 -15.21 22.63
N SER A 133 14.69 -14.34 21.99
CA SER A 133 14.94 -13.95 20.61
C SER A 133 14.14 -12.68 20.34
N VAL A 134 14.54 -11.96 19.29
CA VAL A 134 13.86 -10.71 18.98
C VAL A 134 12.38 -10.98 18.68
N THR A 135 12.10 -12.07 17.96
CA THR A 135 10.72 -12.47 17.67
C THR A 135 9.93 -12.72 18.96
N ALA A 136 10.53 -13.43 19.91
CA ALA A 136 9.88 -13.69 21.19
C ALA A 136 9.92 -12.49 22.12
N LEU A 137 10.76 -11.49 21.82
CA LEU A 137 10.79 -10.25 22.59
C LEU A 137 9.67 -9.31 22.21
N VAL A 138 9.27 -9.31 20.94
CA VAL A 138 8.31 -8.30 20.48
C VAL A 138 6.97 -8.31 21.20
N PRO A 139 6.34 -9.47 21.54
CA PRO A 139 5.02 -9.33 22.19
C PRO A 139 5.18 -8.72 23.58
N LEU A 140 6.15 -9.25 24.35
CA LEU A 140 6.54 -8.70 25.65
C LEU A 140 6.96 -7.25 25.55
N ALA A 141 7.52 -6.88 24.42
CA ALA A 141 7.79 -5.48 24.15
C ALA A 141 6.50 -4.66 24.13
N LEU A 142 5.49 -5.09 23.36
CA LEU A 142 4.24 -4.31 23.30
C LEU A 142 3.51 -4.28 24.66
N HIS A 143 3.45 -5.43 25.35
CA HIS A 143 2.98 -5.48 26.72
C HIS A 143 3.66 -4.42 27.57
N THR A 144 4.98 -4.31 27.43
CA THR A 144 5.75 -3.35 28.21
C THR A 144 5.40 -1.91 27.84
N VAL A 145 5.09 -1.65 26.56
CA VAL A 145 4.68 -0.31 26.16
C VAL A 145 3.38 0.06 26.89
N ALA A 146 2.41 -0.87 26.90
CA ALA A 146 1.15 -0.58 27.60
C ALA A 146 1.40 -0.36 29.09
N VAL A 147 2.32 -1.13 29.68
CA VAL A 147 2.61 -0.92 31.09
C VAL A 147 3.24 0.45 31.29
N ALA A 148 4.02 0.93 30.30
CA ALA A 148 4.70 2.21 30.46
C ALA A 148 3.69 3.35 30.42
N VAL A 149 2.75 3.33 29.45
CA VAL A 149 1.78 4.42 29.38
C VAL A 149 0.91 4.42 30.61
N ARG A 150 0.55 3.24 31.12
CA ARG A 150 -0.22 3.23 32.35
C ARG A 150 0.62 3.70 33.53
N LEU A 151 1.92 3.42 33.53
CA LEU A 151 2.77 3.90 34.61
C LEU A 151 2.83 5.43 34.65
N GLY A 152 3.21 6.04 33.53
CA GLY A 152 3.27 7.50 33.49
C GLY A 152 1.91 8.15 33.72
N ALA A 153 0.83 7.53 33.22
CA ALA A 153 -0.50 8.08 33.48
C ALA A 153 -0.82 8.07 34.97
N ARG A 154 -0.45 7.00 35.67
CA ARG A 154 -0.76 6.93 37.09
C ARG A 154 0.07 7.94 37.88
N ALA A 155 1.36 8.03 37.55
CA ALA A 155 2.21 9.05 38.19
C ALA A 155 1.67 10.46 37.95
N TRP A 156 1.27 10.78 36.70
CA TRP A 156 0.72 12.11 36.46
C TRP A 156 -0.56 12.30 37.26
N GLU A 157 -1.35 11.22 37.42
CA GLU A 157 -2.61 11.31 38.15
C GLU A 157 -2.31 11.72 39.58
N ILE A 158 -1.17 11.28 40.10
CA ILE A 158 -0.76 11.61 41.46
C ILE A 158 0.00 12.93 41.51
N GLY A 159 0.47 13.45 40.37
CA GLY A 159 0.76 14.87 40.34
C GLY A 159 -0.50 15.69 40.55
N SER A 160 -1.58 15.30 39.84
CA SER A 160 -2.85 16.01 39.99
C SER A 160 -3.39 15.89 41.40
N CYS A 161 -3.26 14.71 42.01
CA CYS A 161 -3.67 14.51 43.39
C CYS A 161 -2.77 15.24 44.36
N LEU A 162 -1.47 15.35 44.04
CA LEU A 162 -0.50 16.00 44.89
C LEU A 162 -0.44 17.51 44.69
N ALA A 163 -0.94 18.03 43.57
CA ALA A 163 -0.92 19.48 43.28
C ALA A 163 -1.59 19.75 41.94
N ASP A 164 -1.65 21.00 41.55
CA ASP A 164 -2.18 21.44 40.27
C ASP A 164 -1.09 22.20 39.51
N ALA A 165 -1.41 22.58 38.27
CA ALA A 165 -0.48 23.29 37.40
C ALA A 165 -0.53 24.78 37.70
N ARG A 166 0.63 25.44 37.62
CA ARG A 166 0.73 26.85 37.91
C ARG A 166 0.29 27.67 36.70
N ARG A 167 0.29 29.00 36.86
CA ARG A 167 -0.22 29.90 35.84
C ARG A 167 0.79 30.12 34.72
N GLY A 168 2.09 30.10 35.02
CA GLY A 168 3.13 30.36 34.04
C GLY A 168 3.58 29.15 33.26
N ALA A 169 2.73 28.14 33.16
CA ALA A 169 3.06 26.90 32.46
C ALA A 169 3.02 27.04 30.94
N ASN A 170 1.92 27.57 30.39
CA ASN A 170 1.72 27.70 28.94
C ASN A 170 1.71 26.33 28.27
N GLY A 171 1.18 25.33 28.97
CA GLY A 171 1.18 23.95 28.53
C GLY A 171 2.40 23.17 28.92
N ARG A 172 3.52 23.85 29.22
CA ARG A 172 4.72 23.16 29.63
C ARG A 172 4.48 22.50 30.98
N TYR A 173 4.98 21.28 31.12
CA TYR A 173 4.88 20.51 32.35
C TYR A 173 6.19 20.65 33.12
N ALA A 174 6.08 21.13 34.36
CA ALA A 174 7.25 21.47 35.14
C ALA A 174 7.96 20.21 35.63
N SER A 175 9.09 20.44 36.30
CA SER A 175 9.97 19.39 36.78
C SER A 175 9.65 19.08 38.24
N TRP A 176 9.21 17.85 38.49
CA TRP A 176 8.94 17.38 39.84
C TRP A 176 10.18 16.77 40.50
N THR A 177 11.35 16.81 39.86
CA THR A 177 12.60 16.27 40.40
C THR A 177 13.75 17.20 40.07
N SER A 178 14.75 17.25 40.95
CA SER A 178 15.95 18.03 40.77
C SER A 178 17.15 17.30 41.39
N ALA A 179 18.31 17.44 40.75
CA ALA A 179 19.55 16.82 41.21
C ALA A 179 20.33 17.79 42.10
N VAL A 180 20.80 17.27 43.23
CA VAL A 180 21.57 18.03 44.23
C VAL A 180 22.97 17.44 44.28
N GLY A 181 23.95 18.29 44.59
CA GLY A 181 25.33 17.88 44.68
C GLY A 181 26.08 18.69 45.71
N GLY A 182 27.20 18.13 46.18
CA GLY A 182 27.98 18.73 47.24
C GLY A 182 27.60 18.34 48.65
N ILE A 183 26.74 17.32 48.82
CA ILE A 183 26.29 16.89 50.14
C ILE A 183 26.02 15.40 50.06
N SER A 184 26.22 14.71 51.18
CA SER A 184 25.98 13.28 51.20
C SER A 184 24.48 13.04 51.23
N PRO A 185 24.01 11.84 50.84
CA PRO A 185 22.55 11.59 50.87
C PRO A 185 21.93 11.70 52.26
N GLN A 186 22.56 11.13 53.29
CA GLN A 186 21.98 11.18 54.63
C GLN A 186 21.94 12.58 55.20
N ASP A 187 22.99 13.38 54.98
CA ASP A 187 22.96 14.77 55.41
C ASP A 187 21.87 15.56 54.70
N LEU A 188 21.69 15.35 53.39
CA LEU A 188 20.61 16.05 52.72
C LEU A 188 19.27 15.61 53.28
N GLN A 189 19.14 14.30 53.59
CA GLN A 189 17.90 13.80 54.19
C GLN A 189 17.62 14.52 55.49
N ASP A 190 18.68 14.80 56.26
CA ASP A 190 18.52 15.51 57.52
C ASP A 190 18.03 16.93 57.27
N ARG A 191 18.61 17.61 56.26
CA ARG A 191 18.14 18.95 55.92
C ARG A 191 16.67 18.92 55.50
N ILE A 192 16.27 17.86 54.78
CA ILE A 192 14.86 17.72 54.40
C ILE A 192 14.00 17.65 55.64
N SER A 193 14.41 16.80 56.58
CA SER A 193 13.69 16.64 57.85
C SER A 193 13.56 17.96 58.59
N ALA A 194 14.64 18.75 58.65
CA ALA A 194 14.60 19.96 59.47
C ALA A 194 13.81 21.08 58.78
N TYR A 195 14.13 21.37 57.51
CA TYR A 195 13.39 22.39 56.77
C TYR A 195 11.90 22.07 56.76
N THR A 196 11.56 20.80 56.53
CA THR A 196 10.18 20.36 56.67
C THR A 196 9.67 20.63 58.06
N ALA A 197 10.47 20.32 59.08
CA ALA A 197 10.00 20.36 60.46
C ALA A 197 9.68 21.77 60.91
N GLU A 198 10.39 22.78 60.41
CA GLU A 198 10.07 24.16 60.76
C GLU A 198 8.68 24.54 60.25
N GLN A 199 8.36 24.15 59.02
CA GLN A 199 7.03 24.35 58.45
C GLN A 199 6.09 23.18 58.69
N ALA A 200 6.62 22.01 59.07
CA ALA A 200 5.82 20.80 59.30
C ALA A 200 5.07 20.33 58.06
N LEU A 201 5.66 20.49 56.86
CA LEU A 201 4.98 20.17 55.59
C LEU A 201 4.45 18.74 55.59
N ALA A 202 3.29 18.57 54.97
CA ALA A 202 2.64 17.27 54.86
C ALA A 202 3.59 16.24 54.29
N SER A 203 3.56 15.03 54.87
CA SER A 203 4.41 13.95 54.41
C SER A 203 4.06 13.47 52.99
N VAL A 204 2.94 13.93 52.42
CA VAL A 204 2.70 13.81 50.99
C VAL A 204 3.34 14.97 50.23
N SER A 205 3.24 16.19 50.75
CA SER A 205 3.76 17.39 50.10
C SER A 205 5.24 17.61 50.38
N VAL A 206 5.81 16.91 51.36
CA VAL A 206 7.21 16.95 51.75
C VAL A 206 8.14 16.77 50.54
N PRO A 207 9.28 17.45 50.45
CA PRO A 207 10.27 17.05 49.44
C PRO A 207 10.95 15.78 49.92
N TYR A 208 11.11 14.80 49.03
CA TYR A 208 11.64 13.49 49.39
C TYR A 208 12.90 13.21 48.57
N LEU A 209 13.74 12.34 49.12
CA LEU A 209 14.96 11.95 48.43
C LEU A 209 14.64 10.81 47.49
N SER A 210 14.62 11.13 46.19
CA SER A 210 14.22 10.19 45.14
C SER A 210 15.36 9.30 44.67
N ALA A 211 16.62 9.71 44.84
CA ALA A 211 17.73 8.91 44.36
C ALA A 211 19.02 9.23 45.10
N ALA A 212 19.85 8.20 45.23
CA ALA A 212 21.20 8.31 45.77
C ALA A 212 22.11 7.96 44.60
N VAL A 213 22.89 8.94 44.15
CA VAL A 213 23.70 8.84 42.94
C VAL A 213 25.12 8.42 43.28
N GLY A 214 25.81 9.26 44.07
CA GLY A 214 27.18 9.03 44.44
C GLY A 214 27.44 9.58 45.83
N PRO A 215 28.70 9.65 46.27
CA PRO A 215 28.96 10.06 47.65
C PRO A 215 28.53 11.48 47.94
N GLY A 216 28.67 12.38 46.97
CA GLY A 216 28.17 13.73 47.09
C GLY A 216 26.99 14.11 46.22
N GLN A 217 26.53 13.23 45.32
CA GLN A 217 25.38 13.51 44.45
C GLN A 217 24.15 12.75 44.91
N SER A 218 22.98 13.31 44.56
CA SER A 218 21.69 12.72 44.86
C SER A 218 20.62 13.53 44.14
N SER A 219 19.37 13.05 44.21
CA SER A 219 18.24 13.71 43.55
C SER A 219 17.09 13.77 44.54
N VAL A 220 16.45 14.93 44.58
CA VAL A 220 15.34 15.24 45.47
C VAL A 220 14.15 15.67 44.62
N SER A 221 12.94 15.26 45.03
CA SER A 221 11.74 15.56 44.28
C SER A 221 10.74 16.19 45.21
N ALA A 222 9.81 16.94 44.61
CA ALA A 222 8.91 17.87 45.31
C ALA A 222 8.21 18.72 44.27
N ALA A 223 7.33 19.76 44.73
CA ALA A 223 6.47 20.57 43.88
C ALA A 223 7.11 21.85 43.37
N PRO A 224 6.78 22.26 42.10
CA PRO A 224 7.45 23.41 41.48
C PRO A 224 7.57 24.61 42.40
N VAL A 225 6.51 24.88 43.15
CA VAL A 225 6.57 25.83 44.26
C VAL A 225 7.27 25.22 45.48
N ILE A 226 6.95 23.98 45.88
CA ILE A 226 7.59 23.39 47.07
C ILE A 226 9.06 23.14 46.77
N LEU A 227 9.35 22.42 45.68
CA LEU A 227 10.71 22.10 45.26
C LEU A 227 11.52 23.38 45.10
N ASP A 228 11.04 24.37 44.31
CA ASP A 228 11.83 25.59 44.18
C ASP A 228 12.04 26.27 45.53
N ALA A 229 11.07 26.15 46.45
CA ALA A 229 11.28 26.71 47.77
C ALA A 229 12.35 25.94 48.54
N PHE A 230 12.32 24.59 48.50
CA PHE A 230 13.32 23.83 49.23
C PHE A 230 14.70 24.04 48.62
N LEU A 231 14.76 23.98 47.28
CA LEU A 231 16.02 24.18 46.57
C LEU A 231 16.60 25.55 46.85
N SER A 232 15.74 26.54 47.14
CA SER A 232 16.24 27.87 47.45
C SER A 232 17.07 27.89 48.73
N THR A 233 16.86 26.92 49.64
CA THR A 233 17.63 26.90 50.87
C THR A 233 19.00 26.25 50.70
N LEU A 234 19.21 25.49 49.63
CA LEU A 234 20.50 24.88 49.37
C LEU A 234 21.36 25.94 48.69
N LEU A 235 22.43 26.37 49.35
CA LEU A 235 23.30 27.43 48.87
C LEU A 235 24.67 26.87 48.56
N ARG A 236 25.38 27.60 47.70
CA ARG A 236 26.75 27.29 47.31
C ARG A 236 27.65 27.04 48.52
N PRO A 237 28.64 26.13 48.39
CA PRO A 237 29.15 25.29 47.28
C PRO A 237 28.21 24.26 46.64
N LEU A 238 27.04 23.99 47.23
CA LEU A 238 26.11 23.02 46.66
C LEU A 238 25.66 23.39 45.26
N THR A 239 25.28 22.36 44.51
CA THR A 239 24.85 22.46 43.13
C THR A 239 23.40 22.00 43.03
N THR A 240 22.66 22.63 42.12
CA THR A 240 21.28 22.27 41.82
C THR A 240 21.11 22.25 40.31
N THR A 241 20.78 21.08 39.76
CA THR A 241 20.49 20.92 38.34
C THR A 241 19.08 20.38 38.18
N ARG A 242 18.22 21.12 37.49
CA ARG A 242 16.83 20.73 37.34
C ARG A 242 16.72 19.64 36.29
N LEU A 243 16.03 18.53 36.64
CA LEU A 243 15.86 17.38 35.76
C LEU A 243 14.50 17.39 35.05
N PRO A 244 14.38 16.69 33.74
CA PRO A 244 13.11 16.71 32.98
C PRO A 244 12.21 15.52 33.32
N ILE A 245 11.88 15.39 34.62
CA ILE A 245 10.96 14.36 35.11
C ILE A 245 9.72 15.13 35.54
N THR A 246 8.61 14.78 34.89
CA THR A 246 7.37 15.55 34.91
C THR A 246 6.27 14.94 35.79
N ALA A 247 6.55 13.89 36.56
CA ALA A 247 5.60 13.37 37.55
C ALA A 247 6.39 12.82 38.74
N PRO A 248 5.76 12.72 39.93
CA PRO A 248 6.51 12.18 41.09
C PRO A 248 6.66 10.68 40.99
N TYR A 249 7.87 10.20 41.24
CA TYR A 249 8.19 8.77 41.29
C TYR A 249 9.04 8.48 42.53
N HIS A 250 9.22 7.18 42.81
CA HIS A 250 10.07 6.71 43.91
C HIS A 250 9.67 7.29 45.26
N ALA A 251 8.38 7.18 45.57
CA ALA A 251 7.75 7.79 46.73
C ALA A 251 6.93 6.80 47.55
N PRO A 252 7.50 6.14 48.56
CA PRO A 252 6.69 5.20 49.36
C PRO A 252 5.55 5.86 50.13
N HIS A 253 5.58 7.17 50.34
CA HIS A 253 4.49 7.86 51.06
C HIS A 253 3.37 8.30 50.11
N LEU A 254 3.48 8.01 48.82
CA LEU A 254 2.54 8.31 47.76
C LEU A 254 1.93 7.05 47.17
N PHE A 255 2.74 6.03 46.90
CA PHE A 255 2.32 4.80 46.27
C PHE A 255 2.51 3.59 47.17
N THR A 256 1.73 2.55 46.86
CA THR A 256 1.71 1.28 47.59
C THR A 256 1.53 0.18 46.55
N ALA A 257 1.34 -1.06 47.01
CA ALA A 257 1.15 -2.19 46.12
C ALA A 257 -0.12 -2.09 45.26
N LYS A 258 -1.16 -1.43 45.78
CA LYS A 258 -2.41 -1.26 45.04
C LYS A 258 -2.22 -0.60 43.67
N ASP A 259 -1.58 0.58 43.64
CA ASP A 259 -1.31 1.22 42.37
C ASP A 259 -0.41 0.39 41.47
N VAL A 260 0.64 -0.21 42.04
CA VAL A 260 1.53 -1.11 41.30
C VAL A 260 0.71 -2.17 40.57
N GLN A 261 -0.22 -2.80 41.28
CA GLN A 261 -1.05 -3.83 40.67
C GLN A 261 -1.95 -3.22 39.60
N HIS A 262 -2.51 -2.04 39.88
CA HIS A 262 -3.34 -1.33 38.91
C HIS A 262 -2.61 -1.10 37.59
N VAL A 263 -1.32 -0.71 37.66
CA VAL A 263 -0.56 -0.40 36.45
C VAL A 263 -0.47 -1.62 35.55
N THR A 264 -0.30 -2.79 36.17
CA THR A 264 -0.12 -4.05 35.46
C THR A 264 -1.42 -4.82 35.21
N ASP A 265 -2.57 -4.24 35.53
CA ASP A 265 -3.82 -4.93 35.24
C ASP A 265 -4.05 -5.12 33.74
N CYS A 266 -3.30 -4.43 32.87
CA CYS A 266 -3.42 -4.63 31.44
C CYS A 266 -2.82 -5.95 30.96
N LEU A 267 -2.15 -6.71 31.83
CA LEU A 267 -1.58 -8.01 31.46
C LEU A 267 -2.63 -9.08 31.76
N PRO A 268 -3.27 -9.71 30.77
CA PRO A 268 -4.30 -10.70 31.09
C PRO A 268 -3.72 -11.86 31.88
N PRO A 269 -4.55 -12.56 32.67
CA PRO A 269 -4.02 -13.73 33.38
C PRO A 269 -3.91 -14.93 32.45
N SER A 270 -2.90 -15.75 32.73
CA SER A 270 -2.62 -16.97 31.99
C SER A 270 -1.45 -17.66 32.68
N GLU A 271 -1.28 -18.93 32.37
CA GLU A 271 -0.20 -19.75 32.94
C GLU A 271 1.01 -19.88 32.03
N ALA A 272 0.95 -19.30 30.83
CA ALA A 272 1.98 -19.49 29.80
C ALA A 272 3.01 -18.37 29.74
N TRP A 273 2.95 -17.38 30.64
CA TRP A 273 3.83 -16.22 30.53
C TRP A 273 5.29 -16.63 30.71
N PRO A 274 6.23 -16.17 29.87
CA PRO A 274 7.63 -16.51 30.09
C PRO A 274 8.18 -15.96 31.41
N THR A 275 9.22 -16.63 31.91
CA THR A 275 9.94 -16.21 33.09
C THR A 275 11.16 -15.40 32.65
N VAL A 276 11.92 -14.87 33.62
CA VAL A 276 13.09 -14.07 33.30
C VAL A 276 14.28 -15.02 33.26
N ARG A 277 14.76 -15.29 32.04
CA ARG A 277 15.88 -16.21 31.84
C ARG A 277 17.23 -15.53 32.00
N ILE A 278 17.36 -14.26 31.57
CA ILE A 278 18.64 -13.52 31.68
C ILE A 278 18.59 -12.73 32.98
N PRO A 279 19.59 -12.83 33.87
CA PRO A 279 19.55 -12.08 35.13
C PRO A 279 19.39 -10.58 34.93
N ILE A 280 18.50 -10.01 35.73
CA ILE A 280 18.28 -8.57 35.78
C ILE A 280 18.96 -8.09 37.03
N ILE A 281 19.77 -7.04 36.92
CA ILE A 281 20.46 -6.47 38.08
C ILE A 281 19.50 -5.43 38.64
N SER A 282 18.87 -5.77 39.77
CA SER A 282 17.96 -4.84 40.45
C SER A 282 18.80 -4.41 41.64
N PHE A 283 19.44 -3.26 41.49
CA PHE A 283 20.38 -2.72 42.46
C PHE A 283 19.71 -1.93 43.59
N SER A 284 18.47 -1.50 43.41
CA SER A 284 17.76 -0.73 44.41
C SER A 284 16.97 -1.57 45.40
N ARG A 285 17.11 -2.89 45.37
CA ARG A 285 16.40 -3.81 46.26
C ARG A 285 17.34 -4.56 47.18
N ASP A 286 16.71 -5.37 48.04
CA ASP A 286 17.45 -6.22 48.96
C ASP A 286 18.32 -7.20 48.18
N GLU A 287 17.71 -7.90 47.20
CA GLU A 287 18.45 -8.82 46.33
C GLU A 287 18.94 -8.09 45.09
N ALA A 288 20.24 -7.93 44.97
CA ALA A 288 20.84 -7.22 43.85
C ALA A 288 20.49 -7.88 42.51
N VAL A 289 20.47 -9.22 42.51
CA VAL A 289 20.19 -10.06 41.35
C VAL A 289 18.87 -10.80 41.53
N SER A 290 18.07 -10.85 40.46
CA SER A 290 16.76 -11.49 40.47
C SER A 290 16.53 -12.21 39.14
N ARG A 291 16.01 -13.44 39.22
CA ARG A 291 15.72 -14.23 38.03
C ARG A 291 14.63 -15.24 38.34
N GLY A 292 13.92 -15.67 37.30
CA GLY A 292 13.00 -16.79 37.38
C GLY A 292 11.54 -16.42 37.57
N ALA A 293 11.25 -15.22 38.03
CA ALA A 293 9.86 -14.79 38.18
C ALA A 293 9.16 -14.68 36.84
N SER A 294 7.85 -14.92 36.85
CA SER A 294 7.04 -14.82 35.64
C SER A 294 7.00 -13.37 35.19
N PHE A 295 6.75 -13.18 33.89
CA PHE A 295 6.77 -11.84 33.33
C PHE A 295 5.77 -10.88 33.96
N PRO A 296 4.54 -11.24 34.27
CA PRO A 296 3.72 -10.31 35.08
C PRO A 296 4.30 -10.01 36.45
N ALA A 297 4.70 -11.03 37.23
CA ALA A 297 5.29 -10.77 38.54
C ALA A 297 6.54 -9.91 38.44
N ALA A 298 7.40 -10.21 37.47
CA ALA A 298 8.59 -9.41 37.21
C ALA A 298 8.21 -7.99 36.85
N MET A 299 7.17 -7.83 36.04
CA MET A 299 6.73 -6.51 35.63
C MET A 299 6.21 -5.70 36.81
N SER A 300 5.18 -6.23 37.50
CA SER A 300 4.59 -5.54 38.65
C SER A 300 5.63 -5.16 39.66
N GLU A 301 6.46 -6.12 40.01
CA GLU A 301 7.56 -5.85 40.92
C GLU A 301 8.47 -4.74 40.33
N ALA A 302 8.74 -4.75 39.02
CA ALA A 302 9.57 -3.71 38.39
C ALA A 302 8.91 -2.33 38.51
N VAL A 303 7.59 -2.32 38.30
CA VAL A 303 6.78 -1.12 38.47
C VAL A 303 6.94 -0.64 39.90
N ARG A 304 7.05 -1.57 40.84
CA ARG A 304 7.23 -1.19 42.23
C ARG A 304 8.56 -0.47 42.38
N ASP A 305 9.60 -0.89 41.62
CA ASP A 305 10.86 -0.15 41.67
C ASP A 305 10.62 1.29 41.26
N CYS A 306 9.88 1.49 40.17
CA CYS A 306 9.68 2.85 39.67
C CYS A 306 8.89 3.70 40.65
N LEU A 307 7.81 3.15 41.20
CA LEU A 307 6.86 3.90 42.01
C LEU A 307 7.26 4.02 43.47
N ILE A 308 7.76 2.95 44.08
CA ILE A 308 8.00 2.90 45.52
C ILE A 308 9.45 3.27 45.83
N ARG A 309 10.37 2.42 45.39
CA ARG A 309 11.71 2.41 45.96
C ARG A 309 12.51 3.64 45.54
N PRO A 310 13.47 4.09 46.34
CA PRO A 310 14.43 5.09 45.85
C PRO A 310 15.49 4.44 44.98
N ILE A 311 16.04 5.25 44.08
CA ILE A 311 17.09 4.76 43.17
C ILE A 311 18.37 4.71 44.00
N ALA A 312 18.96 3.51 44.09
CA ALA A 312 20.25 3.20 44.71
C ALA A 312 21.44 3.29 43.76
N LEU A 313 21.39 4.13 42.73
CA LEU A 313 22.39 4.26 41.66
C LEU A 313 23.85 4.22 42.09
N ASP A 314 24.17 4.60 43.34
CA ASP A 314 25.54 4.39 43.79
C ASP A 314 25.89 2.90 43.94
N ARG A 315 24.88 2.03 44.03
CA ARG A 315 25.06 0.59 44.11
C ARG A 315 25.01 -0.12 42.75
N MET A 316 24.69 0.61 41.67
CA MET A 316 24.56 -0.02 40.35
C MET A 316 25.88 -0.65 39.92
N ALA A 317 26.96 0.12 40.04
CA ALA A 317 28.27 -0.30 39.56
C ALA A 317 28.73 -1.56 40.28
N VAL A 318 28.81 -1.49 41.61
CA VAL A 318 29.31 -2.61 42.39
C VAL A 318 28.39 -3.81 42.23
N SER A 319 27.09 -3.58 42.06
CA SER A 319 26.14 -4.67 41.89
C SER A 319 26.47 -5.47 40.63
N ILE A 320 26.62 -4.76 39.50
CA ILE A 320 27.00 -5.41 38.24
C ILE A 320 28.33 -6.14 38.43
N ALA A 321 29.33 -5.46 38.99
CA ALA A 321 30.65 -6.08 39.15
C ALA A 321 30.55 -7.36 39.96
N ASN A 322 29.77 -7.32 41.05
CA ASN A 322 29.62 -8.51 41.89
C ASN A 322 29.03 -9.66 41.09
N HIS A 323 28.05 -9.36 40.23
CA HIS A 323 27.48 -10.43 39.40
C HIS A 323 28.52 -11.00 38.45
N ALA A 324 29.32 -10.13 37.82
CA ALA A 324 30.38 -10.60 36.94
C ALA A 324 31.35 -11.51 37.67
N ARG A 325 31.80 -11.09 38.87
CA ARG A 325 32.69 -11.91 39.68
C ARG A 325 32.05 -13.25 40.02
N ASP A 326 30.74 -13.25 40.34
CA ASP A 326 30.04 -14.48 40.69
C ASP A 326 30.15 -15.55 39.61
N LEU A 327 30.16 -15.14 38.34
CA LEU A 327 30.31 -16.07 37.22
C LEU A 327 31.75 -16.18 36.73
N GLY A 328 32.69 -15.56 37.42
CA GLY A 328 34.11 -15.67 37.11
C GLY A 328 34.47 -14.96 35.82
N LYS A 329 34.03 -13.71 35.70
CA LYS A 329 34.30 -12.86 34.55
C LYS A 329 35.24 -11.73 34.95
N ASP A 330 36.25 -11.49 34.10
CA ASP A 330 37.29 -10.52 34.44
C ASP A 330 36.83 -9.07 34.22
N SER A 331 36.06 -8.80 33.17
CA SER A 331 35.66 -7.44 32.84
C SER A 331 34.26 -7.46 32.24
N VAL A 332 33.73 -6.25 31.98
CA VAL A 332 32.40 -6.04 31.44
C VAL A 332 32.37 -5.15 30.20
N LEU A 333 31.44 -5.46 29.28
CA LEU A 333 31.24 -4.68 28.06
C LEU A 333 29.98 -3.84 28.20
N PRO A 334 30.06 -2.53 28.49
CA PRO A 334 28.80 -1.82 28.73
C PRO A 334 28.12 -1.62 27.38
N SER A 335 26.83 -1.96 27.31
CA SER A 335 26.02 -1.75 26.11
C SER A 335 24.82 -0.89 26.49
N PRO A 336 25.05 0.38 26.79
CA PRO A 336 23.94 1.21 27.25
C PRO A 336 22.99 1.56 26.11
N ILE A 337 21.72 1.70 26.46
CA ILE A 337 20.66 2.08 25.52
C ILE A 337 19.95 3.25 26.16
N ALA A 338 20.11 4.44 25.57
CA ALA A 338 19.40 5.65 26.01
C ALA A 338 19.64 5.95 27.49
N LEU A 339 20.88 5.75 27.94
CA LEU A 339 21.27 5.97 29.32
C LEU A 339 22.02 7.28 29.49
N SER A 340 21.51 8.14 30.38
CA SER A 340 22.14 9.43 30.62
C SER A 340 23.51 9.20 31.25
N PHE A 341 24.52 9.92 30.76
CA PHE A 341 25.91 9.78 31.24
C PHE A 341 26.37 8.34 31.23
N SER A 342 26.21 7.69 30.07
CA SER A 342 26.49 6.27 29.94
C SER A 342 27.97 5.97 29.82
N ASP A 343 28.73 6.91 29.27
CA ASP A 343 30.16 6.72 29.05
C ASP A 343 30.91 6.41 30.34
N LYS A 344 30.46 6.98 31.46
CA LYS A 344 31.08 6.69 32.74
C LYS A 344 30.88 5.26 33.22
N LEU A 345 29.89 4.54 32.68
CA LEU A 345 29.51 3.23 33.23
C LEU A 345 30.66 2.23 33.16
N GLY A 346 31.33 2.16 32.01
CA GLY A 346 32.41 1.22 31.77
C GLY A 346 33.54 1.33 32.78
N PRO A 347 34.14 2.52 32.91
CA PRO A 347 35.21 2.68 33.90
C PRO A 347 34.76 2.41 35.32
N GLN A 348 33.54 2.83 35.70
CA GLN A 348 33.11 2.68 37.08
C GLN A 348 32.96 1.21 37.44
N VAL A 349 32.28 0.42 36.59
CA VAL A 349 32.11 -1.00 36.89
C VAL A 349 33.49 -1.67 36.86
N ASN A 350 34.31 -1.32 35.87
CA ASN A 350 35.63 -1.95 35.79
C ASN A 350 36.54 -1.53 36.93
N SER A 351 36.20 -0.50 37.70
CA SER A 351 37.06 -0.10 38.81
C SER A 351 37.01 -1.15 39.91
N HIS A 352 35.86 -1.81 40.08
CA HIS A 352 35.69 -2.88 41.06
C HIS A 352 36.23 -4.23 40.59
N LEU A 353 36.75 -4.33 39.37
CA LEU A 353 37.27 -5.56 38.80
C LEU A 353 38.76 -5.41 38.48
N PRO A 354 39.50 -6.52 38.33
CA PRO A 354 40.92 -6.37 37.96
C PRO A 354 41.13 -5.66 36.64
N GLY A 355 40.33 -5.99 35.63
CA GLY A 355 40.46 -5.44 34.30
C GLY A 355 41.24 -6.36 33.37
N SER A 365 33.84 -0.99 15.24
CA SER A 365 33.47 -2.04 14.29
C SER A 365 32.56 -1.47 13.21
N LYS A 366 33.15 -1.05 12.09
CA LYS A 366 32.39 -0.55 10.96
C LYS A 366 31.53 -1.68 10.38
N SER A 367 30.34 -1.31 9.91
CA SER A 367 29.47 -2.27 9.25
C SER A 367 30.11 -2.78 7.97
N ILE A 368 29.88 -4.05 7.67
CA ILE A 368 30.38 -4.66 6.44
C ILE A 368 29.41 -4.26 5.34
N PRO A 369 29.84 -4.05 4.09
CA PRO A 369 28.86 -3.76 3.04
C PRO A 369 27.90 -4.93 2.84
N SER A 370 26.62 -4.65 2.95
CA SER A 370 25.59 -5.65 2.73
C SER A 370 25.53 -6.06 1.26
N ALA A 371 24.64 -7.00 0.96
CA ALA A 371 24.43 -7.47 -0.40
C ALA A 371 23.56 -6.50 -1.18
N ILE A 372 23.76 -6.48 -2.51
CA ILE A 372 23.00 -5.61 -3.38
C ILE A 372 21.53 -5.98 -3.31
N GLY A 373 20.68 -4.96 -3.22
CA GLY A 373 19.24 -5.09 -3.21
C GLY A 373 18.65 -5.35 -1.84
N ALA A 374 19.39 -6.01 -0.95
CA ALA A 374 19.10 -6.02 0.47
C ALA A 374 19.77 -4.87 1.22
N GLU A 375 20.87 -4.35 0.70
CA GLU A 375 21.55 -3.20 1.31
C GLU A 375 20.69 -1.94 1.24
N GLN A 376 20.03 -1.71 0.11
CA GLN A 376 19.25 -0.51 -0.06
C GLN A 376 18.01 -0.56 0.83
N GLN A 377 17.23 0.51 0.83
CA GLN A 377 16.08 0.54 1.70
C GLN A 377 15.01 -0.37 1.09
N PRO A 378 14.27 -1.13 1.90
CA PRO A 378 13.19 -1.94 1.36
C PRO A 378 12.00 -1.22 0.77
N MET A 379 11.04 -2.08 0.46
CA MET A 379 9.68 -1.77 0.11
C MET A 379 9.08 -0.70 1.02
N ALA A 380 9.36 -0.78 2.31
CA ALA A 380 9.05 0.35 3.15
C ALA A 380 10.10 1.41 2.84
N LYS A 381 9.66 2.52 2.23
CA LYS A 381 10.49 3.67 1.81
C LYS A 381 11.71 3.27 0.98
N SER A 382 11.40 2.60 -0.20
CA SER A 382 12.45 2.34 -1.18
C SER A 382 12.70 3.62 -1.98
N PRO A 383 13.95 3.93 -2.36
CA PRO A 383 14.16 5.05 -3.27
C PRO A 383 13.71 4.74 -4.69
N ILE A 384 12.42 4.92 -4.99
CA ILE A 384 11.93 4.66 -6.34
C ILE A 384 12.66 5.55 -7.32
N ALA A 385 13.22 4.93 -8.36
CA ALA A 385 14.05 5.63 -9.33
C ALA A 385 13.21 6.19 -10.47
N ILE A 386 13.51 7.43 -10.86
CA ILE A 386 12.89 8.08 -12.01
C ILE A 386 13.80 7.79 -13.20
N LEU A 387 13.31 6.98 -14.14
CA LEU A 387 14.17 6.59 -15.25
C LEU A 387 14.18 7.65 -16.33
N ALA A 388 13.02 8.20 -16.67
CA ALA A 388 12.91 9.16 -17.76
C ALA A 388 11.64 9.96 -17.58
N ALA A 389 11.59 11.11 -18.25
CA ALA A 389 10.39 11.93 -18.30
C ALA A 389 10.32 12.58 -19.67
N SER A 390 9.14 12.53 -20.30
CA SER A 390 8.86 13.31 -21.50
C SER A 390 7.58 14.11 -21.31
N GLY A 391 7.50 15.25 -21.96
CA GLY A 391 6.29 16.05 -21.90
C GLY A 391 6.22 17.15 -22.93
N ARG A 392 5.04 17.78 -22.97
CA ARG A 392 4.77 18.96 -23.79
C ARG A 392 4.27 20.06 -22.85
N PHE A 393 4.96 21.22 -22.84
CA PHE A 393 4.62 22.37 -22.01
C PHE A 393 4.47 23.60 -22.91
N PRO A 394 4.06 24.77 -22.41
CA PRO A 394 3.93 25.96 -23.28
C PRO A 394 5.25 26.36 -23.90
N GLN A 395 5.20 26.61 -25.22
CA GLN A 395 6.37 26.98 -26.02
C GLN A 395 7.48 25.94 -25.92
N SER A 396 7.10 24.67 -25.72
CA SER A 396 8.06 23.60 -25.51
C SER A 396 7.50 22.30 -26.04
N SER A 397 8.19 21.72 -27.02
CA SER A 397 7.84 20.42 -27.57
C SER A 397 8.62 19.30 -26.87
N SER A 398 9.46 19.64 -25.89
CA SER A 398 10.29 18.65 -25.23
C SER A 398 10.74 19.24 -23.91
N MET A 399 11.38 18.40 -23.10
CA MET A 399 11.97 18.82 -21.84
C MET A 399 13.07 19.87 -22.03
N ASP A 400 13.81 19.76 -23.13
CA ASP A 400 14.92 20.68 -23.40
C ASP A 400 14.42 22.08 -23.69
N GLN A 401 13.36 22.22 -24.48
CA GLN A 401 12.84 23.57 -24.68
C GLN A 401 12.19 24.13 -23.42
N PHE A 402 11.79 23.28 -22.47
CA PHE A 402 11.28 23.78 -21.20
C PHE A 402 12.43 24.27 -20.32
N TRP A 403 13.59 23.60 -20.39
CA TRP A 403 14.80 24.21 -19.84
C TRP A 403 15.06 25.57 -20.43
N ASP A 404 14.91 25.71 -21.75
CA ASP A 404 15.08 27.03 -22.37
C ASP A 404 14.08 28.04 -21.81
N VAL A 405 12.83 27.62 -21.55
CA VAL A 405 11.85 28.55 -20.97
C VAL A 405 12.34 29.02 -19.60
N LEU A 406 12.81 28.09 -18.78
CA LEU A 406 13.17 28.42 -17.40
C LEU A 406 14.45 29.23 -17.28
N ILE A 407 15.50 28.81 -17.99
CA ILE A 407 16.81 29.42 -17.77
C ILE A 407 16.86 30.82 -18.36
N ASN A 408 16.09 31.09 -19.40
CA ASN A 408 16.04 32.40 -20.00
C ASN A 408 15.01 33.30 -19.33
N GLY A 409 14.38 32.83 -18.24
CA GLY A 409 13.44 33.65 -17.52
C GLY A 409 12.22 33.94 -18.35
N VAL A 410 11.85 33.01 -19.23
CA VAL A 410 10.73 33.24 -20.13
C VAL A 410 9.45 33.22 -19.32
N ASP A 411 8.54 34.09 -19.71
CA ASP A 411 7.19 34.17 -19.18
C ASP A 411 6.25 33.98 -20.37
N THR A 412 5.53 32.86 -20.38
CA THR A 412 4.75 32.38 -21.52
C THR A 412 3.26 32.75 -21.53
N HIS A 413 2.76 33.58 -20.61
CA HIS A 413 1.32 33.83 -20.63
C HIS A 413 0.93 34.74 -21.78
N GLU A 414 -0.23 34.47 -22.34
CA GLU A 414 -0.77 35.24 -23.45
C GLU A 414 -2.27 35.02 -23.51
N LEU A 415 -2.93 35.91 -24.26
CA LEU A 415 -4.36 35.84 -24.43
C LEU A 415 -4.73 34.56 -25.15
N VAL A 416 -5.92 34.05 -24.89
CA VAL A 416 -6.38 32.75 -25.41
C VAL A 416 -6.29 32.79 -26.93
N PRO A 417 -5.68 31.82 -27.61
CA PRO A 417 -5.64 31.88 -29.06
C PRO A 417 -7.00 31.56 -29.65
N PRO A 418 -7.25 31.94 -30.91
CA PRO A 418 -8.58 31.69 -31.50
C PRO A 418 -8.91 30.22 -31.68
N THR A 419 -7.91 29.33 -31.69
CA THR A 419 -8.20 27.91 -31.86
C THR A 419 -9.05 27.36 -30.72
N ARG A 420 -8.84 27.86 -29.49
CA ARG A 420 -9.60 27.43 -28.33
C ARG A 420 -10.96 28.13 -28.19
N TRP A 421 -10.99 29.46 -28.00
CA TRP A 421 -12.25 30.19 -28.03
C TRP A 421 -11.97 31.67 -28.23
N ASN A 422 -12.96 32.37 -28.77
CA ASN A 422 -12.80 33.77 -29.15
C ASN A 422 -12.83 34.64 -27.90
N ALA A 423 -11.78 35.44 -27.72
CA ALA A 423 -11.67 36.29 -26.55
C ALA A 423 -12.61 37.48 -26.60
N ALA A 424 -12.89 38.00 -27.81
CA ALA A 424 -13.73 39.19 -27.95
C ALA A 424 -15.10 38.96 -27.32
N THR A 425 -15.71 37.80 -27.57
CA THR A 425 -17.02 37.46 -27.07
C THR A 425 -16.99 36.86 -25.67
N HIS A 426 -15.96 36.07 -25.33
CA HIS A 426 -15.87 35.37 -24.06
C HIS A 426 -15.19 36.14 -22.94
N VAL A 427 -14.53 37.26 -23.22
CA VAL A 427 -13.79 38.02 -22.22
C VAL A 427 -14.33 39.43 -22.23
N SER A 428 -14.46 40.01 -21.04
CA SER A 428 -14.89 41.37 -20.85
C SER A 428 -14.17 41.94 -19.65
N GLU A 429 -13.85 43.24 -19.73
CA GLU A 429 -13.20 43.95 -18.63
C GLU A 429 -14.00 43.79 -17.34
N ASP A 430 -15.29 44.10 -17.40
CA ASP A 430 -16.23 43.82 -16.32
C ASP A 430 -17.26 42.83 -16.85
N PRO A 431 -17.23 41.54 -16.47
CA PRO A 431 -18.25 40.62 -17.00
C PRO A 431 -19.61 40.95 -16.42
N LYS A 432 -20.61 41.00 -17.30
CA LYS A 432 -22.02 41.18 -16.97
C LYS A 432 -22.86 40.07 -17.56
N ALA A 433 -22.67 39.81 -18.85
CA ALA A 433 -23.33 38.71 -19.52
C ALA A 433 -22.81 37.38 -18.98
N LYS A 434 -23.65 36.36 -19.12
CA LYS A 434 -23.40 35.04 -18.58
C LYS A 434 -22.37 34.31 -19.42
N ASN A 435 -21.56 33.48 -18.74
CA ASN A 435 -20.50 32.68 -19.34
C ASN A 435 -19.38 33.54 -19.93
N VAL A 436 -19.28 34.80 -19.51
CA VAL A 436 -18.21 35.71 -19.90
C VAL A 436 -17.33 35.81 -18.67
N SER A 437 -16.02 35.82 -18.89
CA SER A 437 -15.03 35.82 -17.83
C SER A 437 -14.27 37.12 -17.83
N GLY A 438 -13.66 37.40 -16.68
CA GLY A 438 -12.84 38.58 -16.53
C GLY A 438 -11.44 38.45 -17.07
N THR A 439 -10.99 37.23 -17.43
CA THR A 439 -9.66 37.01 -17.95
C THR A 439 -9.72 36.07 -19.15
N GLY A 440 -8.73 36.22 -20.02
CA GLY A 440 -8.52 35.35 -21.16
C GLY A 440 -7.20 34.63 -21.17
N PHE A 441 -6.31 34.93 -20.21
CA PHE A 441 -4.92 34.57 -20.37
C PHE A 441 -4.66 33.14 -19.93
N GLY A 442 -3.70 32.54 -20.60
CA GLY A 442 -3.25 31.19 -20.31
C GLY A 442 -1.97 30.96 -21.08
N CYS A 443 -1.31 29.88 -20.73
CA CYS A 443 -0.12 29.43 -21.44
C CYS A 443 -0.54 28.19 -22.20
N TRP A 444 -0.50 28.27 -23.53
CA TRP A 444 -1.21 27.32 -24.38
C TRP A 444 -0.24 26.45 -25.18
N LEU A 445 -0.57 25.15 -25.25
CA LEU A 445 0.15 24.23 -26.13
C LEU A 445 -0.48 24.44 -27.50
N HIS A 446 0.22 25.16 -28.37
CA HIS A 446 -0.33 25.47 -29.68
C HIS A 446 -0.29 24.28 -30.62
N GLU A 447 0.54 23.28 -30.32
CA GLU A 447 0.64 22.03 -31.08
C GLU A 447 -0.16 20.87 -30.47
N ALA A 448 -0.97 21.10 -29.43
CA ALA A 448 -1.76 20.07 -28.78
C ALA A 448 -2.59 19.20 -29.71
N GLY A 449 -3.02 19.73 -30.86
CA GLY A 449 -3.81 18.94 -31.80
C GLY A 449 -3.00 17.96 -32.63
N GLU A 450 -1.69 18.18 -32.74
CA GLU A 450 -0.82 17.32 -33.55
C GLU A 450 -0.79 15.90 -32.99
N PHE A 451 -1.11 14.92 -33.84
CA PHE A 451 -1.17 13.52 -33.45
C PHE A 451 -0.90 12.65 -34.67
N ASP A 452 -0.24 11.49 -34.46
CA ASP A 452 0.06 10.55 -35.53
C ASP A 452 -0.96 9.43 -35.39
N ALA A 453 -1.97 9.45 -36.27
CA ALA A 453 -2.97 8.40 -36.31
C ALA A 453 -2.40 7.06 -36.74
N ALA A 454 -1.37 7.08 -37.59
CA ALA A 454 -0.76 5.85 -38.05
C ALA A 454 0.16 5.20 -37.03
N TYR A 455 0.66 5.94 -36.04
CA TYR A 455 1.57 5.32 -35.09
C TYR A 455 0.80 4.52 -34.02
N PHE A 456 -0.35 5.02 -33.57
CA PHE A 456 -1.12 4.41 -32.48
C PHE A 456 -2.32 3.58 -32.96
N ASN A 457 -2.40 3.23 -34.24
CA ASN A 457 -3.53 2.49 -34.80
C ASN A 457 -4.84 3.26 -34.60
N MET A 458 -4.97 4.34 -35.36
CA MET A 458 -6.19 5.14 -35.38
C MET A 458 -6.45 5.59 -36.82
N SER A 459 -7.73 5.73 -37.16
CA SER A 459 -8.14 6.22 -38.47
C SER A 459 -8.24 7.73 -38.45
N PRO A 460 -8.24 8.39 -39.62
CA PRO A 460 -8.43 9.85 -39.60
C PRO A 460 -9.77 10.31 -39.08
N ARG A 461 -10.82 9.48 -39.10
CA ARG A 461 -12.09 9.88 -38.52
C ARG A 461 -12.10 9.74 -37.00
N GLU A 462 -11.30 8.83 -36.44
CA GLU A 462 -11.27 8.59 -35.00
C GLU A 462 -10.35 9.55 -34.27
N ALA A 463 -9.19 9.84 -34.85
CA ALA A 463 -8.18 10.66 -34.18
C ALA A 463 -8.67 12.03 -33.71
N PRO A 464 -9.45 12.81 -34.49
CA PRO A 464 -9.90 14.11 -33.96
C PRO A 464 -10.71 14.01 -32.68
N GLN A 465 -11.68 13.10 -32.64
CA GLN A 465 -12.55 12.91 -31.49
C GLN A 465 -11.83 12.50 -30.21
N VAL A 466 -10.56 12.11 -30.28
CA VAL A 466 -9.77 11.86 -29.08
C VAL A 466 -9.30 13.19 -28.48
N ASP A 467 -9.45 13.31 -27.16
CA ASP A 467 -9.03 14.44 -26.34
C ASP A 467 -7.53 14.73 -26.52
N PRO A 468 -7.06 16.01 -26.52
CA PRO A 468 -5.59 16.17 -26.61
C PRO A 468 -4.86 15.59 -25.44
N ALA A 469 -5.51 15.50 -24.27
CA ALA A 469 -4.91 14.85 -23.12
C ALA A 469 -4.60 13.38 -23.39
N GLN A 470 -5.53 12.69 -24.07
CA GLN A 470 -5.29 11.29 -24.41
C GLN A 470 -4.17 11.15 -25.43
N ARG A 471 -4.25 11.89 -26.55
CA ARG A 471 -3.24 11.82 -27.60
C ARG A 471 -1.85 12.16 -27.09
N LEU A 472 -1.72 13.32 -26.45
CA LEU A 472 -0.44 13.74 -25.92
C LEU A 472 0.07 12.80 -24.85
N ALA A 473 -0.82 12.31 -23.99
CA ALA A 473 -0.43 11.27 -23.03
C ALA A 473 0.17 10.06 -23.73
N LEU A 474 -0.39 9.67 -24.87
CA LEU A 474 0.17 8.54 -25.60
C LEU A 474 1.55 8.88 -26.15
N LEU A 475 1.71 10.09 -26.70
CA LEU A 475 3.01 10.51 -27.26
C LEU A 475 4.08 10.57 -26.19
N THR A 476 3.82 11.33 -25.13
CA THR A 476 4.79 11.49 -24.06
C THR A 476 5.09 10.16 -23.40
N ALA A 477 4.07 9.33 -23.16
CA ALA A 477 4.32 8.05 -22.51
C ALA A 477 5.22 7.19 -23.38
N THR A 478 4.96 7.19 -24.69
CA THR A 478 5.81 6.49 -25.65
C THR A 478 7.25 6.99 -25.57
N GLU A 479 7.44 8.30 -25.70
CA GLU A 479 8.76 8.92 -25.62
C GLU A 479 9.47 8.54 -24.35
N ALA A 480 8.77 8.59 -23.21
CA ALA A 480 9.36 8.22 -21.94
C ALA A 480 9.80 6.77 -21.95
N LEU A 481 9.02 5.88 -22.57
CA LEU A 481 9.46 4.50 -22.72
C LEU A 481 10.72 4.41 -23.59
N GLU A 482 10.86 5.31 -24.57
CA GLU A 482 12.06 5.33 -25.40
C GLU A 482 13.27 5.87 -24.64
N GLN A 483 13.05 6.83 -23.75
CA GLN A 483 14.11 7.40 -22.93
C GLN A 483 14.42 6.55 -21.71
N ALA A 484 13.42 5.86 -21.17
CA ALA A 484 13.61 4.99 -20.01
C ALA A 484 14.00 3.58 -20.46
N GLY A 485 13.98 2.67 -19.52
CA GLY A 485 14.32 1.27 -19.69
C GLY A 485 13.19 0.31 -19.99
N VAL A 486 12.17 0.70 -20.75
CA VAL A 486 11.02 -0.19 -21.02
C VAL A 486 10.72 -0.30 -22.51
N VAL A 487 10.75 -1.56 -23.01
CA VAL A 487 10.36 -1.92 -24.37
C VAL A 487 9.48 -3.18 -24.24
N PRO A 488 8.43 -3.38 -25.03
CA PRO A 488 7.68 -4.64 -24.93
C PRO A 488 8.53 -5.86 -25.28
N ASN A 489 8.49 -6.86 -24.39
CA ASN A 489 9.24 -8.12 -24.54
C ASN A 489 10.73 -7.85 -24.69
N ARG A 490 11.33 -7.45 -23.56
CA ARG A 490 12.77 -7.19 -23.47
C ARG A 490 13.44 -7.81 -22.25
N THR A 491 13.21 -7.24 -21.06
CA THR A 491 13.65 -7.79 -19.78
C THR A 491 12.42 -8.17 -19.00
N SER A 492 12.64 -8.62 -17.78
CA SER A 492 11.54 -9.03 -16.94
C SER A 492 10.79 -7.85 -16.33
N SER A 493 11.42 -6.68 -16.23
CA SER A 493 10.72 -5.47 -15.79
C SER A 493 9.72 -4.95 -16.82
N THR A 494 9.79 -5.44 -18.05
CA THR A 494 8.95 -4.99 -19.14
C THR A 494 7.76 -5.90 -19.44
N GLN A 495 7.48 -6.89 -18.60
CA GLN A 495 6.47 -7.88 -18.95
C GLN A 495 5.08 -7.24 -19.02
N LYS A 496 4.06 -8.04 -19.26
CA LYS A 496 2.74 -7.48 -19.50
C LYS A 496 2.11 -6.81 -18.28
N ASN A 497 1.72 -7.56 -17.26
CA ASN A 497 0.96 -6.95 -16.17
C ASN A 497 1.83 -6.23 -15.14
N ARG A 498 3.15 -6.42 -15.18
CA ARG A 498 4.07 -5.77 -14.26
C ARG A 498 4.20 -4.25 -14.50
N VAL A 499 3.53 -3.70 -15.52
CA VAL A 499 3.65 -2.32 -15.94
C VAL A 499 2.28 -1.71 -15.67
N GLY A 500 2.19 -0.87 -14.64
CA GLY A 500 0.98 -0.13 -14.35
C GLY A 500 1.08 1.31 -14.80
N VAL A 501 -0.09 1.96 -14.88
CA VAL A 501 -0.23 3.31 -15.40
C VAL A 501 -1.12 4.06 -14.42
N TRP A 502 -0.69 5.28 -14.03
CA TRP A 502 -1.54 6.24 -13.31
C TRP A 502 -1.40 7.60 -13.95
N TYR A 503 -2.52 8.29 -14.15
CA TYR A 503 -2.51 9.66 -14.71
C TYR A 503 -3.49 10.55 -13.95
N GLY A 504 -3.05 11.75 -13.58
CA GLY A 504 -3.96 12.75 -13.03
C GLY A 504 -4.60 13.62 -14.10
N ALA A 505 -5.89 13.91 -13.92
CA ALA A 505 -6.64 14.75 -14.85
C ALA A 505 -7.74 15.48 -14.07
N THR A 506 -7.76 16.82 -14.19
CA THR A 506 -8.78 17.67 -13.53
C THR A 506 -9.78 18.27 -14.51
N SER A 507 -9.64 18.03 -15.82
CA SER A 507 -10.62 18.57 -16.75
C SER A 507 -10.79 17.78 -18.03
N ASN A 508 -12.01 17.45 -18.41
CA ASN A 508 -12.27 16.85 -19.71
C ASN A 508 -13.15 17.90 -20.38
N ASP A 509 -12.51 18.85 -21.06
CA ASP A 509 -13.24 19.84 -21.84
C ASP A 509 -13.52 19.36 -23.25
N TRP A 510 -12.68 18.47 -23.77
CA TRP A 510 -12.82 18.02 -25.15
C TRP A 510 -14.19 17.41 -25.36
N MET A 511 -14.62 16.59 -24.42
CA MET A 511 -15.90 15.92 -24.52
C MET A 511 -17.06 16.84 -24.22
N GLU A 512 -16.81 17.93 -23.49
CA GLU A 512 -17.85 18.90 -23.15
C GLU A 512 -18.15 19.89 -24.27
N THR A 513 -17.15 20.19 -25.09
CA THR A 513 -17.16 21.36 -25.96
C THR A 513 -17.00 20.97 -27.42
N ASN A 514 -15.87 20.34 -27.78
CA ASN A 514 -15.51 20.12 -29.17
C ASN A 514 -16.17 18.89 -29.77
N SER A 515 -15.96 17.71 -29.19
CA SER A 515 -16.61 16.54 -29.76
C SER A 515 -18.12 16.60 -29.54
N ALA A 516 -18.57 17.33 -28.53
CA ALA A 516 -20.00 17.49 -28.24
C ALA A 516 -20.78 18.21 -29.32
N GLN A 517 -20.14 18.92 -30.28
CA GLN A 517 -20.95 19.57 -31.31
C GLN A 517 -21.58 18.53 -32.23
N ASN A 518 -20.84 17.49 -32.57
CA ASN A 518 -21.36 16.34 -33.30
C ASN A 518 -20.90 15.11 -32.53
N VAL A 519 -21.83 14.43 -31.87
CA VAL A 519 -21.51 13.20 -31.17
C VAL A 519 -21.48 12.09 -32.22
N ASP A 520 -20.62 11.11 -31.98
CA ASP A 520 -20.47 9.97 -32.87
C ASP A 520 -19.98 8.79 -32.02
N THR A 521 -19.57 7.71 -32.68
CA THR A 521 -19.27 6.45 -32.00
C THR A 521 -18.05 6.61 -31.11
N TYR A 522 -17.05 7.37 -31.58
CA TYR A 522 -15.79 7.59 -30.89
C TYR A 522 -15.80 8.81 -29.96
N PHE A 523 -16.98 9.34 -29.63
CA PHE A 523 -17.19 10.30 -28.54
C PHE A 523 -16.69 9.81 -27.17
N ILE A 524 -17.37 8.86 -26.51
CA ILE A 524 -16.83 8.27 -25.27
C ILE A 524 -15.52 7.52 -25.50
N PRO A 525 -15.30 6.83 -26.62
CA PRO A 525 -13.95 6.29 -26.86
C PRO A 525 -12.86 7.36 -26.86
N GLY A 526 -13.19 8.61 -27.22
CA GLY A 526 -12.21 9.68 -27.28
C GLY A 526 -12.24 10.72 -26.16
N GLY A 527 -13.30 10.71 -25.34
CA GLY A 527 -13.48 11.70 -24.28
C GLY A 527 -13.34 11.28 -22.84
N ASN A 528 -13.58 10.00 -22.53
CA ASN A 528 -13.55 9.57 -21.14
C ASN A 528 -12.14 9.47 -20.61
N ARG A 529 -11.93 9.98 -19.39
CA ARG A 529 -10.60 10.07 -18.83
C ARG A 529 -9.99 8.72 -18.51
N ALA A 530 -10.82 7.71 -18.20
CA ALA A 530 -10.28 6.38 -17.89
C ALA A 530 -9.47 5.83 -19.05
N PHE A 531 -9.80 6.23 -20.28
CA PHE A 531 -9.06 5.78 -21.44
C PHE A 531 -7.72 6.51 -21.57
N ILE A 532 -7.47 7.57 -20.80
CA ILE A 532 -6.18 8.27 -20.84
C ILE A 532 -5.14 7.22 -20.46
N PRO A 533 -5.19 6.60 -19.27
CA PRO A 533 -4.31 5.45 -19.00
C PRO A 533 -4.64 4.20 -19.81
N GLY A 534 -5.92 3.99 -20.09
CA GLY A 534 -6.39 2.81 -20.81
C GLY A 534 -5.67 2.60 -22.12
N ARG A 535 -5.68 3.60 -23.00
CA ARG A 535 -5.11 3.48 -24.33
C ARG A 535 -3.61 3.15 -24.25
N VAL A 536 -2.94 3.70 -23.24
CA VAL A 536 -1.51 3.40 -23.04
C VAL A 536 -1.36 1.93 -22.72
N ASN A 537 -2.31 1.36 -21.97
CA ASN A 537 -2.28 -0.08 -21.74
C ASN A 537 -2.61 -0.89 -22.98
N TYR A 538 -3.50 -0.43 -23.86
CA TYR A 538 -3.89 -1.28 -24.99
C TYR A 538 -2.80 -1.34 -26.05
N PHE A 539 -2.27 -0.18 -26.44
CA PHE A 539 -1.30 -0.14 -27.53
C PHE A 539 -0.02 -0.90 -27.17
N HIS A 540 0.61 -0.55 -26.07
CA HIS A 540 1.85 -1.19 -25.67
C HIS A 540 1.66 -2.59 -25.08
N LYS A 541 0.42 -3.05 -24.92
CA LYS A 541 0.12 -4.38 -24.38
C LYS A 541 0.61 -4.52 -22.95
N PHE A 542 0.44 -3.45 -22.19
CA PHE A 542 0.73 -3.43 -20.76
C PHE A 542 -0.58 -3.83 -20.10
N SER A 543 -0.62 -4.98 -19.45
CA SER A 543 -1.84 -5.49 -18.84
C SER A 543 -2.00 -5.11 -17.38
N GLY A 544 -1.08 -4.28 -16.85
CA GLY A 544 -1.06 -4.00 -15.44
C GLY A 544 -2.19 -3.06 -15.08
N PRO A 545 -2.20 -2.53 -13.87
CA PRO A 545 -3.34 -1.71 -13.44
C PRO A 545 -3.45 -0.40 -14.21
N SER A 546 -4.67 0.14 -14.22
CA SER A 546 -4.96 1.37 -14.94
C SER A 546 -5.89 2.25 -14.12
N TYR A 547 -5.47 3.48 -13.84
CA TYR A 547 -6.17 4.37 -12.92
C TYR A 547 -6.12 5.81 -13.42
N THR A 548 -7.17 6.58 -13.14
CA THR A 548 -7.15 8.03 -13.29
C THR A 548 -7.48 8.60 -11.92
N ILE A 549 -6.72 9.62 -11.52
CA ILE A 549 -6.85 10.25 -10.20
C ILE A 549 -7.29 11.69 -10.40
N ASP A 550 -8.28 12.13 -9.61
CA ASP A 550 -8.73 13.52 -9.67
C ASP A 550 -8.84 14.03 -8.23
N THR A 551 -7.77 14.67 -7.76
CA THR A 551 -7.73 15.45 -6.54
C THR A 551 -7.75 16.94 -6.86
N ALA A 552 -8.17 17.30 -8.09
CA ALA A 552 -8.24 18.65 -8.61
C ALA A 552 -6.80 19.07 -8.89
N CYS A 553 -6.32 20.20 -8.37
CA CYS A 553 -5.03 20.69 -8.82
C CYS A 553 -3.85 19.87 -8.30
N SER A 554 -4.07 18.89 -7.42
CA SER A 554 -3.02 18.01 -6.93
C SER A 554 -2.95 16.67 -7.67
N SER A 555 -3.74 16.52 -8.76
CA SER A 555 -4.12 15.21 -9.29
C SER A 555 -2.93 14.34 -9.67
N SER A 556 -1.98 14.88 -10.42
CA SER A 556 -0.90 14.03 -10.93
C SER A 556 0.04 13.62 -9.81
N LEU A 557 0.33 14.51 -8.86
CA LEU A 557 1.18 14.13 -7.74
C LEU A 557 0.47 13.12 -6.85
N ALA A 558 -0.86 13.23 -6.75
CA ALA A 558 -1.64 12.20 -6.08
C ALA A 558 -1.49 10.86 -6.79
N ALA A 559 -1.52 10.89 -8.12
CA ALA A 559 -1.29 9.68 -8.88
C ALA A 559 0.13 9.15 -8.68
N LEU A 560 1.09 10.05 -8.48
CA LEU A 560 2.45 9.61 -8.16
C LEU A 560 2.47 8.90 -6.81
N HIS A 561 1.70 9.42 -5.85
CA HIS A 561 1.59 8.77 -4.54
C HIS A 561 1.06 7.35 -4.69
N MET A 562 -0.03 7.21 -5.47
CA MET A 562 -0.61 5.88 -5.70
C MET A 562 0.42 4.97 -6.34
N ALA A 563 1.18 5.52 -7.29
CA ALA A 563 2.19 4.72 -7.98
C ALA A 563 3.26 4.23 -7.03
N CYS A 564 3.70 5.08 -6.12
CA CYS A 564 4.73 4.66 -5.18
C CYS A 564 4.18 3.60 -4.24
N ASN A 565 2.92 3.74 -3.84
CA ASN A 565 2.28 2.74 -3.01
C ASN A 565 2.18 1.39 -3.70
N ALA A 566 1.90 1.36 -5.01
CA ALA A 566 1.86 0.08 -5.70
C ALA A 566 3.24 -0.50 -5.89
N LEU A 567 4.24 0.35 -6.20
CA LEU A 567 5.59 -0.17 -6.33
C LEU A 567 6.08 -0.73 -5.00
N TRP A 568 5.56 -0.19 -3.90
CA TRP A 568 5.84 -0.70 -2.57
C TRP A 568 4.81 -1.70 -2.07
N ARG A 569 3.85 -2.10 -2.91
CA ARG A 569 3.06 -3.28 -2.62
C ARG A 569 3.50 -4.51 -3.40
N GLY A 570 4.27 -4.35 -4.47
CA GLY A 570 4.56 -5.46 -5.36
C GLY A 570 3.55 -5.64 -6.49
N GLU A 571 2.49 -4.83 -6.53
CA GLU A 571 1.51 -4.91 -7.61
C GLU A 571 2.18 -4.67 -8.97
N VAL A 572 3.10 -3.70 -9.01
CA VAL A 572 3.85 -3.37 -10.22
C VAL A 572 5.28 -3.03 -9.84
N ASP A 573 6.14 -2.95 -10.87
CA ASP A 573 7.53 -2.51 -10.73
C ASP A 573 7.85 -1.41 -11.72
N THR A 574 7.68 -1.68 -12.99
CA THR A 574 7.53 -0.56 -13.88
C THR A 574 6.22 0.13 -13.51
N ALA A 575 6.28 1.44 -13.35
CA ALA A 575 5.12 2.28 -13.17
C ALA A 575 5.24 3.40 -14.17
N ILE A 576 4.13 3.72 -14.80
CA ILE A 576 4.01 4.87 -15.70
C ILE A 576 3.15 5.91 -15.00
N VAL A 577 3.74 7.09 -14.75
CA VAL A 577 3.06 8.16 -14.03
C VAL A 577 3.10 9.40 -14.92
N GLY A 578 1.97 10.09 -14.98
CA GLY A 578 1.87 11.29 -15.79
C GLY A 578 0.71 12.14 -15.32
N GLY A 579 0.46 13.20 -16.08
CA GLY A 579 -0.68 14.05 -15.79
C GLY A 579 -0.98 14.86 -17.02
N THR A 580 -2.26 15.19 -17.20
CA THR A 580 -2.74 15.92 -18.37
C THR A 580 -3.67 17.06 -18.00
N ASN A 581 -3.59 18.16 -18.73
CA ASN A 581 -4.51 19.26 -18.50
C ASN A 581 -4.62 20.05 -19.79
N VAL A 582 -5.46 19.62 -20.73
CA VAL A 582 -5.64 20.35 -21.98
C VAL A 582 -7.11 20.70 -22.03
N LEU A 583 -7.40 22.00 -22.16
CA LEU A 583 -8.76 22.51 -22.01
C LEU A 583 -9.22 23.34 -23.19
N THR A 584 -10.39 23.01 -23.69
CA THR A 584 -11.07 23.69 -24.78
C THR A 584 -12.36 24.42 -24.38
N ASN A 585 -12.80 24.33 -23.07
CA ASN A 585 -14.06 24.95 -22.64
C ASN A 585 -13.82 26.35 -22.07
N PRO A 586 -14.57 27.39 -22.49
CA PRO A 586 -14.50 28.67 -21.76
C PRO A 586 -15.17 28.65 -20.39
N ASP A 587 -16.09 27.71 -20.11
CA ASP A 587 -16.77 27.66 -18.81
C ASP A 587 -15.81 27.36 -17.68
N MET A 588 -14.86 26.45 -17.90
CA MET A 588 -13.83 26.21 -16.90
C MET A 588 -13.22 27.53 -16.47
N THR A 589 -12.77 28.33 -17.43
CA THR A 589 -12.25 29.67 -17.16
C THR A 589 -13.26 30.53 -16.41
N ALA A 590 -14.46 30.69 -16.96
CA ALA A 590 -15.46 31.58 -16.38
C ALA A 590 -15.84 31.18 -14.96
N GLY A 591 -15.92 29.88 -14.69
CA GLY A 591 -16.21 29.43 -13.34
C GLY A 591 -15.06 29.70 -12.38
N LEU A 592 -13.83 29.43 -12.82
CA LEU A 592 -12.66 29.75 -12.00
C LEU A 592 -12.62 31.25 -11.67
N ASP A 593 -12.80 32.09 -12.69
CA ASP A 593 -12.78 33.54 -12.51
C ASP A 593 -13.92 34.00 -11.61
N ALA A 594 -15.09 33.35 -11.72
CA ALA A 594 -16.21 33.70 -10.85
C ALA A 594 -15.87 33.44 -9.40
N GLY A 595 -15.00 32.46 -9.13
CA GLY A 595 -14.52 32.11 -7.81
C GLY A 595 -13.27 32.83 -7.39
N HIS A 596 -12.80 33.80 -8.19
CA HIS A 596 -11.65 34.64 -7.87
C HIS A 596 -10.36 33.84 -7.80
N PHE A 597 -10.33 32.69 -8.48
CA PHE A 597 -9.13 31.87 -8.55
C PHE A 597 -8.11 32.49 -9.51
N LEU A 598 -8.56 32.85 -10.71
CA LEU A 598 -7.66 33.29 -11.76
C LEU A 598 -7.26 34.76 -11.63
N SER A 599 -6.05 35.07 -12.10
CA SER A 599 -5.49 36.41 -12.10
C SER A 599 -5.83 37.11 -13.40
N ARG A 600 -6.48 38.27 -13.31
CA ARG A 600 -6.86 39.01 -14.50
C ARG A 600 -5.77 39.93 -15.04
N SER A 601 -4.61 40.04 -14.37
CA SER A 601 -3.49 40.81 -14.88
C SER A 601 -2.55 40.00 -15.78
N GLY A 602 -2.22 38.79 -15.38
CA GLY A 602 -1.08 38.11 -15.97
C GLY A 602 -0.95 36.69 -15.46
N ASN A 603 0.28 36.17 -15.53
CA ASN A 603 0.61 34.82 -15.06
C ASN A 603 0.49 34.78 -13.53
N CYS A 604 0.67 33.59 -12.98
CA CYS A 604 1.01 33.44 -11.57
C CYS A 604 2.18 34.34 -11.23
N LYS A 605 2.00 35.15 -10.21
CA LYS A 605 3.10 35.88 -9.59
C LYS A 605 3.33 35.32 -8.21
N THR A 606 4.34 34.50 -8.07
CA THR A 606 4.58 33.91 -6.77
C THR A 606 5.43 34.91 -6.00
N PHE A 607 5.06 35.18 -4.76
CA PHE A 607 5.83 36.07 -3.89
C PHE A 607 5.76 37.56 -4.22
N ASP A 608 4.92 37.98 -5.17
CA ASP A 608 4.85 39.39 -5.52
C ASP A 608 3.76 40.07 -4.69
N ASP A 609 4.08 41.27 -4.21
CA ASP A 609 3.28 41.96 -3.20
C ASP A 609 1.85 42.20 -3.62
N GLU A 610 1.62 42.38 -4.91
CA GLU A 610 0.27 42.43 -5.48
C GLU A 610 0.15 41.13 -6.26
N ALA A 611 -0.63 40.17 -5.73
CA ALA A 611 -0.85 38.89 -6.40
C ALA A 611 -2.33 38.58 -6.34
N ASP A 612 -2.98 38.55 -7.52
CA ASP A 612 -4.43 38.45 -7.63
C ASP A 612 -4.95 37.04 -7.97
N GLY A 613 -4.09 36.05 -8.16
CA GLY A 613 -4.53 34.70 -8.43
C GLY A 613 -3.49 33.94 -9.22
N TYR A 614 -3.90 32.76 -9.71
CA TYR A 614 -3.12 32.00 -10.68
C TYR A 614 -3.62 32.30 -12.09
N CYS A 615 -2.98 31.67 -13.06
CA CYS A 615 -3.35 31.83 -14.46
C CYS A 615 -3.33 30.45 -15.10
N ARG A 616 -4.09 30.32 -16.17
CA ARG A 616 -4.18 29.05 -16.86
C ARG A 616 -2.85 28.65 -17.50
N GLY A 617 -2.61 27.35 -17.55
CA GLY A 617 -1.39 26.80 -18.12
C GLY A 617 -1.68 25.38 -18.55
N GLU A 618 -0.96 24.85 -19.54
CA GLU A 618 -1.26 23.55 -20.10
C GLU A 618 -0.05 22.67 -20.23
N ALA A 619 -0.19 21.43 -19.79
CA ALA A 619 0.92 20.52 -19.89
C ALA A 619 0.48 19.07 -19.96
N VAL A 620 1.41 18.25 -20.44
CA VAL A 620 1.29 16.79 -20.47
C VAL A 620 2.66 16.20 -20.16
N VAL A 621 2.68 15.21 -19.27
CA VAL A 621 3.89 14.54 -18.79
C VAL A 621 3.63 13.06 -18.72
N THR A 622 4.65 12.27 -19.04
CA THR A 622 4.70 10.91 -18.52
C THR A 622 6.13 10.57 -18.09
N LEU A 623 6.22 9.84 -16.97
CA LEU A 623 7.47 9.38 -16.37
C LEU A 623 7.45 7.87 -16.27
N ILE A 624 8.64 7.30 -16.08
CA ILE A 624 8.82 5.87 -15.87
C ILE A 624 9.48 5.72 -14.50
N LEU A 625 8.89 4.90 -13.65
CA LEU A 625 9.35 4.69 -12.29
C LEU A 625 9.60 3.22 -12.00
N LYS A 626 10.59 2.98 -11.16
CA LYS A 626 11.00 1.63 -10.81
C LYS A 626 11.64 1.65 -9.45
N ARG A 627 11.48 0.54 -8.72
CA ARG A 627 12.23 0.38 -7.49
C ARG A 627 13.70 0.28 -7.85
N LEU A 628 14.53 1.03 -7.11
CA LEU A 628 15.96 1.10 -7.37
C LEU A 628 16.68 -0.23 -7.55
N PRO A 629 16.38 -1.31 -6.81
CA PRO A 629 17.10 -2.57 -7.05
C PRO A 629 16.93 -3.11 -8.47
N ASP A 630 15.69 -3.12 -8.99
CA ASP A 630 15.47 -3.56 -10.36
C ASP A 630 16.08 -2.60 -11.36
N ALA A 631 16.03 -1.30 -11.09
CA ALA A 631 16.60 -0.31 -11.99
C ALA A 631 18.11 -0.50 -12.13
N GLN A 632 18.79 -0.77 -11.01
CA GLN A 632 20.22 -1.05 -11.08
C GLN A 632 20.49 -2.43 -11.64
N ALA A 633 19.55 -3.36 -11.48
CA ALA A 633 19.73 -4.71 -12.03
C ALA A 633 19.84 -4.67 -13.54
N ASP A 634 19.06 -3.80 -14.19
CA ASP A 634 19.09 -3.63 -15.64
C ASP A 634 20.04 -2.53 -16.11
N LYS A 635 20.66 -1.78 -15.20
CA LYS A 635 21.53 -0.67 -15.56
C LYS A 635 20.78 0.37 -16.40
N ASP A 636 19.50 0.55 -16.08
CA ASP A 636 18.68 1.55 -16.76
C ASP A 636 19.14 2.95 -16.36
N PRO A 637 18.80 3.97 -17.14
CA PRO A 637 19.20 5.32 -16.76
C PRO A 637 18.35 5.78 -15.60
N ILE A 638 18.95 6.57 -14.70
CA ILE A 638 18.25 7.04 -13.50
C ILE A 638 18.61 8.51 -13.37
N GLN A 639 17.61 9.38 -13.52
CA GLN A 639 17.79 10.81 -13.37
C GLN A 639 17.73 11.23 -11.91
N ALA A 640 16.88 10.58 -11.12
CA ALA A 640 16.78 10.87 -9.69
C ALA A 640 16.02 9.73 -9.00
N SER A 641 15.99 9.78 -7.66
CA SER A 641 15.29 8.79 -6.84
C SER A 641 14.34 9.41 -5.80
N ILE A 642 13.07 9.00 -5.83
CA ILE A 642 12.05 9.47 -4.88
C ILE A 642 12.17 8.68 -3.60
N LEU A 643 12.41 9.38 -2.48
CA LEU A 643 12.56 8.72 -1.18
C LEU A 643 11.25 8.51 -0.44
N GLY A 644 10.34 9.46 -0.52
CA GLY A 644 9.08 9.31 0.18
C GLY A 644 8.09 10.34 -0.31
N ILE A 645 6.82 10.01 -0.12
CA ILE A 645 5.72 10.86 -0.53
C ILE A 645 4.55 10.56 0.39
N ALA A 646 3.80 11.61 0.77
CA ALA A 646 2.74 11.49 1.76
C ALA A 646 1.60 12.41 1.36
N THR A 647 0.44 12.18 1.98
CA THR A 647 -0.77 12.95 1.70
C THR A 647 -1.61 13.08 2.95
N ASN A 648 -2.12 14.30 3.15
CA ASN A 648 -3.12 14.57 4.17
C ASN A 648 -4.15 15.49 3.54
N HIS A 649 -5.04 16.02 4.35
CA HIS A 649 -6.09 16.95 3.95
C HIS A 649 -6.15 18.10 4.94
N SER A 650 -6.48 19.29 4.44
CA SER A 650 -6.62 20.43 5.32
C SER A 650 -8.08 20.41 5.73
N ALA A 651 -8.33 19.80 6.90
CA ALA A 651 -9.65 19.64 7.47
C ALA A 651 -10.06 20.82 8.33
N GLU A 652 -9.09 21.46 8.96
CA GLU A 652 -9.31 22.56 9.90
C GLU A 652 -9.60 23.89 9.22
N ALA A 653 -9.79 23.90 7.89
CA ALA A 653 -9.93 25.14 7.17
C ALA A 653 -11.23 25.84 7.53
N ALA A 654 -11.15 27.16 7.64
CA ALA A 654 -12.33 28.00 7.82
C ALA A 654 -13.19 28.07 6.57
N SER A 655 -12.73 27.57 5.43
CA SER A 655 -13.52 27.54 4.21
C SER A 655 -13.16 26.30 3.41
N ILE A 656 -13.86 26.14 2.28
CA ILE A 656 -13.70 24.99 1.40
C ILE A 656 -12.64 25.25 0.32
N THR A 657 -12.08 26.46 0.27
CA THR A 657 -11.27 26.93 -0.84
C THR A 657 -9.78 26.95 -0.50
N ARG A 658 -9.39 27.67 0.56
CA ARG A 658 -7.98 27.90 0.88
C ARG A 658 -7.40 26.80 1.77
N PRO A 659 -6.36 26.06 1.34
CA PRO A 659 -5.61 25.24 2.29
C PRO A 659 -4.80 26.10 3.26
N HIS A 660 -4.76 25.68 4.53
CA HIS A 660 -4.08 26.43 5.58
C HIS A 660 -2.72 25.81 5.88
N ALA A 661 -1.97 26.48 6.75
CA ALA A 661 -0.56 26.14 6.99
C ALA A 661 -0.31 24.97 7.94
N GLY A 662 -1.13 24.82 9.00
CA GLY A 662 -0.91 23.74 9.97
C GLY A 662 -0.81 22.36 9.37
N ALA A 663 -1.77 22.00 8.51
CA ALA A 663 -1.74 20.69 7.87
C ALA A 663 -0.50 20.55 6.98
N GLN A 664 -0.12 21.65 6.31
CA GLN A 664 0.99 21.58 5.38
C GLN A 664 2.27 21.31 6.13
N GLN A 665 2.47 22.02 7.26
CA GLN A 665 3.68 21.83 8.06
C GLN A 665 3.74 20.42 8.60
N ASP A 666 2.61 19.94 9.17
CA ASP A 666 2.55 18.57 9.68
C ASP A 666 2.88 17.55 8.59
N LEU A 667 2.55 17.87 7.34
CA LEU A 667 2.88 16.97 6.25
C LEU A 667 4.39 17.03 5.95
N PHE A 668 4.95 18.25 5.84
CA PHE A 668 6.38 18.41 5.56
C PHE A 668 7.24 17.69 6.60
N GLN A 669 6.90 17.85 7.87
CA GLN A 669 7.69 17.19 8.90
C GLN A 669 7.43 15.70 8.84
N GLN A 670 6.20 15.31 8.47
CA GLN A 670 5.91 13.88 8.36
C GLN A 670 6.85 13.25 7.35
N VAL A 671 7.02 13.87 6.17
CA VAL A 671 7.85 13.25 5.13
C VAL A 671 9.33 13.31 5.51
N LEU A 672 9.78 14.40 6.13
CA LEU A 672 11.16 14.47 6.60
C LEU A 672 11.50 13.36 7.60
N THR A 673 10.60 13.13 8.56
CA THR A 673 10.82 12.07 9.54
C THR A 673 10.78 10.71 8.89
N GLU A 674 9.80 10.50 8.01
CA GLU A 674 9.64 9.25 7.31
C GLU A 674 10.87 8.92 6.47
N THR A 675 11.25 9.82 5.56
CA THR A 675 12.41 9.60 4.71
C THR A 675 13.72 9.68 5.49
N GLY A 676 13.71 10.29 6.67
CA GLY A 676 14.91 10.42 7.47
C GLY A 676 15.93 11.49 7.18
N LEU A 677 15.50 12.73 7.05
CA LEU A 677 16.40 13.82 6.71
C LEU A 677 16.05 15.06 7.52
N THR A 678 17.10 15.79 7.88
CA THR A 678 16.99 17.04 8.59
C THR A 678 16.79 18.17 7.60
N ALA A 679 16.56 19.36 8.14
CA ALA A 679 16.42 20.57 7.34
C ALA A 679 17.63 20.80 6.42
N ASN A 680 18.84 20.71 6.99
CA ASN A 680 20.06 20.97 6.22
C ASN A 680 20.22 20.06 5.00
N ASP A 681 19.65 18.85 5.04
CA ASP A 681 19.84 17.93 3.92
C ASP A 681 19.14 18.43 2.66
N ILE A 682 18.01 19.14 2.80
CA ILE A 682 17.29 19.72 1.68
C ILE A 682 17.84 21.12 1.41
N SER A 683 18.44 21.33 0.23
CA SER A 683 18.93 22.63 -0.18
C SER A 683 18.00 23.42 -1.10
N VAL A 684 16.97 22.80 -1.70
CA VAL A 684 16.04 23.51 -2.59
C VAL A 684 14.64 22.95 -2.32
N CYS A 685 13.64 23.83 -2.41
CA CYS A 685 12.23 23.46 -2.27
C CYS A 685 11.41 24.01 -3.43
N GLU A 686 10.78 23.11 -4.20
CA GLU A 686 9.84 23.53 -5.24
C GLU A 686 8.45 23.59 -4.63
N MET A 687 7.97 24.80 -4.42
CA MET A 687 6.74 25.09 -3.74
C MET A 687 5.56 25.01 -4.72
N HIS A 688 4.36 24.78 -4.17
CA HIS A 688 3.17 24.89 -5.01
C HIS A 688 2.79 26.36 -4.92
N GLY A 689 3.39 27.16 -5.81
CA GLY A 689 3.12 28.58 -5.81
C GLY A 689 2.03 28.92 -6.80
N THR A 690 0.88 29.36 -6.32
CA THR A 690 -0.25 29.71 -7.17
C THR A 690 -0.33 31.21 -7.42
N GLY A 691 0.61 31.98 -6.89
CA GLY A 691 0.64 33.41 -7.08
C GLY A 691 -0.55 34.03 -6.39
N THR A 692 -0.74 33.61 -5.13
CA THR A 692 -1.77 34.13 -4.25
C THR A 692 -1.07 34.62 -3.01
N GLN A 693 -1.46 35.81 -2.55
CA GLN A 693 -0.89 36.39 -1.35
C GLN A 693 -1.08 35.50 -0.13
N ALA A 694 -2.30 35.00 0.06
CA ALA A 694 -2.60 34.09 1.16
C ALA A 694 -1.91 32.75 0.99
N GLY A 695 -1.98 32.18 -0.22
CA GLY A 695 -1.38 30.88 -0.45
C GLY A 695 0.13 30.95 -0.31
N ASP A 696 0.74 31.97 -0.93
CA ASP A 696 2.19 32.07 -0.90
C ASP A 696 2.70 32.33 0.51
N SER A 697 2.08 33.27 1.23
CA SER A 697 2.53 33.52 2.59
C SER A 697 2.31 32.32 3.51
N GLY A 698 1.16 31.65 3.38
CA GLY A 698 0.88 30.49 4.20
C GLY A 698 1.87 29.36 3.96
N GLU A 699 2.04 28.99 2.69
CA GLU A 699 2.95 27.90 2.36
C GLU A 699 4.38 28.28 2.73
N THR A 700 4.79 29.53 2.45
CA THR A 700 6.17 29.93 2.74
C THR A 700 6.43 29.79 4.22
N THR A 701 5.46 30.15 5.04
CA THR A 701 5.67 30.02 6.47
C THR A 701 5.81 28.55 6.84
N SER A 702 5.00 27.67 6.22
CA SER A 702 5.16 26.26 6.56
C SER A 702 6.52 25.72 6.11
N VAL A 703 6.98 26.17 4.93
CA VAL A 703 8.25 25.66 4.41
C VAL A 703 9.41 26.15 5.27
N VAL A 704 9.46 27.45 5.57
CA VAL A 704 10.61 27.95 6.33
C VAL A 704 10.59 27.37 7.73
N GLU A 705 9.41 27.31 8.35
CA GLU A 705 9.32 26.74 9.69
C GLU A 705 9.72 25.27 9.74
N THR A 706 9.61 24.56 8.63
CA THR A 706 10.13 23.20 8.56
C THR A 706 11.63 23.18 8.22
N LEU A 707 11.96 23.60 7.01
CA LEU A 707 13.28 23.57 6.39
C LEU A 707 14.24 24.67 6.82
N ALA A 708 13.79 25.75 7.47
CA ALA A 708 14.66 26.85 7.89
C ALA A 708 14.25 27.37 9.25
N PRO A 709 14.22 26.52 10.28
CA PRO A 709 13.85 27.02 11.60
C PRO A 709 14.87 28.00 12.12
N LEU A 710 14.42 28.81 13.06
CA LEU A 710 15.23 29.87 13.64
C LEU A 710 15.52 29.53 15.08
N ASN A 711 16.74 29.84 15.53
CA ASN A 711 17.08 29.55 16.92
C ASN A 711 16.25 30.43 17.85
N ARG A 712 16.20 30.02 19.11
CA ARG A 712 15.51 30.84 20.12
C ARG A 712 16.24 32.16 20.29
N SER A 713 17.55 32.18 20.12
CA SER A 713 18.34 33.40 20.18
C SER A 713 18.13 34.30 18.95
N GLY A 714 17.69 33.74 17.83
CA GLY A 714 17.56 34.50 16.60
C GLY A 714 18.62 34.26 15.54
N SER A 715 19.39 33.18 15.63
CA SER A 715 20.32 32.76 14.61
C SER A 715 19.73 31.63 13.77
N ALA A 716 20.12 31.59 12.50
CA ALA A 716 19.65 30.56 11.58
C ALA A 716 20.16 29.18 11.97
N VAL A 717 19.26 28.19 11.98
CA VAL A 717 19.67 26.82 12.19
C VAL A 717 20.36 26.26 10.94
N ARG A 718 20.08 26.84 9.77
CA ARG A 718 20.68 26.33 8.55
C ARG A 718 22.14 26.70 8.36
N THR A 719 22.96 25.71 8.02
CA THR A 719 24.36 25.94 7.66
C THR A 719 24.56 26.23 6.18
N THR A 720 23.67 25.74 5.30
CA THR A 720 23.70 25.92 3.86
C THR A 720 22.46 26.66 3.34
N PRO A 721 22.52 27.28 2.15
CA PRO A 721 21.35 28.04 1.67
C PRO A 721 20.20 27.25 1.02
N LEU A 722 19.00 27.77 1.30
CA LEU A 722 17.76 27.29 0.71
C LEU A 722 17.41 28.22 -0.45
N TYR A 723 17.04 27.63 -1.58
CA TYR A 723 16.55 28.35 -2.72
C TYR A 723 15.15 27.83 -3.00
N ILE A 724 14.15 28.72 -2.93
CA ILE A 724 12.74 28.37 -3.10
C ILE A 724 12.26 28.98 -4.41
N GLY A 725 11.44 28.22 -5.13
CA GLY A 725 10.90 28.71 -6.39
C GLY A 725 9.61 27.99 -6.73
N ALA A 726 8.97 28.51 -7.77
CA ALA A 726 7.71 27.98 -8.28
C ALA A 726 7.76 28.03 -9.79
N VAL A 727 7.50 26.87 -10.41
CA VAL A 727 7.51 26.79 -11.87
C VAL A 727 6.33 27.54 -12.46
N LYS A 728 5.24 27.66 -11.71
CA LYS A 728 4.02 28.29 -12.18
C LYS A 728 4.20 29.73 -12.62
N SER A 729 5.23 30.43 -12.13
CA SER A 729 5.49 31.79 -12.59
C SER A 729 5.90 31.85 -14.07
N ASN A 730 6.31 30.74 -14.66
CA ASN A 730 6.71 30.68 -16.06
C ASN A 730 5.59 30.13 -16.93
N VAL A 731 5.30 28.84 -16.77
CA VAL A 731 4.37 28.12 -17.63
C VAL A 731 2.96 28.06 -17.08
N GLY A 732 2.64 28.90 -16.09
CA GLY A 732 1.29 28.95 -15.61
C GLY A 732 0.96 27.81 -14.69
N HIS A 733 -0.31 27.77 -14.31
CA HIS A 733 -0.83 26.82 -13.34
C HIS A 733 -1.47 25.68 -14.13
N ALA A 734 -0.73 24.57 -14.28
CA ALA A 734 -1.21 23.41 -15.01
C ALA A 734 -2.25 22.58 -14.27
N GLU A 735 -2.58 22.94 -13.02
CA GLU A 735 -3.66 22.28 -12.28
C GLU A 735 -3.31 20.79 -12.15
N SER A 736 -4.04 19.88 -12.83
CA SER A 736 -3.76 18.44 -12.73
C SER A 736 -2.31 18.08 -13.02
N ALA A 737 -1.74 18.62 -14.10
CA ALA A 737 -0.36 18.34 -14.47
C ALA A 737 0.64 19.23 -13.74
N ALA A 738 0.21 20.03 -12.77
CA ALA A 738 1.12 20.93 -12.07
C ALA A 738 2.21 20.18 -11.30
N GLY A 739 1.82 19.12 -10.58
CA GLY A 739 2.78 18.37 -9.78
C GLY A 739 3.93 17.84 -10.61
N VAL A 740 3.59 17.13 -11.68
CA VAL A 740 4.56 16.53 -12.58
C VAL A 740 5.35 17.61 -13.30
N SER A 741 4.72 18.74 -13.61
CA SER A 741 5.46 19.86 -14.18
C SER A 741 6.56 20.32 -13.23
N SER A 742 6.21 20.52 -11.95
CA SER A 742 7.20 20.87 -10.93
C SER A 742 8.32 19.82 -10.85
N LEU A 743 7.93 18.55 -10.86
CA LEU A 743 8.93 17.48 -10.77
C LEU A 743 9.82 17.51 -11.99
N ALA A 744 9.20 17.75 -13.15
CA ALA A 744 9.94 17.85 -14.39
C ALA A 744 10.98 18.95 -14.30
N LYS A 745 10.59 20.08 -13.69
CA LYS A 745 11.53 21.17 -13.50
C LYS A 745 12.74 20.69 -12.74
N ILE A 746 12.48 19.92 -11.67
CA ILE A 746 13.58 19.43 -10.85
C ILE A 746 14.51 18.54 -11.66
N LEU A 747 13.94 17.61 -12.45
CA LEU A 747 14.76 16.71 -13.27
C LEU A 747 15.72 17.46 -14.18
N LEU A 748 15.30 18.61 -14.72
CA LEU A 748 16.22 19.38 -15.55
C LEU A 748 17.20 20.19 -14.72
N MET A 749 16.73 20.79 -13.62
CA MET A 749 17.63 21.44 -12.66
C MET A 749 18.74 20.51 -12.20
N LEU A 750 18.38 19.25 -11.94
CA LEU A 750 19.33 18.21 -11.57
C LEU A 750 20.29 17.93 -12.71
N LYS A 751 19.78 17.80 -13.92
CA LYS A 751 20.63 17.50 -15.07
C LYS A 751 21.65 18.62 -15.34
N HIS A 752 21.19 19.87 -15.47
CA HIS A 752 22.06 20.99 -15.83
C HIS A 752 22.78 21.64 -14.65
N SER A 753 22.53 21.18 -13.42
CA SER A 753 23.20 21.68 -12.23
C SER A 753 23.05 23.20 -12.04
N LYS A 754 21.85 23.74 -12.27
CA LYS A 754 21.57 25.17 -12.14
C LYS A 754 20.15 25.41 -11.63
N ILE A 755 19.97 26.54 -10.94
CA ILE A 755 18.65 26.99 -10.47
C ILE A 755 18.21 28.16 -11.35
N PRO A 756 17.11 28.07 -12.08
CA PRO A 756 16.75 29.14 -13.00
C PRO A 756 16.25 30.36 -12.24
N PRO A 757 16.15 31.52 -12.91
CA PRO A 757 15.63 32.71 -12.23
C PRO A 757 14.14 32.64 -11.95
N HIS A 758 13.72 33.42 -10.95
CA HIS A 758 12.34 33.53 -10.53
C HIS A 758 11.75 34.84 -11.02
N VAL A 759 10.78 34.74 -11.95
CA VAL A 759 10.18 35.90 -12.61
C VAL A 759 8.85 36.31 -12.00
N GLY A 760 8.34 35.56 -11.01
CA GLY A 760 7.04 35.88 -10.45
C GLY A 760 6.99 37.23 -9.77
N ILE A 761 8.11 37.74 -9.30
CA ILE A 761 8.18 39.06 -8.70
C ILE A 761 8.27 40.10 -9.81
N LYS A 762 7.19 40.85 -10.01
CA LYS A 762 7.16 41.92 -11.00
C LYS A 762 7.66 43.23 -10.41
N THR A 763 7.22 43.54 -9.19
CA THR A 763 7.44 44.84 -8.57
C THR A 763 8.17 44.71 -7.23
N LYS A 764 7.50 44.21 -6.19
CA LYS A 764 8.08 44.14 -4.85
C LYS A 764 7.73 42.84 -4.17
N LEU A 765 8.63 42.38 -3.30
CA LEU A 765 8.41 41.15 -2.55
C LEU A 765 7.22 41.33 -1.63
N ASN A 766 6.48 40.25 -1.39
CA ASN A 766 5.29 40.32 -0.54
C ASN A 766 5.65 40.65 0.91
N HIS A 767 4.85 41.53 1.52
CA HIS A 767 5.18 41.94 2.89
C HIS A 767 4.77 40.91 3.92
N ARG A 768 3.90 39.95 3.55
CA ARG A 768 3.46 38.92 4.49
C ARG A 768 4.49 37.85 4.69
N LEU A 769 5.45 37.72 3.77
CA LEU A 769 6.41 36.66 3.90
C LEU A 769 7.29 36.87 5.14
N PRO A 770 7.69 35.77 5.79
CA PRO A 770 8.67 35.89 6.87
C PRO A 770 10.03 36.31 6.33
N ASP A 771 10.91 36.74 7.25
CA ASP A 771 12.20 37.32 6.86
C ASP A 771 13.09 36.17 6.40
N LEU A 772 13.16 35.99 5.08
CA LEU A 772 13.88 34.85 4.54
C LEU A 772 15.38 34.98 4.71
N ALA A 773 15.95 36.18 4.55
CA ALA A 773 17.39 36.31 4.64
C ALA A 773 17.93 35.93 6.03
N ALA A 774 17.21 36.29 7.10
CA ALA A 774 17.71 35.90 8.42
C ALA A 774 17.76 34.39 8.59
N ARG A 775 16.87 33.67 7.90
CA ARG A 775 16.79 32.23 7.92
C ARG A 775 17.62 31.57 6.82
N ASN A 776 18.33 32.37 6.01
CA ASN A 776 19.12 31.85 4.89
C ASN A 776 18.17 31.08 3.97
N THR A 777 17.08 31.75 3.61
CA THR A 777 16.27 31.40 2.45
C THR A 777 16.41 32.54 1.44
N HIS A 778 16.36 32.18 0.17
CA HIS A 778 16.64 33.06 -0.95
C HIS A 778 15.70 32.74 -2.11
N ILE A 779 15.33 33.79 -2.85
CA ILE A 779 14.65 33.68 -4.13
C ILE A 779 15.67 34.13 -5.16
N ALA A 780 16.19 33.17 -5.93
CA ALA A 780 17.16 33.52 -6.96
C ALA A 780 16.47 34.37 -8.01
N ARG A 781 16.97 35.59 -8.18
CA ARG A 781 16.50 36.51 -9.20
C ARG A 781 17.18 36.28 -10.53
N SER A 782 18.45 35.88 -10.48
CA SER A 782 19.22 35.40 -11.62
C SER A 782 19.79 34.04 -11.28
N GLU A 783 20.31 33.36 -12.30
CA GLU A 783 20.72 31.98 -12.15
C GLU A 783 21.87 31.90 -11.17
N VAL A 784 21.96 30.79 -10.44
CA VAL A 784 22.95 30.61 -9.38
C VAL A 784 23.65 29.29 -9.60
N PRO A 785 24.98 29.17 -9.45
CA PRO A 785 25.62 27.85 -9.54
C PRO A 785 25.04 26.90 -8.50
N TRP A 786 24.71 25.69 -8.94
CA TRP A 786 24.15 24.65 -8.10
C TRP A 786 25.00 23.41 -8.40
N PRO A 787 26.23 23.35 -7.87
CA PRO A 787 27.03 22.11 -7.95
C PRO A 787 26.79 21.08 -6.86
N ARG A 788 26.98 19.81 -7.25
CA ARG A 788 26.63 18.65 -6.42
C ARG A 788 27.82 18.29 -5.53
N PRO A 789 27.67 18.20 -4.20
CA PRO A 789 28.84 17.91 -3.37
C PRO A 789 29.45 16.55 -3.65
N LYS A 790 30.79 16.50 -3.56
CA LYS A 790 31.55 15.29 -3.82
C LYS A 790 31.18 14.19 -2.83
N ASN A 791 30.79 13.03 -3.37
CA ASN A 791 30.33 11.90 -2.57
C ASN A 791 29.13 12.29 -1.71
N GLY A 792 28.24 13.08 -2.30
CA GLY A 792 27.04 13.52 -1.60
C GLY A 792 25.94 13.77 -2.59
N LYS A 793 24.71 13.74 -2.06
CA LYS A 793 23.50 13.88 -2.84
C LYS A 793 22.66 14.97 -2.21
N ARG A 794 22.37 16.01 -2.98
CA ARG A 794 21.40 16.99 -2.55
C ARG A 794 19.99 16.55 -2.85
N ARG A 795 19.11 16.92 -1.95
CA ARG A 795 17.75 16.45 -1.92
C ARG A 795 16.82 17.63 -1.93
N VAL A 796 15.62 17.42 -2.48
CA VAL A 796 14.68 18.50 -2.79
C VAL A 796 13.31 18.10 -2.27
N LEU A 797 12.56 19.11 -1.84
CA LEU A 797 11.16 18.96 -1.42
C LEU A 797 10.26 19.59 -2.47
N LEU A 798 9.25 18.83 -2.92
CA LEU A 798 8.32 19.25 -3.96
C LEU A 798 6.93 19.29 -3.39
N ASN A 799 6.11 20.24 -3.87
CA ASN A 799 4.75 20.45 -3.35
C ASN A 799 3.73 20.64 -4.45
N ASN A 800 2.63 19.89 -4.36
CA ASN A 800 1.51 20.00 -5.31
C ASN A 800 0.28 19.86 -4.44
N PHE A 801 -0.53 20.91 -4.36
CA PHE A 801 -1.67 21.00 -3.47
C PHE A 801 -2.89 21.38 -4.30
N SER A 802 -4.07 21.29 -3.69
CA SER A 802 -5.32 21.41 -4.42
C SER A 802 -6.34 22.24 -3.65
N ALA A 803 -7.19 22.93 -4.43
CA ALA A 803 -8.32 23.67 -3.86
C ALA A 803 -9.32 22.73 -3.21
N ALA A 804 -9.28 21.43 -3.57
CA ALA A 804 -9.96 20.35 -2.87
C ALA A 804 -9.23 19.93 -1.62
N GLY A 805 -8.17 20.65 -1.23
CA GLY A 805 -7.67 20.67 0.13
C GLY A 805 -6.75 19.54 0.51
N GLY A 806 -6.77 18.45 -0.25
CA GLY A 806 -5.71 17.47 -0.17
C GLY A 806 -4.40 18.19 -0.35
N ASN A 807 -3.39 17.75 0.40
CA ASN A 807 -2.04 18.27 0.30
C ASN A 807 -1.12 17.07 0.15
N THR A 808 -0.24 17.12 -0.86
CA THR A 808 0.72 16.06 -1.15
C THR A 808 2.07 16.68 -1.51
N CYS A 809 3.14 16.03 -1.04
CA CYS A 809 4.51 16.45 -1.32
C CYS A 809 5.43 15.24 -1.22
N LEU A 810 6.60 15.33 -1.88
CA LEU A 810 7.59 14.27 -1.91
C LEU A 810 8.95 14.83 -1.54
N VAL A 811 9.85 13.92 -1.18
CA VAL A 811 11.27 14.20 -0.99
C VAL A 811 12.02 13.46 -2.10
N LEU A 812 12.87 14.19 -2.82
CA LEU A 812 13.62 13.65 -3.95
C LEU A 812 15.12 13.76 -3.68
N GLU A 813 15.89 12.96 -4.43
CA GLU A 813 17.32 12.79 -4.24
C GLU A 813 17.98 12.55 -5.58
N ASP A 814 19.25 12.94 -5.67
CA ASP A 814 20.05 12.66 -6.85
C ASP A 814 20.22 11.15 -7.09
N ALA A 815 20.44 10.79 -8.36
CA ALA A 815 20.53 9.41 -8.79
C ALA A 815 21.85 8.76 -8.33
N PRO A 816 21.89 7.43 -8.23
CA PRO A 816 23.15 6.77 -7.83
C PRO A 816 24.30 7.04 -8.78
N GLU A 817 25.49 7.26 -8.18
CA GLU A 817 26.69 7.50 -8.96
C GLU A 817 26.94 6.28 -9.87
N PRO A 818 27.71 6.40 -10.93
CA PRO A 818 27.98 5.22 -11.77
C PRO A 818 28.72 4.14 -11.00
N GLU A 819 28.88 2.99 -11.66
CA GLU A 819 29.57 1.87 -11.03
C GLU A 819 31.05 2.17 -10.85
N ASP A 820 31.71 2.62 -11.93
CA ASP A 820 33.10 3.04 -11.87
C ASP A 820 33.27 4.39 -12.55
N SER A 821 33.13 4.44 -13.88
CA SER A 821 33.30 5.67 -14.64
C SER A 821 32.81 5.42 -16.06
N GLN A 822 32.95 6.43 -16.91
CA GLN A 822 32.53 6.31 -18.30
C GLN A 822 33.39 5.27 -19.00
N GLU A 823 32.85 4.70 -20.08
CA GLU A 823 33.60 3.78 -20.91
C GLU A 823 33.07 3.86 -22.33
N VAL A 824 33.97 3.68 -23.29
CA VAL A 824 33.61 3.73 -24.70
C VAL A 824 33.12 2.33 -25.10
N ASP A 825 32.09 2.32 -25.94
CA ASP A 825 31.57 1.08 -26.46
C ASP A 825 32.63 0.42 -27.36
N PRO A 826 33.10 -0.80 -27.06
CA PRO A 826 34.09 -1.42 -27.96
C PRO A 826 33.55 -1.83 -29.32
N ARG A 827 32.23 -1.88 -29.50
CA ARG A 827 31.67 -2.05 -30.84
C ARG A 827 32.10 -0.89 -31.73
N GLU A 828 32.71 -1.20 -32.87
CA GLU A 828 33.15 -0.17 -33.81
C GLU A 828 32.02 0.30 -34.71
N HIS A 829 31.22 -0.63 -35.22
CA HIS A 829 30.17 -0.38 -36.19
C HIS A 829 28.80 -0.56 -35.54
N HIS A 830 27.89 0.35 -35.86
CA HIS A 830 26.62 0.48 -35.17
C HIS A 830 25.49 0.47 -36.19
N ILE A 831 24.28 0.24 -35.70
CA ILE A 831 23.09 0.09 -36.53
C ILE A 831 22.01 1.05 -36.02
N VAL A 832 21.37 1.77 -36.94
CA VAL A 832 20.31 2.72 -36.64
C VAL A 832 19.03 2.25 -37.33
N ALA A 833 17.91 2.20 -36.59
CA ALA A 833 16.63 1.72 -37.09
C ALA A 833 15.59 2.85 -37.09
N LEU A 834 14.91 3.01 -38.23
CA LEU A 834 13.87 4.00 -38.47
C LEU A 834 12.60 3.25 -38.86
N SER A 835 11.43 3.77 -38.43
CA SER A 835 10.14 3.15 -38.71
C SER A 835 9.03 4.17 -38.92
N ALA A 836 7.90 3.66 -39.44
CA ALA A 836 6.67 4.39 -39.71
C ALA A 836 5.64 3.40 -40.23
N LYS A 837 4.36 3.82 -40.21
CA LYS A 837 3.27 3.08 -40.82
C LYS A 837 2.85 3.59 -42.20
N THR A 838 3.40 4.74 -42.65
CA THR A 838 3.03 5.37 -43.93
C THR A 838 4.29 5.83 -44.67
N PRO A 839 4.32 5.77 -46.02
CA PRO A 839 5.50 6.30 -46.73
C PRO A 839 5.77 7.79 -46.48
N ASP A 840 4.73 8.62 -46.44
CA ASP A 840 4.91 10.04 -46.12
C ASP A 840 5.57 10.23 -44.76
N SER A 841 5.03 9.55 -43.73
CA SER A 841 5.66 9.57 -42.41
C SER A 841 7.09 9.09 -42.47
N MET A 842 7.36 8.07 -43.29
CA MET A 842 8.72 7.55 -43.44
C MET A 842 9.67 8.63 -43.93
N VAL A 843 9.32 9.25 -45.06
CA VAL A 843 10.07 10.38 -45.63
C VAL A 843 10.33 11.43 -44.55
N ASN A 844 9.29 11.75 -43.78
CA ASN A 844 9.42 12.76 -42.73
C ASN A 844 10.48 12.34 -41.72
N ASN A 845 10.38 11.11 -41.22
CA ASN A 845 11.31 10.62 -40.19
C ASN A 845 12.74 10.61 -40.72
N LEU A 846 12.93 10.20 -41.97
CA LEU A 846 14.25 10.26 -42.60
C LEU A 846 14.82 11.67 -42.59
N THR A 847 14.04 12.63 -43.12
CA THR A 847 14.49 14.03 -43.16
C THR A 847 14.83 14.54 -41.77
N ASN A 848 13.95 14.30 -40.79
CA ASN A 848 14.16 14.82 -39.45
C ASN A 848 15.39 14.20 -38.82
N MET A 849 15.62 12.91 -39.07
CA MET A 849 16.80 12.25 -38.52
C MET A 849 18.08 12.85 -39.12
N ILE A 850 18.08 13.11 -40.44
CA ILE A 850 19.24 13.71 -41.09
C ILE A 850 19.54 15.09 -40.53
N THR A 851 18.51 15.93 -40.40
CA THR A 851 18.73 17.26 -39.83
C THR A 851 19.26 17.16 -38.41
N TRP A 852 18.70 16.25 -37.60
CA TRP A 852 19.18 16.06 -36.24
C TRP A 852 20.64 15.62 -36.21
N ILE A 853 21.05 14.72 -37.11
CA ILE A 853 22.46 14.34 -37.20
C ILE A 853 23.32 15.55 -37.53
N ASP A 854 22.88 16.39 -38.48
CA ASP A 854 23.62 17.60 -38.80
C ASP A 854 23.77 18.53 -37.60
N LYS A 855 22.79 18.52 -36.69
CA LYS A 855 22.86 19.37 -35.50
C LYS A 855 23.92 18.87 -34.52
N HIS A 856 23.85 17.60 -34.14
CA HIS A 856 24.65 17.01 -33.08
C HIS A 856 25.91 16.28 -33.53
N SER A 857 26.30 16.40 -34.82
CA SER A 857 27.30 15.53 -35.43
C SER A 857 28.61 15.42 -34.64
N GLY A 858 29.13 16.54 -34.15
CA GLY A 858 30.47 16.59 -33.58
C GLY A 858 30.57 16.73 -32.08
N ASP A 859 29.45 16.62 -31.35
CA ASP A 859 29.47 16.86 -29.90
C ASP A 859 30.31 15.81 -29.17
N SER A 860 30.09 14.54 -29.49
CA SER A 860 30.75 13.46 -28.76
C SER A 860 30.80 12.21 -29.62
N LEU A 861 31.72 11.32 -29.25
CA LEU A 861 31.82 10.03 -29.92
C LEU A 861 30.74 9.10 -29.42
N ALA A 862 30.37 9.23 -28.13
CA ALA A 862 29.37 8.37 -27.53
C ALA A 862 27.95 8.60 -28.08
N THR A 863 27.73 9.61 -28.94
CA THR A 863 26.39 9.82 -29.48
C THR A 863 25.95 8.62 -30.33
N LEU A 864 26.83 8.09 -31.18
CA LEU A 864 26.41 6.98 -32.04
C LEU A 864 26.17 5.69 -31.27
N PRO A 865 27.00 5.28 -30.29
CA PRO A 865 26.61 4.07 -29.52
C PRO A 865 25.33 4.24 -28.72
N GLN A 866 25.13 5.40 -28.09
CA GLN A 866 23.93 5.62 -27.31
C GLN A 866 22.70 5.58 -28.21
N LEU A 867 22.72 6.41 -29.24
CA LEU A 867 21.65 6.38 -30.23
C LEU A 867 21.53 5.03 -30.93
N SER A 868 22.61 4.25 -31.05
CA SER A 868 22.45 2.94 -31.67
C SER A 868 21.63 2.02 -30.77
N TYR A 869 22.15 1.70 -29.59
CA TYR A 869 21.44 0.81 -28.66
C TYR A 869 20.04 1.35 -28.35
N THR A 870 19.90 2.67 -28.29
CA THR A 870 18.62 3.31 -28.05
C THR A 870 17.66 3.09 -29.25
N THR A 871 18.06 3.46 -30.49
CA THR A 871 17.12 3.37 -31.62
C THR A 871 16.70 1.95 -31.85
N THR A 872 17.61 1.05 -31.63
CA THR A 872 17.30 -0.32 -31.90
C THR A 872 16.38 -0.82 -30.81
N ALA A 873 16.88 -0.90 -29.57
CA ALA A 873 16.07 -1.45 -28.51
C ALA A 873 14.96 -0.48 -28.12
N ARG A 874 15.30 0.77 -27.82
CA ARG A 874 14.32 1.69 -27.25
C ARG A 874 13.62 2.47 -28.36
N ARG A 875 12.46 1.96 -28.76
CA ARG A 875 11.56 2.43 -29.81
C ARG A 875 10.42 1.42 -29.84
N VAL A 876 9.28 1.83 -30.38
CA VAL A 876 8.19 0.91 -30.70
C VAL A 876 8.01 1.09 -32.19
N HIS A 877 8.53 0.14 -32.96
CA HIS A 877 8.53 0.21 -34.40
C HIS A 877 7.27 -0.44 -35.00
N HIS A 878 7.00 -0.09 -36.26
CA HIS A 878 5.88 -0.59 -37.05
C HIS A 878 6.40 -1.17 -38.37
N ARG A 879 5.46 -1.48 -39.28
CA ARG A 879 5.78 -2.25 -40.50
C ARG A 879 6.89 -1.65 -41.35
N HIS A 880 6.62 -0.52 -42.01
CA HIS A 880 7.62 0.12 -42.86
C HIS A 880 8.78 0.58 -42.01
N ARG A 881 10.01 0.21 -42.41
CA ARG A 881 11.18 0.46 -41.58
C ARG A 881 12.48 0.59 -42.35
N ALA A 882 13.33 1.55 -41.94
CA ALA A 882 14.60 1.83 -42.61
C ALA A 882 15.77 1.58 -41.67
N VAL A 883 16.93 1.25 -42.27
CA VAL A 883 18.15 0.89 -41.53
C VAL A 883 19.35 1.63 -42.12
N ALA A 884 20.29 2.03 -41.25
CA ALA A 884 21.59 2.60 -41.65
C ALA A 884 22.69 2.18 -40.67
N THR A 885 23.92 1.99 -41.19
CA THR A 885 25.07 1.54 -40.39
C THR A 885 26.29 2.42 -40.62
N GLY A 886 27.21 2.36 -39.65
CA GLY A 886 28.52 2.96 -39.83
C GLY A 886 29.30 3.04 -38.54
N THR A 887 30.56 3.47 -38.70
CA THR A 887 31.45 3.72 -37.58
C THR A 887 31.09 4.99 -36.83
N ASP A 888 30.67 6.02 -37.57
CA ASP A 888 30.46 7.36 -37.04
C ASP A 888 29.17 7.90 -37.64
N LEU A 889 28.70 9.01 -37.06
CA LEU A 889 27.43 9.61 -37.48
C LEU A 889 27.44 10.01 -38.96
N LEU A 890 28.62 10.34 -39.51
CA LEU A 890 28.70 10.76 -40.92
C LEU A 890 28.23 9.65 -41.85
N GLN A 891 28.70 8.42 -41.63
CA GLN A 891 28.28 7.29 -42.45
C GLN A 891 26.78 7.05 -42.33
N ILE A 892 26.23 7.16 -41.11
CA ILE A 892 24.79 7.08 -40.90
C ILE A 892 24.08 8.10 -41.78
N ARG A 893 24.58 9.35 -41.76
CA ARG A 893 23.96 10.39 -42.58
C ARG A 893 24.03 10.04 -44.06
N SER A 894 25.21 9.71 -44.57
CA SER A 894 25.36 9.38 -45.99
C SER A 894 24.39 8.28 -46.43
N SER A 895 24.22 7.26 -45.58
CA SER A 895 23.27 6.19 -45.87
C SER A 895 21.84 6.69 -45.91
N LEU A 896 21.42 7.38 -44.84
CA LEU A 896 20.04 7.89 -44.76
C LEU A 896 19.75 8.88 -45.88
N GLN A 897 20.74 9.71 -46.22
CA GLN A 897 20.60 10.66 -47.32
C GLN A 897 20.38 9.93 -48.63
N GLU A 898 21.15 8.86 -48.87
CA GLU A 898 20.99 8.04 -50.07
C GLU A 898 19.57 7.47 -50.15
N GLN A 899 19.13 6.83 -49.07
CA GLN A 899 17.77 6.28 -49.02
C GLN A 899 16.74 7.38 -49.24
N LEU A 900 16.97 8.55 -48.64
CA LEU A 900 16.03 9.66 -48.79
C LEU A 900 15.93 10.07 -50.25
N ASP A 901 17.06 10.14 -50.95
CA ASP A 901 17.05 10.46 -52.37
C ASP A 901 16.24 9.43 -53.15
N ARG A 902 16.37 8.15 -52.81
CA ARG A 902 15.53 7.13 -53.44
C ARG A 902 14.05 7.39 -53.17
N ARG A 903 13.72 7.84 -51.96
CA ARG A 903 12.33 8.16 -51.64
C ARG A 903 11.83 9.39 -52.39
N VAL A 904 12.64 10.44 -52.48
CA VAL A 904 12.20 11.68 -53.11
C VAL A 904 12.02 11.47 -54.61
N SER A 905 13.01 10.84 -55.26
CA SER A 905 13.06 10.71 -56.70
C SER A 905 12.90 9.25 -57.11
N GLY A 906 11.99 8.99 -58.05
CA GLY A 906 11.79 7.65 -58.56
C GLY A 906 11.05 6.72 -57.63
N GLU A 907 10.17 7.27 -56.77
CA GLU A 907 9.34 6.47 -55.87
C GLU A 907 7.94 7.07 -55.86
N ARG A 908 6.94 6.27 -56.19
CA ARG A 908 5.57 6.73 -56.23
C ARG A 908 5.03 6.83 -54.80
N SER A 909 3.76 7.21 -54.67
CA SER A 909 3.16 7.44 -53.37
C SER A 909 2.65 6.16 -52.70
N ILE A 910 2.64 5.02 -53.40
CA ILE A 910 2.16 3.76 -52.82
C ILE A 910 3.30 3.04 -52.11
N PRO A 911 3.05 2.25 -51.06
CA PRO A 911 4.12 1.51 -50.40
C PRO A 911 4.54 0.23 -51.15
N HIS A 912 5.75 -0.22 -50.82
CA HIS A 912 6.20 -1.56 -51.17
C HIS A 912 5.40 -2.59 -50.35
N PRO A 913 5.27 -3.84 -50.84
CA PRO A 913 4.20 -4.76 -50.37
C PRO A 913 4.18 -4.97 -48.85
N PRO A 914 3.03 -4.65 -48.15
CA PRO A 914 2.92 -4.96 -46.71
C PRO A 914 2.20 -6.26 -46.35
N ASN A 915 2.80 -7.40 -46.74
CA ASN A 915 2.21 -8.73 -46.57
C ASN A 915 2.76 -9.42 -45.32
N GLY A 916 3.65 -8.78 -44.55
CA GLY A 916 4.53 -9.56 -43.71
C GLY A 916 5.64 -10.13 -44.58
N PRO A 917 6.57 -9.26 -45.02
CA PRO A 917 7.31 -9.43 -46.28
C PRO A 917 8.14 -10.70 -46.36
N SER A 918 7.56 -11.66 -47.08
CA SER A 918 7.99 -13.06 -47.09
C SER A 918 9.49 -13.22 -47.27
N PHE A 919 10.08 -13.98 -46.36
CA PHE A 919 11.48 -14.35 -46.36
C PHE A 919 11.64 -15.83 -46.69
N VAL A 920 12.64 -16.13 -47.54
CA VAL A 920 13.13 -17.49 -47.73
C VAL A 920 14.59 -17.42 -47.33
N LEU A 921 15.00 -18.34 -46.47
CA LEU A 921 16.35 -18.36 -45.92
C LEU A 921 17.21 -19.40 -46.62
N ALA A 922 18.36 -18.96 -47.14
CA ALA A 922 19.29 -19.78 -47.92
C ALA A 922 20.53 -20.16 -47.11
N PHE A 923 20.74 -21.46 -46.92
CA PHE A 923 21.85 -22.00 -46.14
C PHE A 923 22.92 -22.66 -47.04
N THR A 924 24.15 -22.12 -47.00
CA THR A 924 25.24 -22.55 -47.86
C THR A 924 25.96 -23.78 -47.28
N GLY A 925 26.65 -24.51 -48.15
CA GLY A 925 27.59 -25.54 -47.76
C GLY A 925 28.91 -24.98 -47.22
N GLN A 926 29.75 -25.88 -46.72
CA GLN A 926 31.01 -25.46 -46.10
C GLN A 926 32.05 -24.93 -47.09
N GLY A 927 31.78 -24.95 -48.40
CA GLY A 927 32.75 -24.49 -49.40
C GLY A 927 33.31 -23.10 -49.14
N SER A 928 32.44 -22.13 -48.88
CA SER A 928 32.86 -20.73 -48.77
C SER A 928 33.27 -20.31 -47.36
N ALA A 929 33.32 -21.24 -46.40
CA ALA A 929 33.69 -20.87 -45.05
C ALA A 929 35.14 -20.42 -44.98
N PHE A 930 35.40 -19.46 -44.09
CA PHE A 930 36.70 -18.81 -43.95
C PHE A 930 37.07 -18.63 -42.47
N ALA A 931 38.32 -18.26 -42.24
CA ALA A 931 38.83 -18.08 -40.88
C ALA A 931 38.28 -16.80 -40.27
N GLY A 932 38.15 -16.81 -38.94
CA GLY A 932 37.59 -15.65 -38.27
C GLY A 932 36.21 -15.29 -38.72
N MET A 933 35.44 -16.29 -39.14
CA MET A 933 34.10 -16.09 -39.65
C MET A 933 33.16 -15.88 -38.47
N GLY A 934 32.51 -14.72 -38.43
CA GLY A 934 31.58 -14.45 -37.36
C GLY A 934 32.23 -14.23 -36.02
N VAL A 935 33.49 -13.77 -35.99
CA VAL A 935 34.07 -13.40 -34.71
C VAL A 935 33.37 -12.17 -34.16
N ASP A 936 33.00 -11.23 -35.01
CA ASP A 936 32.30 -10.05 -34.50
C ASP A 936 30.96 -10.42 -33.90
N LEU A 937 30.22 -11.31 -34.56
CA LEU A 937 28.97 -11.79 -33.96
C LEU A 937 29.22 -12.53 -32.65
N TYR A 938 30.33 -13.27 -32.55
CA TYR A 938 30.66 -13.98 -31.32
C TYR A 938 31.16 -13.04 -30.22
N LYS A 939 31.78 -11.92 -30.54
CA LYS A 939 32.30 -11.03 -29.51
C LYS A 939 31.24 -10.03 -29.06
N ARG A 940 30.35 -9.60 -29.96
CA ARG A 940 29.36 -8.55 -29.72
C ARG A 940 28.01 -9.05 -29.17
N PHE A 941 27.47 -10.16 -29.67
CA PHE A 941 26.09 -10.60 -29.39
C PHE A 941 26.07 -11.72 -28.36
N ALA A 942 25.49 -11.44 -27.19
CA ALA A 942 25.39 -12.40 -26.09
C ALA A 942 24.48 -13.59 -26.39
N SER A 943 23.29 -13.37 -26.98
CA SER A 943 22.43 -14.51 -27.30
C SER A 943 23.17 -15.50 -28.18
N PHE A 944 23.86 -14.97 -29.18
CA PHE A 944 24.68 -15.75 -30.09
C PHE A 944 25.78 -16.47 -29.31
N ARG A 945 26.46 -15.78 -28.38
CA ARG A 945 27.51 -16.42 -27.58
C ARG A 945 26.95 -17.55 -26.74
N SER A 946 25.76 -17.35 -26.18
CA SER A 946 25.12 -18.38 -25.39
C SER A 946 24.90 -19.62 -26.22
N ASP A 947 24.32 -19.44 -27.42
CA ASP A 947 24.09 -20.57 -28.33
C ASP A 947 25.38 -21.29 -28.68
N ILE A 948 26.43 -20.55 -29.06
CA ILE A 948 27.70 -21.20 -29.42
C ILE A 948 28.30 -21.96 -28.25
N ALA A 949 28.39 -21.32 -27.08
CA ALA A 949 28.95 -21.98 -25.91
C ALA A 949 28.16 -23.23 -25.56
N ARG A 950 26.83 -23.12 -25.68
CA ARG A 950 25.99 -24.26 -25.40
C ARG A 950 26.28 -25.39 -26.36
N TYR A 951 26.29 -25.09 -27.68
CA TYR A 951 26.62 -26.08 -28.71
C TYR A 951 27.97 -26.72 -28.46
N ASP A 952 28.91 -25.96 -27.91
CA ASP A 952 30.23 -26.51 -27.65
C ASP A 952 30.14 -27.57 -26.57
N GLN A 953 29.47 -27.23 -25.46
CA GLN A 953 29.34 -28.19 -24.37
C GLN A 953 28.55 -29.42 -24.81
N ILE A 954 27.51 -29.19 -25.62
CA ILE A 954 26.72 -30.27 -26.18
C ILE A 954 27.61 -31.21 -27.01
N CYS A 955 28.47 -30.63 -27.85
CA CYS A 955 29.48 -31.39 -28.61
C CYS A 955 30.44 -32.18 -27.71
N GLU A 956 31.07 -31.51 -26.74
CA GLU A 956 32.01 -32.17 -25.83
C GLU A 956 31.39 -33.29 -25.03
N GLY A 957 30.10 -33.19 -24.67
CA GLY A 957 29.49 -34.29 -23.95
C GLY A 957 29.16 -35.49 -24.81
N MET A 958 29.07 -35.29 -26.13
CA MET A 958 28.81 -36.32 -27.11
C MET A 958 30.06 -36.88 -27.81
N SER A 959 31.26 -36.58 -27.32
CA SER A 959 32.52 -37.03 -27.95
C SER A 959 32.68 -36.45 -29.35
N LEU A 960 32.61 -35.12 -29.42
CA LEU A 960 32.81 -34.35 -30.64
C LEU A 960 33.80 -33.24 -30.34
N PRO A 961 34.47 -32.68 -31.37
CA PRO A 961 35.49 -31.66 -31.10
C PRO A 961 34.85 -30.36 -30.60
N SER A 962 35.69 -29.53 -29.99
CA SER A 962 35.23 -28.27 -29.41
C SER A 962 35.28 -27.18 -30.47
N ILE A 963 34.12 -26.61 -30.79
CA ILE A 963 34.00 -25.56 -31.79
C ILE A 963 34.15 -24.13 -31.24
N LYS A 964 34.02 -23.95 -29.93
CA LYS A 964 34.18 -22.64 -29.30
C LYS A 964 35.53 -22.00 -29.65
N ALA A 965 36.57 -22.82 -29.77
CA ALA A 965 37.89 -22.31 -30.09
C ALA A 965 37.93 -21.64 -31.46
N MET A 966 37.20 -22.19 -32.45
CA MET A 966 37.25 -21.63 -33.80
C MET A 966 36.83 -20.17 -33.83
N PHE A 967 35.90 -19.77 -32.96
CA PHE A 967 35.40 -18.41 -32.89
C PHE A 967 36.23 -17.56 -31.93
N GLU A 968 36.84 -18.19 -30.92
CA GLU A 968 37.66 -17.41 -30.01
C GLU A 968 39.00 -17.09 -30.67
N ASP A 969 39.66 -18.10 -31.25
CA ASP A 969 40.97 -17.96 -31.87
C ASP A 969 40.85 -18.34 -33.33
N GLU A 970 41.52 -17.58 -34.19
CA GLU A 970 41.44 -17.82 -35.63
C GLU A 970 42.48 -18.80 -36.16
N LYS A 971 43.66 -18.85 -35.51
CA LYS A 971 44.78 -19.65 -36.02
C LYS A 971 44.44 -21.13 -36.15
N VAL A 972 43.55 -21.63 -35.28
CA VAL A 972 43.17 -23.04 -35.28
C VAL A 972 42.55 -23.48 -36.61
N PHE A 973 41.99 -22.55 -37.40
CA PHE A 973 41.31 -22.92 -38.65
C PHE A 973 42.24 -23.63 -39.63
N SER A 974 43.55 -23.38 -39.56
CA SER A 974 44.48 -23.98 -40.50
C SER A 974 44.50 -25.51 -40.36
N THR A 975 44.72 -26.00 -39.14
CA THR A 975 44.90 -27.43 -38.87
C THR A 975 43.60 -28.15 -38.51
N ALA A 976 42.47 -27.47 -38.57
CA ALA A 976 41.25 -28.02 -38.00
C ALA A 976 40.67 -29.10 -38.91
N SER A 977 40.11 -30.15 -38.30
CA SER A 977 39.75 -31.37 -39.02
C SER A 977 38.38 -31.22 -39.66
N PRO A 978 38.03 -32.10 -40.65
CA PRO A 978 36.69 -32.00 -41.29
C PRO A 978 35.52 -31.97 -40.33
N THR A 979 35.52 -32.81 -39.29
CA THR A 979 34.42 -32.79 -38.32
C THR A 979 34.34 -31.44 -37.63
N LEU A 980 35.48 -30.88 -37.24
CA LEU A 980 35.47 -29.56 -36.62
C LEU A 980 35.01 -28.48 -37.60
N GLN A 981 35.45 -28.54 -38.86
CA GLN A 981 35.05 -27.55 -39.85
C GLN A 981 33.54 -27.57 -40.03
N GLN A 982 33.04 -28.77 -40.26
CA GLN A 982 31.64 -29.04 -40.53
C GLN A 982 30.75 -28.64 -39.37
N LEU A 983 31.13 -29.04 -38.14
CA LEU A 983 30.35 -28.66 -36.97
C LEU A 983 30.39 -27.16 -36.76
N THR A 984 31.54 -26.54 -37.02
CA THR A 984 31.64 -25.08 -36.90
C THR A 984 30.66 -24.41 -37.85
N HIS A 985 30.59 -24.90 -39.09
CA HIS A 985 29.71 -24.33 -40.08
C HIS A 985 28.25 -24.45 -39.64
N VAL A 986 27.85 -25.64 -39.20
CA VAL A 986 26.44 -25.89 -38.91
C VAL A 986 26.04 -25.18 -37.63
N CYS A 987 26.94 -25.13 -36.65
CA CYS A 987 26.67 -24.35 -35.42
C CYS A 987 26.55 -22.88 -35.75
N PHE A 988 27.42 -22.39 -36.63
CA PHE A 988 27.37 -21.00 -37.07
C PHE A 988 26.02 -20.71 -37.70
N GLN A 989 25.50 -21.64 -38.53
CA GLN A 989 24.23 -21.40 -39.22
C GLN A 989 23.06 -21.46 -38.27
N MET A 990 23.02 -22.44 -37.37
CA MET A 990 21.92 -22.51 -36.39
C MET A 990 21.90 -21.28 -35.49
N ALA A 991 23.06 -20.87 -35.01
CA ALA A 991 23.18 -19.66 -34.21
C ALA A 991 22.77 -18.43 -35.01
N LEU A 992 23.17 -18.37 -36.28
CA LEU A 992 22.86 -17.21 -37.10
C LEU A 992 21.37 -17.16 -37.38
N TYR A 993 20.76 -18.29 -37.70
CA TYR A 993 19.31 -18.37 -37.91
C TYR A 993 18.56 -17.89 -36.68
N ARG A 994 18.92 -18.42 -35.50
CA ARG A 994 18.33 -17.99 -34.25
C ARG A 994 18.51 -16.50 -34.02
N LEU A 995 19.65 -15.95 -34.44
CA LEU A 995 19.87 -14.51 -34.32
C LEU A 995 18.84 -13.76 -35.15
N TRP A 996 18.67 -14.11 -36.42
CA TRP A 996 17.71 -13.39 -37.24
C TRP A 996 16.27 -13.60 -36.77
N LYS A 997 15.95 -14.81 -36.32
CA LYS A 997 14.64 -15.05 -35.71
C LYS A 997 14.44 -14.17 -34.47
N SER A 998 15.52 -13.89 -33.72
CA SER A 998 15.43 -12.97 -32.60
C SER A 998 15.03 -11.57 -33.06
N LEU A 999 15.31 -11.24 -34.32
CA LEU A 999 14.81 -10.05 -34.98
C LEU A 999 13.44 -10.23 -35.60
N GLY A 1000 12.71 -11.29 -35.23
CA GLY A 1000 11.34 -11.42 -35.67
C GLY A 1000 11.22 -11.62 -37.16
N VAL A 1001 12.22 -12.24 -37.77
CA VAL A 1001 12.21 -12.48 -39.21
C VAL A 1001 11.42 -13.78 -39.36
N GLN A 1002 10.22 -13.66 -39.91
CA GLN A 1002 9.38 -14.81 -40.18
C GLN A 1002 9.78 -15.43 -41.51
N ALA A 1003 10.22 -16.69 -41.46
CA ALA A 1003 10.66 -17.40 -42.64
C ALA A 1003 9.45 -18.07 -43.28
N LYS A 1004 9.08 -17.64 -44.49
CA LYS A 1004 8.08 -18.34 -45.26
C LYS A 1004 8.52 -19.74 -45.62
N ALA A 1005 9.81 -19.95 -45.85
CA ALA A 1005 10.35 -21.27 -46.17
C ALA A 1005 11.87 -21.20 -46.02
N VAL A 1006 12.52 -22.34 -46.27
CA VAL A 1006 13.95 -22.48 -46.17
C VAL A 1006 14.45 -23.32 -47.33
N VAL A 1007 15.69 -23.08 -47.71
CA VAL A 1007 16.40 -23.89 -48.68
C VAL A 1007 17.82 -23.98 -48.15
N GLY A 1008 18.48 -25.07 -48.47
CA GLY A 1008 19.85 -25.26 -48.04
C GLY A 1008 20.58 -26.08 -49.06
N HIS A 1009 21.88 -25.83 -49.16
CA HIS A 1009 22.71 -26.37 -50.21
C HIS A 1009 23.73 -27.29 -49.56
N ALA A 1010 23.58 -28.58 -49.81
CA ALA A 1010 24.41 -29.61 -49.20
C ALA A 1010 24.32 -29.49 -47.68
N LEU A 1011 25.41 -29.21 -46.97
CA LEU A 1011 25.43 -29.10 -45.52
C LEU A 1011 24.46 -28.05 -44.95
N GLY A 1012 24.15 -26.98 -45.70
CA GLY A 1012 23.30 -25.94 -45.15
C GLY A 1012 21.89 -26.39 -44.79
N GLU A 1013 21.43 -27.47 -45.41
CA GLU A 1013 20.09 -27.96 -45.13
C GLU A 1013 19.92 -28.45 -43.71
N TYR A 1014 20.99 -28.91 -43.08
CA TYR A 1014 20.89 -29.45 -41.74
C TYR A 1014 20.39 -28.35 -40.82
N ALA A 1015 20.93 -27.16 -41.02
CA ALA A 1015 20.46 -26.00 -40.31
C ALA A 1015 19.01 -25.74 -40.74
N ALA A 1016 18.72 -25.96 -42.04
CA ALA A 1016 17.35 -25.81 -42.52
C ALA A 1016 16.40 -26.77 -41.82
N LEU A 1017 16.84 -27.98 -41.49
CA LEU A 1017 15.97 -28.92 -40.82
C LEU A 1017 15.68 -28.42 -39.42
N TYR A 1018 16.68 -27.81 -38.79
CA TYR A 1018 16.42 -27.17 -37.51
C TYR A 1018 15.45 -26.00 -37.67
N ALA A 1019 15.72 -25.14 -38.65
CA ALA A 1019 14.94 -23.91 -38.86
C ALA A 1019 13.50 -24.23 -39.25
N ALA A 1020 13.29 -25.36 -39.91
CA ALA A 1020 11.96 -25.81 -40.29
C ALA A 1020 11.21 -26.49 -39.15
N GLY A 1021 11.91 -26.90 -38.10
CA GLY A 1021 11.30 -27.56 -36.97
C GLY A 1021 11.37 -29.07 -37.00
N VAL A 1022 12.26 -29.64 -37.82
CA VAL A 1022 12.36 -31.09 -37.98
C VAL A 1022 13.24 -31.61 -36.86
N LEU A 1023 14.54 -31.33 -36.94
CA LEU A 1023 15.53 -31.83 -35.99
C LEU A 1023 15.79 -30.78 -34.91
N SER A 1024 15.99 -31.25 -33.68
CA SER A 1024 16.47 -30.42 -32.61
C SER A 1024 17.92 -30.02 -32.85
N GLN A 1025 18.36 -28.99 -32.10
CA GLN A 1025 19.77 -28.61 -32.07
C GLN A 1025 20.67 -29.82 -31.86
N SER A 1026 20.35 -30.63 -30.85
CA SER A 1026 21.26 -31.70 -30.49
C SER A 1026 21.22 -32.82 -31.52
N ASP A 1027 20.03 -33.17 -32.03
CA ASP A 1027 19.98 -34.18 -33.08
C ASP A 1027 20.73 -33.72 -34.33
N THR A 1028 20.68 -32.42 -34.63
CA THR A 1028 21.46 -31.88 -35.74
C THR A 1028 22.95 -32.06 -35.52
N LEU A 1029 23.44 -31.66 -34.35
CA LEU A 1029 24.86 -31.82 -34.04
C LEU A 1029 25.28 -33.28 -34.02
N TYR A 1030 24.48 -34.13 -33.39
CA TYR A 1030 24.75 -35.55 -33.38
C TYR A 1030 24.83 -36.13 -34.79
N LEU A 1031 23.86 -35.78 -35.64
CA LEU A 1031 23.83 -36.32 -36.99
C LEU A 1031 25.02 -35.85 -37.82
N VAL A 1032 25.33 -34.57 -37.75
CA VAL A 1032 26.42 -33.98 -38.51
C VAL A 1032 27.75 -34.54 -37.99
N GLY A 1033 27.91 -34.54 -36.66
CA GLY A 1033 29.15 -34.97 -36.04
C GLY A 1033 29.47 -36.40 -36.34
N ARG A 1034 28.47 -37.28 -36.19
CA ARG A 1034 28.71 -38.70 -36.39
C ARG A 1034 28.95 -38.98 -37.86
N ARG A 1035 28.29 -38.23 -38.75
CA ARG A 1035 28.54 -38.40 -40.18
C ARG A 1035 29.97 -38.01 -40.52
N ALA A 1036 30.43 -36.86 -40.01
CA ALA A 1036 31.81 -36.47 -40.27
C ALA A 1036 32.78 -37.49 -39.71
N GLN A 1037 32.53 -38.02 -38.51
CA GLN A 1037 33.42 -39.05 -37.98
C GLN A 1037 33.47 -40.24 -38.94
N LEU A 1038 32.32 -40.59 -39.54
CA LEU A 1038 32.31 -41.69 -40.49
C LEU A 1038 33.12 -41.34 -41.75
N MET A 1039 33.02 -40.07 -42.21
CA MET A 1039 33.73 -39.70 -43.42
C MET A 1039 35.23 -39.73 -43.20
N GLU A 1040 35.68 -39.30 -42.01
CA GLU A 1040 37.10 -39.40 -41.67
C GLU A 1040 37.54 -40.84 -41.50
N LYS A 1041 36.66 -41.69 -40.96
CA LYS A 1041 37.02 -43.07 -40.71
C LYS A 1041 37.22 -43.87 -41.97
N HIS A 1042 36.32 -43.72 -42.94
CA HIS A 1042 36.38 -44.53 -44.15
C HIS A 1042 37.12 -43.87 -45.31
N LEU A 1043 36.91 -42.57 -45.53
CA LEU A 1043 37.45 -41.92 -46.73
C LEU A 1043 38.80 -41.27 -46.45
N SER A 1044 39.38 -40.72 -47.52
CA SER A 1044 40.69 -40.09 -47.50
C SER A 1044 40.65 -38.84 -48.37
N GLN A 1045 41.37 -37.82 -47.91
CA GLN A 1045 41.45 -36.54 -48.60
C GLN A 1045 42.39 -36.64 -49.79
N GLY A 1046 42.09 -35.88 -50.84
CA GLY A 1046 42.96 -35.77 -51.99
C GLY A 1046 42.75 -36.81 -53.08
N THR A 1047 42.19 -37.97 -52.75
CA THR A 1047 41.99 -39.00 -53.77
C THR A 1047 40.95 -38.58 -54.79
N HIS A 1048 39.93 -37.83 -54.37
CA HIS A 1048 38.88 -37.34 -55.24
C HIS A 1048 38.87 -35.82 -55.22
N ALA A 1049 38.14 -35.23 -56.17
CA ALA A 1049 38.05 -33.79 -56.28
C ALA A 1049 36.71 -33.44 -56.92
N MET A 1050 36.38 -32.15 -56.87
CA MET A 1050 35.15 -31.61 -57.43
C MET A 1050 35.47 -30.45 -58.35
N LEU A 1051 34.65 -30.30 -59.39
CA LEU A 1051 34.88 -29.31 -60.43
C LEU A 1051 33.61 -28.55 -60.70
N ALA A 1052 33.71 -27.21 -60.72
CA ALA A 1052 32.59 -26.34 -61.06
C ALA A 1052 32.70 -25.95 -62.52
N VAL A 1053 31.60 -26.12 -63.26
CA VAL A 1053 31.59 -25.94 -64.70
C VAL A 1053 30.47 -24.99 -65.06
N ARG A 1054 30.79 -23.95 -65.84
CA ARG A 1054 29.76 -23.03 -66.32
C ARG A 1054 29.27 -23.59 -67.65
N ALA A 1055 28.15 -24.30 -67.64
CA ALA A 1055 27.59 -24.91 -68.85
C ALA A 1055 26.36 -25.73 -68.50
N LYS A 1056 25.57 -26.03 -69.52
CA LYS A 1056 24.38 -26.85 -69.39
C LYS A 1056 24.75 -28.32 -69.22
N GLU A 1057 23.83 -29.08 -68.63
CA GLU A 1057 24.04 -30.52 -68.47
C GLU A 1057 24.23 -31.21 -69.82
N GLU A 1058 23.59 -30.72 -70.87
CA GLU A 1058 23.65 -31.38 -72.16
C GLU A 1058 25.03 -31.19 -72.78
N ALA A 1059 25.58 -29.98 -72.63
CA ALA A 1059 26.89 -29.70 -73.22
C ALA A 1059 27.95 -30.47 -72.46
N ILE A 1060 27.83 -30.53 -71.13
CA ILE A 1060 28.81 -31.24 -70.32
C ILE A 1060 28.82 -32.72 -70.72
N VAL A 1061 27.63 -33.32 -70.84
CA VAL A 1061 27.57 -34.74 -71.21
C VAL A 1061 28.20 -34.94 -72.59
N ALA A 1062 27.88 -34.04 -73.53
CA ALA A 1062 28.41 -34.17 -74.88
C ALA A 1062 29.91 -33.94 -74.96
N ALA A 1063 30.47 -33.17 -74.01
CA ALA A 1063 31.88 -32.81 -74.03
C ALA A 1063 32.79 -33.91 -73.49
N ILE A 1064 32.33 -34.69 -72.52
CA ILE A 1064 33.17 -35.68 -71.87
C ILE A 1064 32.92 -37.00 -72.58
N ASP A 1065 34.01 -37.68 -72.93
CA ASP A 1065 33.90 -39.03 -73.43
C ASP A 1065 33.67 -39.96 -72.25
N GLY A 1066 32.58 -40.71 -72.33
CA GLY A 1066 32.10 -41.60 -71.30
C GLY A 1066 30.88 -41.00 -70.59
N PRO A 1067 29.88 -41.84 -70.27
CA PRO A 1067 28.62 -41.33 -69.71
C PRO A 1067 28.73 -40.94 -68.25
N PRO A 1068 27.83 -40.07 -67.75
CA PRO A 1068 27.80 -39.81 -66.31
C PRO A 1068 27.44 -41.09 -65.56
N GLY A 1069 28.07 -41.25 -64.38
CA GLY A 1069 27.97 -42.47 -63.61
C GLY A 1069 29.05 -43.50 -63.91
N GLU A 1070 29.83 -43.31 -64.97
CA GLU A 1070 30.98 -44.15 -65.30
C GLU A 1070 32.27 -43.34 -65.30
N ALA A 1071 32.39 -42.32 -66.13
CA ALA A 1071 33.56 -41.46 -66.17
C ALA A 1071 33.52 -40.31 -65.18
N TYR A 1072 32.35 -40.05 -64.57
CA TYR A 1072 32.18 -38.97 -63.61
C TYR A 1072 30.75 -39.02 -63.07
N GLU A 1073 30.37 -38.05 -62.23
CA GLU A 1073 29.03 -37.97 -61.68
C GLU A 1073 28.71 -36.50 -61.44
N PHE A 1074 27.42 -36.15 -61.55
CA PHE A 1074 26.97 -34.78 -61.26
C PHE A 1074 26.76 -34.66 -59.75
N SER A 1075 27.58 -33.82 -59.10
CA SER A 1075 27.43 -33.67 -57.66
C SER A 1075 26.33 -32.67 -57.31
N CYS A 1076 26.20 -31.61 -58.11
CA CYS A 1076 25.24 -30.55 -57.89
C CYS A 1076 24.71 -30.07 -59.23
N ARG A 1077 23.43 -29.74 -59.27
CA ARG A 1077 22.81 -29.13 -60.44
C ARG A 1077 22.27 -27.85 -59.83
N ASN A 1078 23.06 -26.79 -60.02
CA ASN A 1078 22.80 -25.53 -59.37
C ASN A 1078 21.97 -24.52 -60.15
N GLY A 1079 22.24 -24.38 -61.44
CA GLY A 1079 21.55 -23.45 -62.30
C GLY A 1079 21.47 -24.06 -63.66
N GLU A 1080 20.89 -23.30 -64.59
CA GLU A 1080 20.80 -23.74 -65.98
C GLU A 1080 22.18 -24.06 -66.52
N GLN A 1081 23.07 -23.06 -66.49
CA GLN A 1081 24.43 -23.16 -66.97
C GLN A 1081 25.47 -23.38 -65.87
N ARG A 1082 25.07 -23.57 -64.60
CA ARG A 1082 26.00 -23.84 -63.50
C ARG A 1082 25.78 -25.23 -62.91
N ASN A 1083 26.77 -26.11 -63.09
CA ASN A 1083 26.75 -27.47 -62.56
C ASN A 1083 28.10 -27.78 -61.92
N VAL A 1084 28.15 -28.81 -61.07
CA VAL A 1084 29.37 -29.24 -60.38
C VAL A 1084 29.53 -30.74 -60.55
N LEU A 1085 30.74 -31.15 -60.95
CA LEU A 1085 31.13 -32.52 -61.19
C LEU A 1085 32.09 -33.02 -60.12
N GLY A 1086 32.00 -34.31 -59.79
CA GLY A 1086 32.87 -34.90 -58.79
C GLY A 1086 33.26 -36.32 -59.16
N GLY A 1087 34.32 -36.79 -58.53
CA GLY A 1087 34.94 -38.06 -58.89
C GLY A 1087 36.41 -38.05 -58.54
N THR A 1088 37.11 -39.11 -58.97
CA THR A 1088 38.54 -39.22 -58.68
C THR A 1088 39.28 -38.10 -59.39
N VAL A 1089 40.47 -37.77 -58.86
CA VAL A 1089 41.30 -36.72 -59.44
C VAL A 1089 41.60 -36.99 -60.92
N ALA A 1090 41.84 -38.25 -61.29
CA ALA A 1090 42.10 -38.56 -62.71
C ALA A 1090 40.88 -38.28 -63.58
N GLN A 1091 39.69 -38.67 -63.10
CA GLN A 1091 38.47 -38.42 -63.86
C GLN A 1091 38.25 -36.91 -64.04
N ILE A 1092 38.49 -36.13 -62.98
CA ILE A 1092 38.28 -34.69 -63.06
C ILE A 1092 39.32 -34.07 -64.00
N GLN A 1093 40.54 -34.60 -64.04
CA GLN A 1093 41.56 -34.06 -64.93
C GLN A 1093 41.14 -34.26 -66.38
N ALA A 1094 40.75 -35.50 -66.71
CA ALA A 1094 40.33 -35.80 -68.09
C ALA A 1094 39.09 -34.99 -68.48
N ALA A 1095 38.08 -34.94 -67.60
CA ALA A 1095 36.89 -34.16 -67.92
C ALA A 1095 37.23 -32.69 -68.06
N LYS A 1096 38.12 -32.17 -67.19
CA LYS A 1096 38.49 -30.76 -67.25
C LYS A 1096 39.11 -30.44 -68.60
N ALA A 1097 40.00 -31.33 -69.06
CA ALA A 1097 40.65 -31.13 -70.35
C ALA A 1097 39.63 -31.17 -71.48
N ALA A 1098 38.64 -32.06 -71.38
CA ALA A 1098 37.63 -32.18 -72.42
C ALA A 1098 36.76 -30.93 -72.49
N LEU A 1099 36.36 -30.39 -71.35
CA LEU A 1099 35.56 -29.17 -71.32
C LEU A 1099 36.35 -27.96 -71.78
N GLU A 1100 37.57 -27.79 -71.25
CA GLU A 1100 38.45 -26.73 -71.70
C GLU A 1100 38.76 -26.81 -73.19
N ALA A 1101 38.72 -27.99 -73.78
CA ALA A 1101 38.97 -28.11 -75.21
C ALA A 1101 37.92 -27.34 -76.00
N LYS A 1102 36.66 -27.39 -75.54
CA LYS A 1102 35.56 -26.60 -76.10
C LYS A 1102 35.45 -25.21 -75.47
N LYS A 1103 36.41 -24.79 -74.64
CA LYS A 1103 36.47 -23.43 -74.09
C LYS A 1103 35.26 -23.13 -73.20
N ILE A 1104 34.98 -24.09 -72.31
CA ILE A 1104 34.01 -23.92 -71.23
C ILE A 1104 34.78 -23.55 -69.97
N ARG A 1105 34.25 -22.60 -69.21
CA ARG A 1105 34.93 -22.11 -68.02
C ARG A 1105 34.83 -23.15 -66.91
N CYS A 1106 35.98 -23.52 -66.35
CA CYS A 1106 36.06 -24.52 -65.29
C CYS A 1106 36.90 -24.04 -64.11
N GLN A 1107 36.63 -24.59 -62.92
CA GLN A 1107 37.34 -24.20 -61.71
C GLN A 1107 37.20 -25.28 -60.64
N TYR A 1108 38.27 -25.53 -59.88
CA TYR A 1108 38.24 -26.53 -58.83
C TYR A 1108 37.62 -25.99 -57.55
N LEU A 1109 37.05 -26.91 -56.76
CA LEU A 1109 36.60 -26.62 -55.40
C LEU A 1109 37.64 -27.03 -54.36
N ASP A 1110 37.70 -26.25 -53.28
CA ASP A 1110 38.70 -26.42 -52.22
C ASP A 1110 38.47 -27.72 -51.43
N THR A 1111 37.25 -28.27 -51.47
CA THR A 1111 36.85 -29.50 -50.79
C THR A 1111 37.83 -30.65 -51.08
N PRO A 1112 38.44 -31.28 -50.04
CA PRO A 1112 39.40 -32.35 -50.35
C PRO A 1112 38.75 -33.58 -50.97
N MET A 1113 37.59 -34.00 -50.48
CA MET A 1113 36.87 -35.14 -51.01
C MET A 1113 35.86 -34.65 -52.04
N ALA A 1114 35.14 -35.59 -52.66
CA ALA A 1114 34.07 -35.27 -53.59
C ALA A 1114 32.73 -35.78 -53.05
N PHE A 1115 31.90 -34.85 -52.60
CA PHE A 1115 30.64 -35.22 -51.98
C PHE A 1115 29.61 -35.50 -53.07
N HIS A 1116 28.56 -36.21 -52.68
CA HIS A 1116 27.42 -36.50 -53.55
C HIS A 1116 27.87 -37.29 -54.77
N THR A 1117 28.84 -38.20 -54.57
CA THR A 1117 29.30 -39.10 -55.61
C THR A 1117 29.49 -40.49 -55.03
N GLY A 1118 29.99 -41.42 -55.86
CA GLY A 1118 30.19 -42.81 -55.45
C GLY A 1118 31.18 -42.97 -54.32
N GLN A 1119 31.97 -41.93 -54.03
CA GLN A 1119 32.89 -41.94 -52.92
C GLN A 1119 32.20 -42.22 -51.58
N VAL A 1120 31.02 -41.63 -51.34
CA VAL A 1120 30.34 -41.80 -50.06
C VAL A 1120 29.51 -43.08 -49.95
N ASP A 1121 29.64 -44.01 -50.90
CA ASP A 1121 28.93 -45.29 -50.81
C ASP A 1121 29.19 -46.10 -49.53
N PRO A 1122 30.43 -46.26 -49.03
CA PRO A 1122 30.62 -47.15 -47.87
C PRO A 1122 30.06 -46.63 -46.56
N ILE A 1123 29.84 -45.31 -46.43
CA ILE A 1123 29.40 -44.74 -45.17
C ILE A 1123 27.89 -44.79 -44.98
N LEU A 1124 27.13 -45.17 -46.02
CA LEU A 1124 25.68 -45.03 -45.99
C LEU A 1124 25.00 -45.97 -44.99
N PRO A 1125 25.41 -47.23 -44.79
CA PRO A 1125 24.72 -48.05 -43.77
C PRO A 1125 24.86 -47.51 -42.35
N GLU A 1126 26.08 -47.15 -41.95
CA GLU A 1126 26.28 -46.62 -40.61
C GLU A 1126 25.57 -45.27 -40.48
N LEU A 1127 25.60 -44.46 -41.55
CA LEU A 1127 24.88 -43.19 -41.54
C LEU A 1127 23.39 -43.43 -41.39
N LEU A 1128 22.88 -44.52 -41.98
CA LEU A 1128 21.46 -44.85 -41.85
C LEU A 1128 21.14 -45.07 -40.38
N GLN A 1129 22.03 -45.76 -39.65
CA GLN A 1129 21.74 -45.95 -38.24
C GLN A 1129 21.82 -44.62 -37.50
N VAL A 1130 22.73 -43.73 -37.91
CA VAL A 1130 22.81 -42.42 -37.25
C VAL A 1130 21.49 -41.68 -37.43
N ALA A 1131 20.92 -41.73 -38.63
CA ALA A 1131 19.67 -41.02 -38.89
C ALA A 1131 18.53 -41.67 -38.13
N ALA A 1132 18.58 -42.99 -37.99
CA ALA A 1132 17.55 -43.72 -37.27
C ALA A 1132 17.51 -43.35 -35.79
N ALA A 1133 18.62 -42.85 -35.23
CA ALA A 1133 18.62 -42.31 -33.87
C ALA A 1133 18.51 -40.80 -34.01
N CYS A 1134 17.28 -40.32 -33.94
CA CYS A 1134 16.87 -38.94 -34.13
C CYS A 1134 15.39 -38.89 -33.74
N SER A 1135 14.79 -37.71 -33.83
CA SER A 1135 13.38 -37.52 -33.55
C SER A 1135 12.87 -36.54 -34.59
N ILE A 1136 11.87 -36.95 -35.38
CA ILE A 1136 11.46 -36.23 -36.57
C ILE A 1136 10.07 -35.68 -36.33
N GLN A 1137 9.82 -34.44 -36.76
CA GLN A 1137 8.50 -33.83 -36.68
C GLN A 1137 8.16 -33.17 -38.01
N ASP A 1138 6.87 -32.92 -38.21
CA ASP A 1138 6.41 -32.28 -39.43
C ASP A 1138 7.03 -30.88 -39.51
N PRO A 1139 7.44 -30.38 -40.68
CA PRO A 1139 7.99 -29.02 -40.69
C PRO A 1139 6.90 -28.00 -40.38
N GLN A 1140 7.29 -26.95 -39.64
CA GLN A 1140 6.38 -25.83 -39.42
C GLN A 1140 6.26 -24.95 -40.67
N ILE A 1141 7.32 -24.89 -41.47
CA ILE A 1141 7.34 -24.17 -42.75
C ILE A 1141 7.85 -25.13 -43.83
N PRO A 1142 7.51 -24.90 -45.11
CA PRO A 1142 7.96 -25.83 -46.14
C PRO A 1142 9.48 -25.85 -46.28
N VAL A 1143 9.99 -27.03 -46.63
CA VAL A 1143 11.41 -27.29 -46.83
C VAL A 1143 11.62 -27.54 -48.32
N ILE A 1144 12.40 -26.67 -48.95
CA ILE A 1144 12.81 -26.88 -50.33
C ILE A 1144 14.03 -27.79 -50.27
N SER A 1145 13.89 -28.99 -50.85
CA SER A 1145 14.88 -30.05 -50.69
C SER A 1145 15.61 -30.29 -52.01
N PRO A 1146 16.86 -29.87 -52.14
CA PRO A 1146 17.65 -30.26 -53.32
C PRO A 1146 17.87 -31.76 -53.48
N ALA A 1147 17.85 -32.53 -52.39
CA ALA A 1147 18.06 -33.98 -52.48
C ALA A 1147 17.02 -34.62 -53.38
N TYR A 1148 15.77 -34.21 -53.22
CA TYR A 1148 14.64 -34.72 -53.98
C TYR A 1148 14.15 -33.72 -55.03
N GLY A 1149 14.78 -32.56 -55.15
CA GLY A 1149 14.29 -31.57 -56.11
C GLY A 1149 12.84 -31.20 -55.93
N LYS A 1150 12.39 -31.11 -54.67
CA LYS A 1150 10.97 -31.00 -54.36
C LYS A 1150 10.79 -30.29 -53.01
N VAL A 1151 9.60 -29.71 -52.86
CA VAL A 1151 9.12 -29.08 -51.62
C VAL A 1151 8.45 -30.10 -50.70
N ILE A 1152 8.98 -30.25 -49.47
CA ILE A 1152 8.50 -31.24 -48.51
C ILE A 1152 7.78 -30.48 -47.41
N ARG A 1153 6.51 -30.82 -47.19
CA ARG A 1153 5.71 -30.36 -46.06
C ARG A 1153 5.43 -31.43 -44.98
N SER A 1154 5.88 -32.68 -45.17
CA SER A 1154 5.57 -33.78 -44.25
C SER A 1154 6.80 -34.53 -43.74
N ALA A 1155 6.69 -34.98 -42.48
CA ALA A 1155 7.73 -35.78 -41.83
C ALA A 1155 7.93 -37.14 -42.48
N LYS A 1156 6.96 -37.63 -43.25
CA LYS A 1156 7.11 -38.92 -43.94
C LYS A 1156 8.32 -38.96 -44.88
N ASP A 1157 8.76 -37.81 -45.39
CA ASP A 1157 9.89 -37.74 -46.32
C ASP A 1157 11.24 -37.57 -45.63
N PHE A 1158 11.27 -37.21 -44.35
CA PHE A 1158 12.48 -37.01 -43.58
C PHE A 1158 13.00 -38.27 -42.89
N GLN A 1159 12.47 -39.45 -43.24
CA GLN A 1159 12.84 -40.72 -42.61
C GLN A 1159 14.34 -40.99 -42.82
N PRO A 1160 14.94 -41.97 -42.12
CA PRO A 1160 16.41 -42.16 -42.17
C PRO A 1160 16.99 -42.24 -43.58
N GLU A 1161 16.22 -42.80 -44.52
CA GLU A 1161 16.65 -42.90 -45.91
C GLU A 1161 16.98 -41.53 -46.51
N TYR A 1162 16.35 -40.47 -46.01
CA TYR A 1162 16.60 -39.12 -46.50
C TYR A 1162 18.05 -38.73 -46.38
N PHE A 1163 18.65 -39.02 -45.23
CA PHE A 1163 19.98 -38.51 -44.94
C PHE A 1163 21.06 -39.27 -45.70
N THR A 1164 20.86 -40.59 -45.88
CA THR A 1164 21.73 -41.37 -46.74
C THR A 1164 21.56 -40.97 -48.20
N HIS A 1165 20.30 -40.83 -48.63
CA HIS A 1165 20.00 -40.35 -49.97
C HIS A 1165 20.64 -39.01 -50.22
N HIS A 1166 20.48 -38.09 -49.27
CA HIS A 1166 21.08 -36.77 -49.40
C HIS A 1166 22.58 -36.86 -49.57
N CYS A 1167 23.23 -37.61 -48.68
CA CYS A 1167 24.68 -37.71 -48.73
C CYS A 1167 25.13 -38.23 -50.08
N ARG A 1168 24.43 -39.25 -50.60
CA ARG A 1168 24.87 -39.87 -51.83
C ARG A 1168 24.37 -39.14 -53.07
N SER A 1169 23.14 -38.62 -53.04
CA SER A 1169 22.50 -38.06 -54.22
C SER A 1169 22.96 -36.63 -54.51
N SER A 1170 22.79 -36.25 -55.77
CA SER A 1170 23.16 -34.93 -56.23
C SER A 1170 22.30 -33.87 -55.56
N VAL A 1171 22.82 -32.66 -55.48
CA VAL A 1171 22.10 -31.52 -54.93
C VAL A 1171 21.42 -30.87 -56.13
N ASN A 1172 20.10 -31.01 -56.21
CA ASN A 1172 19.36 -30.49 -57.35
C ASN A 1172 18.70 -29.21 -56.84
N MET A 1173 19.41 -28.10 -57.03
CA MET A 1173 18.84 -26.81 -56.69
C MET A 1173 17.75 -26.46 -57.70
N VAL A 1174 18.06 -26.60 -58.99
CA VAL A 1174 17.14 -26.20 -60.04
C VAL A 1174 15.81 -26.94 -59.91
N ASP A 1175 15.83 -28.23 -59.59
CA ASP A 1175 14.56 -28.95 -59.53
C ASP A 1175 13.76 -28.55 -58.29
N ALA A 1176 14.43 -28.34 -57.16
CA ALA A 1176 13.73 -27.93 -55.95
C ALA A 1176 13.18 -26.51 -56.08
N LEU A 1177 14.00 -25.59 -56.57
CA LEU A 1177 13.54 -24.22 -56.74
C LEU A 1177 12.41 -24.14 -57.76
N GLN A 1178 12.61 -24.73 -58.94
CA GLN A 1178 11.55 -24.73 -59.95
C GLN A 1178 10.27 -25.36 -59.41
N SER A 1179 10.41 -26.40 -58.59
CA SER A 1179 9.27 -26.99 -57.89
C SER A 1179 8.62 -26.01 -56.93
N ALA A 1180 9.42 -25.13 -56.32
CA ALA A 1180 8.88 -24.16 -55.38
C ALA A 1180 8.10 -23.08 -56.10
N VAL A 1181 8.67 -22.52 -57.16
CA VAL A 1181 8.03 -21.41 -57.87
C VAL A 1181 6.74 -21.87 -58.53
N GLU A 1182 6.72 -23.10 -59.05
CA GLU A 1182 5.51 -23.59 -59.68
C GLU A 1182 4.37 -23.72 -58.66
N GLU A 1183 4.70 -23.90 -57.38
CA GLU A 1183 3.69 -23.93 -56.34
C GLU A 1183 3.31 -22.54 -55.85
N GLY A 1184 3.98 -21.48 -56.32
CA GLY A 1184 3.78 -20.13 -55.82
C GLY A 1184 4.47 -19.83 -54.51
N LEU A 1185 5.24 -20.76 -53.95
CA LEU A 1185 5.94 -20.49 -52.70
C LEU A 1185 7.01 -19.41 -52.86
N LEU A 1186 7.57 -19.27 -54.07
CA LEU A 1186 8.60 -18.29 -54.37
C LEU A 1186 8.23 -17.42 -55.56
N ASP A 1187 8.53 -16.12 -55.48
CA ASP A 1187 8.33 -15.20 -56.59
C ASP A 1187 9.25 -13.99 -56.36
N LYS A 1188 9.17 -13.02 -57.27
CA LYS A 1188 10.09 -11.90 -57.21
C LYS A 1188 9.87 -11.04 -55.97
N ASN A 1189 8.63 -10.99 -55.47
CA ASN A 1189 8.34 -10.19 -54.28
C ASN A 1189 8.95 -10.79 -53.02
N VAL A 1190 9.17 -12.10 -52.99
CA VAL A 1190 9.73 -12.74 -51.81
C VAL A 1190 11.15 -12.22 -51.59
N ILE A 1191 11.55 -12.24 -50.33
CA ILE A 1191 12.88 -11.83 -49.89
C ILE A 1191 13.72 -13.08 -49.70
N GLY A 1192 14.94 -13.08 -50.24
CA GLY A 1192 15.92 -14.08 -49.88
C GLY A 1192 16.92 -13.50 -48.90
N LEU A 1193 17.42 -14.37 -48.02
CA LEU A 1193 18.39 -14.00 -47.00
C LEU A 1193 19.42 -15.10 -46.91
N GLU A 1194 20.69 -14.74 -47.07
CA GLU A 1194 21.78 -15.70 -46.95
C GLU A 1194 22.20 -15.79 -45.50
N ILE A 1195 21.91 -16.94 -44.91
CA ILE A 1195 22.44 -17.32 -43.61
C ILE A 1195 23.59 -18.27 -43.92
N GLY A 1196 24.81 -17.75 -43.86
CA GLY A 1196 26.00 -18.51 -44.14
C GLY A 1196 27.08 -17.59 -44.66
N PRO A 1197 28.32 -18.09 -44.79
CA PRO A 1197 29.36 -17.23 -45.39
C PRO A 1197 29.22 -17.20 -46.90
N GLY A 1198 29.12 -16.00 -47.45
CA GLY A 1198 29.12 -15.80 -48.87
C GLY A 1198 27.73 -16.01 -49.46
N PRO A 1199 27.33 -15.15 -50.63
CA PRO A 1199 26.03 -15.33 -51.32
C PRO A 1199 26.08 -16.29 -52.52
N VAL A 1200 26.38 -17.57 -52.25
CA VAL A 1200 26.39 -18.58 -53.31
C VAL A 1200 24.96 -19.01 -53.64
N VAL A 1201 24.15 -19.29 -52.62
CA VAL A 1201 22.85 -19.93 -52.83
C VAL A 1201 21.80 -18.91 -53.26
N THR A 1202 21.86 -17.70 -52.70
CA THR A 1202 20.93 -16.65 -53.11
C THR A 1202 20.99 -16.38 -54.60
N GLN A 1203 22.17 -16.44 -55.20
CA GLN A 1203 22.26 -16.21 -56.64
C GLN A 1203 21.50 -17.29 -57.41
N PHE A 1204 21.51 -18.52 -56.91
CA PHE A 1204 20.73 -19.58 -57.52
C PHE A 1204 19.23 -19.33 -57.36
N VAL A 1205 18.78 -18.90 -56.17
CA VAL A 1205 17.37 -18.59 -56.02
C VAL A 1205 17.02 -17.45 -56.97
N LYS A 1206 17.89 -16.43 -57.01
CA LYS A 1206 17.68 -15.24 -57.82
C LYS A 1206 17.52 -15.62 -59.28
N GLU A 1207 18.39 -16.52 -59.76
CA GLU A 1207 18.33 -16.98 -61.14
C GLU A 1207 17.07 -17.81 -61.36
N ALA A 1208 16.55 -18.45 -60.32
CA ALA A 1208 15.34 -19.25 -60.49
C ALA A 1208 14.10 -18.39 -60.65
N VAL A 1209 13.89 -17.43 -59.74
CA VAL A 1209 12.63 -16.66 -59.76
C VAL A 1209 12.65 -15.46 -60.68
N GLY A 1210 13.73 -14.69 -60.70
CA GLY A 1210 13.75 -13.50 -61.52
C GLY A 1210 14.94 -12.64 -61.14
N THR A 1211 15.31 -11.74 -62.02
CA THR A 1211 16.48 -10.89 -61.80
C THR A 1211 16.21 -9.76 -60.82
N THR A 1212 14.97 -9.32 -60.62
CA THR A 1212 14.72 -8.19 -59.72
C THR A 1212 14.46 -8.58 -58.26
N MET A 1213 14.64 -9.85 -57.88
CA MET A 1213 14.40 -10.23 -56.49
C MET A 1213 15.49 -9.61 -55.63
N GLN A 1214 15.13 -9.06 -54.48
CA GLN A 1214 16.14 -8.52 -53.58
C GLN A 1214 16.68 -9.65 -52.72
N THR A 1215 17.97 -9.95 -52.90
CA THR A 1215 18.67 -10.98 -52.14
C THR A 1215 20.05 -10.46 -51.79
N PHE A 1216 20.44 -10.60 -50.53
CA PHE A 1216 21.76 -10.18 -50.08
C PHE A 1216 22.22 -11.15 -49.01
N ALA A 1217 23.46 -10.92 -48.53
CA ALA A 1217 24.07 -11.70 -47.48
C ALA A 1217 24.54 -10.76 -46.38
N SER A 1218 25.25 -11.31 -45.40
CA SER A 1218 25.71 -10.57 -44.23
C SER A 1218 27.20 -10.79 -44.00
N ILE A 1219 27.62 -12.04 -43.83
CA ILE A 1219 29.01 -12.39 -43.57
C ILE A 1219 29.66 -12.82 -44.88
N ASN A 1220 30.65 -12.04 -45.33
CA ASN A 1220 31.43 -12.31 -46.53
C ASN A 1220 32.85 -11.83 -46.26
N LYS A 1221 33.80 -12.44 -46.95
CA LYS A 1221 35.21 -12.10 -46.78
C LYS A 1221 35.58 -10.78 -47.46
N ASP A 1222 34.90 -10.41 -48.54
CA ASP A 1222 35.24 -9.17 -49.24
C ASP A 1222 34.72 -7.94 -48.49
N LYS A 1223 33.41 -7.68 -48.55
CA LYS A 1223 32.86 -6.56 -47.81
C LYS A 1223 32.77 -6.89 -46.32
N ASP A 1224 32.58 -5.86 -45.52
CA ASP A 1224 32.43 -6.04 -44.09
C ASP A 1224 31.07 -6.67 -43.79
N THR A 1225 30.85 -6.97 -42.51
CA THR A 1225 29.55 -7.46 -42.07
C THR A 1225 28.52 -6.35 -42.10
N TRP A 1226 28.88 -5.18 -41.56
CA TRP A 1226 27.93 -4.09 -41.44
C TRP A 1226 27.54 -3.47 -42.78
N GLN A 1227 28.44 -3.46 -43.78
CA GLN A 1227 28.10 -2.94 -45.10
C GLN A 1227 27.01 -3.77 -45.79
N LEU A 1228 27.28 -5.07 -45.95
CA LEU A 1228 26.27 -5.99 -46.49
C LEU A 1228 25.00 -5.93 -45.66
N MET A 1229 25.16 -5.77 -44.35
CA MET A 1229 24.02 -5.72 -43.48
C MET A 1229 23.14 -4.51 -43.74
N THR A 1230 23.71 -3.30 -43.94
CA THR A 1230 22.80 -2.17 -44.16
C THR A 1230 22.13 -2.29 -45.52
N GLN A 1231 22.89 -2.71 -46.55
CA GLN A 1231 22.30 -2.84 -47.88
C GLN A 1231 21.18 -3.88 -47.87
N ALA A 1232 21.32 -4.94 -47.07
CA ALA A 1232 20.32 -5.99 -46.95
C ALA A 1232 19.15 -5.58 -46.04
N LEU A 1233 19.47 -5.26 -44.78
CA LEU A 1233 18.46 -5.03 -43.75
C LEU A 1233 17.57 -3.86 -44.07
N ALA A 1234 18.17 -2.83 -44.70
CA ALA A 1234 17.39 -1.72 -45.22
C ALA A 1234 16.26 -2.33 -46.02
N LYS A 1235 16.58 -2.89 -47.19
CA LYS A 1235 15.58 -3.39 -48.13
C LYS A 1235 14.60 -4.39 -47.50
N PHE A 1236 15.11 -5.22 -46.59
CA PHE A 1236 14.27 -6.16 -45.85
C PHE A 1236 13.20 -5.45 -45.03
N TYR A 1237 13.62 -4.69 -44.03
CA TYR A 1237 12.65 -4.00 -43.20
C TYR A 1237 11.92 -2.89 -43.95
N LEU A 1238 12.48 -2.36 -45.04
CA LEU A 1238 11.71 -1.48 -45.90
C LEU A 1238 10.49 -2.21 -46.46
N ALA A 1239 10.63 -3.52 -46.72
CA ALA A 1239 9.50 -4.29 -47.22
C ALA A 1239 8.38 -4.46 -46.19
N GLY A 1240 8.59 -4.12 -44.91
CA GLY A 1240 7.55 -4.20 -43.89
C GLY A 1240 7.67 -5.20 -42.73
N ALA A 1241 8.83 -5.80 -42.47
CA ALA A 1241 8.91 -6.87 -41.47
C ALA A 1241 8.89 -6.35 -40.03
N SER A 1242 8.59 -7.29 -39.11
CA SER A 1242 8.50 -7.06 -37.67
C SER A 1242 9.77 -7.56 -36.98
N VAL A 1243 10.13 -6.86 -35.89
CA VAL A 1243 11.33 -7.11 -35.10
C VAL A 1243 11.00 -6.96 -33.61
N GLU A 1244 11.72 -7.73 -32.80
CA GLU A 1244 12.02 -7.34 -31.43
C GLU A 1244 13.52 -7.13 -31.34
N TRP A 1245 13.94 -5.85 -31.32
CA TRP A 1245 15.36 -5.52 -31.37
C TRP A 1245 16.03 -5.83 -30.04
N SER A 1246 15.21 -5.97 -28.99
CA SER A 1246 15.68 -6.27 -27.66
C SER A 1246 16.48 -7.56 -27.61
N ARG A 1247 15.87 -8.65 -28.07
CA ARG A 1247 16.54 -9.95 -28.12
C ARG A 1247 17.83 -9.93 -28.91
N TYR A 1248 17.94 -9.05 -29.89
CA TYR A 1248 19.14 -8.99 -30.70
C TYR A 1248 20.25 -8.17 -30.04
N HIS A 1249 19.89 -7.09 -29.33
CA HIS A 1249 20.87 -6.25 -28.64
C HIS A 1249 21.01 -6.47 -27.16
N GLU A 1250 20.24 -7.37 -26.54
CA GLU A 1250 20.26 -7.38 -25.09
C GLU A 1250 21.49 -8.20 -24.75
N ASP A 1251 22.55 -7.47 -24.42
CA ASP A 1251 23.92 -7.93 -24.56
C ASP A 1251 24.75 -7.13 -23.56
N PHE A 1252 26.05 -7.50 -23.46
CA PHE A 1252 27.04 -6.75 -22.70
C PHE A 1252 26.55 -6.45 -21.29
N PRO A 1253 26.57 -7.42 -20.35
CA PRO A 1253 26.06 -7.11 -19.00
C PRO A 1253 26.75 -5.95 -18.30
N GLY A 1254 28.02 -5.65 -18.64
CA GLY A 1254 28.72 -4.50 -18.07
C GLY A 1254 28.87 -3.23 -18.91
N ALA A 1255 28.78 -3.32 -20.24
CA ALA A 1255 28.89 -2.17 -21.14
C ALA A 1255 27.56 -1.61 -21.65
N GLN A 1256 26.43 -2.07 -21.13
CA GLN A 1256 25.11 -1.72 -21.68
C GLN A 1256 24.55 -0.39 -21.15
N LYS A 1257 25.39 0.47 -20.54
CA LYS A 1257 24.99 1.75 -19.96
C LYS A 1257 24.13 2.56 -20.92
N VAL A 1258 22.98 3.02 -20.41
CA VAL A 1258 22.00 3.80 -21.16
C VAL A 1258 21.94 5.21 -20.58
N LEU A 1259 21.97 6.22 -21.45
CA LEU A 1259 21.91 7.63 -21.07
C LEU A 1259 20.71 8.27 -21.77
N GLU A 1260 20.46 9.53 -21.45
CA GLU A 1260 19.32 10.25 -21.99
C GLU A 1260 19.64 10.77 -23.40
N LEU A 1261 18.64 10.74 -24.26
CA LEU A 1261 18.72 11.33 -25.59
C LEU A 1261 17.37 11.96 -25.93
N PRO A 1262 17.31 12.86 -26.95
CA PRO A 1262 16.02 13.44 -27.32
C PRO A 1262 15.01 12.42 -27.81
N ALA A 1263 13.80 12.88 -28.10
CA ALA A 1263 12.74 11.98 -28.49
C ALA A 1263 12.92 11.54 -29.94
N TYR A 1264 12.04 10.66 -30.39
CA TYR A 1264 12.08 10.16 -31.75
C TYR A 1264 11.36 11.15 -32.67
N GLY A 1265 11.84 11.27 -33.91
CA GLY A 1265 11.22 12.17 -34.85
C GLY A 1265 9.79 11.79 -35.18
N TRP A 1266 8.84 12.69 -34.93
CA TRP A 1266 7.43 12.42 -35.16
C TRP A 1266 6.96 13.03 -36.48
N ALA A 1267 6.06 12.32 -37.15
CA ALA A 1267 5.38 12.77 -38.36
C ALA A 1267 3.93 13.01 -37.99
N LEU A 1268 3.59 14.24 -37.61
CA LEU A 1268 2.31 14.58 -37.02
C LEU A 1268 1.46 15.42 -37.96
N LYS A 1269 0.15 15.24 -37.84
CA LYS A 1269 -0.86 16.03 -38.51
C LYS A 1269 -1.84 16.57 -37.49
N ASN A 1270 -2.47 17.70 -37.82
CA ASN A 1270 -3.36 18.37 -36.89
C ASN A 1270 -4.75 17.75 -36.99
N TYR A 1271 -5.23 17.21 -35.88
CA TYR A 1271 -6.56 16.63 -35.77
C TYR A 1271 -7.29 17.45 -34.71
N TRP A 1272 -8.30 18.18 -35.16
CA TRP A 1272 -8.95 19.18 -34.34
C TRP A 1272 -10.40 19.34 -34.79
N LEU A 1273 -11.27 19.60 -33.81
CA LEU A 1273 -12.68 19.91 -34.04
C LEU A 1273 -12.87 21.32 -33.51
N GLN A 1274 -13.09 22.27 -34.42
CA GLN A 1274 -13.08 23.67 -34.03
C GLN A 1274 -14.33 24.04 -33.28
N TYR A 1275 -14.13 24.69 -32.13
CA TYR A 1275 -15.24 25.28 -31.41
C TYR A 1275 -15.68 26.51 -32.19
N VAL A 1276 -16.96 26.57 -32.57
CA VAL A 1276 -17.46 27.60 -33.45
C VAL A 1276 -18.75 28.18 -32.90
N ASN A 1277 -19.10 29.35 -33.44
CA ASN A 1277 -20.36 30.06 -33.24
C ASN A 1277 -20.61 30.57 -31.81
N ASP A 1278 -19.71 30.31 -30.84
CA ASP A 1278 -19.81 30.93 -29.52
C ASP A 1278 -21.09 30.51 -28.81
N TRP A 1279 -21.46 29.24 -28.98
CA TRP A 1279 -22.71 28.76 -28.42
C TRP A 1279 -22.66 28.67 -26.90
N SER A 1280 -21.46 28.62 -26.31
CA SER A 1280 -21.38 28.54 -24.86
C SER A 1280 -21.98 29.76 -24.15
N LEU A 1281 -21.93 30.93 -24.77
CA LEU A 1281 -22.52 32.10 -24.14
C LEU A 1281 -24.05 32.06 -24.14
N ARG A 1282 -24.65 31.28 -25.04
CA ARG A 1282 -26.10 31.15 -25.16
C ARG A 1282 -26.68 29.95 -24.42
N LYS A 1283 -25.90 29.29 -23.57
CA LYS A 1283 -26.40 28.13 -22.82
C LYS A 1283 -27.63 28.48 -21.99
N GLY A 1284 -28.68 27.66 -22.15
CA GLY A 1284 -29.94 27.85 -21.47
C GLY A 1284 -30.97 28.65 -22.24
N ASP A 1285 -30.54 29.43 -23.24
CA ASP A 1285 -31.42 30.24 -24.07
C ASP A 1285 -32.06 29.39 -25.18
N PRO A 1286 -33.25 29.77 -25.66
CA PRO A 1286 -33.86 29.02 -26.78
C PRO A 1286 -33.26 29.50 -28.11
N ALA A 1287 -33.73 28.90 -29.21
CA ALA A 1287 -33.29 29.31 -30.52
C ALA A 1287 -34.03 30.61 -30.89
N VAL A 1288 -33.26 31.69 -31.04
CA VAL A 1288 -33.81 33.01 -31.32
C VAL A 1288 -32.78 33.71 -32.19
N ALA B 5 12.85 -34.38 25.93
CA ALA B 5 13.91 -34.85 25.05
C ALA B 5 13.33 -35.20 23.68
N GLN B 6 12.78 -34.16 23.04
CA GLN B 6 12.12 -34.26 21.74
C GLN B 6 12.81 -33.30 20.78
N MET B 7 12.89 -33.71 19.52
CA MET B 7 13.55 -32.92 18.48
C MET B 7 12.66 -32.72 17.25
N ARG B 8 12.24 -31.47 17.02
CA ARG B 8 11.46 -31.16 15.82
C ARG B 8 12.33 -31.05 14.57
N VAL B 9 11.86 -31.68 13.48
CA VAL B 9 12.51 -31.59 12.17
C VAL B 9 11.64 -30.77 11.24
N VAL B 10 12.25 -29.78 10.60
CA VAL B 10 11.61 -28.92 9.62
C VAL B 10 11.99 -29.46 8.24
N ALA B 11 11.03 -30.08 7.56
CA ALA B 11 11.25 -30.77 6.29
C ALA B 11 10.51 -30.00 5.20
N PHE B 12 11.25 -29.60 4.17
CA PHE B 12 10.70 -28.95 2.99
C PHE B 12 10.62 -29.91 1.80
N GLY B 13 9.66 -29.65 0.92
CA GLY B 13 9.37 -30.52 -0.20
C GLY B 13 9.96 -30.03 -1.51
N ASP B 14 9.52 -30.67 -2.59
CA ASP B 14 9.96 -30.39 -3.95
C ASP B 14 8.77 -29.86 -4.77
N GLN B 15 8.94 -29.85 -6.10
CA GLN B 15 7.90 -29.36 -7.01
C GLN B 15 6.63 -30.20 -6.96
N THR B 16 6.70 -31.46 -6.50
CA THR B 16 5.55 -32.36 -6.57
C THR B 16 4.40 -31.85 -5.72
N TYR B 17 4.69 -31.28 -4.56
CA TYR B 17 3.65 -30.73 -3.70
C TYR B 17 2.99 -29.53 -4.36
N ASP B 18 1.67 -29.55 -4.43
CA ASP B 18 0.94 -28.45 -5.05
C ASP B 18 0.88 -27.34 -4.02
N CYS B 19 1.55 -26.22 -4.32
CA CYS B 19 1.63 -25.06 -3.46
C CYS B 19 0.54 -24.02 -3.75
N SER B 20 -0.38 -24.32 -4.65
CA SER B 20 -1.48 -23.40 -4.94
C SER B 20 -2.31 -23.14 -3.68
N GLU B 21 -2.67 -24.21 -2.97
CA GLU B 21 -3.31 -24.04 -1.67
C GLU B 21 -2.36 -23.41 -0.67
N ALA B 22 -1.07 -23.77 -0.74
CA ALA B 22 -0.07 -23.16 0.12
C ALA B 22 -0.02 -21.64 -0.06
N VAL B 23 0.43 -21.18 -1.24
CA VAL B 23 0.47 -19.75 -1.61
C VAL B 23 -0.85 -19.07 -1.35
N SER B 24 -1.94 -19.77 -1.63
CA SER B 24 -3.27 -19.27 -1.35
C SER B 24 -3.41 -18.92 0.13
N GLN B 25 -3.21 -19.92 0.99
CA GLN B 25 -3.32 -19.69 2.43
C GLN B 25 -2.23 -18.77 2.97
N LEU B 26 -1.17 -18.48 2.20
CA LEU B 26 -0.17 -17.50 2.62
C LEU B 26 -0.65 -16.07 2.44
N LEU B 27 -1.13 -15.71 1.25
CA LEU B 27 -1.62 -14.34 1.12
C LEU B 27 -2.93 -14.11 1.88
N ARG B 28 -3.55 -15.16 2.42
CA ARG B 28 -4.50 -14.99 3.51
C ARG B 28 -3.85 -14.40 4.76
N VAL B 29 -2.55 -14.65 4.99
CA VAL B 29 -1.92 -14.19 6.23
C VAL B 29 -1.97 -12.69 6.38
N ARG B 30 -2.65 -12.27 7.42
CA ARG B 30 -2.71 -10.90 7.83
C ARG B 30 -2.16 -10.78 9.26
N ASP B 31 -1.71 -11.90 9.85
CA ASP B 31 -1.39 -12.07 11.26
C ASP B 31 0.01 -11.64 11.62
N ASP B 32 0.82 -11.22 10.65
CA ASP B 32 2.13 -10.67 10.96
C ASP B 32 2.56 -9.76 9.82
N ALA B 33 3.36 -8.76 10.15
CA ALA B 33 3.83 -7.82 9.14
C ALA B 33 5.00 -8.37 8.34
N ILE B 34 5.84 -9.23 8.93
CA ILE B 34 7.01 -9.71 8.20
C ILE B 34 6.58 -10.69 7.11
N VAL B 35 5.45 -11.37 7.30
CA VAL B 35 4.97 -12.26 6.24
C VAL B 35 4.63 -11.45 5.00
N VAL B 36 3.71 -10.50 5.14
CA VAL B 36 3.29 -9.71 3.99
C VAL B 36 4.44 -8.84 3.45
N ASP B 37 5.29 -8.33 4.33
CA ASP B 37 6.46 -7.58 3.85
C ASP B 37 7.39 -8.47 3.03
N PHE B 38 7.66 -9.68 3.51
CA PHE B 38 8.51 -10.60 2.76
C PHE B 38 7.85 -11.07 1.47
N LEU B 39 6.60 -11.54 1.56
CA LEU B 39 5.90 -12.06 0.38
C LEU B 39 5.75 -11.00 -0.69
N GLU B 40 5.38 -9.78 -0.30
CA GLU B 40 5.36 -8.67 -1.24
C GLU B 40 6.76 -8.38 -1.75
N ARG B 41 7.78 -8.52 -0.91
CA ARG B 41 9.15 -8.18 -1.31
C ARG B 41 9.72 -9.17 -2.32
N ALA B 42 9.35 -10.46 -2.20
CA ALA B 42 9.85 -11.57 -3.05
C ALA B 42 9.94 -11.25 -4.54
N PRO B 43 8.90 -10.74 -5.20
CA PRO B 43 9.06 -10.22 -6.57
C PRO B 43 10.20 -9.24 -6.79
N ALA B 44 10.66 -8.51 -5.77
CA ALA B 44 11.69 -7.49 -6.00
C ALA B 44 13.07 -8.11 -6.23
N VAL B 45 13.55 -8.90 -5.27
CA VAL B 45 14.83 -9.60 -5.46
C VAL B 45 14.70 -10.59 -6.61
N LEU B 46 13.51 -11.21 -6.74
CA LEU B 46 13.19 -12.09 -7.86
C LEU B 46 13.47 -11.35 -9.16
N LYS B 47 12.71 -10.28 -9.45
CA LYS B 47 12.88 -9.53 -10.68
C LYS B 47 14.27 -8.93 -10.82
N ALA B 48 14.91 -8.58 -9.71
CA ALA B 48 16.28 -8.11 -9.79
C ALA B 48 17.19 -9.15 -10.43
N GLU B 49 16.92 -10.44 -10.20
CA GLU B 49 17.62 -11.52 -10.92
C GLU B 49 16.83 -12.17 -12.07
N LEU B 50 15.61 -11.71 -12.39
CA LEU B 50 14.89 -12.25 -13.55
C LEU B 50 15.43 -11.71 -14.88
N ALA B 51 16.10 -10.56 -14.88
CA ALA B 51 16.46 -9.94 -16.14
C ALA B 51 17.73 -10.52 -16.76
N ARG B 52 18.66 -11.05 -15.96
CA ARG B 52 19.89 -11.60 -16.54
C ARG B 52 19.47 -13.01 -16.90
N LEU B 53 19.22 -13.24 -18.18
CA LEU B 53 18.85 -14.55 -18.68
C LEU B 53 19.06 -14.59 -20.19
N SER B 54 18.71 -15.73 -20.80
CA SER B 54 18.79 -15.89 -22.25
C SER B 54 17.55 -15.27 -22.91
N SER B 55 17.46 -15.42 -24.24
CA SER B 55 16.35 -14.87 -25.01
C SER B 55 15.10 -15.76 -24.97
N GLU B 56 15.28 -17.08 -25.05
CA GLU B 56 14.14 -17.98 -25.07
C GLU B 56 13.32 -17.89 -23.79
N GLN B 57 13.96 -17.65 -22.65
CA GLN B 57 13.21 -17.40 -21.43
C GLN B 57 12.36 -16.16 -21.57
N GLN B 58 12.87 -15.16 -22.29
CA GLN B 58 12.09 -13.96 -22.53
C GLN B 58 10.95 -14.22 -23.51
N GLU B 59 10.96 -15.35 -24.22
CA GLU B 59 9.90 -15.65 -25.19
C GLU B 59 8.63 -16.05 -24.47
N GLU B 60 8.69 -17.20 -23.81
CA GLU B 60 7.53 -17.83 -23.21
C GLU B 60 7.31 -17.37 -21.77
N THR B 61 8.01 -16.32 -21.32
CA THR B 61 7.84 -15.78 -19.97
C THR B 61 6.36 -15.42 -19.74
N PRO B 62 5.68 -16.06 -18.79
CA PRO B 62 4.28 -15.72 -18.57
C PRO B 62 4.17 -14.39 -17.86
N ARG B 63 2.95 -13.85 -17.85
CA ARG B 63 2.65 -12.67 -17.06
C ARG B 63 2.24 -13.09 -15.66
N PHE B 64 2.64 -12.30 -14.67
CA PHE B 64 2.19 -12.50 -13.30
C PHE B 64 2.28 -11.15 -12.60
N ALA B 65 1.15 -10.71 -12.04
CA ALA B 65 1.05 -9.37 -11.48
C ALA B 65 1.64 -9.32 -10.09
N THR B 66 1.43 -10.40 -9.34
CA THR B 66 1.94 -10.61 -8.01
C THR B 66 2.26 -12.10 -8.00
N LEU B 67 2.35 -12.70 -6.84
CA LEU B 67 2.51 -14.14 -6.71
C LEU B 67 1.20 -14.91 -6.88
N ALA B 68 0.13 -14.23 -7.26
CA ALA B 68 -1.21 -14.77 -7.37
C ALA B 68 -1.51 -15.30 -8.78
N GLU B 69 -1.32 -14.47 -9.82
CA GLU B 69 -1.62 -14.88 -11.21
C GLU B 69 -0.79 -16.04 -11.72
N LEU B 70 0.22 -16.51 -10.98
CA LEU B 70 0.93 -17.72 -11.34
C LEU B 70 0.12 -18.98 -11.07
N VAL B 71 -0.74 -18.94 -10.06
CA VAL B 71 -1.52 -20.13 -9.66
C VAL B 71 -2.32 -20.77 -10.80
N PRO B 72 -3.17 -20.03 -11.55
CA PRO B 72 -3.96 -20.73 -12.59
C PRO B 72 -3.10 -21.35 -13.68
N ARG B 73 -2.04 -20.66 -14.09
CA ARG B 73 -1.10 -21.24 -15.04
C ARG B 73 -0.25 -22.35 -14.44
N TYR B 74 -0.14 -22.40 -13.10
CA TYR B 74 0.52 -23.53 -12.46
C TYR B 74 -0.35 -24.77 -12.54
N ARG B 75 -1.61 -24.64 -12.13
CA ARG B 75 -2.54 -25.78 -12.19
C ARG B 75 -2.70 -26.24 -13.64
N ALA B 76 -2.78 -25.28 -14.56
CA ALA B 76 -2.88 -25.57 -15.98
C ALA B 76 -1.59 -26.10 -16.59
N GLY B 77 -0.48 -26.12 -15.85
CA GLY B 77 0.77 -26.60 -16.41
C GLY B 77 1.45 -25.69 -17.41
N THR B 78 0.95 -24.47 -17.58
CA THR B 78 1.49 -23.49 -18.51
C THR B 78 2.55 -22.58 -17.89
N LEU B 79 3.05 -22.91 -16.70
CA LEU B 79 4.07 -22.13 -16.02
C LEU B 79 5.45 -22.78 -16.13
N ASN B 80 6.46 -21.96 -16.42
CA ASN B 80 7.79 -22.46 -16.73
C ASN B 80 8.50 -22.99 -15.47
N PRO B 81 9.59 -23.76 -15.64
CA PRO B 81 10.36 -24.21 -14.47
C PRO B 81 10.98 -23.11 -13.65
N ALA B 82 11.38 -21.99 -14.25
CA ALA B 82 12.07 -20.95 -13.48
C ALA B 82 11.14 -20.31 -12.46
N VAL B 83 9.97 -19.91 -12.92
CA VAL B 83 9.04 -19.23 -12.03
C VAL B 83 8.37 -20.24 -11.13
N SER B 84 7.97 -21.42 -11.65
CA SER B 84 7.32 -22.40 -10.78
C SER B 84 8.26 -22.85 -9.66
N GLN B 85 9.56 -22.85 -9.95
CA GLN B 85 10.57 -23.16 -8.95
C GLN B 85 10.60 -22.06 -7.89
N ALA B 86 10.68 -20.81 -8.34
CA ALA B 86 10.67 -19.70 -7.40
C ALA B 86 9.37 -19.64 -6.62
N LEU B 87 8.25 -20.02 -7.24
CA LEU B 87 6.97 -19.97 -6.56
C LEU B 87 6.93 -20.99 -5.44
N THR B 88 7.36 -22.23 -5.74
CA THR B 88 7.45 -23.23 -4.67
C THR B 88 8.36 -22.76 -3.53
N CYS B 89 9.50 -22.14 -3.87
CA CYS B 89 10.39 -21.65 -2.82
C CYS B 89 9.76 -20.54 -1.97
N ILE B 90 9.05 -19.63 -2.63
CA ILE B 90 8.36 -18.55 -1.93
C ILE B 90 7.32 -19.14 -1.00
N ALA B 91 6.58 -20.12 -1.50
CA ALA B 91 5.54 -20.74 -0.69
C ALA B 91 6.12 -21.39 0.55
N GLN B 92 7.26 -22.07 0.40
CA GLN B 92 7.87 -22.73 1.54
C GLN B 92 8.34 -21.73 2.59
N LEU B 93 9.08 -20.71 2.15
CA LEU B 93 9.51 -19.64 3.05
C LEU B 93 8.33 -18.92 3.67
N GLY B 94 7.29 -18.64 2.89
CA GLY B 94 6.13 -17.96 3.44
C GLY B 94 5.44 -18.76 4.53
N LEU B 95 5.32 -20.08 4.34
CA LEU B 95 4.68 -20.91 5.37
C LEU B 95 5.55 -20.91 6.63
N PHE B 96 6.87 -20.97 6.48
CA PHE B 96 7.73 -20.94 7.66
C PHE B 96 7.64 -19.60 8.38
N ILE B 97 7.84 -18.50 7.65
CA ILE B 97 7.82 -17.13 8.19
C ILE B 97 6.48 -16.88 8.87
N ARG B 98 5.41 -17.39 8.28
CA ARG B 98 4.11 -17.43 8.93
C ARG B 98 4.25 -18.10 10.28
N GLN B 99 4.54 -19.40 10.26
CA GLN B 99 4.41 -20.24 11.45
C GLN B 99 5.23 -19.72 12.64
N HIS B 100 6.32 -19.01 12.37
CA HIS B 100 7.26 -18.58 13.40
C HIS B 100 7.16 -17.10 13.78
N SER B 101 6.22 -16.35 13.20
CA SER B 101 5.92 -14.99 13.62
C SER B 101 4.42 -14.90 13.89
N SER B 102 3.61 -15.08 12.84
CA SER B 102 2.17 -15.26 12.99
C SER B 102 1.85 -16.34 14.01
N GLY B 103 2.47 -17.51 13.86
CA GLY B 103 2.12 -18.67 14.66
C GLY B 103 2.71 -18.72 16.05
N GLN B 104 3.49 -17.72 16.47
CA GLN B 104 4.05 -17.65 17.82
C GLN B 104 4.95 -18.85 18.13
N GLU B 105 5.57 -19.45 17.11
CA GLU B 105 6.37 -20.65 17.27
C GLU B 105 7.84 -20.23 17.32
N ALA B 106 8.58 -20.74 18.31
CA ALA B 106 9.99 -20.41 18.45
C ALA B 106 10.80 -20.83 17.23
N TYR B 107 11.92 -20.13 17.01
CA TYR B 107 12.81 -20.33 15.87
C TYR B 107 13.73 -21.54 16.12
N PRO B 108 14.04 -22.37 15.09
CA PRO B 108 14.95 -23.51 15.29
C PRO B 108 16.32 -23.16 15.90
N THR B 109 16.80 -24.05 16.75
CA THR B 109 18.11 -23.93 17.37
C THR B 109 18.77 -25.30 17.23
N ALA B 110 20.11 -25.28 17.15
CA ALA B 110 20.89 -26.51 17.00
C ALA B 110 20.60 -27.58 18.04
N HIS B 111 20.14 -27.20 19.23
CA HIS B 111 19.97 -28.19 20.28
C HIS B 111 18.74 -29.06 20.04
N ASP B 112 17.58 -28.44 19.82
CA ASP B 112 16.31 -29.16 19.76
C ASP B 112 15.78 -29.44 18.35
N SER B 113 16.53 -29.12 17.28
CA SER B 113 15.92 -29.24 15.96
C SER B 113 16.95 -29.31 14.85
N CYS B 114 16.53 -29.90 13.72
CA CYS B 114 17.30 -29.97 12.49
C CYS B 114 16.39 -29.65 11.33
N ILE B 115 17.00 -29.40 10.18
CA ILE B 115 16.35 -29.03 8.94
C ILE B 115 16.72 -30.06 7.87
N THR B 116 15.77 -30.28 6.97
CA THR B 116 15.98 -31.13 5.81
C THR B 116 15.11 -30.60 4.67
N GLY B 117 15.49 -30.98 3.45
CA GLY B 117 14.75 -30.56 2.28
C GLY B 117 15.10 -31.40 1.07
N VAL B 118 14.17 -31.40 0.12
CA VAL B 118 14.25 -32.22 -1.09
C VAL B 118 14.17 -31.26 -2.27
N ALA B 119 15.23 -31.22 -3.09
CA ALA B 119 15.31 -30.35 -4.26
C ALA B 119 15.11 -28.90 -3.80
N THR B 120 13.97 -28.26 -4.15
CA THR B 120 13.71 -26.86 -3.79
C THR B 120 13.85 -26.64 -2.28
N GLY B 121 13.42 -27.64 -1.51
CA GLY B 121 13.50 -27.54 -0.07
C GLY B 121 14.93 -27.39 0.43
N ALA B 122 15.90 -27.96 -0.30
CA ALA B 122 17.30 -27.82 0.09
C ALA B 122 17.70 -26.35 0.11
N LEU B 123 17.29 -25.60 -0.94
CA LEU B 123 17.57 -24.16 -0.99
C LEU B 123 16.90 -23.49 0.19
N THR B 124 15.63 -23.83 0.40
CA THR B 124 14.87 -23.24 1.49
C THR B 124 15.56 -23.51 2.83
N ALA B 125 16.10 -24.72 2.97
CA ALA B 125 16.70 -25.22 4.19
C ALA B 125 17.95 -24.44 4.56
N VAL B 126 18.76 -24.09 3.53
CA VAL B 126 19.97 -23.31 3.79
C VAL B 126 19.58 -21.99 4.47
N ALA B 127 18.57 -21.31 3.91
CA ALA B 127 18.14 -20.02 4.44
C ALA B 127 17.68 -20.13 5.89
N VAL B 128 16.83 -21.13 6.20
CA VAL B 128 16.37 -21.25 7.59
C VAL B 128 17.54 -21.58 8.51
N GLY B 129 18.46 -22.44 8.06
CA GLY B 129 19.56 -22.81 8.92
C GLY B 129 20.56 -21.70 9.18
N SER B 130 20.65 -20.73 8.28
CA SER B 130 21.62 -19.65 8.39
C SER B 130 21.21 -18.42 9.21
N ALA B 131 19.96 -18.30 9.66
CA ALA B 131 19.48 -17.10 10.34
C ALA B 131 19.32 -17.38 11.83
N SER B 132 19.38 -16.32 12.65
CA SER B 132 19.01 -16.42 14.06
C SER B 132 17.63 -15.87 14.40
N SER B 133 16.89 -15.34 13.42
CA SER B 133 15.53 -14.88 13.65
C SER B 133 14.79 -14.88 12.32
N VAL B 134 13.46 -14.87 12.41
CA VAL B 134 12.64 -14.64 11.22
C VAL B 134 13.08 -13.34 10.54
N THR B 135 13.16 -12.25 11.31
CA THR B 135 13.59 -10.96 10.77
C THR B 135 14.97 -11.04 10.13
N ALA B 136 15.86 -11.85 10.69
CA ALA B 136 17.14 -12.11 10.07
C ALA B 136 17.05 -13.11 8.93
N LEU B 137 16.00 -13.94 8.90
CA LEU B 137 15.80 -14.86 7.79
C LEU B 137 15.40 -14.14 6.50
N VAL B 138 14.63 -13.05 6.63
CA VAL B 138 14.01 -12.32 5.51
C VAL B 138 15.00 -12.04 4.36
N PRO B 139 16.14 -11.37 4.59
CA PRO B 139 17.02 -11.09 3.44
C PRO B 139 17.61 -12.33 2.79
N LEU B 140 18.21 -13.23 3.59
CA LEU B 140 18.69 -14.53 3.11
C LEU B 140 17.61 -15.28 2.36
N ALA B 141 16.40 -15.23 2.88
CA ALA B 141 15.27 -15.88 2.26
C ALA B 141 15.00 -15.33 0.85
N LEU B 142 15.14 -14.01 0.67
CA LEU B 142 15.01 -13.45 -0.67
C LEU B 142 16.14 -13.81 -1.60
N HIS B 143 17.37 -13.73 -1.10
CA HIS B 143 18.52 -14.21 -1.87
C HIS B 143 18.28 -15.64 -2.35
N THR B 144 17.64 -16.45 -1.50
CA THR B 144 17.25 -17.78 -1.90
C THR B 144 16.16 -17.75 -2.97
N VAL B 145 15.24 -16.77 -2.96
CA VAL B 145 14.25 -16.69 -4.07
C VAL B 145 14.98 -16.52 -5.40
N ALA B 146 15.96 -15.61 -5.42
CA ALA B 146 16.74 -15.39 -6.64
C ALA B 146 17.50 -16.64 -7.06
N VAL B 147 18.03 -17.38 -6.09
CA VAL B 147 18.73 -18.62 -6.42
C VAL B 147 17.75 -19.63 -7.02
N ALA B 148 16.53 -19.68 -6.48
CA ALA B 148 15.55 -20.66 -6.96
C ALA B 148 15.16 -20.37 -8.40
N VAL B 149 14.93 -19.10 -8.75
CA VAL B 149 14.54 -18.81 -10.12
C VAL B 149 15.70 -19.05 -11.08
N ARG B 150 16.93 -18.73 -10.67
CA ARG B 150 18.04 -19.04 -11.56
C ARG B 150 18.26 -20.54 -11.66
N LEU B 151 17.87 -21.31 -10.64
CA LEU B 151 18.01 -22.75 -10.69
C LEU B 151 17.06 -23.33 -11.74
N GLY B 152 15.76 -23.01 -11.60
CA GLY B 152 14.78 -23.49 -12.57
C GLY B 152 15.05 -22.96 -13.96
N ALA B 153 15.54 -21.72 -14.04
CA ALA B 153 15.87 -21.11 -15.33
C ALA B 153 16.97 -21.88 -16.05
N ARG B 154 18.08 -22.19 -15.35
CA ARG B 154 19.17 -22.89 -16.03
C ARG B 154 18.75 -24.31 -16.41
N ALA B 155 17.96 -24.94 -15.54
CA ALA B 155 17.41 -26.26 -15.84
C ALA B 155 16.57 -26.20 -17.12
N TRP B 156 15.83 -25.11 -17.32
CA TRP B 156 15.04 -24.97 -18.54
C TRP B 156 15.88 -24.62 -19.76
N GLU B 157 17.02 -23.93 -19.58
CA GLU B 157 17.95 -23.74 -20.68
C GLU B 157 18.34 -25.07 -21.28
N ILE B 158 19.02 -25.87 -20.48
CA ILE B 158 19.53 -27.16 -20.95
C ILE B 158 18.38 -28.08 -21.36
N GLY B 159 17.30 -28.09 -20.60
CA GLY B 159 16.19 -28.96 -20.95
C GLY B 159 15.57 -28.60 -22.30
N SER B 160 15.34 -27.30 -22.53
CA SER B 160 14.93 -26.84 -23.84
C SER B 160 15.92 -27.23 -24.92
N CYS B 161 17.22 -27.15 -24.62
CA CYS B 161 18.25 -27.57 -25.57
C CYS B 161 18.11 -29.04 -25.94
N LEU B 162 17.91 -29.91 -24.95
CA LEU B 162 17.79 -31.34 -25.20
C LEU B 162 16.61 -31.64 -26.11
N ALA B 163 15.41 -31.19 -25.71
CA ALA B 163 14.22 -31.30 -26.53
C ALA B 163 13.46 -29.98 -26.48
N ASP B 164 12.98 -29.55 -27.64
CA ASP B 164 12.16 -28.34 -27.73
C ASP B 164 10.70 -28.65 -27.37
N ALA B 165 9.88 -27.62 -27.37
CA ALA B 165 8.47 -27.76 -27.05
C ALA B 165 7.75 -28.61 -28.09
N ARG B 166 6.84 -29.46 -27.64
CA ARG B 166 6.08 -30.31 -28.53
C ARG B 166 5.00 -29.51 -29.26
N ARG B 167 4.53 -30.05 -30.38
CA ARG B 167 3.53 -29.37 -31.18
C ARG B 167 2.18 -29.36 -30.48
N GLY B 168 1.83 -30.44 -29.79
CA GLY B 168 0.55 -30.55 -29.12
C GLY B 168 0.58 -30.07 -27.68
N ALA B 169 1.55 -29.22 -27.35
CA ALA B 169 1.67 -28.72 -25.97
C ALA B 169 0.57 -27.71 -25.65
N ASN B 170 0.33 -26.76 -26.56
CA ASN B 170 -0.65 -25.68 -26.36
C ASN B 170 -0.33 -24.90 -25.09
N GLY B 171 0.96 -24.64 -24.88
CA GLY B 171 1.44 -23.89 -23.75
C GLY B 171 1.71 -24.71 -22.51
N ARG B 172 1.12 -25.90 -22.38
CA ARG B 172 1.37 -26.75 -21.23
C ARG B 172 2.76 -27.36 -21.35
N TYR B 173 3.52 -27.32 -20.25
CA TYR B 173 4.88 -27.81 -20.22
C TYR B 173 4.94 -29.23 -19.65
N ALA B 174 5.56 -30.13 -20.42
CA ALA B 174 5.56 -31.55 -20.12
C ALA B 174 6.51 -31.86 -18.97
N SER B 175 6.25 -32.97 -18.29
CA SER B 175 7.02 -33.34 -17.10
C SER B 175 8.19 -34.22 -17.54
N TRP B 176 9.39 -33.85 -17.10
CA TRP B 176 10.59 -34.61 -17.37
C TRP B 176 10.76 -35.81 -16.43
N THR B 177 9.96 -35.92 -15.35
CA THR B 177 10.09 -36.94 -14.30
C THR B 177 8.81 -37.74 -14.13
N SER B 178 8.95 -39.01 -13.75
CA SER B 178 7.83 -39.91 -13.47
C SER B 178 8.20 -40.83 -12.31
N ALA B 179 7.21 -41.16 -11.49
CA ALA B 179 7.39 -42.06 -10.35
C ALA B 179 7.07 -43.49 -10.75
N VAL B 180 7.99 -44.39 -10.44
CA VAL B 180 7.86 -45.82 -10.74
C VAL B 180 7.71 -46.56 -9.43
N GLY B 181 6.96 -47.66 -9.47
CA GLY B 181 6.73 -48.46 -8.28
C GLY B 181 6.57 -49.92 -8.63
N GLY B 182 6.78 -50.76 -7.63
CA GLY B 182 6.77 -52.20 -7.80
C GLY B 182 8.12 -52.80 -8.16
N ILE B 183 9.21 -52.02 -8.09
CA ILE B 183 10.54 -52.49 -8.44
C ILE B 183 11.55 -51.76 -7.58
N SER B 184 12.65 -52.42 -7.29
CA SER B 184 13.69 -51.81 -6.47
C SER B 184 14.45 -50.79 -7.32
N PRO B 185 15.02 -49.73 -6.72
CA PRO B 185 15.82 -48.78 -7.52
C PRO B 185 16.95 -49.42 -8.31
N GLN B 186 17.59 -50.45 -7.77
CA GLN B 186 18.68 -51.12 -8.48
C GLN B 186 18.14 -51.89 -9.68
N ASP B 187 17.07 -52.66 -9.47
CA ASP B 187 16.48 -53.42 -10.57
C ASP B 187 15.97 -52.49 -11.67
N LEU B 188 15.33 -51.38 -11.29
CA LEU B 188 14.89 -50.44 -12.30
C LEU B 188 16.09 -49.85 -13.03
N GLN B 189 17.19 -49.58 -12.29
CA GLN B 189 18.39 -49.07 -12.93
C GLN B 189 18.88 -50.06 -13.99
N ASP B 190 18.77 -51.36 -13.69
CA ASP B 190 19.18 -52.37 -14.67
C ASP B 190 18.28 -52.31 -15.88
N ARG B 191 16.97 -52.17 -15.67
CA ARG B 191 16.03 -52.04 -16.79
C ARG B 191 16.34 -50.81 -17.63
N ILE B 192 16.76 -49.71 -16.99
CA ILE B 192 17.12 -48.50 -17.74
C ILE B 192 18.35 -48.80 -18.59
N SER B 193 19.37 -49.41 -18.00
CA SER B 193 20.58 -49.77 -18.73
C SER B 193 20.26 -50.67 -19.93
N ALA B 194 19.38 -51.65 -19.73
CA ALA B 194 19.01 -52.56 -20.81
C ALA B 194 18.29 -51.80 -21.93
N TYR B 195 17.31 -50.97 -21.56
CA TYR B 195 16.65 -50.13 -22.55
C TYR B 195 17.64 -49.25 -23.31
N THR B 196 18.63 -48.71 -22.59
CA THR B 196 19.68 -47.89 -23.21
C THR B 196 20.41 -48.71 -24.28
N ALA B 197 20.81 -49.93 -23.91
CA ALA B 197 21.57 -50.76 -24.84
C ALA B 197 20.74 -51.15 -26.06
N GLU B 198 19.49 -51.51 -25.85
CA GLU B 198 18.66 -52.04 -26.94
C GLU B 198 18.18 -50.95 -27.90
N GLN B 199 17.97 -49.73 -27.42
CA GLN B 199 17.50 -48.62 -28.23
C GLN B 199 18.63 -47.64 -28.52
N ALA B 200 18.54 -46.98 -29.66
CA ALA B 200 19.56 -46.02 -30.08
C ALA B 200 19.18 -44.66 -29.51
N LEU B 201 19.95 -44.20 -28.53
CA LEU B 201 19.70 -42.95 -27.83
C LEU B 201 21.07 -42.36 -27.48
N ALA B 202 21.13 -41.05 -27.41
CA ALA B 202 22.41 -40.40 -27.16
C ALA B 202 22.82 -40.61 -25.70
N SER B 203 24.01 -40.14 -25.37
CA SER B 203 24.49 -40.24 -24.00
C SER B 203 23.81 -39.21 -23.10
N VAL B 204 23.49 -38.03 -23.63
CA VAL B 204 22.77 -37.03 -22.86
C VAL B 204 21.26 -37.32 -22.84
N SER B 205 20.73 -37.94 -23.89
CA SER B 205 19.30 -38.19 -24.03
C SER B 205 18.82 -39.45 -23.33
N VAL B 206 19.70 -40.16 -22.62
CA VAL B 206 19.40 -41.45 -22.00
C VAL B 206 18.44 -41.23 -20.83
N PRO B 207 17.56 -42.17 -20.48
CA PRO B 207 16.86 -42.06 -19.19
C PRO B 207 17.78 -42.43 -18.04
N TYR B 208 17.43 -41.91 -16.86
CA TYR B 208 18.28 -42.07 -15.68
C TYR B 208 17.40 -42.15 -14.45
N LEU B 209 17.97 -42.73 -13.40
CA LEU B 209 17.26 -42.84 -12.14
C LEU B 209 17.48 -41.54 -11.38
N SER B 210 16.40 -40.75 -11.27
CA SER B 210 16.51 -39.43 -10.66
C SER B 210 16.38 -39.50 -9.15
N ALA B 211 15.63 -40.47 -8.62
CA ALA B 211 15.43 -40.57 -7.19
C ALA B 211 15.20 -42.02 -6.79
N ALA B 212 15.64 -42.34 -5.57
CA ALA B 212 15.39 -43.63 -4.92
C ALA B 212 14.52 -43.36 -3.69
N VAL B 213 13.30 -43.87 -3.72
CA VAL B 213 12.29 -43.56 -2.71
C VAL B 213 12.28 -44.63 -1.63
N GLY B 214 11.99 -45.87 -2.01
CA GLY B 214 11.66 -46.93 -1.07
C GLY B 214 12.15 -48.26 -1.58
N PRO B 215 11.81 -49.35 -0.87
CA PRO B 215 12.27 -50.67 -1.33
C PRO B 215 11.69 -51.06 -2.68
N GLY B 216 10.43 -50.69 -2.94
CA GLY B 216 9.80 -50.88 -4.24
C GLY B 216 9.48 -49.63 -5.01
N GLN B 217 9.92 -48.44 -4.56
CA GLN B 217 9.55 -47.17 -5.16
C GLN B 217 10.78 -46.39 -5.56
N SER B 218 10.63 -45.59 -6.61
CA SER B 218 11.69 -44.75 -7.13
C SER B 218 11.08 -43.80 -8.16
N SER B 219 11.93 -43.00 -8.78
CA SER B 219 11.51 -42.03 -9.78
C SER B 219 12.56 -41.92 -10.87
N VAL B 220 12.08 -41.90 -12.12
CA VAL B 220 12.91 -41.93 -13.32
C VAL B 220 12.58 -40.69 -14.14
N SER B 221 13.59 -40.09 -14.75
CA SER B 221 13.42 -38.92 -15.60
C SER B 221 14.07 -39.13 -16.96
N ALA B 222 13.37 -38.67 -17.99
CA ALA B 222 13.80 -38.76 -19.38
C ALA B 222 13.00 -37.72 -20.15
N ALA B 223 13.05 -37.77 -21.54
CA ALA B 223 12.20 -36.89 -22.36
C ALA B 223 10.77 -37.32 -22.56
N PRO B 224 9.81 -36.33 -22.62
CA PRO B 224 8.38 -36.69 -22.78
C PRO B 224 8.16 -37.65 -23.92
N VAL B 225 8.84 -37.44 -25.03
CA VAL B 225 8.88 -38.47 -26.07
C VAL B 225 9.69 -39.69 -25.60
N ILE B 226 10.88 -39.48 -25.01
CA ILE B 226 11.72 -40.61 -24.58
C ILE B 226 11.13 -41.30 -23.35
N LEU B 227 10.94 -40.56 -22.24
CA LEU B 227 10.23 -41.03 -21.04
C LEU B 227 8.94 -41.77 -21.38
N ASP B 228 8.07 -41.20 -22.23
CA ASP B 228 6.90 -41.96 -22.68
C ASP B 228 7.34 -43.30 -23.25
N ALA B 229 8.32 -43.28 -24.17
CA ALA B 229 8.76 -44.53 -24.80
C ALA B 229 9.25 -45.54 -23.76
N PHE B 230 10.06 -45.08 -22.79
CA PHE B 230 10.58 -45.99 -21.75
C PHE B 230 9.46 -46.51 -20.85
N LEU B 231 8.57 -45.61 -20.42
CA LEU B 231 7.51 -46.01 -19.50
C LEU B 231 6.56 -46.98 -20.17
N SER B 232 6.41 -46.88 -21.49
CA SER B 232 5.55 -47.79 -22.22
C SER B 232 6.06 -49.23 -22.14
N THR B 233 7.36 -49.41 -21.90
CA THR B 233 7.94 -50.74 -21.80
C THR B 233 7.75 -51.36 -20.42
N LEU B 234 7.44 -50.56 -19.41
CA LEU B 234 7.18 -51.06 -18.06
C LEU B 234 5.71 -51.44 -17.99
N LEU B 235 5.43 -52.71 -17.75
CA LEU B 235 4.08 -53.26 -17.74
C LEU B 235 3.72 -53.67 -16.33
N ARG B 236 2.40 -53.74 -16.09
CA ARG B 236 1.86 -54.18 -14.81
C ARG B 236 2.45 -55.52 -14.37
N PRO B 237 2.58 -55.74 -13.05
CA PRO B 237 2.06 -55.07 -11.85
C PRO B 237 2.72 -53.73 -11.51
N LEU B 238 3.80 -53.35 -12.20
CA LEU B 238 4.48 -52.09 -11.94
C LEU B 238 3.52 -50.91 -12.11
N THR B 239 3.83 -49.82 -11.41
CA THR B 239 3.04 -48.60 -11.42
C THR B 239 3.84 -47.44 -11.99
N THR B 240 3.11 -46.52 -12.63
CA THR B 240 3.67 -45.34 -13.25
C THR B 240 2.71 -44.19 -12.98
N THR B 241 3.21 -43.10 -12.37
CA THR B 241 2.41 -41.95 -12.03
C THR B 241 3.16 -40.68 -12.39
N ARG B 242 2.42 -39.70 -12.90
CA ARG B 242 2.98 -38.45 -13.35
C ARG B 242 3.30 -37.55 -12.17
N LEU B 243 4.23 -36.62 -12.38
CA LEU B 243 4.61 -35.65 -11.38
C LEU B 243 4.93 -34.32 -12.07
N PRO B 244 4.65 -33.06 -11.32
CA PRO B 244 4.94 -31.76 -11.98
C PRO B 244 6.37 -31.26 -11.82
N ILE B 245 7.31 -31.93 -12.49
CA ILE B 245 8.72 -31.54 -12.53
C ILE B 245 8.94 -31.20 -13.99
N THR B 246 9.05 -29.90 -14.27
CA THR B 246 8.96 -29.38 -15.63
C THR B 246 10.33 -29.11 -16.27
N ALA B 247 11.44 -29.52 -15.63
CA ALA B 247 12.77 -29.43 -16.21
C ALA B 247 13.59 -30.62 -15.75
N PRO B 248 14.64 -30.99 -16.50
CA PRO B 248 15.57 -32.02 -15.97
C PRO B 248 16.34 -31.56 -14.75
N TYR B 249 16.33 -32.40 -13.72
CA TYR B 249 17.10 -32.19 -12.50
C TYR B 249 17.81 -33.48 -12.11
N HIS B 250 18.79 -33.34 -11.22
CA HIS B 250 19.52 -34.47 -10.65
C HIS B 250 20.17 -35.34 -11.73
N ALA B 251 20.90 -34.67 -12.63
CA ALA B 251 21.48 -35.30 -13.82
C ALA B 251 22.95 -34.92 -13.86
N PRO B 252 23.85 -35.73 -13.29
CA PRO B 252 25.28 -35.37 -13.35
C PRO B 252 25.87 -35.36 -14.75
N HIS B 253 25.20 -35.95 -15.73
CA HIS B 253 25.70 -35.96 -17.10
C HIS B 253 25.32 -34.67 -17.83
N LEU B 254 24.17 -34.09 -17.51
CA LEU B 254 23.75 -32.85 -18.15
C LEU B 254 24.41 -31.62 -17.55
N PHE B 255 24.63 -31.63 -16.24
CA PHE B 255 25.20 -30.47 -15.53
C PHE B 255 26.53 -30.75 -14.86
N THR B 256 27.24 -29.64 -14.60
CA THR B 256 28.58 -29.62 -14.07
C THR B 256 28.69 -28.53 -13.01
N ALA B 257 29.89 -28.37 -12.46
CA ALA B 257 30.17 -27.37 -11.43
C ALA B 257 29.98 -25.94 -11.92
N LYS B 258 30.20 -25.66 -13.21
CA LYS B 258 30.02 -24.31 -13.72
C LYS B 258 28.58 -23.87 -13.64
N ASP B 259 27.63 -24.77 -13.88
CA ASP B 259 26.23 -24.42 -13.75
C ASP B 259 25.87 -24.05 -12.32
N VAL B 260 26.38 -24.81 -11.34
CA VAL B 260 26.14 -24.47 -9.93
C VAL B 260 26.74 -23.11 -9.62
N GLN B 261 27.99 -22.89 -10.03
CA GLN B 261 28.65 -21.61 -9.78
C GLN B 261 27.82 -20.46 -10.32
N HIS B 262 27.29 -20.65 -11.53
CA HIS B 262 26.50 -19.62 -12.19
C HIS B 262 25.19 -19.34 -11.46
N VAL B 263 24.50 -20.38 -10.97
CA VAL B 263 23.20 -20.17 -10.33
C VAL B 263 23.38 -19.29 -9.10
N THR B 264 24.53 -19.40 -8.43
CA THR B 264 24.82 -18.69 -7.20
C THR B 264 25.57 -17.38 -7.43
N ASP B 265 25.81 -16.99 -8.70
CA ASP B 265 26.45 -15.71 -8.98
C ASP B 265 25.63 -14.51 -8.53
N CYS B 266 24.34 -14.71 -8.22
CA CYS B 266 23.50 -13.63 -7.71
C CYS B 266 23.79 -13.29 -6.25
N LEU B 267 24.67 -14.04 -5.57
CA LEU B 267 25.03 -13.76 -4.19
C LEU B 267 26.34 -12.96 -4.18
N PRO B 268 26.35 -11.66 -3.86
CA PRO B 268 27.60 -10.91 -3.91
C PRO B 268 28.62 -11.47 -2.94
N PRO B 269 29.92 -11.37 -3.25
CA PRO B 269 30.92 -11.84 -2.28
C PRO B 269 31.13 -10.88 -1.12
N SER B 270 31.17 -11.46 0.08
CA SER B 270 31.33 -10.71 1.32
C SER B 270 31.83 -11.69 2.37
N GLU B 271 32.36 -11.15 3.47
CA GLU B 271 32.81 -11.94 4.60
C GLU B 271 31.83 -11.99 5.76
N ALA B 272 30.71 -11.25 5.67
CA ALA B 272 29.73 -11.17 6.75
C ALA B 272 28.57 -12.15 6.58
N TRP B 273 28.62 -13.05 5.59
CA TRP B 273 27.52 -13.99 5.39
C TRP B 273 27.38 -14.88 6.62
N PRO B 274 26.20 -15.02 7.21
CA PRO B 274 26.06 -15.94 8.34
C PRO B 274 26.26 -17.39 7.92
N THR B 275 26.66 -18.20 8.89
CA THR B 275 26.94 -19.60 8.66
C THR B 275 25.69 -20.40 9.00
N VAL B 276 25.74 -21.71 8.77
CA VAL B 276 24.60 -22.59 9.05
C VAL B 276 24.78 -23.08 10.48
N ARG B 277 24.00 -22.50 11.39
CA ARG B 277 24.08 -22.84 12.81
C ARG B 277 23.23 -24.06 13.16
N ILE B 278 22.03 -24.13 12.62
CA ILE B 278 21.19 -25.33 12.79
C ILE B 278 21.71 -26.40 11.84
N PRO B 279 21.99 -27.63 12.31
CA PRO B 279 22.39 -28.68 11.37
C PRO B 279 21.30 -28.96 10.35
N ILE B 280 21.72 -29.08 9.09
CA ILE B 280 20.86 -29.45 7.98
C ILE B 280 21.19 -30.90 7.68
N ILE B 281 20.15 -31.71 7.53
CA ILE B 281 20.33 -33.13 7.20
C ILE B 281 20.33 -33.20 5.68
N SER B 282 21.51 -33.41 5.11
CA SER B 282 21.68 -33.56 3.67
C SER B 282 21.89 -35.06 3.58
N PHE B 283 20.81 -35.76 3.24
CA PHE B 283 20.80 -37.22 3.22
C PHE B 283 21.29 -37.84 1.92
N SER B 284 21.34 -37.08 0.83
CA SER B 284 21.72 -37.60 -0.46
C SER B 284 23.24 -37.64 -0.68
N ARG B 285 24.05 -37.36 0.34
CA ARG B 285 25.51 -37.35 0.27
C ARG B 285 26.17 -38.43 1.12
N ASP B 286 27.51 -38.43 1.01
CA ASP B 286 28.38 -39.11 1.96
C ASP B 286 28.22 -38.53 3.36
N GLU B 287 28.30 -37.20 3.49
CA GLU B 287 28.11 -36.53 4.76
C GLU B 287 26.61 -36.28 4.97
N ALA B 288 26.04 -36.97 5.95
CA ALA B 288 24.62 -36.87 6.24
C ALA B 288 24.28 -35.54 6.89
N VAL B 289 25.15 -35.06 7.79
CA VAL B 289 24.97 -33.82 8.54
C VAL B 289 26.00 -32.82 8.07
N SER B 290 25.58 -31.56 7.91
CA SER B 290 26.47 -30.45 7.60
C SER B 290 26.02 -29.23 8.40
N ARG B 291 26.94 -28.67 9.18
CA ARG B 291 26.70 -27.43 9.92
C ARG B 291 27.91 -26.54 9.78
N GLY B 292 27.71 -25.25 10.06
CA GLY B 292 28.80 -24.29 10.13
C GLY B 292 29.25 -23.73 8.80
N ALA B 293 28.81 -24.28 7.67
CA ALA B 293 29.20 -23.76 6.38
C ALA B 293 28.57 -22.39 6.13
N SER B 294 29.28 -21.55 5.39
CA SER B 294 28.81 -20.22 5.06
C SER B 294 27.58 -20.31 4.14
N PHE B 295 26.77 -19.24 4.17
CA PHE B 295 25.52 -19.24 3.41
C PHE B 295 25.77 -19.39 1.91
N PRO B 296 26.68 -18.64 1.26
CA PRO B 296 26.91 -18.89 -0.17
C PRO B 296 27.39 -20.31 -0.46
N ALA B 297 28.41 -20.78 0.27
CA ALA B 297 28.93 -22.13 0.08
C ALA B 297 27.85 -23.17 0.31
N ALA B 298 27.05 -23.00 1.37
CA ALA B 298 25.92 -23.88 1.65
C ALA B 298 24.92 -23.85 0.50
N MET B 299 24.66 -22.66 -0.04
CA MET B 299 23.71 -22.56 -1.14
C MET B 299 24.23 -23.28 -2.37
N SER B 300 25.47 -22.99 -2.80
CA SER B 300 26.07 -23.68 -3.95
C SER B 300 26.04 -25.18 -3.79
N GLU B 301 26.31 -25.65 -2.57
CA GLU B 301 26.22 -27.07 -2.29
C GLU B 301 24.79 -27.59 -2.44
N ALA B 302 23.80 -26.82 -1.98
CA ALA B 302 22.40 -27.25 -2.13
C ALA B 302 21.99 -27.25 -3.60
N VAL B 303 22.43 -26.24 -4.34
CA VAL B 303 22.21 -26.18 -5.78
C VAL B 303 22.82 -27.41 -6.43
N ARG B 304 23.96 -27.86 -5.91
CA ARG B 304 24.58 -29.05 -6.47
C ARG B 304 23.74 -30.27 -6.17
N ASP B 305 23.11 -30.31 -4.97
CA ASP B 305 22.20 -31.42 -4.68
C ASP B 305 21.10 -31.46 -5.71
N CYS B 306 20.55 -30.28 -6.05
CA CYS B 306 19.41 -30.22 -6.96
C CYS B 306 19.81 -30.60 -8.38
N LEU B 307 20.89 -30.01 -8.87
CA LEU B 307 21.31 -30.17 -10.26
C LEU B 307 22.05 -31.49 -10.51
N ILE B 308 22.99 -31.86 -9.62
CA ILE B 308 23.89 -32.99 -9.85
C ILE B 308 23.42 -34.30 -9.22
N ARG B 309 23.42 -34.38 -7.88
CA ARG B 309 23.23 -35.65 -7.18
C ARG B 309 21.78 -36.15 -7.23
N PRO B 310 21.56 -37.47 -7.31
CA PRO B 310 20.18 -38.00 -7.20
C PRO B 310 19.63 -37.93 -5.78
N ILE B 311 18.32 -37.85 -5.71
CA ILE B 311 17.62 -37.79 -4.43
C ILE B 311 17.63 -39.21 -3.89
N ALA B 312 18.02 -39.39 -2.63
CA ALA B 312 17.91 -40.71 -2.01
C ALA B 312 16.93 -40.58 -0.87
N LEU B 313 15.65 -40.75 -1.17
CA LEU B 313 14.64 -40.50 -0.15
C LEU B 313 14.47 -41.72 0.74
N ASP B 314 15.05 -42.86 0.36
CA ASP B 314 15.10 -44.04 1.22
C ASP B 314 16.11 -43.86 2.36
N ARG B 315 17.05 -42.93 2.22
CA ARG B 315 18.04 -42.60 3.24
C ARG B 315 17.64 -41.41 4.12
N MET B 316 16.46 -40.81 3.90
CA MET B 316 16.09 -39.60 4.62
C MET B 316 15.74 -39.89 6.07
N ALA B 317 14.88 -40.89 6.29
CA ALA B 317 14.36 -41.22 7.62
C ALA B 317 15.49 -41.51 8.59
N VAL B 318 16.32 -42.50 8.23
CA VAL B 318 17.40 -42.95 9.09
C VAL B 318 18.39 -41.81 9.27
N SER B 319 18.57 -40.97 8.25
CA SER B 319 19.49 -39.84 8.34
C SER B 319 19.05 -38.90 9.45
N ILE B 320 17.75 -38.62 9.53
CA ILE B 320 17.24 -37.78 10.62
C ILE B 320 17.49 -38.49 11.94
N ALA B 321 17.10 -39.77 12.01
CA ALA B 321 17.18 -40.54 13.25
C ALA B 321 18.61 -40.58 13.79
N ASN B 322 19.60 -40.80 12.91
CA ASN B 322 21.01 -40.86 13.32
C ASN B 322 21.40 -39.60 14.08
N HIS B 323 21.06 -38.44 13.52
CA HIS B 323 21.34 -37.18 14.19
C HIS B 323 20.57 -37.06 15.51
N ALA B 324 19.31 -37.51 15.54
CA ALA B 324 18.55 -37.49 16.78
C ALA B 324 19.26 -38.28 17.88
N ARG B 325 19.87 -39.41 17.50
CA ARG B 325 20.63 -40.22 18.44
C ARG B 325 21.91 -39.50 18.86
N ASP B 326 22.55 -38.82 17.90
CA ASP B 326 23.80 -38.10 18.16
C ASP B 326 23.62 -37.08 19.28
N LEU B 327 22.45 -36.44 19.36
CA LEU B 327 22.13 -35.48 20.41
C LEU B 327 21.35 -36.10 21.56
N GLY B 328 21.11 -37.41 21.55
CA GLY B 328 20.45 -38.09 22.64
C GLY B 328 18.99 -37.73 22.83
N LYS B 329 18.23 -37.75 21.74
CA LYS B 329 16.80 -37.46 21.74
C LYS B 329 15.99 -38.72 21.46
N ASP B 330 14.94 -38.92 22.25
CA ASP B 330 14.16 -40.14 22.17
C ASP B 330 13.30 -40.20 20.90
N SER B 331 12.69 -39.07 20.52
CA SER B 331 11.78 -39.05 19.38
C SER B 331 11.81 -37.67 18.75
N VAL B 332 11.10 -37.54 17.62
CA VAL B 332 11.04 -36.30 16.86
C VAL B 332 9.59 -35.89 16.61
N LEU B 333 9.37 -34.56 16.59
CA LEU B 333 8.20 -33.96 15.95
C LEU B 333 8.48 -33.77 14.47
N PRO B 334 7.66 -34.24 13.54
CA PRO B 334 7.76 -33.67 12.19
C PRO B 334 7.06 -32.31 12.18
N SER B 335 7.65 -31.37 11.43
CA SER B 335 7.04 -30.08 11.13
C SER B 335 7.18 -29.87 9.64
N PRO B 336 6.45 -30.60 8.81
CA PRO B 336 6.65 -30.47 7.37
C PRO B 336 6.07 -29.17 6.86
N ILE B 337 6.72 -28.64 5.83
CA ILE B 337 6.31 -27.42 5.15
C ILE B 337 6.26 -27.78 3.68
N ALA B 338 5.06 -27.85 3.11
CA ALA B 338 4.84 -28.06 1.68
C ALA B 338 5.57 -29.31 1.17
N LEU B 339 5.41 -30.41 1.92
CA LEU B 339 6.11 -31.67 1.64
C LEU B 339 5.08 -32.70 1.19
N SER B 340 5.31 -33.27 0.01
CA SER B 340 4.40 -34.27 -0.53
C SER B 340 4.44 -35.51 0.34
N PHE B 341 3.26 -36.04 0.66
CA PHE B 341 3.10 -37.21 1.52
C PHE B 341 3.85 -37.05 2.83
N SER B 342 3.57 -35.94 3.51
CA SER B 342 4.30 -35.60 4.72
C SER B 342 3.81 -36.38 5.93
N ASP B 343 2.53 -36.77 5.94
CA ASP B 343 1.91 -37.41 7.10
C ASP B 343 2.66 -38.68 7.51
N LYS B 344 3.15 -39.44 6.54
CA LYS B 344 3.84 -40.69 6.85
C LYS B 344 5.30 -40.49 7.29
N LEU B 345 5.83 -39.27 7.28
CA LEU B 345 7.24 -39.07 7.64
C LEU B 345 7.52 -39.40 9.11
N GLY B 346 6.73 -38.83 10.02
CA GLY B 346 6.90 -38.99 11.45
C GLY B 346 7.08 -40.41 11.94
N PRO B 347 6.13 -41.31 11.59
CA PRO B 347 6.33 -42.73 11.91
C PRO B 347 7.62 -43.29 11.34
N GLN B 348 8.00 -42.90 10.11
CA GLN B 348 9.17 -43.49 9.48
C GLN B 348 10.44 -43.12 10.24
N VAL B 349 10.56 -41.85 10.65
CA VAL B 349 11.75 -41.44 11.38
C VAL B 349 11.74 -42.06 12.77
N ASN B 350 10.58 -42.06 13.45
CA ASN B 350 10.55 -42.63 14.79
C ASN B 350 10.74 -44.14 14.79
N SER B 351 10.56 -44.82 13.64
CA SER B 351 10.76 -46.26 13.60
C SER B 351 12.20 -46.65 13.92
N HIS B 352 13.16 -45.81 13.54
CA HIS B 352 14.55 -46.04 13.89
C HIS B 352 14.92 -45.61 15.30
N LEU B 353 13.99 -45.04 16.08
CA LEU B 353 14.23 -44.56 17.43
C LEU B 353 13.35 -45.32 18.42
N PRO B 354 13.69 -45.30 19.72
CA PRO B 354 12.82 -45.97 20.70
C PRO B 354 11.40 -45.41 20.75
N THR B 364 -0.50 -31.86 22.45
CA THR B 364 0.64 -31.41 23.24
C THR B 364 1.03 -29.97 22.87
N SER B 365 0.02 -29.16 22.52
CA SER B 365 0.27 -27.76 22.16
C SER B 365 -0.98 -26.95 22.46
N LYS B 366 -0.78 -25.67 22.75
CA LYS B 366 -1.86 -24.74 22.99
C LYS B 366 -1.39 -23.34 22.64
N SER B 367 -2.33 -22.52 22.15
CA SER B 367 -2.02 -21.13 21.86
C SER B 367 -1.65 -20.37 23.13
N ILE B 368 -0.82 -19.35 22.95
CA ILE B 368 -0.39 -18.46 24.04
C ILE B 368 -1.19 -17.16 23.90
N PRO B 369 -2.15 -16.87 24.78
CA PRO B 369 -2.84 -15.57 24.69
C PRO B 369 -1.90 -14.41 24.97
N SER B 370 -2.39 -13.23 24.64
CA SER B 370 -1.59 -12.01 24.66
C SER B 370 -2.53 -10.87 25.09
N ALA B 371 -2.06 -9.64 24.93
CA ALA B 371 -2.77 -8.46 25.38
C ALA B 371 -4.06 -8.33 24.60
N ILE B 372 -4.97 -7.52 25.13
CA ILE B 372 -6.28 -7.38 24.47
C ILE B 372 -5.99 -6.70 23.12
N GLY B 373 -6.25 -7.44 22.04
CA GLY B 373 -5.95 -7.01 20.70
C GLY B 373 -4.64 -7.54 20.14
N ALA B 374 -3.76 -8.12 20.97
CA ALA B 374 -2.49 -8.67 20.51
C ALA B 374 -2.57 -10.10 19.97
N GLU B 375 -3.31 -11.00 20.64
CA GLU B 375 -3.38 -12.40 20.21
C GLU B 375 -3.89 -12.53 18.78
N GLN B 376 -4.77 -11.63 18.38
CA GLN B 376 -5.26 -11.54 17.02
C GLN B 376 -4.14 -10.99 16.11
N GLN B 377 -4.51 -10.60 14.90
CA GLN B 377 -3.56 -10.03 13.95
C GLN B 377 -3.16 -8.60 14.30
N PRO B 378 -2.07 -8.09 13.66
CA PRO B 378 -1.68 -6.70 13.90
C PRO B 378 -2.66 -5.70 13.30
N MET B 379 -2.40 -4.43 13.58
CA MET B 379 -3.18 -3.32 13.05
C MET B 379 -2.61 -2.79 11.73
N ALA B 380 -1.63 -3.47 11.14
CA ALA B 380 -1.13 -3.10 9.82
C ALA B 380 -1.99 -3.68 8.72
N LYS B 381 -2.04 -4.99 8.64
CA LYS B 381 -2.80 -5.74 7.65
C LYS B 381 -3.80 -6.65 8.36
N SER B 382 -5.02 -6.76 7.80
CA SER B 382 -6.14 -7.41 8.48
C SER B 382 -7.40 -7.48 7.62
N PRO B 383 -8.21 -8.59 7.70
CA PRO B 383 -9.39 -8.70 6.83
C PRO B 383 -10.44 -7.65 7.11
N ILE B 384 -10.34 -6.58 6.32
CA ILE B 384 -11.08 -5.33 6.52
C ILE B 384 -12.57 -5.61 6.65
N ALA B 385 -13.15 -5.14 7.74
CA ALA B 385 -14.56 -5.29 8.00
C ALA B 385 -15.37 -4.14 7.42
N ILE B 386 -16.50 -4.47 6.79
CA ILE B 386 -17.43 -3.46 6.30
C ILE B 386 -18.37 -3.18 7.46
N LEU B 387 -18.34 -1.94 7.95
CA LEU B 387 -19.12 -1.61 9.13
C LEU B 387 -20.55 -1.27 8.80
N ALA B 388 -20.75 -0.49 7.74
CA ALA B 388 -22.08 -0.03 7.39
C ALA B 388 -22.04 0.40 5.94
N ALA B 389 -23.23 0.53 5.37
CA ALA B 389 -23.37 0.96 3.99
C ALA B 389 -24.69 1.71 3.87
N SER B 390 -24.67 2.91 3.29
CA SER B 390 -25.90 3.63 3.02
C SER B 390 -25.83 4.15 1.60
N GLY B 391 -26.99 4.27 0.97
CA GLY B 391 -27.04 4.70 -0.41
C GLY B 391 -28.43 5.06 -0.84
N ARG B 392 -28.53 5.61 -2.06
CA ARG B 392 -29.82 5.89 -2.66
C ARG B 392 -29.77 5.25 -4.04
N PHE B 393 -30.79 4.45 -4.35
CA PHE B 393 -30.87 3.64 -5.55
C PHE B 393 -32.22 3.86 -6.22
N PRO B 394 -32.37 3.43 -7.49
CA PRO B 394 -33.66 3.60 -8.17
C PRO B 394 -34.82 2.97 -7.39
N GLN B 395 -35.87 3.76 -7.18
CA GLN B 395 -37.04 3.38 -6.38
C GLN B 395 -36.66 3.07 -4.91
N SER B 396 -35.49 3.52 -4.45
CA SER B 396 -35.04 3.19 -3.10
C SER B 396 -34.30 4.34 -2.45
N SER B 397 -34.83 4.80 -1.32
CA SER B 397 -34.21 5.83 -0.52
C SER B 397 -33.28 5.24 0.54
N SER B 398 -33.11 3.91 0.58
CA SER B 398 -32.30 3.27 1.59
C SER B 398 -31.94 1.87 1.10
N MET B 399 -31.05 1.22 1.87
CA MET B 399 -30.68 -0.17 1.59
C MET B 399 -31.87 -1.12 1.70
N ASP B 400 -32.80 -0.85 2.61
CA ASP B 400 -33.94 -1.76 2.80
C ASP B 400 -34.87 -1.73 1.60
N GLN B 401 -35.14 -0.54 1.07
CA GLN B 401 -35.96 -0.48 -0.14
C GLN B 401 -35.26 -1.14 -1.31
N PHE B 402 -33.93 -1.17 -1.33
CA PHE B 402 -33.21 -1.92 -2.36
C PHE B 402 -33.45 -3.40 -2.19
N TRP B 403 -33.45 -3.89 -0.94
CA TRP B 403 -33.73 -5.31 -0.74
C TRP B 403 -35.14 -5.63 -1.20
N ASP B 404 -36.07 -4.69 -1.01
CA ASP B 404 -37.42 -4.87 -1.55
C ASP B 404 -37.40 -4.93 -3.08
N VAL B 405 -36.56 -4.11 -3.73
CA VAL B 405 -36.47 -4.16 -5.19
C VAL B 405 -35.99 -5.53 -5.63
N LEU B 406 -34.95 -6.06 -4.98
CA LEU B 406 -34.37 -7.32 -5.46
C LEU B 406 -35.26 -8.50 -5.17
N ILE B 407 -35.75 -8.60 -3.94
CA ILE B 407 -36.33 -9.86 -3.50
C ILE B 407 -37.66 -10.09 -4.17
N ASN B 408 -38.35 -9.01 -4.52
CA ASN B 408 -39.61 -9.08 -5.22
C ASN B 408 -39.42 -9.11 -6.74
N GLY B 409 -38.18 -9.17 -7.21
CA GLY B 409 -37.91 -9.27 -8.64
C GLY B 409 -38.31 -8.01 -9.37
N VAL B 410 -38.12 -6.85 -8.75
CA VAL B 410 -38.55 -5.59 -9.33
C VAL B 410 -37.54 -5.21 -10.40
N ASP B 411 -38.07 -4.77 -11.54
CA ASP B 411 -37.33 -4.22 -12.65
C ASP B 411 -37.69 -2.74 -12.79
N THR B 412 -36.70 -1.87 -12.53
CA THR B 412 -36.91 -0.42 -12.39
C THR B 412 -36.67 0.44 -13.63
N HIS B 413 -36.41 -0.13 -14.81
CA HIS B 413 -36.11 0.75 -15.93
C HIS B 413 -37.35 1.46 -16.45
N GLU B 414 -37.17 2.71 -16.87
CA GLU B 414 -38.24 3.54 -17.40
C GLU B 414 -37.63 4.65 -18.23
N LEU B 415 -38.49 5.27 -19.04
CA LEU B 415 -38.06 6.36 -19.89
C LEU B 415 -37.59 7.53 -19.03
N VAL B 416 -36.66 8.32 -19.58
CA VAL B 416 -36.02 9.42 -18.85
C VAL B 416 -37.09 10.38 -18.35
N PRO B 417 -37.13 10.78 -17.08
CA PRO B 417 -38.19 11.71 -16.66
C PRO B 417 -37.92 13.11 -17.18
N PRO B 418 -38.93 13.99 -17.19
CA PRO B 418 -38.73 15.34 -17.73
C PRO B 418 -37.77 16.21 -16.93
N THR B 419 -37.50 15.87 -15.67
CA THR B 419 -36.58 16.66 -14.86
C THR B 419 -35.19 16.71 -15.48
N ARG B 420 -34.80 15.67 -16.21
CA ARG B 420 -33.47 15.53 -16.78
C ARG B 420 -33.42 16.06 -18.21
N TRP B 421 -34.14 15.45 -19.14
CA TRP B 421 -34.29 16.02 -20.47
C TRP B 421 -35.48 15.40 -21.19
N ASN B 422 -35.98 16.12 -22.20
CA ASN B 422 -37.21 15.72 -22.88
C ASN B 422 -36.88 14.66 -23.93
N ALA B 423 -37.41 13.45 -23.72
CA ALA B 423 -37.15 12.35 -24.63
C ALA B 423 -37.70 12.57 -26.02
N ALA B 424 -38.82 13.29 -26.14
CA ALA B 424 -39.44 13.51 -27.44
C ALA B 424 -38.51 14.16 -28.45
N THR B 425 -37.64 15.04 -27.97
CA THR B 425 -36.68 15.73 -28.82
C THR B 425 -35.30 15.07 -28.87
N HIS B 426 -34.94 14.27 -27.85
CA HIS B 426 -33.61 13.66 -27.76
C HIS B 426 -33.58 12.21 -28.20
N VAL B 427 -34.73 11.58 -28.38
CA VAL B 427 -34.81 10.15 -28.71
C VAL B 427 -35.65 10.00 -29.97
N SER B 428 -35.17 9.14 -30.86
CA SER B 428 -35.92 8.68 -32.01
C SER B 428 -35.47 7.26 -32.30
N GLU B 429 -36.36 6.46 -32.88
CA GLU B 429 -36.05 5.07 -33.18
C GLU B 429 -34.87 4.96 -34.15
N ASP B 430 -34.75 5.91 -35.08
CA ASP B 430 -33.68 5.97 -36.06
C ASP B 430 -33.02 7.33 -35.90
N PRO B 431 -31.98 7.45 -35.05
CA PRO B 431 -31.34 8.77 -34.90
C PRO B 431 -30.69 9.22 -36.19
N LYS B 432 -31.03 10.42 -36.62
CA LYS B 432 -30.43 11.09 -37.77
C LYS B 432 -29.80 12.42 -37.39
N ALA B 433 -30.59 13.34 -36.84
CA ALA B 433 -30.09 14.60 -36.32
C ALA B 433 -29.00 14.35 -35.27
N LYS B 434 -28.14 15.36 -35.12
CA LYS B 434 -26.99 15.28 -34.25
C LYS B 434 -27.42 15.40 -32.79
N ASN B 435 -26.70 14.70 -31.91
CA ASN B 435 -26.94 14.67 -30.47
C ASN B 435 -28.29 14.03 -30.11
N VAL B 436 -28.87 13.26 -31.03
CA VAL B 436 -30.09 12.50 -30.80
C VAL B 436 -29.65 11.05 -30.66
N SER B 437 -30.29 10.32 -29.76
CA SER B 437 -29.93 8.95 -29.43
C SER B 437 -31.05 7.98 -29.78
N GLY B 438 -30.66 6.72 -29.91
CA GLY B 438 -31.62 5.67 -30.19
C GLY B 438 -32.35 5.16 -28.97
N THR B 439 -31.92 5.55 -27.76
CA THR B 439 -32.55 5.12 -26.51
C THR B 439 -32.72 6.27 -25.54
N GLY B 440 -33.86 6.31 -24.84
CA GLY B 440 -34.01 7.11 -23.64
C GLY B 440 -34.23 6.38 -22.33
N PHE B 441 -33.94 5.07 -22.27
CA PHE B 441 -34.21 4.33 -21.05
C PHE B 441 -33.18 4.64 -19.96
N GLY B 442 -33.52 4.25 -18.74
CA GLY B 442 -32.64 4.42 -17.60
C GLY B 442 -33.33 4.04 -16.30
N CYS B 443 -32.52 3.77 -15.28
CA CYS B 443 -32.99 3.56 -13.92
C CYS B 443 -32.56 4.77 -13.10
N TRP B 444 -33.54 5.60 -12.73
CA TRP B 444 -33.27 6.97 -12.29
C TRP B 444 -33.53 7.16 -10.81
N LEU B 445 -32.79 8.12 -10.22
CA LEU B 445 -33.06 8.62 -8.87
C LEU B 445 -33.93 9.86 -9.00
N HIS B 446 -35.18 9.75 -8.60
CA HIS B 446 -36.10 10.86 -8.75
C HIS B 446 -35.96 11.88 -7.62
N GLU B 447 -35.36 11.49 -6.49
CA GLU B 447 -35.14 12.35 -5.34
C GLU B 447 -33.75 12.98 -5.29
N ALA B 448 -32.93 12.84 -6.35
CA ALA B 448 -31.53 13.25 -6.32
C ALA B 448 -31.32 14.73 -5.99
N GLY B 449 -32.35 15.57 -6.19
CA GLY B 449 -32.20 16.98 -5.86
C GLY B 449 -32.41 17.28 -4.39
N GLU B 450 -33.08 16.38 -3.67
CA GLU B 450 -33.35 16.61 -2.25
C GLU B 450 -32.03 16.69 -1.49
N PHE B 451 -31.96 17.64 -0.56
CA PHE B 451 -30.74 17.86 0.20
C PHE B 451 -31.08 18.79 1.35
N ASP B 452 -30.27 18.74 2.41
CA ASP B 452 -30.40 19.62 3.56
C ASP B 452 -29.18 20.53 3.56
N ALA B 453 -29.41 21.81 3.24
CA ALA B 453 -28.34 22.79 3.16
C ALA B 453 -27.89 23.23 4.55
N ALA B 454 -28.83 23.34 5.50
CA ALA B 454 -28.47 23.76 6.85
C ALA B 454 -27.51 22.78 7.52
N TYR B 455 -27.79 21.46 7.47
CA TYR B 455 -26.94 20.45 8.11
C TYR B 455 -25.49 20.61 7.67
N PHE B 456 -25.27 20.86 6.38
CA PHE B 456 -23.95 20.98 5.78
C PHE B 456 -23.44 22.42 5.63
N ASN B 457 -24.16 23.41 6.16
CA ASN B 457 -23.69 24.81 6.18
C ASN B 457 -23.56 25.37 4.76
N MET B 458 -24.59 25.15 3.94
CA MET B 458 -24.68 25.70 2.60
C MET B 458 -25.85 26.69 2.55
N SER B 459 -25.64 27.79 1.84
CA SER B 459 -26.70 28.76 1.60
C SER B 459 -27.63 28.28 0.47
N PRO B 460 -28.91 28.69 0.49
CA PRO B 460 -29.80 28.33 -0.62
C PRO B 460 -29.31 28.77 -2.00
N ARG B 461 -28.45 29.79 -2.07
CA ARG B 461 -27.78 30.12 -3.32
C ARG B 461 -26.77 29.04 -3.73
N GLU B 462 -26.04 28.48 -2.76
CA GLU B 462 -24.94 27.57 -3.07
C GLU B 462 -25.43 26.14 -3.33
N ALA B 463 -26.41 25.68 -2.57
CA ALA B 463 -26.86 24.29 -2.67
C ALA B 463 -27.38 23.86 -4.05
N PRO B 464 -28.08 24.70 -4.83
CA PRO B 464 -28.43 24.27 -6.19
C PRO B 464 -27.24 23.92 -7.04
N GLN B 465 -26.17 24.71 -6.97
CA GLN B 465 -25.07 24.58 -7.92
C GLN B 465 -24.19 23.37 -7.65
N VAL B 466 -24.48 22.58 -6.62
CA VAL B 466 -23.67 21.43 -6.23
C VAL B 466 -24.26 20.22 -6.96
N ASP B 467 -23.39 19.42 -7.57
CA ASP B 467 -23.68 18.17 -8.27
C ASP B 467 -24.50 17.19 -7.40
N PRO B 468 -25.49 16.45 -7.95
CA PRO B 468 -26.17 15.46 -7.09
C PRO B 468 -25.24 14.38 -6.55
N ALA B 469 -24.14 14.10 -7.26
CA ALA B 469 -23.13 13.17 -6.78
C ALA B 469 -22.52 13.67 -5.49
N GLN B 470 -22.16 14.95 -5.44
CA GLN B 470 -21.60 15.55 -4.25
C GLN B 470 -22.59 15.50 -3.10
N ARG B 471 -23.82 15.95 -3.35
CA ARG B 471 -24.78 16.12 -2.27
C ARG B 471 -25.20 14.78 -1.68
N LEU B 472 -25.65 13.87 -2.53
CA LEU B 472 -25.95 12.52 -2.06
C LEU B 472 -24.72 11.79 -1.53
N ALA B 473 -23.53 12.14 -1.99
CA ALA B 473 -22.33 11.56 -1.38
C ALA B 473 -22.20 12.01 0.06
N LEU B 474 -22.49 13.28 0.31
CA LEU B 474 -22.42 13.77 1.68
C LEU B 474 -23.50 13.12 2.55
N LEU B 475 -24.72 12.99 2.03
CA LEU B 475 -25.80 12.39 2.81
C LEU B 475 -25.48 10.93 3.15
N THR B 476 -25.21 10.13 2.11
CA THR B 476 -24.93 8.72 2.29
C THR B 476 -23.70 8.48 3.16
N ALA B 477 -22.68 9.32 2.99
CA ALA B 477 -21.48 9.20 3.83
C ALA B 477 -21.83 9.44 5.29
N THR B 478 -22.52 10.55 5.56
CA THR B 478 -22.94 10.89 6.91
C THR B 478 -23.74 9.76 7.54
N GLU B 479 -24.71 9.23 6.79
CA GLU B 479 -25.55 8.16 7.29
C GLU B 479 -24.73 6.93 7.60
N ALA B 480 -23.82 6.54 6.70
CA ALA B 480 -22.97 5.38 6.93
C ALA B 480 -22.13 5.56 8.18
N LEU B 481 -21.64 6.78 8.42
CA LEU B 481 -20.91 7.06 9.65
C LEU B 481 -21.77 6.84 10.88
N GLU B 482 -22.97 7.43 10.91
CA GLU B 482 -23.86 7.20 12.05
C GLU B 482 -24.24 5.73 12.22
N GLN B 483 -24.51 5.02 11.12
CA GLN B 483 -24.83 3.60 11.21
C GLN B 483 -23.69 2.82 11.86
N ALA B 484 -22.45 3.26 11.64
CA ALA B 484 -21.29 2.61 12.23
C ALA B 484 -20.96 3.17 13.61
N GLY B 485 -21.74 4.12 14.12
CA GLY B 485 -21.47 4.71 15.41
C GLY B 485 -20.14 5.45 15.48
N VAL B 486 -19.74 6.10 14.40
CA VAL B 486 -18.45 6.78 14.36
C VAL B 486 -18.62 8.19 14.92
N VAL B 487 -17.85 8.48 15.96
CA VAL B 487 -17.73 9.79 16.58
C VAL B 487 -16.26 10.18 16.41
N PRO B 488 -15.93 11.27 15.69
CA PRO B 488 -14.50 11.60 15.50
C PRO B 488 -13.78 11.91 16.80
N ASN B 489 -12.58 11.34 16.92
CA ASN B 489 -11.67 11.43 18.07
C ASN B 489 -12.22 10.73 19.31
N ARG B 490 -13.15 9.76 19.14
CA ARG B 490 -13.68 9.02 20.29
C ARG B 490 -12.72 7.90 20.68
N THR B 491 -12.22 7.17 19.68
CA THR B 491 -11.30 6.05 19.85
C THR B 491 -10.08 6.30 18.99
N SER B 492 -9.12 5.37 19.05
CA SER B 492 -7.90 5.53 18.28
C SER B 492 -8.22 5.42 16.79
N SER B 493 -9.00 4.42 16.42
CA SER B 493 -9.31 4.17 15.03
C SER B 493 -10.12 5.30 14.39
N THR B 494 -10.86 6.06 15.19
CA THR B 494 -11.72 7.13 14.71
C THR B 494 -11.11 8.52 14.86
N GLN B 495 -9.83 8.61 15.26
CA GLN B 495 -9.15 9.90 15.26
C GLN B 495 -9.15 10.51 13.87
N LYS B 496 -9.30 11.84 13.84
CA LYS B 496 -9.58 12.57 12.62
C LYS B 496 -8.49 12.42 11.57
N ASN B 497 -7.22 12.36 12.01
CA ASN B 497 -6.10 12.24 11.07
C ASN B 497 -5.85 10.82 10.57
N ARG B 498 -6.53 9.82 11.12
CA ARG B 498 -6.42 8.45 10.64
C ARG B 498 -7.57 8.04 9.70
N VAL B 499 -8.42 8.98 9.27
CA VAL B 499 -9.61 8.67 8.46
C VAL B 499 -9.41 9.17 7.03
N GLY B 500 -9.61 8.28 6.05
CA GLY B 500 -9.49 8.60 4.64
C GLY B 500 -10.85 8.62 3.95
N VAL B 501 -10.86 9.08 2.69
CA VAL B 501 -12.03 9.02 1.81
C VAL B 501 -11.57 8.71 0.39
N TRP B 502 -12.33 7.85 -0.30
CA TRP B 502 -12.09 7.46 -1.69
C TRP B 502 -13.46 7.31 -2.35
N TYR B 503 -13.70 7.98 -3.48
CA TYR B 503 -14.97 7.84 -4.21
C TYR B 503 -14.76 7.74 -5.72
N GLY B 504 -15.42 6.77 -6.34
CA GLY B 504 -15.42 6.67 -7.80
C GLY B 504 -16.50 7.53 -8.44
N ALA B 505 -16.16 8.15 -9.57
CA ALA B 505 -17.10 8.99 -10.31
C ALA B 505 -16.78 8.95 -11.80
N THR B 506 -17.78 8.60 -12.64
CA THR B 506 -17.55 8.56 -14.08
C THR B 506 -17.72 9.93 -14.74
N SER B 507 -18.65 10.77 -14.30
CA SER B 507 -18.66 12.10 -14.89
C SER B 507 -19.43 13.08 -14.03
N ASN B 508 -19.11 14.35 -14.23
CA ASN B 508 -19.85 15.45 -13.63
C ASN B 508 -20.66 16.01 -14.79
N ASP B 509 -21.92 15.57 -14.88
CA ASP B 509 -22.84 16.14 -15.85
C ASP B 509 -23.46 17.41 -15.33
N TRP B 510 -23.32 17.68 -14.02
CA TRP B 510 -23.97 18.82 -13.44
C TRP B 510 -23.39 20.12 -13.98
N MET B 511 -22.07 20.20 -14.09
CA MET B 511 -21.41 21.41 -14.55
C MET B 511 -21.34 21.51 -16.06
N GLU B 512 -21.62 20.42 -16.77
CA GLU B 512 -21.62 20.41 -18.22
C GLU B 512 -22.92 20.93 -18.78
N THR B 513 -24.01 20.60 -18.08
CA THR B 513 -25.37 20.83 -18.53
C THR B 513 -26.14 21.79 -17.64
N ASN B 514 -26.31 21.45 -16.37
CA ASN B 514 -27.22 22.19 -15.49
C ASN B 514 -26.66 23.52 -14.99
N SER B 515 -25.54 23.52 -14.25
CA SER B 515 -25.04 24.81 -13.80
C SER B 515 -24.35 25.58 -14.94
N ALA B 516 -24.02 24.92 -16.05
CA ALA B 516 -23.40 25.59 -17.18
C ALA B 516 -24.29 26.64 -17.84
N GLN B 517 -25.62 26.55 -17.71
CA GLN B 517 -26.49 27.56 -18.32
C GLN B 517 -26.22 28.95 -17.75
N ASN B 518 -25.92 29.02 -16.46
CA ASN B 518 -25.47 30.26 -15.83
C ASN B 518 -24.32 29.92 -14.90
N VAL B 519 -23.11 30.36 -15.25
CA VAL B 519 -21.92 30.07 -14.47
C VAL B 519 -21.86 31.15 -13.40
N ASP B 520 -21.43 30.77 -12.20
CA ASP B 520 -21.32 31.70 -11.08
C ASP B 520 -20.14 31.24 -10.20
N THR B 521 -20.03 31.81 -8.98
CA THR B 521 -18.86 31.63 -8.13
C THR B 521 -18.74 30.19 -7.64
N TYR B 522 -19.86 29.53 -7.33
CA TYR B 522 -19.86 28.18 -6.81
C TYR B 522 -20.02 27.13 -7.91
N PHE B 523 -19.90 27.54 -9.18
CA PHE B 523 -19.89 26.59 -10.30
C PHE B 523 -18.78 25.55 -10.14
N ILE B 524 -17.53 26.00 -9.98
CA ILE B 524 -16.39 25.05 -9.91
C ILE B 524 -16.38 24.32 -8.58
N PRO B 525 -16.64 24.97 -7.44
CA PRO B 525 -16.83 24.18 -6.20
C PRO B 525 -17.95 23.16 -6.32
N GLY B 526 -19.02 23.49 -7.04
CA GLY B 526 -20.14 22.58 -7.16
C GLY B 526 -19.96 21.49 -8.22
N GLY B 527 -19.08 21.69 -9.19
CA GLY B 527 -18.93 20.73 -10.28
C GLY B 527 -17.75 19.80 -10.37
N ASN B 528 -16.58 20.12 -9.81
CA ASN B 528 -15.44 19.23 -10.01
C ASN B 528 -15.57 17.97 -9.17
N ARG B 529 -15.05 16.87 -9.71
CA ARG B 529 -15.22 15.57 -9.08
C ARG B 529 -14.44 15.46 -7.77
N ALA B 530 -13.28 16.11 -7.68
CA ALA B 530 -12.46 16.09 -6.47
C ALA B 530 -13.19 16.59 -5.24
N PHE B 531 -14.16 17.48 -5.38
CA PHE B 531 -14.89 17.95 -4.20
C PHE B 531 -15.82 16.88 -3.63
N ILE B 532 -16.21 15.85 -4.39
CA ILE B 532 -17.07 14.77 -3.89
C ILE B 532 -16.41 14.19 -2.63
N PRO B 533 -15.18 13.66 -2.67
CA PRO B 533 -14.53 13.24 -1.40
C PRO B 533 -14.11 14.38 -0.48
N GLY B 534 -13.65 15.49 -1.06
CA GLY B 534 -13.20 16.64 -0.29
C GLY B 534 -14.22 17.16 0.70
N ARG B 535 -15.41 17.51 0.21
CA ARG B 535 -16.50 18.04 1.04
C ARG B 535 -16.78 17.16 2.25
N VAL B 536 -16.70 15.83 2.07
CA VAL B 536 -16.89 14.91 3.20
C VAL B 536 -15.79 15.11 4.23
N ASN B 537 -14.54 15.15 3.78
CA ASN B 537 -13.46 15.46 4.72
C ASN B 537 -13.65 16.80 5.41
N TYR B 538 -14.13 17.84 4.72
CA TYR B 538 -14.18 19.16 5.36
C TYR B 538 -15.25 19.17 6.43
N PHE B 539 -16.40 18.57 6.14
CA PHE B 539 -17.51 18.64 7.07
C PHE B 539 -17.20 17.95 8.38
N HIS B 540 -16.74 16.69 8.31
CA HIS B 540 -16.44 15.96 9.53
C HIS B 540 -15.04 16.22 10.06
N LYS B 541 -14.25 17.09 9.42
CA LYS B 541 -12.92 17.47 9.92
C LYS B 541 -11.97 16.29 9.94
N PHE B 542 -12.02 15.48 8.89
CA PHE B 542 -11.10 14.38 8.70
C PHE B 542 -9.89 14.89 7.91
N SER B 543 -8.71 14.84 8.52
CA SER B 543 -7.49 15.37 7.90
C SER B 543 -6.69 14.31 7.13
N GLY B 544 -7.21 13.10 7.00
CA GLY B 544 -6.62 12.03 6.23
C GLY B 544 -6.78 12.25 4.73
N PRO B 545 -6.36 11.28 3.91
CA PRO B 545 -6.37 11.46 2.46
C PRO B 545 -7.76 11.58 1.81
N SER B 546 -7.73 12.21 0.63
CA SER B 546 -8.91 12.50 -0.19
C SER B 546 -8.61 12.26 -1.67
N TYR B 547 -9.39 11.40 -2.32
CA TYR B 547 -9.11 10.97 -3.68
C TYR B 547 -10.40 10.68 -4.43
N THR B 548 -10.38 10.93 -5.74
CA THR B 548 -11.40 10.47 -6.67
C THR B 548 -10.73 9.61 -7.74
N ILE B 549 -11.36 8.47 -8.04
CA ILE B 549 -10.86 7.49 -8.99
C ILE B 549 -11.80 7.37 -10.18
N ASP B 550 -11.22 7.29 -11.37
CA ASP B 550 -11.99 7.09 -12.59
C ASP B 550 -11.24 6.00 -13.34
N THR B 551 -11.73 4.78 -13.19
CA THR B 551 -11.50 3.69 -14.12
C THR B 551 -12.73 3.43 -14.97
N ALA B 552 -13.63 4.42 -15.07
CA ALA B 552 -14.88 4.32 -15.81
C ALA B 552 -15.79 3.39 -15.01
N CYS B 553 -16.35 2.34 -15.61
CA CYS B 553 -17.38 1.57 -14.95
C CYS B 553 -16.87 0.69 -13.80
N SER B 554 -15.55 0.59 -13.60
CA SER B 554 -14.95 -0.06 -12.45
C SER B 554 -14.49 0.92 -11.37
N SER B 555 -14.78 2.23 -11.52
CA SER B 555 -14.23 3.29 -10.66
C SER B 555 -14.35 2.99 -9.18
N SER B 556 -15.54 2.59 -8.74
CA SER B 556 -15.80 2.43 -7.32
C SER B 556 -14.96 1.31 -6.71
N LEU B 557 -14.87 0.16 -7.38
CA LEU B 557 -14.04 -0.92 -6.87
C LEU B 557 -12.57 -0.59 -6.96
N ALA B 558 -12.18 0.19 -7.97
CA ALA B 558 -10.82 0.69 -7.99
C ALA B 558 -10.56 1.58 -6.78
N ALA B 559 -11.53 2.43 -6.43
CA ALA B 559 -11.39 3.25 -5.22
C ALA B 559 -11.37 2.37 -3.98
N LEU B 560 -12.24 1.36 -3.95
CA LEU B 560 -12.24 0.38 -2.87
C LEU B 560 -10.89 -0.28 -2.75
N HIS B 561 -10.27 -0.61 -3.88
CA HIS B 561 -8.96 -1.25 -3.87
C HIS B 561 -7.94 -0.31 -3.24
N MET B 562 -7.94 0.96 -3.67
CA MET B 562 -7.00 1.90 -3.08
C MET B 562 -7.23 2.02 -1.58
N ALA B 563 -8.50 2.05 -1.16
CA ALA B 563 -8.80 2.18 0.24
C ALA B 563 -8.36 0.98 1.03
N CYS B 564 -8.57 -0.21 0.44
CA CYS B 564 -8.16 -1.42 1.12
C CYS B 564 -6.67 -1.45 1.27
N ASN B 565 -5.96 -0.95 0.25
CA ASN B 565 -4.51 -0.84 0.31
C ASN B 565 -4.08 0.09 1.42
N ALA B 566 -4.78 1.22 1.59
CA ALA B 566 -4.46 2.15 2.67
C ALA B 566 -4.64 1.52 4.03
N LEU B 567 -5.72 0.78 4.23
CA LEU B 567 -5.87 0.11 5.52
C LEU B 567 -4.80 -0.97 5.66
N TRP B 568 -4.46 -1.64 4.57
CA TRP B 568 -3.45 -2.70 4.57
C TRP B 568 -2.05 -2.19 4.90
N ARG B 569 -1.66 -1.00 4.41
CA ARG B 569 -0.37 -0.41 4.71
C ARG B 569 -0.37 0.48 5.95
N GLY B 570 -1.48 0.60 6.67
CA GLY B 570 -1.52 1.44 7.84
C GLY B 570 -1.63 2.93 7.60
N GLU B 571 -1.96 3.35 6.37
CA GLU B 571 -2.03 4.78 6.09
C GLU B 571 -3.22 5.43 6.80
N VAL B 572 -4.34 4.70 6.94
CA VAL B 572 -5.51 5.22 7.64
C VAL B 572 -6.06 4.10 8.53
N ASP B 573 -6.73 4.49 9.62
CA ASP B 573 -7.42 3.51 10.47
C ASP B 573 -8.76 3.13 9.88
N THR B 574 -9.54 4.12 9.49
CA THR B 574 -10.87 3.97 8.94
C THR B 574 -10.86 4.53 7.53
N ALA B 575 -11.58 3.87 6.64
CA ALA B 575 -11.66 4.27 5.25
C ALA B 575 -13.12 4.45 4.93
N ILE B 576 -13.41 5.52 4.19
CA ILE B 576 -14.72 5.82 3.64
C ILE B 576 -14.64 5.56 2.15
N VAL B 577 -15.45 4.62 1.67
CA VAL B 577 -15.46 4.19 0.27
C VAL B 577 -16.87 4.35 -0.25
N GLY B 578 -16.98 4.88 -1.47
CA GLY B 578 -18.26 5.10 -2.09
C GLY B 578 -18.14 5.24 -3.59
N GLY B 579 -19.28 5.40 -4.24
CA GLY B 579 -19.34 5.64 -5.66
C GLY B 579 -20.56 6.48 -5.95
N THR B 580 -20.46 7.31 -7.00
CA THR B 580 -21.53 8.23 -7.39
C THR B 580 -21.75 8.15 -8.88
N ASN B 581 -23.01 7.97 -9.29
CA ASN B 581 -23.40 8.15 -10.69
C ASN B 581 -24.75 8.87 -10.72
N VAL B 582 -24.76 10.09 -11.26
CA VAL B 582 -26.00 10.79 -11.58
C VAL B 582 -25.79 11.48 -12.92
N LEU B 583 -26.65 11.18 -13.90
CA LEU B 583 -26.51 11.66 -15.27
C LEU B 583 -27.57 12.69 -15.61
N THR B 584 -27.13 13.94 -15.77
CA THR B 584 -27.98 15.04 -16.25
C THR B 584 -27.74 15.41 -17.72
N ASN B 585 -26.85 14.70 -18.45
CA ASN B 585 -26.35 15.15 -19.74
C ASN B 585 -26.82 14.23 -20.86
N PRO B 586 -27.60 14.70 -21.85
CA PRO B 586 -28.07 13.79 -22.92
C PRO B 586 -26.95 13.33 -23.85
N ASP B 587 -25.85 14.08 -23.97
CA ASP B 587 -24.77 13.67 -24.87
C ASP B 587 -24.19 12.33 -24.48
N MET B 588 -24.03 12.07 -23.19
CA MET B 588 -23.43 10.80 -22.78
C MET B 588 -24.29 9.64 -23.26
N THR B 589 -25.60 9.82 -23.27
CA THR B 589 -26.52 8.87 -23.89
C THR B 589 -26.27 8.75 -25.39
N ALA B 590 -26.25 9.89 -26.09
CA ALA B 590 -26.03 9.87 -27.54
C ALA B 590 -24.70 9.24 -27.95
N GLY B 591 -23.64 9.46 -27.19
CA GLY B 591 -22.37 8.83 -27.51
C GLY B 591 -22.21 7.38 -27.12
N LEU B 592 -22.66 7.03 -25.91
CA LEU B 592 -22.59 5.63 -25.49
C LEU B 592 -23.46 4.80 -26.44
N ASP B 593 -24.62 5.35 -26.81
CA ASP B 593 -25.52 4.70 -27.75
C ASP B 593 -24.88 4.66 -29.14
N ALA B 594 -24.14 5.73 -29.48
CA ALA B 594 -23.44 5.75 -30.76
C ALA B 594 -22.41 4.63 -30.82
N GLY B 595 -21.87 4.23 -29.66
CA GLY B 595 -20.92 3.15 -29.55
C GLY B 595 -21.58 1.81 -29.29
N HIS B 596 -22.89 1.69 -29.50
CA HIS B 596 -23.65 0.44 -29.38
C HIS B 596 -23.55 -0.18 -27.98
N PHE B 597 -23.18 0.61 -26.99
CA PHE B 597 -23.14 0.15 -25.61
C PHE B 597 -24.54 -0.08 -25.05
N LEU B 598 -25.52 0.72 -25.46
CA LEU B 598 -26.80 0.79 -24.77
C LEU B 598 -27.87 -0.09 -25.38
N SER B 599 -28.69 -0.64 -24.50
CA SER B 599 -29.83 -1.45 -24.90
C SER B 599 -30.96 -0.51 -25.29
N ARG B 600 -31.46 -0.66 -26.51
CA ARG B 600 -32.55 0.19 -27.00
C ARG B 600 -33.92 -0.34 -26.60
N SER B 601 -34.00 -1.60 -26.14
CA SER B 601 -35.26 -2.22 -25.75
C SER B 601 -35.63 -1.93 -24.30
N GLY B 602 -34.67 -1.99 -23.38
CA GLY B 602 -34.97 -2.09 -21.96
C GLY B 602 -33.75 -2.18 -21.06
N ASN B 603 -33.89 -2.79 -19.88
CA ASN B 603 -32.79 -2.91 -18.93
C ASN B 603 -31.73 -3.87 -19.49
N CYS B 604 -30.61 -3.96 -18.78
CA CYS B 604 -29.72 -5.10 -18.90
C CYS B 604 -30.53 -6.37 -18.76
N LYS B 605 -30.42 -7.23 -19.75
CA LYS B 605 -30.90 -8.60 -19.67
C LYS B 605 -29.65 -9.45 -19.63
N THR B 606 -29.29 -9.92 -18.44
CA THR B 606 -28.08 -10.70 -18.28
C THR B 606 -28.47 -12.14 -18.59
N PHE B 607 -27.64 -12.81 -19.40
CA PHE B 607 -27.79 -14.22 -19.77
C PHE B 607 -28.95 -14.47 -20.73
N ASP B 608 -29.70 -13.46 -21.12
CA ASP B 608 -30.82 -13.62 -22.02
C ASP B 608 -30.26 -13.82 -23.42
N ASP B 609 -30.85 -14.75 -24.16
CA ASP B 609 -30.35 -15.07 -25.49
C ASP B 609 -30.38 -13.88 -26.44
N GLU B 610 -31.31 -12.93 -26.28
CA GLU B 610 -31.24 -11.63 -26.97
C GLU B 610 -30.90 -10.54 -25.96
N ALA B 611 -29.65 -10.07 -25.98
CA ALA B 611 -29.18 -9.00 -25.10
C ALA B 611 -28.40 -8.00 -25.94
N ASP B 612 -28.94 -6.79 -26.08
CA ASP B 612 -28.41 -5.78 -27.00
C ASP B 612 -27.56 -4.69 -26.34
N GLY B 613 -27.35 -4.74 -25.03
CA GLY B 613 -26.50 -3.75 -24.38
C GLY B 613 -26.82 -3.66 -22.89
N TYR B 614 -26.31 -2.58 -22.27
CA TYR B 614 -26.62 -2.25 -20.89
C TYR B 614 -27.39 -0.95 -20.77
N CYS B 615 -28.23 -0.88 -19.76
CA CYS B 615 -29.09 0.28 -19.52
C CYS B 615 -28.48 1.10 -18.40
N ARG B 616 -28.32 2.40 -18.65
CA ARG B 616 -27.71 3.28 -17.67
C ARG B 616 -28.54 3.34 -16.40
N GLY B 617 -27.84 3.54 -15.30
CA GLY B 617 -28.47 3.61 -13.99
C GLY B 617 -27.73 4.60 -13.13
N GLU B 618 -28.40 4.99 -12.05
CA GLU B 618 -27.85 5.92 -11.08
C GLU B 618 -27.77 5.28 -9.71
N ALA B 619 -26.70 5.60 -8.99
CA ALA B 619 -26.53 5.05 -7.66
C ALA B 619 -25.59 5.98 -6.91
N VAL B 620 -25.74 5.99 -5.59
CA VAL B 620 -24.85 6.71 -4.68
C VAL B 620 -24.70 5.84 -3.45
N VAL B 621 -23.46 5.51 -3.08
CA VAL B 621 -23.16 4.63 -1.96
C VAL B 621 -21.98 5.23 -1.21
N THR B 622 -22.01 5.08 0.11
CA THR B 622 -20.85 5.25 0.94
C THR B 622 -20.86 4.15 2.01
N LEU B 623 -19.70 3.55 2.22
CA LEU B 623 -19.44 2.47 3.17
C LEU B 623 -18.35 2.92 4.12
N ILE B 624 -18.26 2.21 5.25
CA ILE B 624 -17.22 2.43 6.23
C ILE B 624 -16.44 1.14 6.36
N LEU B 625 -15.14 1.26 6.21
CA LEU B 625 -14.20 0.17 6.23
C LEU B 625 -13.19 0.40 7.34
N LYS B 626 -12.78 -0.68 7.96
CA LYS B 626 -11.86 -0.57 9.08
C LYS B 626 -11.12 -1.88 9.16
N ARG B 627 -9.93 -1.78 9.68
CA ARG B 627 -9.18 -2.97 10.01
C ARG B 627 -9.97 -3.72 11.09
N LEU B 628 -10.11 -5.03 10.90
CA LEU B 628 -10.80 -5.87 11.88
C LEU B 628 -10.28 -5.75 13.31
N PRO B 629 -8.98 -5.54 13.57
CA PRO B 629 -8.55 -5.32 14.95
C PRO B 629 -9.18 -4.09 15.57
N ASP B 630 -9.16 -3.00 14.82
CA ASP B 630 -9.78 -1.76 15.28
C ASP B 630 -11.29 -1.93 15.34
N ALA B 631 -11.87 -2.61 14.35
CA ALA B 631 -13.31 -2.83 14.31
C ALA B 631 -13.78 -3.55 15.57
N GLN B 632 -13.17 -4.69 15.89
CA GLN B 632 -13.59 -5.43 17.07
C GLN B 632 -13.18 -4.72 18.35
N ALA B 633 -12.08 -3.97 18.31
CA ALA B 633 -11.66 -3.22 19.50
C ALA B 633 -12.70 -2.17 19.89
N ASP B 634 -13.27 -1.47 18.91
CA ASP B 634 -14.26 -0.44 19.17
C ASP B 634 -15.68 -0.98 19.29
N LYS B 635 -15.88 -2.30 19.25
CA LYS B 635 -17.21 -2.91 19.30
C LYS B 635 -18.13 -2.33 18.23
N ASP B 636 -17.57 -2.12 17.05
CA ASP B 636 -18.33 -1.64 15.91
C ASP B 636 -19.14 -2.77 15.30
N PRO B 637 -20.25 -2.47 14.61
CA PRO B 637 -20.94 -3.54 13.89
C PRO B 637 -20.13 -3.92 12.67
N ILE B 638 -20.26 -5.19 12.30
CA ILE B 638 -19.53 -5.78 11.18
C ILE B 638 -20.57 -6.59 10.44
N GLN B 639 -20.88 -6.19 9.21
CA GLN B 639 -21.83 -6.92 8.41
C GLN B 639 -21.12 -8.02 7.63
N ALA B 640 -19.90 -7.76 7.19
CA ALA B 640 -19.12 -8.77 6.49
C ALA B 640 -17.66 -8.34 6.56
N SER B 641 -16.76 -9.09 5.90
CA SER B 641 -15.34 -8.77 5.86
C SER B 641 -14.72 -9.08 4.51
N ILE B 642 -13.93 -8.14 3.99
CA ILE B 642 -13.31 -8.29 2.68
C ILE B 642 -11.98 -8.98 2.91
N LEU B 643 -11.81 -10.15 2.31
CA LEU B 643 -10.50 -10.78 2.35
C LEU B 643 -9.53 -10.07 1.42
N GLY B 644 -9.89 -9.89 0.16
CA GLY B 644 -8.97 -9.22 -0.73
C GLY B 644 -9.64 -8.77 -2.01
N ILE B 645 -8.80 -8.35 -2.94
CA ILE B 645 -9.26 -7.61 -4.12
C ILE B 645 -8.04 -7.40 -5.00
N ALA B 646 -8.25 -7.22 -6.29
CA ALA B 646 -7.13 -7.16 -7.23
C ALA B 646 -7.58 -6.46 -8.49
N THR B 647 -6.59 -6.06 -9.29
CA THR B 647 -6.86 -5.34 -10.53
C THR B 647 -5.81 -5.69 -11.57
N ASN B 648 -6.26 -5.91 -12.80
CA ASN B 648 -5.35 -6.03 -13.93
C ASN B 648 -6.01 -5.25 -15.05
N HIS B 649 -5.48 -5.35 -16.28
CA HIS B 649 -6.02 -4.68 -17.44
C HIS B 649 -6.08 -5.65 -18.60
N SER B 650 -7.10 -5.51 -19.47
CA SER B 650 -7.22 -6.47 -20.56
C SER B 650 -6.40 -5.81 -21.68
N ALA B 651 -5.14 -6.22 -21.75
CA ALA B 651 -4.22 -5.72 -22.77
C ALA B 651 -4.32 -6.51 -24.06
N GLU B 652 -4.67 -7.78 -23.96
CA GLU B 652 -4.72 -8.68 -25.09
C GLU B 652 -6.00 -8.55 -25.89
N ALA B 653 -6.82 -7.55 -25.60
CA ALA B 653 -8.06 -7.39 -26.31
C ALA B 653 -7.83 -7.03 -27.75
N ALA B 654 -8.68 -7.58 -28.62
CA ALA B 654 -8.87 -7.06 -29.96
C ALA B 654 -9.07 -5.56 -29.85
N SER B 655 -10.19 -5.14 -29.27
CA SER B 655 -10.64 -3.77 -29.31
C SER B 655 -10.54 -3.12 -27.94
N ILE B 656 -10.51 -1.79 -27.96
CA ILE B 656 -10.61 -1.00 -26.73
C ILE B 656 -11.96 -1.20 -26.04
N THR B 657 -12.97 -1.69 -26.77
CA THR B 657 -14.35 -1.74 -26.28
C THR B 657 -14.63 -2.92 -25.36
N ARG B 658 -14.25 -4.14 -25.75
CA ARG B 658 -14.65 -5.35 -25.02
C ARG B 658 -13.51 -6.00 -24.23
N PRO B 659 -13.55 -6.00 -22.90
CA PRO B 659 -12.65 -6.84 -22.11
C PRO B 659 -12.87 -8.32 -22.41
N HIS B 660 -11.76 -9.08 -22.49
CA HIS B 660 -11.80 -10.50 -22.82
C HIS B 660 -11.48 -11.39 -21.63
N ALA B 661 -11.93 -12.65 -21.78
CA ALA B 661 -12.10 -13.57 -20.67
C ALA B 661 -10.78 -14.10 -20.09
N GLY B 662 -9.70 -14.14 -20.88
CA GLY B 662 -8.44 -14.67 -20.36
C GLY B 662 -7.91 -13.88 -19.18
N ALA B 663 -7.88 -12.56 -19.33
CA ALA B 663 -7.41 -11.69 -18.25
C ALA B 663 -8.35 -11.81 -17.06
N GLN B 664 -9.65 -11.95 -17.33
CA GLN B 664 -10.63 -11.97 -16.26
C GLN B 664 -10.44 -13.23 -15.43
N GLN B 665 -10.24 -14.37 -16.10
CA GLN B 665 -10.05 -15.64 -15.39
C GLN B 665 -8.78 -15.58 -14.54
N ASP B 666 -7.68 -15.11 -15.16
CA ASP B 666 -6.43 -14.96 -14.42
C ASP B 666 -6.59 -14.04 -13.22
N LEU B 667 -7.49 -13.06 -13.31
CA LEU B 667 -7.77 -12.17 -12.20
C LEU B 667 -8.64 -12.84 -11.14
N PHE B 668 -9.57 -13.70 -11.55
CA PHE B 668 -10.37 -14.42 -10.57
C PHE B 668 -9.49 -15.33 -9.72
N GLN B 669 -8.67 -16.16 -10.36
CA GLN B 669 -7.73 -16.95 -9.57
C GLN B 669 -6.73 -16.05 -8.85
N GLN B 670 -6.49 -14.83 -9.36
CA GLN B 670 -5.56 -13.93 -8.67
C GLN B 670 -6.11 -13.57 -7.29
N VAL B 671 -7.40 -13.20 -7.23
CA VAL B 671 -8.00 -12.91 -5.94
C VAL B 671 -8.22 -14.18 -5.11
N LEU B 672 -8.48 -15.32 -5.75
CA LEU B 672 -8.59 -16.55 -4.95
C LEU B 672 -7.27 -16.92 -4.30
N THR B 673 -6.14 -16.55 -4.90
CA THR B 673 -4.85 -16.74 -4.25
C THR B 673 -4.63 -15.70 -3.16
N GLU B 674 -4.67 -14.41 -3.53
CA GLU B 674 -4.47 -13.30 -2.60
C GLU B 674 -5.34 -13.44 -1.35
N THR B 675 -6.56 -13.92 -1.51
CA THR B 675 -7.48 -14.19 -0.42
C THR B 675 -7.23 -15.54 0.19
N GLY B 676 -6.92 -16.53 -0.63
CA GLY B 676 -6.44 -17.79 -0.17
C GLY B 676 -7.36 -18.99 -0.17
N LEU B 677 -8.40 -19.01 -1.00
CA LEU B 677 -9.37 -20.10 -1.03
C LEU B 677 -9.37 -20.81 -2.37
N THR B 678 -10.22 -21.81 -2.46
CA THR B 678 -10.47 -22.62 -3.64
C THR B 678 -11.93 -22.47 -4.07
N ALA B 679 -12.22 -23.08 -5.22
CA ALA B 679 -13.53 -22.97 -5.86
C ALA B 679 -14.68 -23.39 -4.94
N ASN B 680 -14.53 -24.52 -4.25
CA ASN B 680 -15.57 -25.06 -3.38
C ASN B 680 -16.01 -24.10 -2.28
N ASP B 681 -15.13 -23.21 -1.84
CA ASP B 681 -15.47 -22.31 -0.75
C ASP B 681 -16.40 -21.19 -1.18
N ILE B 682 -16.30 -20.70 -2.43
CA ILE B 682 -17.21 -19.67 -2.92
C ILE B 682 -18.53 -20.33 -3.32
N SER B 683 -19.61 -19.96 -2.63
CA SER B 683 -20.95 -20.47 -2.92
C SER B 683 -21.83 -19.55 -3.79
N VAL B 684 -21.44 -18.30 -4.02
CA VAL B 684 -22.20 -17.36 -4.83
C VAL B 684 -21.20 -16.44 -5.51
N CYS B 685 -21.51 -16.02 -6.73
CA CYS B 685 -20.69 -15.09 -7.50
C CYS B 685 -21.53 -13.95 -8.03
N GLU B 686 -21.23 -12.72 -7.62
CA GLU B 686 -21.87 -11.53 -8.21
C GLU B 686 -21.02 -11.07 -9.38
N MET B 687 -21.54 -11.32 -10.57
CA MET B 687 -20.89 -11.09 -11.84
C MET B 687 -21.10 -9.64 -12.28
N HIS B 688 -20.25 -9.16 -13.20
CA HIS B 688 -20.49 -7.87 -13.82
C HIS B 688 -21.19 -8.18 -15.14
N GLY B 689 -22.52 -8.32 -15.07
CA GLY B 689 -23.29 -8.60 -16.25
C GLY B 689 -23.87 -7.36 -16.89
N THR B 690 -23.44 -7.02 -18.10
CA THR B 690 -23.88 -5.79 -18.75
C THR B 690 -24.93 -6.06 -19.83
N GLY B 691 -25.49 -7.27 -19.85
CA GLY B 691 -26.51 -7.64 -20.80
C GLY B 691 -25.93 -7.68 -22.20
N THR B 692 -24.79 -8.33 -22.38
CA THR B 692 -24.17 -8.53 -23.68
C THR B 692 -23.96 -10.02 -23.90
N GLN B 693 -24.30 -10.51 -25.09
CA GLN B 693 -24.12 -11.93 -25.39
C GLN B 693 -22.65 -12.33 -25.24
N ALA B 694 -21.75 -11.53 -25.83
CA ALA B 694 -20.31 -11.76 -25.74
C ALA B 694 -19.79 -11.56 -24.31
N GLY B 695 -20.18 -10.47 -23.66
CA GLY B 695 -19.68 -10.19 -22.31
C GLY B 695 -20.17 -11.24 -21.34
N ASP B 696 -21.45 -11.56 -21.40
CA ASP B 696 -22.03 -12.50 -20.45
C ASP B 696 -21.45 -13.89 -20.65
N SER B 697 -21.38 -14.34 -21.91
CA SER B 697 -20.81 -15.67 -22.17
C SER B 697 -19.33 -15.73 -21.79
N GLY B 698 -18.57 -14.69 -22.11
CA GLY B 698 -17.15 -14.66 -21.77
C GLY B 698 -16.93 -14.71 -20.28
N GLU B 699 -17.59 -13.81 -19.55
CA GLU B 699 -17.44 -13.76 -18.10
C GLU B 699 -17.94 -15.04 -17.44
N THR B 700 -19.08 -15.59 -17.87
CA THR B 700 -19.53 -16.85 -17.29
C THR B 700 -18.50 -17.93 -17.51
N THR B 701 -17.89 -17.97 -18.69
CA THR B 701 -16.92 -19.02 -18.95
C THR B 701 -15.75 -18.85 -18.00
N SER B 702 -15.31 -17.61 -17.76
CA SER B 702 -14.20 -17.39 -16.84
C SER B 702 -14.60 -17.78 -15.41
N VAL B 703 -15.85 -17.50 -15.03
CA VAL B 703 -16.31 -17.79 -13.68
C VAL B 703 -16.41 -19.29 -13.46
N VAL B 704 -17.04 -20.02 -14.37
CA VAL B 704 -17.20 -21.45 -14.12
C VAL B 704 -15.85 -22.15 -14.21
N GLU B 705 -15.01 -21.74 -15.17
CA GLU B 705 -13.70 -22.37 -15.29
C GLU B 705 -12.86 -22.13 -14.04
N THR B 706 -13.00 -20.96 -13.41
CA THR B 706 -12.35 -20.74 -12.12
C THR B 706 -13.01 -21.54 -11.00
N LEU B 707 -14.32 -21.33 -10.82
CA LEU B 707 -15.03 -21.68 -9.60
C LEU B 707 -15.89 -22.93 -9.72
N ALA B 708 -16.05 -23.50 -10.92
CA ALA B 708 -16.81 -24.74 -11.09
C ALA B 708 -16.16 -25.65 -12.11
N PRO B 709 -14.90 -26.04 -11.93
CA PRO B 709 -14.24 -26.80 -12.99
C PRO B 709 -14.81 -28.20 -13.09
N LEU B 710 -14.36 -28.90 -14.13
CA LEU B 710 -14.65 -30.32 -14.33
C LEU B 710 -13.33 -31.05 -14.39
N ASN B 711 -13.27 -32.18 -13.69
CA ASN B 711 -12.06 -32.98 -13.67
C ASN B 711 -11.84 -33.58 -15.06
N ARG B 712 -10.64 -34.14 -15.25
CA ARG B 712 -10.33 -34.83 -16.51
C ARG B 712 -11.33 -35.94 -16.81
N SER B 713 -11.89 -36.59 -15.79
CA SER B 713 -12.90 -37.63 -16.04
C SER B 713 -14.18 -37.03 -16.61
N GLY B 714 -14.52 -35.80 -16.25
CA GLY B 714 -15.72 -35.12 -16.73
C GLY B 714 -16.74 -34.75 -15.67
N SER B 715 -16.59 -35.19 -14.42
CA SER B 715 -17.59 -34.89 -13.40
C SER B 715 -17.35 -33.48 -12.85
N ALA B 716 -18.24 -33.05 -11.95
CA ALA B 716 -18.12 -31.74 -11.34
C ALA B 716 -17.18 -31.79 -10.16
N VAL B 717 -16.30 -30.78 -10.07
CA VAL B 717 -15.45 -30.63 -8.90
C VAL B 717 -16.26 -30.13 -7.70
N ARG B 718 -17.34 -29.38 -7.93
CA ARG B 718 -18.02 -28.73 -6.82
C ARG B 718 -18.88 -29.69 -5.99
N THR B 719 -18.72 -29.59 -4.67
CA THR B 719 -19.56 -30.30 -3.69
C THR B 719 -20.82 -29.55 -3.26
N THR B 720 -20.82 -28.20 -3.31
CA THR B 720 -21.95 -27.35 -2.94
C THR B 720 -22.43 -26.46 -4.09
N PRO B 721 -23.63 -25.87 -4.01
CA PRO B 721 -24.10 -25.05 -5.13
C PRO B 721 -23.60 -23.62 -5.27
N LEU B 722 -23.41 -23.24 -6.54
CA LEU B 722 -23.06 -21.90 -6.96
C LEU B 722 -24.32 -21.26 -7.50
N TYR B 723 -24.51 -20.00 -7.16
CA TYR B 723 -25.65 -19.22 -7.60
C TYR B 723 -25.06 -17.93 -8.13
N ILE B 724 -25.31 -17.63 -9.41
CA ILE B 724 -24.72 -16.49 -10.10
C ILE B 724 -25.84 -15.50 -10.41
N GLY B 725 -25.54 -14.22 -10.25
CA GLY B 725 -26.50 -13.19 -10.54
C GLY B 725 -25.82 -11.87 -10.83
N ALA B 726 -26.65 -10.93 -11.28
CA ALA B 726 -26.21 -9.59 -11.64
C ALA B 726 -27.25 -8.60 -11.15
N VAL B 727 -26.80 -7.62 -10.37
CA VAL B 727 -27.68 -6.59 -9.84
C VAL B 727 -28.17 -5.68 -10.94
N LYS B 728 -27.41 -5.55 -12.02
CA LYS B 728 -27.73 -4.64 -13.11
C LYS B 728 -29.02 -5.01 -13.83
N SER B 729 -29.45 -6.27 -13.76
CA SER B 729 -30.73 -6.62 -14.36
C SER B 729 -31.89 -5.93 -13.67
N ASN B 730 -31.72 -5.41 -12.45
CA ASN B 730 -32.76 -4.73 -11.70
C ASN B 730 -32.61 -3.22 -11.81
N VAL B 731 -31.57 -2.67 -11.18
CA VAL B 731 -31.39 -1.22 -11.06
C VAL B 731 -30.55 -0.64 -12.19
N GLY B 732 -30.23 -1.46 -13.20
CA GLY B 732 -29.53 -0.96 -14.35
C GLY B 732 -28.05 -0.86 -14.09
N HIS B 733 -27.35 -0.22 -15.02
CA HIS B 733 -25.90 -0.13 -14.99
C HIS B 733 -25.49 1.22 -14.40
N ALA B 734 -25.06 1.20 -13.13
CA ALA B 734 -24.65 2.39 -12.38
C ALA B 734 -23.27 2.95 -12.74
N GLU B 735 -22.50 2.33 -13.64
CA GLU B 735 -21.22 2.89 -14.12
C GLU B 735 -20.26 2.97 -12.94
N SER B 736 -19.81 4.17 -12.50
CA SER B 736 -18.87 4.25 -11.37
C SER B 736 -19.40 3.57 -10.13
N ALA B 737 -20.65 3.82 -9.80
CA ALA B 737 -21.30 3.23 -8.63
C ALA B 737 -21.73 1.78 -8.83
N ALA B 738 -21.37 1.16 -9.96
CA ALA B 738 -21.78 -0.20 -10.23
C ALA B 738 -21.21 -1.19 -9.22
N GLY B 739 -19.92 -1.04 -8.90
CA GLY B 739 -19.28 -1.96 -7.97
C GLY B 739 -19.92 -1.94 -6.61
N VAL B 740 -20.14 -0.73 -6.08
CA VAL B 740 -20.73 -0.57 -4.76
C VAL B 740 -22.17 -1.06 -4.76
N SER B 741 -22.88 -0.90 -5.88
CA SER B 741 -24.22 -1.47 -5.98
C SER B 741 -24.17 -2.99 -5.82
N SER B 742 -23.26 -3.64 -6.56
CA SER B 742 -23.06 -5.09 -6.40
C SER B 742 -22.72 -5.45 -4.95
N LEU B 743 -21.82 -4.68 -4.35
CA LEU B 743 -21.40 -4.95 -2.97
C LEU B 743 -22.56 -4.76 -2.03
N ALA B 744 -23.36 -3.71 -2.30
CA ALA B 744 -24.56 -3.40 -1.53
C ALA B 744 -25.50 -4.58 -1.54
N LYS B 745 -25.67 -5.17 -2.73
CA LYS B 745 -26.50 -6.34 -2.92
C LYS B 745 -26.03 -7.44 -1.99
N ILE B 746 -24.73 -7.72 -1.98
CA ILE B 746 -24.27 -8.84 -1.16
C ILE B 746 -24.44 -8.53 0.33
N LEU B 747 -24.24 -7.29 0.76
CA LEU B 747 -24.40 -7.01 2.19
C LEU B 747 -25.82 -7.30 2.66
N LEU B 748 -26.82 -7.02 1.80
CA LEU B 748 -28.18 -7.35 2.19
C LEU B 748 -28.46 -8.84 2.06
N MET B 749 -27.96 -9.48 0.99
CA MET B 749 -28.13 -10.92 0.80
C MET B 749 -27.59 -11.68 2.00
N LEU B 750 -26.44 -11.24 2.51
CA LEU B 750 -25.87 -11.82 3.72
C LEU B 750 -26.77 -11.58 4.92
N LYS B 751 -27.27 -10.34 5.06
CA LYS B 751 -28.12 -10.01 6.19
C LYS B 751 -29.37 -10.90 6.24
N HIS B 752 -30.11 -10.98 5.13
CA HIS B 752 -31.38 -11.72 5.10
C HIS B 752 -31.24 -13.20 4.73
N SER B 753 -30.03 -13.69 4.42
CA SER B 753 -29.78 -15.10 4.12
C SER B 753 -30.71 -15.62 3.02
N LYS B 754 -30.76 -14.90 1.91
CA LYS B 754 -31.58 -15.30 0.76
C LYS B 754 -30.93 -14.77 -0.50
N ILE B 755 -31.17 -15.49 -1.60
CA ILE B 755 -30.71 -15.08 -2.92
C ILE B 755 -31.91 -14.58 -3.73
N PRO B 756 -31.95 -13.32 -4.16
CA PRO B 756 -33.16 -12.84 -4.83
C PRO B 756 -33.27 -13.42 -6.23
N PRO B 757 -34.44 -13.35 -6.85
CA PRO B 757 -34.61 -13.92 -8.18
C PRO B 757 -33.83 -13.14 -9.23
N HIS B 758 -33.52 -13.83 -10.33
CA HIS B 758 -32.81 -13.25 -11.46
C HIS B 758 -33.77 -12.98 -12.61
N VAL B 759 -34.01 -11.70 -12.90
CA VAL B 759 -34.98 -11.26 -13.89
C VAL B 759 -34.33 -10.97 -15.24
N GLY B 760 -33.01 -11.10 -15.36
CA GLY B 760 -32.33 -10.78 -16.61
C GLY B 760 -32.77 -11.64 -17.77
N ILE B 761 -33.25 -12.86 -17.51
CA ILE B 761 -33.67 -13.77 -18.57
C ILE B 761 -35.16 -13.51 -18.76
N LYS B 762 -35.49 -12.80 -19.84
CA LYS B 762 -36.87 -12.51 -20.21
C LYS B 762 -37.48 -13.60 -21.08
N THR B 763 -36.68 -14.18 -21.99
CA THR B 763 -37.19 -15.11 -23.00
C THR B 763 -36.48 -16.45 -22.93
N LYS B 764 -35.21 -16.53 -23.32
CA LYS B 764 -34.47 -17.79 -23.40
C LYS B 764 -33.06 -17.57 -22.89
N LEU B 765 -32.52 -18.62 -22.26
CA LEU B 765 -31.15 -18.58 -21.75
C LEU B 765 -30.18 -18.43 -22.91
N ASN B 766 -29.07 -17.73 -22.64
CA ASN B 766 -28.02 -17.59 -23.63
C ASN B 766 -27.48 -18.97 -24.00
N HIS B 767 -27.53 -19.27 -25.30
CA HIS B 767 -27.12 -20.57 -25.84
C HIS B 767 -25.61 -20.73 -25.88
N ARG B 768 -24.86 -19.64 -25.76
CA ARG B 768 -23.41 -19.70 -25.79
C ARG B 768 -22.80 -20.15 -24.47
N LEU B 769 -23.56 -20.07 -23.38
CA LEU B 769 -23.02 -20.44 -22.08
C LEU B 769 -22.69 -21.93 -22.02
N PRO B 770 -21.76 -22.33 -21.15
CA PRO B 770 -21.54 -23.76 -20.92
C PRO B 770 -22.70 -24.32 -20.12
N ASP B 771 -22.78 -25.65 -20.07
CA ASP B 771 -23.84 -26.27 -19.28
C ASP B 771 -23.56 -25.96 -17.82
N LEU B 772 -24.48 -25.23 -17.19
CA LEU B 772 -24.23 -24.80 -15.82
C LEU B 772 -24.56 -25.92 -14.85
N ALA B 773 -25.63 -26.66 -15.13
CA ALA B 773 -26.07 -27.72 -14.22
C ALA B 773 -25.00 -28.80 -14.09
N ALA B 774 -24.33 -29.12 -15.22
CA ALA B 774 -23.27 -30.12 -15.18
C ALA B 774 -22.10 -29.71 -14.29
N ARG B 775 -21.84 -28.41 -14.13
CA ARG B 775 -20.76 -27.95 -13.27
C ARG B 775 -21.27 -27.44 -11.95
N ASN B 776 -22.59 -27.50 -11.72
CA ASN B 776 -23.21 -26.99 -10.49
C ASN B 776 -23.06 -25.47 -10.45
N THR B 777 -23.33 -24.82 -11.59
CA THR B 777 -23.76 -23.44 -11.59
C THR B 777 -25.27 -23.40 -11.80
N HIS B 778 -25.91 -22.40 -11.20
CA HIS B 778 -27.36 -22.24 -11.21
C HIS B 778 -27.67 -20.76 -11.30
N ILE B 779 -28.76 -20.43 -11.99
CA ILE B 779 -29.37 -19.10 -12.00
C ILE B 779 -30.69 -19.17 -11.26
N ALA B 780 -30.76 -18.59 -10.07
CA ALA B 780 -31.95 -18.76 -9.27
C ALA B 780 -33.03 -17.88 -9.90
N ARG B 781 -34.11 -18.51 -10.34
CA ARG B 781 -35.26 -17.79 -10.89
C ARG B 781 -36.22 -17.32 -9.81
N SER B 782 -36.34 -18.10 -8.75
CA SER B 782 -37.12 -17.76 -7.56
C SER B 782 -36.20 -17.89 -6.36
N GLU B 783 -36.56 -17.20 -5.28
CA GLU B 783 -35.67 -17.11 -4.11
C GLU B 783 -35.39 -18.50 -3.57
N VAL B 784 -34.20 -18.68 -3.00
CA VAL B 784 -33.73 -19.99 -2.52
C VAL B 784 -33.21 -19.83 -1.08
N PRO B 785 -33.45 -20.76 -0.16
CA PRO B 785 -32.83 -20.64 1.16
C PRO B 785 -31.32 -20.79 1.04
N TRP B 786 -30.60 -19.87 1.66
CA TRP B 786 -29.14 -19.85 1.65
C TRP B 786 -28.71 -19.57 3.08
N PRO B 787 -28.77 -20.57 3.97
CA PRO B 787 -28.34 -20.38 5.37
C PRO B 787 -26.84 -20.55 5.63
N ARG B 788 -26.41 -19.95 6.75
CA ARG B 788 -25.01 -19.92 7.16
C ARG B 788 -24.59 -21.29 7.71
N PRO B 789 -23.53 -21.92 7.19
CA PRO B 789 -23.11 -23.21 7.77
C PRO B 789 -22.66 -23.06 9.21
N LYS B 790 -23.04 -24.05 10.02
CA LYS B 790 -22.74 -24.04 11.45
C LYS B 790 -21.24 -24.03 11.68
N ASN B 791 -20.78 -23.05 12.45
CA ASN B 791 -19.34 -22.85 12.71
C ASN B 791 -18.57 -22.74 11.41
N GLY B 792 -19.14 -22.00 10.47
CA GLY B 792 -18.58 -21.81 9.15
C GLY B 792 -18.98 -20.43 8.66
N LYS B 793 -18.50 -20.10 7.47
CA LYS B 793 -18.74 -18.79 6.90
C LYS B 793 -19.02 -18.91 5.41
N ARG B 794 -20.03 -18.16 4.98
CA ARG B 794 -20.38 -18.07 3.57
C ARG B 794 -19.49 -17.05 2.90
N ARG B 795 -18.98 -17.41 1.72
CA ARG B 795 -18.08 -16.59 0.93
C ARG B 795 -18.48 -16.39 -0.52
N VAL B 796 -18.25 -15.18 -1.03
CA VAL B 796 -18.76 -14.69 -2.31
C VAL B 796 -17.61 -14.06 -3.10
N LEU B 797 -17.68 -14.18 -4.43
CA LEU B 797 -16.81 -13.51 -5.41
C LEU B 797 -17.61 -12.41 -6.08
N LEU B 798 -17.06 -11.19 -6.12
CA LEU B 798 -17.74 -10.04 -6.69
C LEU B 798 -16.90 -9.41 -7.79
N ASN B 799 -17.60 -8.86 -8.79
CA ASN B 799 -17.01 -8.27 -9.99
C ASN B 799 -17.62 -6.90 -10.28
N ASN B 800 -16.81 -6.07 -10.94
CA ASN B 800 -17.24 -4.89 -11.66
C ASN B 800 -16.05 -4.59 -12.55
N PHE B 801 -16.31 -4.39 -13.83
CA PHE B 801 -15.27 -4.25 -14.85
C PHE B 801 -15.55 -2.95 -15.58
N SER B 802 -14.58 -2.54 -16.39
CA SER B 802 -14.68 -1.32 -17.17
C SER B 802 -14.36 -1.48 -18.63
N ALA B 803 -15.02 -0.64 -19.45
CA ALA B 803 -14.73 -0.58 -20.88
C ALA B 803 -13.27 -0.17 -21.09
N ALA B 804 -12.66 0.52 -20.11
CA ALA B 804 -11.27 0.94 -20.08
C ALA B 804 -10.35 -0.19 -19.67
N GLY B 805 -10.90 -1.40 -19.51
CA GLY B 805 -10.11 -2.60 -19.51
C GLY B 805 -9.61 -3.00 -18.15
N GLY B 806 -9.50 -2.05 -17.24
CA GLY B 806 -9.23 -2.39 -15.87
C GLY B 806 -10.35 -3.27 -15.36
N ASN B 807 -10.02 -4.50 -14.99
CA ASN B 807 -10.96 -5.42 -14.38
C ASN B 807 -10.64 -5.44 -12.90
N THR B 808 -11.67 -5.48 -12.06
CA THR B 808 -11.50 -5.52 -10.61
C THR B 808 -12.50 -6.48 -9.99
N CYS B 809 -12.06 -7.22 -8.99
CA CYS B 809 -12.92 -8.16 -8.28
C CYS B 809 -12.39 -8.37 -6.87
N LEU B 810 -13.28 -8.80 -5.97
CA LEU B 810 -12.96 -9.03 -4.58
C LEU B 810 -13.67 -10.30 -4.13
N VAL B 811 -13.30 -10.79 -2.95
CA VAL B 811 -13.93 -11.93 -2.31
C VAL B 811 -14.40 -11.45 -0.94
N LEU B 812 -15.67 -11.70 -0.65
CA LEU B 812 -16.30 -11.27 0.59
C LEU B 812 -16.69 -12.48 1.44
N GLU B 813 -16.52 -12.34 2.76
CA GLU B 813 -16.71 -13.39 3.75
C GLU B 813 -17.62 -12.90 4.86
N ASP B 814 -18.37 -13.82 5.46
CA ASP B 814 -19.24 -13.49 6.58
C ASP B 814 -18.45 -12.91 7.74
N ALA B 815 -19.15 -12.12 8.54
CA ALA B 815 -18.56 -11.40 9.65
C ALA B 815 -18.23 -12.37 10.77
N PRO B 816 -17.47 -11.92 11.78
CA PRO B 816 -17.17 -12.82 12.91
C PRO B 816 -18.44 -13.21 13.65
N GLU B 817 -18.29 -14.14 14.59
CA GLU B 817 -19.44 -14.56 15.40
C GLU B 817 -19.63 -13.49 16.48
N PRO B 818 -20.79 -12.83 16.58
CA PRO B 818 -20.96 -11.88 17.67
C PRO B 818 -20.89 -12.56 19.03
N GLU B 819 -20.02 -12.04 19.88
CA GLU B 819 -19.83 -12.63 21.20
C GLU B 819 -21.09 -12.45 22.02
N ASP B 820 -21.46 -13.49 22.77
CA ASP B 820 -22.66 -13.47 23.58
C ASP B 820 -22.29 -12.93 24.95
N SER B 821 -22.77 -11.74 25.27
CA SER B 821 -22.48 -11.09 26.54
C SER B 821 -23.59 -11.47 27.50
N GLN B 822 -23.28 -12.31 28.47
CA GLN B 822 -24.25 -12.75 29.46
C GLN B 822 -24.40 -11.77 30.61
N GLU B 823 -23.50 -10.80 30.76
CA GLU B 823 -23.63 -9.82 31.82
C GLU B 823 -24.81 -8.91 31.50
N VAL B 824 -25.79 -8.90 32.39
CA VAL B 824 -26.98 -8.07 32.27
C VAL B 824 -26.66 -6.74 32.95
N ASP B 825 -27.22 -5.67 32.42
CA ASP B 825 -27.05 -4.35 33.01
C ASP B 825 -27.77 -4.31 34.36
N PRO B 826 -27.07 -4.16 35.50
CA PRO B 826 -27.81 -4.00 36.78
C PRO B 826 -28.48 -2.66 36.95
N ARG B 827 -28.10 -1.64 36.18
CA ARG B 827 -28.70 -0.32 36.31
C ARG B 827 -30.19 -0.39 35.99
N GLU B 828 -31.01 0.21 36.85
CA GLU B 828 -32.45 0.15 36.66
C GLU B 828 -32.95 1.19 35.66
N HIS B 829 -32.44 2.41 35.75
CA HIS B 829 -32.90 3.53 34.93
C HIS B 829 -31.87 3.82 33.85
N HIS B 830 -32.33 4.11 32.64
CA HIS B 830 -31.44 4.41 31.54
C HIS B 830 -31.84 5.73 30.91
N ILE B 831 -30.95 6.28 30.07
CA ILE B 831 -31.13 7.59 29.45
C ILE B 831 -30.94 7.46 27.94
N VAL B 832 -31.84 8.06 27.17
CA VAL B 832 -31.78 8.04 25.71
C VAL B 832 -31.64 9.49 25.26
N ALA B 833 -30.68 9.74 24.36
CA ALA B 833 -30.30 11.08 23.92
C ALA B 833 -30.60 11.24 22.44
N LEU B 834 -31.43 12.22 22.09
CA LEU B 834 -31.71 12.59 20.70
C LEU B 834 -31.26 14.02 20.45
N SER B 835 -30.74 14.27 19.24
CA SER B 835 -30.26 15.59 18.86
C SER B 835 -30.54 15.88 17.39
N ALA B 836 -30.55 17.17 17.04
CA ALA B 836 -30.77 17.60 15.67
C ALA B 836 -30.28 19.04 15.51
N LYS B 837 -30.11 19.45 14.25
CA LYS B 837 -29.70 20.82 13.92
C LYS B 837 -30.84 21.76 13.57
N THR B 838 -32.06 21.25 13.39
CA THR B 838 -33.22 22.08 13.04
C THR B 838 -34.43 21.56 13.83
N PRO B 839 -35.36 22.45 14.27
CA PRO B 839 -36.58 21.94 14.94
C PRO B 839 -37.38 20.90 14.16
N ASP B 840 -37.48 21.07 12.84
CA ASP B 840 -38.16 20.08 12.01
C ASP B 840 -37.44 18.75 12.07
N SER B 841 -36.12 18.76 11.88
CA SER B 841 -35.31 17.56 11.95
C SER B 841 -35.49 16.86 13.29
N MET B 842 -35.60 17.65 14.36
CA MET B 842 -35.89 17.10 15.68
C MET B 842 -37.23 16.38 15.71
N VAL B 843 -38.28 17.01 15.16
CA VAL B 843 -39.59 16.36 15.05
C VAL B 843 -39.49 15.04 14.28
N ASN B 844 -38.72 15.04 13.19
CA ASN B 844 -38.53 13.82 12.40
C ASN B 844 -37.86 12.73 13.24
N ASN B 845 -36.76 13.07 13.92
CA ASN B 845 -36.01 12.09 14.70
C ASN B 845 -36.86 11.52 15.83
N LEU B 846 -37.63 12.37 16.51
CA LEU B 846 -38.56 11.91 17.54
C LEU B 846 -39.56 10.92 16.98
N THR B 847 -40.27 11.29 15.89
CA THR B 847 -41.25 10.39 15.30
C THR B 847 -40.61 9.06 14.92
N ASN B 848 -39.46 9.11 14.23
CA ASN B 848 -38.81 7.89 13.75
C ASN B 848 -38.38 7.02 14.93
N MET B 849 -37.94 7.64 16.03
CA MET B 849 -37.54 6.86 17.19
C MET B 849 -38.75 6.20 17.83
N ILE B 850 -39.89 6.89 17.87
CA ILE B 850 -41.10 6.30 18.46
C ILE B 850 -41.52 5.10 17.64
N THR B 851 -41.57 5.25 16.32
CA THR B 851 -41.93 4.13 15.46
C THR B 851 -40.94 2.98 15.64
N TRP B 852 -39.66 3.29 15.87
CA TRP B 852 -38.67 2.25 16.10
C TRP B 852 -38.94 1.50 17.39
N ILE B 853 -39.31 2.22 18.45
CA ILE B 853 -39.59 1.55 19.72
C ILE B 853 -40.83 0.67 19.56
N ASP B 854 -41.82 1.14 18.79
CA ASP B 854 -43.00 0.32 18.54
C ASP B 854 -42.65 -0.95 17.79
N LYS B 855 -41.63 -0.91 16.93
CA LYS B 855 -41.18 -2.11 16.25
C LYS B 855 -40.59 -3.12 17.23
N HIS B 856 -39.60 -2.68 18.01
CA HIS B 856 -38.79 -3.52 18.89
C HIS B 856 -39.27 -3.58 20.34
N SER B 857 -40.48 -3.07 20.64
CA SER B 857 -40.98 -2.94 22.01
C SER B 857 -40.82 -4.19 22.87
N GLY B 858 -41.13 -5.37 22.33
CA GLY B 858 -41.10 -6.62 23.07
C GLY B 858 -39.99 -7.59 22.75
N ASP B 859 -38.99 -7.20 21.96
CA ASP B 859 -37.95 -8.13 21.54
C ASP B 859 -37.08 -8.63 22.69
N SER B 860 -36.46 -7.71 23.44
CA SER B 860 -35.52 -8.12 24.47
C SER B 860 -35.38 -7.03 25.54
N LEU B 861 -34.89 -7.46 26.70
CA LEU B 861 -34.58 -6.56 27.81
C LEU B 861 -33.27 -5.83 27.61
N ALA B 862 -32.28 -6.47 26.97
CA ALA B 862 -31.02 -5.79 26.70
C ALA B 862 -31.14 -4.68 25.67
N THR B 863 -32.30 -4.51 25.03
CA THR B 863 -32.47 -3.48 24.01
C THR B 863 -32.31 -2.09 24.61
N LEU B 864 -32.81 -1.85 25.83
CA LEU B 864 -32.78 -0.49 26.36
C LEU B 864 -31.36 -0.05 26.75
N PRO B 865 -30.54 -0.86 27.45
CA PRO B 865 -29.15 -0.42 27.67
C PRO B 865 -28.38 -0.22 26.37
N GLN B 866 -28.59 -1.09 25.39
CA GLN B 866 -27.89 -0.95 24.13
C GLN B 866 -28.41 0.24 23.33
N LEU B 867 -29.68 0.61 23.56
CA LEU B 867 -30.21 1.83 22.96
C LEU B 867 -29.59 3.06 23.58
N SER B 868 -29.49 3.08 24.92
CA SER B 868 -28.82 4.20 25.58
C SER B 868 -27.37 4.35 25.13
N TYR B 869 -26.61 3.24 25.16
CA TYR B 869 -25.23 3.25 24.67
C TYR B 869 -25.13 3.73 23.24
N THR B 870 -26.04 3.26 22.38
CA THR B 870 -25.99 3.61 20.97
C THR B 870 -26.28 5.08 20.80
N THR B 871 -27.44 5.52 21.30
CA THR B 871 -27.91 6.89 21.10
C THR B 871 -27.02 7.93 21.78
N THR B 872 -26.22 7.51 22.77
CA THR B 872 -25.37 8.43 23.54
C THR B 872 -23.90 8.40 23.18
N ALA B 873 -23.21 7.28 23.45
CA ALA B 873 -21.76 7.27 23.26
C ALA B 873 -21.35 7.25 21.79
N ARG B 874 -22.16 6.66 20.91
CA ARG B 874 -21.83 6.48 19.51
C ARG B 874 -22.42 7.53 18.57
N ARG B 875 -23.03 8.59 19.11
CA ARG B 875 -23.69 9.62 18.33
C ARG B 875 -23.00 10.97 18.55
N VAL B 876 -23.00 11.81 17.49
CA VAL B 876 -22.61 13.19 17.66
C VAL B 876 -23.83 13.95 18.14
N HIS B 877 -23.58 14.95 18.98
CA HIS B 877 -24.62 15.72 19.67
C HIS B 877 -24.62 17.19 19.28
N HIS B 878 -25.68 17.61 18.58
CA HIS B 878 -25.80 18.96 18.05
C HIS B 878 -26.55 19.85 19.04
N ARG B 879 -26.89 21.08 18.62
CA ARG B 879 -27.40 22.07 19.58
C ARG B 879 -28.84 21.82 20.02
N HIS B 880 -29.75 21.43 19.13
CA HIS B 880 -31.08 21.02 19.58
C HIS B 880 -30.96 19.63 20.13
N ARG B 881 -31.61 19.41 21.27
CA ARG B 881 -31.44 18.16 22.02
C ARG B 881 -32.77 17.81 22.68
N ALA B 882 -32.97 16.52 22.86
CA ALA B 882 -34.10 15.97 23.60
C ALA B 882 -33.62 14.72 24.33
N VAL B 883 -34.29 14.41 25.45
CA VAL B 883 -33.89 13.30 26.31
C VAL B 883 -35.15 12.61 26.82
N ALA B 884 -35.02 11.33 27.12
CA ALA B 884 -36.02 10.52 27.78
C ALA B 884 -35.30 9.56 28.72
N THR B 885 -35.93 9.26 29.86
CA THR B 885 -35.33 8.39 30.86
C THR B 885 -36.40 7.48 31.45
N GLY B 886 -36.07 6.20 31.58
CA GLY B 886 -37.01 5.22 32.07
C GLY B 886 -36.34 3.89 32.34
N THR B 887 -37.10 3.00 32.98
CA THR B 887 -36.66 1.66 33.32
C THR B 887 -36.98 0.62 32.24
N ASP B 888 -37.84 0.96 31.28
CA ASP B 888 -38.18 0.09 30.16
C ASP B 888 -38.47 0.97 28.96
N LEU B 889 -38.57 0.33 27.79
CA LEU B 889 -38.76 1.05 26.54
C LEU B 889 -40.09 1.82 26.52
N LEU B 890 -41.13 1.28 27.17
CA LEU B 890 -42.43 1.95 27.17
C LEU B 890 -42.36 3.33 27.83
N GLN B 891 -41.65 3.46 28.95
CA GLN B 891 -41.52 4.76 29.59
C GLN B 891 -40.82 5.76 28.65
N ILE B 892 -39.79 5.28 27.96
CA ILE B 892 -39.05 6.13 27.02
C ILE B 892 -39.98 6.61 25.94
N ARG B 893 -40.81 5.71 25.42
CA ARG B 893 -41.75 6.07 24.38
C ARG B 893 -42.72 7.12 24.88
N SER B 894 -43.35 6.86 26.03
CA SER B 894 -44.31 7.80 26.61
C SER B 894 -43.72 9.20 26.78
N SER B 895 -42.46 9.28 27.21
CA SER B 895 -41.79 10.58 27.33
C SER B 895 -41.60 11.27 25.99
N LEU B 896 -41.01 10.55 25.03
CA LEU B 896 -40.76 11.12 23.71
C LEU B 896 -42.06 11.50 23.02
N GLN B 897 -43.11 10.70 23.19
CA GLN B 897 -44.42 11.00 22.64
C GLN B 897 -44.99 12.29 23.21
N GLU B 898 -44.98 12.45 24.54
CA GLU B 898 -45.46 13.69 25.15
C GLU B 898 -44.69 14.91 24.64
N GLN B 899 -43.36 14.81 24.60
CA GLN B 899 -42.59 15.97 24.18
C GLN B 899 -42.78 16.24 22.69
N LEU B 900 -42.95 15.19 21.89
CA LEU B 900 -43.27 15.36 20.47
C LEU B 900 -44.59 16.09 20.32
N ASP B 901 -45.59 15.72 21.14
CA ASP B 901 -46.88 16.39 21.08
C ASP B 901 -46.71 17.87 21.38
N ARG B 902 -45.79 18.22 22.29
CA ARG B 902 -45.62 19.63 22.60
C ARG B 902 -44.92 20.36 21.45
N ARG B 903 -43.97 19.71 20.78
CA ARG B 903 -43.32 20.36 19.64
C ARG B 903 -44.27 20.54 18.48
N VAL B 904 -45.11 19.54 18.18
CA VAL B 904 -46.05 19.67 17.07
C VAL B 904 -47.06 20.78 17.38
N SER B 905 -47.34 21.03 18.66
CA SER B 905 -48.33 22.00 19.09
C SER B 905 -47.86 23.44 18.98
N GLY B 906 -46.63 23.69 18.51
CA GLY B 906 -46.09 25.03 18.34
C GLY B 906 -44.97 25.42 19.29
N GLU B 907 -44.48 24.51 20.12
CA GLU B 907 -43.35 24.84 20.99
C GLU B 907 -42.11 25.10 20.13
N ARG B 908 -41.44 26.21 20.39
CA ARG B 908 -40.24 26.58 19.67
C ARG B 908 -39.02 25.95 20.33
N SER B 909 -38.14 25.37 19.52
CA SER B 909 -36.88 24.78 19.98
C SER B 909 -35.76 25.77 19.65
N ILE B 910 -35.21 26.37 20.69
CA ILE B 910 -34.13 27.36 20.58
C ILE B 910 -32.85 26.66 21.01
N PRO B 911 -31.74 26.78 20.26
CA PRO B 911 -30.50 26.14 20.74
C PRO B 911 -29.94 26.87 21.95
N HIS B 912 -29.30 26.09 22.82
CA HIS B 912 -28.68 26.63 24.03
C HIS B 912 -27.51 27.57 23.66
N PRO B 913 -27.09 28.45 24.58
CA PRO B 913 -25.97 29.34 24.27
C PRO B 913 -24.69 28.55 24.13
N PRO B 914 -23.62 29.14 23.55
CA PRO B 914 -22.37 28.38 23.44
C PRO B 914 -21.71 28.11 24.77
N ASN B 915 -21.84 29.01 25.75
CA ASN B 915 -21.13 28.84 27.02
C ASN B 915 -21.71 27.68 27.82
N GLY B 916 -23.03 27.66 28.00
CA GLY B 916 -23.70 26.64 28.78
C GLY B 916 -24.12 27.16 30.14
N PRO B 917 -24.73 26.30 30.96
CA PRO B 917 -25.20 26.75 32.27
C PRO B 917 -24.08 26.95 33.28
N SER B 918 -24.33 27.88 34.20
CA SER B 918 -23.39 28.27 35.26
C SER B 918 -23.65 27.45 36.52
N PHE B 919 -22.57 27.11 37.24
CA PHE B 919 -22.64 26.29 38.45
C PHE B 919 -21.91 26.79 39.67
N VAL B 920 -22.60 26.64 40.80
CA VAL B 920 -21.99 26.78 42.12
C VAL B 920 -22.15 25.44 42.81
N LEU B 921 -21.06 24.92 43.34
CA LEU B 921 -21.02 23.60 43.97
C LEU B 921 -21.06 23.78 45.48
N ALA B 922 -22.01 23.11 46.14
CA ALA B 922 -22.23 23.25 47.59
C ALA B 922 -21.74 22.03 48.39
N PHE B 923 -20.71 22.23 49.22
CA PHE B 923 -20.09 21.16 50.03
C PHE B 923 -20.59 21.18 51.49
N THR B 924 -21.23 20.10 51.93
CA THR B 924 -21.86 20.01 53.24
C THR B 924 -20.85 19.54 54.31
N GLY B 925 -21.10 19.95 55.55
CA GLY B 925 -20.46 19.39 56.72
C GLY B 925 -20.78 17.92 56.97
N GLN B 926 -20.09 17.35 57.95
CA GLN B 926 -20.22 15.93 58.26
C GLN B 926 -21.47 15.60 59.09
N GLY B 927 -22.32 16.58 59.39
CA GLY B 927 -23.50 16.31 60.20
C GLY B 927 -24.46 15.30 59.58
N SER B 928 -24.76 15.46 58.29
CA SER B 928 -25.79 14.65 57.64
C SER B 928 -25.25 13.35 57.04
N ALA B 929 -23.98 13.02 57.27
CA ALA B 929 -23.39 11.80 56.71
C ALA B 929 -24.00 10.55 57.32
N PHE B 930 -24.11 9.50 56.49
CA PHE B 930 -24.77 8.24 56.86
C PHE B 930 -23.99 7.03 56.38
N ALA B 931 -24.32 5.87 56.98
CA ALA B 931 -23.66 4.62 56.67
C ALA B 931 -23.97 4.16 55.25
N GLY B 932 -23.01 3.45 54.64
CA GLY B 932 -23.17 3.00 53.27
C GLY B 932 -23.40 4.12 52.28
N MET B 933 -22.84 5.28 52.55
CA MET B 933 -22.97 6.44 51.70
C MET B 933 -22.01 6.33 50.51
N GLY B 934 -22.56 6.33 49.30
CA GLY B 934 -21.75 6.25 48.11
C GLY B 934 -21.25 4.87 47.78
N VAL B 935 -21.92 3.82 48.28
CA VAL B 935 -21.39 2.48 48.08
C VAL B 935 -21.73 1.97 46.69
N ASP B 936 -22.92 2.27 46.17
CA ASP B 936 -23.31 1.71 44.88
C ASP B 936 -22.39 2.21 43.76
N LEU B 937 -22.06 3.50 43.78
CA LEU B 937 -21.10 4.05 42.84
C LEU B 937 -19.74 3.38 43.02
N TYR B 938 -19.33 3.16 44.27
CA TYR B 938 -18.06 2.51 44.58
C TYR B 938 -18.00 1.09 44.05
N LYS B 939 -19.11 0.34 44.16
CA LYS B 939 -19.10 -1.04 43.71
C LYS B 939 -19.04 -1.11 42.19
N ARG B 940 -19.89 -0.35 41.49
CA ARG B 940 -19.98 -0.53 40.04
C ARG B 940 -18.93 0.26 39.23
N PHE B 941 -18.66 1.53 39.56
CA PHE B 941 -17.69 2.34 38.82
C PHE B 941 -16.22 2.04 39.16
N ALA B 942 -15.35 2.52 38.26
CA ALA B 942 -13.91 2.35 38.31
C ALA B 942 -13.18 3.58 38.85
N SER B 943 -13.30 4.73 38.18
CA SER B 943 -12.53 5.92 38.54
C SER B 943 -12.76 6.33 40.00
N PHE B 944 -14.02 6.32 40.43
CA PHE B 944 -14.31 6.62 41.83
C PHE B 944 -13.63 5.61 42.75
N ARG B 945 -13.63 4.33 42.36
CA ARG B 945 -12.96 3.30 43.17
C ARG B 945 -11.47 3.59 43.27
N SER B 946 -10.88 4.06 42.17
CA SER B 946 -9.47 4.39 42.17
C SER B 946 -9.22 5.53 43.15
N ASP B 947 -10.06 6.57 43.07
CA ASP B 947 -9.97 7.73 43.96
C ASP B 947 -9.99 7.31 45.43
N ILE B 948 -10.94 6.44 45.80
CA ILE B 948 -11.03 5.99 47.19
C ILE B 948 -9.80 5.17 47.57
N ALA B 949 -9.42 4.19 46.72
CA ALA B 949 -8.26 3.36 47.00
C ALA B 949 -7.01 4.23 47.16
N ARG B 950 -6.93 5.27 46.35
CA ARG B 950 -5.84 6.22 46.40
C ARG B 950 -5.82 6.90 47.75
N TYR B 951 -6.94 7.51 48.14
CA TYR B 951 -7.04 8.13 49.46
C TYR B 951 -6.68 7.16 50.58
N ASP B 952 -6.89 5.86 50.36
CA ASP B 952 -6.58 4.90 51.41
C ASP B 952 -5.07 4.67 51.51
N GLN B 953 -4.38 4.43 50.37
CA GLN B 953 -2.93 4.25 50.43
C GLN B 953 -2.24 5.53 50.90
N ILE B 954 -2.75 6.68 50.45
CA ILE B 954 -2.19 7.97 50.85
C ILE B 954 -2.35 8.15 52.36
N CYS B 955 -3.54 7.84 52.90
CA CYS B 955 -3.76 8.04 54.34
C CYS B 955 -2.96 7.03 55.17
N GLU B 956 -2.84 5.79 54.68
CA GLU B 956 -1.96 4.83 55.37
C GLU B 956 -0.51 5.29 55.35
N GLY B 957 -0.12 6.06 54.31
CA GLY B 957 1.23 6.58 54.25
C GLY B 957 1.50 7.76 55.18
N MET B 958 0.45 8.46 55.61
CA MET B 958 0.55 9.63 56.48
C MET B 958 0.33 9.31 57.96
N SER B 959 0.22 8.02 58.33
CA SER B 959 -0.12 7.59 59.69
C SER B 959 -1.51 8.07 60.10
N LEU B 960 -2.44 8.09 59.14
CA LEU B 960 -3.85 8.37 59.36
C LEU B 960 -4.66 7.09 59.16
N PRO B 961 -5.87 6.98 59.71
CA PRO B 961 -6.63 5.74 59.58
C PRO B 961 -7.02 5.44 58.14
N SER B 962 -7.37 4.18 57.89
CA SER B 962 -7.72 3.73 56.55
C SER B 962 -9.21 3.97 56.36
N ILE B 963 -9.57 4.66 55.28
CA ILE B 963 -10.97 4.97 54.99
C ILE B 963 -11.66 3.97 54.06
N LYS B 964 -10.89 3.14 53.34
CA LYS B 964 -11.44 2.22 52.34
C LYS B 964 -12.52 1.32 52.93
N ALA B 965 -12.34 0.92 54.19
CA ALA B 965 -13.29 0.05 54.87
C ALA B 965 -14.66 0.72 55.02
N MET B 966 -14.70 2.05 55.08
CA MET B 966 -15.97 2.72 55.28
C MET B 966 -16.89 2.55 54.08
N PHE B 967 -16.33 2.48 52.87
CA PHE B 967 -17.13 2.31 51.67
C PHE B 967 -17.24 0.85 51.27
N GLU B 968 -16.36 -0.01 51.76
CA GLU B 968 -16.48 -1.42 51.41
C GLU B 968 -17.61 -2.04 52.22
N ASP B 969 -17.60 -1.77 53.53
CA ASP B 969 -18.50 -2.35 54.51
C ASP B 969 -19.28 -1.24 55.21
N GLU B 970 -20.55 -1.53 55.48
CA GLU B 970 -21.44 -0.61 56.19
C GLU B 970 -21.30 -0.70 57.71
N LYS B 971 -20.94 -1.88 58.24
CA LYS B 971 -20.93 -2.10 59.69
C LYS B 971 -19.97 -1.16 60.41
N VAL B 972 -18.82 -0.91 59.80
CA VAL B 972 -17.76 -0.11 60.40
C VAL B 972 -18.20 1.31 60.77
N PHE B 973 -19.25 1.84 60.11
CA PHE B 973 -19.72 3.19 60.43
C PHE B 973 -20.17 3.32 61.89
N SER B 974 -20.61 2.22 62.52
CA SER B 974 -21.09 2.31 63.89
C SER B 974 -19.97 2.74 64.83
N THR B 975 -18.85 2.04 64.80
CA THR B 975 -17.75 2.26 65.73
C THR B 975 -16.70 3.24 65.22
N ALA B 976 -16.93 3.87 64.06
CA ALA B 976 -15.94 4.78 63.48
C ALA B 976 -15.63 5.95 64.40
N SER B 977 -14.35 6.35 64.41
CA SER B 977 -13.90 7.43 65.26
C SER B 977 -14.16 8.76 64.54
N PRO B 978 -14.14 9.90 65.27
CA PRO B 978 -14.29 11.21 64.61
C PRO B 978 -13.34 11.44 63.44
N THR B 979 -12.06 11.07 63.60
CA THR B 979 -11.08 11.22 62.53
C THR B 979 -11.45 10.40 61.30
N LEU B 980 -11.79 9.12 61.49
CA LEU B 980 -12.21 8.26 60.39
C LEU B 980 -13.43 8.81 59.65
N GLN B 981 -14.47 9.19 60.39
CA GLN B 981 -15.68 9.72 59.77
C GLN B 981 -15.39 11.02 59.02
N GLN B 982 -14.51 11.85 59.60
CA GLN B 982 -14.18 13.15 59.04
C GLN B 982 -13.38 13.01 57.75
N LEU B 983 -12.39 12.12 57.75
CA LEU B 983 -11.62 11.85 56.54
C LEU B 983 -12.51 11.21 55.49
N THR B 984 -13.36 10.27 55.90
CA THR B 984 -14.27 9.64 54.97
C THR B 984 -15.14 10.69 54.29
N HIS B 985 -15.63 11.66 55.06
CA HIS B 985 -16.48 12.70 54.50
C HIS B 985 -15.71 13.51 53.46
N VAL B 986 -14.50 13.95 53.82
CA VAL B 986 -13.74 14.80 52.92
C VAL B 986 -13.32 14.02 51.66
N CYS B 987 -12.79 12.81 51.84
CA CYS B 987 -12.47 11.92 50.71
C CYS B 987 -13.68 11.69 49.82
N PHE B 988 -14.85 11.49 50.43
CA PHE B 988 -16.10 11.31 49.71
C PHE B 988 -16.39 12.51 48.84
N GLN B 989 -16.15 13.72 49.37
CA GLN B 989 -16.45 14.93 48.62
C GLN B 989 -15.48 15.15 47.49
N MET B 990 -14.18 14.93 47.74
CA MET B 990 -13.22 15.07 46.64
C MET B 990 -13.43 14.04 45.54
N ALA B 991 -13.64 12.77 45.90
CA ALA B 991 -13.91 11.76 44.87
C ALA B 991 -15.21 12.04 44.12
N LEU B 992 -16.24 12.47 44.83
CA LEU B 992 -17.50 12.84 44.21
C LEU B 992 -17.31 14.01 43.25
N TYR B 993 -16.58 15.04 43.70
CA TYR B 993 -16.30 16.20 42.86
C TYR B 993 -15.47 15.83 41.64
N ARG B 994 -14.56 14.86 41.79
CA ARG B 994 -13.81 14.38 40.64
C ARG B 994 -14.72 13.72 39.63
N LEU B 995 -15.71 12.95 40.11
CA LEU B 995 -16.66 12.34 39.20
C LEU B 995 -17.47 13.39 38.44
N TRP B 996 -18.05 14.37 39.15
CA TRP B 996 -18.85 15.38 38.45
C TRP B 996 -18.00 16.26 37.54
N LYS B 997 -16.78 16.60 37.97
CA LYS B 997 -15.84 17.29 37.09
C LYS B 997 -15.57 16.49 35.83
N SER B 998 -15.42 15.16 35.98
CA SER B 998 -15.19 14.30 34.84
C SER B 998 -16.37 14.28 33.89
N LEU B 999 -17.59 14.47 34.40
CA LEU B 999 -18.79 14.40 33.58
C LEU B 999 -19.08 15.70 32.85
N GLY B 1000 -18.23 16.72 32.97
CA GLY B 1000 -18.35 17.94 32.18
C GLY B 1000 -18.90 19.15 32.91
N VAL B 1001 -19.11 19.06 34.21
CA VAL B 1001 -19.64 20.15 35.02
C VAL B 1001 -18.43 20.93 35.54
N GLN B 1002 -18.23 22.14 35.02
CA GLN B 1002 -17.16 23.02 35.45
C GLN B 1002 -17.76 24.12 36.32
N ALA B 1003 -17.17 24.33 37.49
CA ALA B 1003 -17.77 25.20 38.49
C ALA B 1003 -17.45 26.66 38.24
N LYS B 1004 -18.47 27.52 38.39
CA LYS B 1004 -18.26 28.96 38.38
C LYS B 1004 -17.71 29.48 39.70
N ALA B 1005 -18.05 28.82 40.81
CA ALA B 1005 -17.58 29.18 42.14
C ALA B 1005 -17.96 28.04 43.07
N VAL B 1006 -17.38 28.04 44.27
CA VAL B 1006 -17.66 26.99 45.24
C VAL B 1006 -18.05 27.65 46.56
N VAL B 1007 -18.83 26.92 47.33
CA VAL B 1007 -19.19 27.28 48.69
C VAL B 1007 -19.20 25.98 49.46
N GLY B 1008 -18.50 25.92 50.58
CA GLY B 1008 -18.64 24.84 51.53
C GLY B 1008 -19.36 25.32 52.76
N HIS B 1009 -19.65 24.36 53.63
CA HIS B 1009 -20.16 24.62 54.96
C HIS B 1009 -19.28 23.84 55.92
N ALA B 1010 -18.61 24.56 56.82
CA ALA B 1010 -17.75 23.94 57.83
C ALA B 1010 -16.71 23.03 57.12
N LEU B 1011 -16.72 21.72 57.39
CA LEU B 1011 -15.77 20.79 56.80
C LEU B 1011 -15.84 20.72 55.27
N GLY B 1012 -16.96 21.10 54.64
CA GLY B 1012 -17.04 20.94 53.19
C GLY B 1012 -16.13 21.90 52.43
N GLU B 1013 -15.76 23.00 53.08
CA GLU B 1013 -14.92 24.01 52.46
C GLU B 1013 -13.53 23.51 52.14
N TYR B 1014 -13.11 22.39 52.71
CA TYR B 1014 -11.77 21.88 52.49
C TYR B 1014 -11.70 21.19 51.13
N ALA B 1015 -12.75 20.44 50.82
CA ALA B 1015 -12.98 20.03 49.45
C ALA B 1015 -13.13 21.26 48.56
N ALA B 1016 -13.74 22.35 49.07
CA ALA B 1016 -13.88 23.56 48.25
C ALA B 1016 -12.50 24.09 47.90
N LEU B 1017 -11.55 23.99 48.83
CA LEU B 1017 -10.23 24.50 48.57
C LEU B 1017 -9.56 23.66 47.50
N TYR B 1018 -9.83 22.33 47.48
CA TYR B 1018 -9.29 21.59 46.35
C TYR B 1018 -9.97 21.98 45.05
N ALA B 1019 -11.32 22.03 45.04
CA ALA B 1019 -12.05 22.42 43.84
C ALA B 1019 -11.65 23.80 43.32
N ALA B 1020 -11.25 24.69 44.22
CA ALA B 1020 -10.80 26.02 43.82
C ALA B 1020 -9.37 26.03 43.32
N GLY B 1021 -8.59 25.00 43.62
CA GLY B 1021 -7.21 24.93 43.21
C GLY B 1021 -6.22 25.36 44.28
N VAL B 1022 -6.69 25.63 45.50
CA VAL B 1022 -5.83 26.12 46.57
C VAL B 1022 -4.95 25.00 47.11
N LEU B 1023 -5.56 23.90 47.51
CA LEU B 1023 -4.87 22.77 48.13
C LEU B 1023 -4.98 21.54 47.26
N SER B 1024 -4.00 20.66 47.41
CA SER B 1024 -4.09 19.34 46.81
C SER B 1024 -4.91 18.42 47.70
N GLN B 1025 -5.33 17.30 47.10
CA GLN B 1025 -6.19 16.35 47.80
C GLN B 1025 -5.49 15.76 49.01
N SER B 1026 -4.32 15.18 48.77
CA SER B 1026 -3.59 14.51 49.83
C SER B 1026 -3.17 15.48 50.92
N ASP B 1027 -2.74 16.69 50.54
CA ASP B 1027 -2.40 17.72 51.51
C ASP B 1027 -3.62 18.09 52.34
N THR B 1028 -4.79 18.22 51.69
CA THR B 1028 -6.03 18.47 52.41
C THR B 1028 -6.30 17.37 53.42
N LEU B 1029 -6.01 16.12 53.06
CA LEU B 1029 -6.21 15.03 54.01
C LEU B 1029 -5.21 15.08 55.14
N TYR B 1030 -3.99 15.57 54.88
CA TYR B 1030 -3.02 15.72 55.94
C TYR B 1030 -3.51 16.73 56.96
N LEU B 1031 -3.97 17.88 56.45
CA LEU B 1031 -4.43 18.96 57.33
C LEU B 1031 -5.66 18.54 58.13
N VAL B 1032 -6.67 17.99 57.43
CA VAL B 1032 -7.89 17.59 58.13
C VAL B 1032 -7.59 16.46 59.12
N GLY B 1033 -6.84 15.45 58.66
CA GLY B 1033 -6.56 14.30 59.52
C GLY B 1033 -5.81 14.68 60.77
N ARG B 1034 -4.75 15.47 60.59
CA ARG B 1034 -3.97 15.96 61.71
C ARG B 1034 -4.84 16.77 62.65
N ARG B 1035 -5.71 17.63 62.10
CA ARG B 1035 -6.66 18.40 62.91
C ARG B 1035 -7.55 17.48 63.75
N ALA B 1036 -8.11 16.44 63.15
CA ALA B 1036 -8.94 15.51 63.90
C ALA B 1036 -8.13 14.87 65.02
N GLN B 1037 -6.88 14.48 64.73
CA GLN B 1037 -6.05 13.93 65.78
C GLN B 1037 -5.84 14.95 66.90
N LEU B 1038 -5.72 16.25 66.54
CA LEU B 1038 -5.57 17.27 67.56
C LEU B 1038 -6.83 17.38 68.41
N MET B 1039 -8.01 17.27 67.78
CA MET B 1039 -9.25 17.42 68.52
C MET B 1039 -9.44 16.27 69.50
N GLU B 1040 -9.06 15.06 69.07
CA GLU B 1040 -9.09 13.90 69.95
C GLU B 1040 -8.06 14.01 71.06
N LYS B 1041 -6.90 14.60 70.75
CA LYS B 1041 -5.81 14.71 71.71
C LYS B 1041 -6.15 15.66 72.84
N HIS B 1042 -6.70 16.82 72.50
CA HIS B 1042 -6.99 17.85 73.50
C HIS B 1042 -8.41 17.75 74.04
N LEU B 1043 -9.41 17.85 73.17
CA LEU B 1043 -10.78 17.94 73.66
C LEU B 1043 -11.33 16.58 74.05
N SER B 1044 -12.53 16.62 74.63
CA SER B 1044 -13.26 15.47 75.13
C SER B 1044 -14.69 15.54 74.63
N GLN B 1045 -15.26 14.39 74.31
CA GLN B 1045 -16.62 14.32 73.80
C GLN B 1045 -17.63 14.46 74.94
N GLY B 1046 -18.78 15.07 74.59
CA GLY B 1046 -19.91 15.18 75.49
C GLY B 1046 -19.91 16.38 76.40
N THR B 1047 -18.76 17.03 76.61
CA THR B 1047 -18.72 18.19 77.50
C THR B 1047 -19.47 19.38 76.91
N HIS B 1048 -19.45 19.51 75.58
CA HIS B 1048 -20.14 20.56 74.86
C HIS B 1048 -21.16 19.97 73.90
N ALA B 1049 -22.03 20.84 73.37
CA ALA B 1049 -23.06 20.44 72.43
C ALA B 1049 -23.40 21.63 71.54
N MET B 1050 -24.16 21.34 70.49
CA MET B 1050 -24.60 22.32 69.51
C MET B 1050 -26.10 22.23 69.35
N LEU B 1051 -26.71 23.38 69.07
CA LEU B 1051 -28.16 23.53 68.99
C LEU B 1051 -28.54 24.28 67.74
N ALA B 1052 -29.51 23.71 67.00
CA ALA B 1052 -30.07 24.34 65.81
C ALA B 1052 -31.35 25.04 66.21
N VAL B 1053 -31.47 26.31 65.83
CA VAL B 1053 -32.55 27.19 66.24
C VAL B 1053 -33.17 27.80 65.00
N ARG B 1054 -34.50 27.86 64.96
CA ARG B 1054 -35.23 28.51 63.88
C ARG B 1054 -35.68 29.86 64.43
N ALA B 1055 -34.93 30.92 64.12
CA ALA B 1055 -35.21 32.28 64.58
C ALA B 1055 -34.08 33.20 64.15
N LYS B 1056 -34.36 34.50 64.19
CA LYS B 1056 -33.41 35.55 63.87
C LYS B 1056 -32.40 35.71 65.00
N GLU B 1057 -31.23 36.27 64.65
CA GLU B 1057 -30.20 36.55 65.65
C GLU B 1057 -30.73 37.50 66.73
N GLU B 1058 -31.49 38.53 66.34
CA GLU B 1058 -32.02 39.48 67.31
C GLU B 1058 -32.96 38.80 68.30
N ALA B 1059 -33.79 37.89 67.81
CA ALA B 1059 -34.74 37.21 68.67
C ALA B 1059 -34.03 36.25 69.61
N ILE B 1060 -33.01 35.54 69.10
CA ILE B 1060 -32.22 34.65 69.94
C ILE B 1060 -31.54 35.43 71.06
N VAL B 1061 -30.90 36.56 70.71
CA VAL B 1061 -30.21 37.35 71.73
C VAL B 1061 -31.21 37.85 72.77
N ALA B 1062 -32.37 38.31 72.31
CA ALA B 1062 -33.38 38.83 73.25
C ALA B 1062 -33.96 37.72 74.10
N ALA B 1063 -33.98 36.48 73.61
CA ALA B 1063 -34.59 35.37 74.32
C ALA B 1063 -33.72 34.81 75.43
N ILE B 1064 -32.40 34.81 75.25
CA ILE B 1064 -31.47 34.19 76.19
C ILE B 1064 -30.98 35.27 77.15
N ASP B 1065 -31.02 34.96 78.45
CA ASP B 1065 -30.40 35.82 79.44
C ASP B 1065 -28.89 35.60 79.45
N GLY B 1066 -28.15 36.69 79.20
CA GLY B 1066 -26.72 36.70 79.06
C GLY B 1066 -26.31 37.06 77.64
N PRO B 1067 -25.20 37.78 77.46
CA PRO B 1067 -24.86 38.27 76.13
C PRO B 1067 -24.30 37.15 75.26
N PRO B 1068 -24.24 37.33 73.94
CA PRO B 1068 -23.54 36.34 73.12
C PRO B 1068 -22.04 36.45 73.32
N GLY B 1069 -21.36 35.30 73.32
CA GLY B 1069 -19.96 35.23 73.65
C GLY B 1069 -19.64 34.98 75.11
N GLU B 1070 -20.66 34.99 75.99
CA GLU B 1070 -20.49 34.64 77.39
C GLU B 1070 -21.33 33.42 77.79
N ALA B 1071 -22.65 33.49 77.64
CA ALA B 1071 -23.54 32.38 77.94
C ALA B 1071 -23.73 31.41 76.78
N TYR B 1072 -23.20 31.72 75.60
CA TYR B 1072 -23.31 30.89 74.41
C TYR B 1072 -22.51 31.52 73.29
N GLU B 1073 -22.48 30.87 72.14
CA GLU B 1073 -21.78 31.39 70.97
C GLU B 1073 -22.50 30.89 69.71
N PHE B 1074 -22.42 31.71 68.67
CA PHE B 1074 -23.08 31.45 67.39
C PHE B 1074 -22.10 30.66 66.54
N SER B 1075 -22.35 29.36 66.37
CA SER B 1075 -21.43 28.55 65.58
C SER B 1075 -21.66 28.75 64.08
N CYS B 1076 -22.91 28.92 63.67
CA CYS B 1076 -23.25 29.06 62.26
C CYS B 1076 -24.38 30.06 62.10
N ARG B 1077 -24.31 30.86 61.05
CA ARG B 1077 -25.39 31.77 60.67
C ARG B 1077 -25.69 31.31 59.25
N ASN B 1078 -26.75 30.51 59.16
CA ASN B 1078 -27.13 29.82 57.95
C ASN B 1078 -28.07 30.58 57.03
N GLY B 1079 -29.14 31.11 57.59
CA GLY B 1079 -30.15 31.84 56.85
C GLY B 1079 -30.73 32.95 57.70
N GLU B 1080 -31.81 33.55 57.20
CA GLU B 1080 -32.51 34.60 57.95
C GLU B 1080 -32.94 34.09 59.32
N GLN B 1081 -33.84 33.11 59.35
CA GLN B 1081 -34.34 32.54 60.59
C GLN B 1081 -33.61 31.27 61.02
N ARG B 1082 -32.55 30.85 60.33
CA ARG B 1082 -31.86 29.59 60.63
C ARG B 1082 -30.45 29.88 61.17
N ASN B 1083 -30.24 29.60 62.46
CA ASN B 1083 -28.96 29.78 63.14
C ASN B 1083 -28.65 28.56 63.99
N VAL B 1084 -27.36 28.41 64.36
CA VAL B 1084 -26.89 27.30 65.19
C VAL B 1084 -26.03 27.86 66.31
N LEU B 1085 -26.32 27.42 67.53
CA LEU B 1085 -25.67 27.81 68.77
C LEU B 1085 -24.81 26.68 69.33
N GLY B 1086 -23.69 27.04 69.96
CA GLY B 1086 -22.79 26.05 70.54
C GLY B 1086 -22.20 26.56 71.84
N GLY B 1087 -21.70 25.62 72.62
CA GLY B 1087 -21.29 25.88 73.98
C GLY B 1087 -21.38 24.62 74.82
N THR B 1088 -21.12 24.78 76.12
CA THR B 1088 -21.20 23.66 77.05
C THR B 1088 -22.64 23.17 77.13
N VAL B 1089 -22.79 21.91 77.53
CA VAL B 1089 -24.11 21.28 77.67
C VAL B 1089 -25.00 22.08 78.63
N ALA B 1090 -24.44 22.61 79.72
CA ALA B 1090 -25.26 23.41 80.63
C ALA B 1090 -25.76 24.68 79.94
N GLN B 1091 -24.87 25.35 79.19
CA GLN B 1091 -25.25 26.55 78.46
C GLN B 1091 -26.34 26.25 77.43
N ILE B 1092 -26.21 25.13 76.71
CA ILE B 1092 -27.20 24.79 75.69
C ILE B 1092 -28.54 24.44 76.35
N GLN B 1093 -28.52 23.70 77.46
CA GLN B 1093 -29.76 23.42 78.19
C GLN B 1093 -30.47 24.70 78.61
N ALA B 1094 -29.74 25.63 79.25
CA ALA B 1094 -30.33 26.89 79.70
C ALA B 1094 -30.87 27.70 78.52
N ALA B 1095 -30.06 27.83 77.46
CA ALA B 1095 -30.50 28.56 76.27
C ALA B 1095 -31.70 27.88 75.63
N LYS B 1096 -31.70 26.55 75.59
CA LYS B 1096 -32.83 25.81 75.04
C LYS B 1096 -34.10 26.09 75.83
N ALA B 1097 -34.02 26.12 77.15
CA ALA B 1097 -35.22 26.40 77.94
C ALA B 1097 -35.71 27.82 77.65
N ALA B 1098 -34.79 28.78 77.65
CA ALA B 1098 -35.17 30.18 77.40
C ALA B 1098 -35.85 30.35 76.05
N LEU B 1099 -35.32 29.66 75.02
CA LEU B 1099 -35.90 29.70 73.67
C LEU B 1099 -37.25 28.98 73.58
N GLU B 1100 -37.36 27.77 74.14
CA GLU B 1100 -38.65 27.09 74.18
C GLU B 1100 -39.71 27.88 74.92
N ALA B 1101 -39.32 28.64 75.95
CA ALA B 1101 -40.29 29.47 76.67
C ALA B 1101 -41.01 30.43 75.74
N LYS B 1102 -40.28 31.03 74.81
CA LYS B 1102 -40.81 31.89 73.75
C LYS B 1102 -41.24 31.13 72.49
N LYS B 1103 -41.39 29.79 72.57
CA LYS B 1103 -41.92 28.96 71.48
C LYS B 1103 -41.10 29.11 70.19
N ILE B 1104 -39.78 29.03 70.34
CA ILE B 1104 -38.85 28.95 69.23
C ILE B 1104 -38.45 27.48 69.09
N ARG B 1105 -38.52 26.95 67.87
CA ARG B 1105 -38.24 25.54 67.67
C ARG B 1105 -36.74 25.35 67.76
N CYS B 1106 -36.31 24.42 68.63
CA CYS B 1106 -34.91 24.13 68.85
C CYS B 1106 -34.69 22.63 68.77
N GLN B 1107 -33.56 22.21 68.19
CA GLN B 1107 -33.25 20.79 68.02
C GLN B 1107 -31.75 20.54 68.09
N TYR B 1108 -31.36 19.43 68.72
CA TYR B 1108 -29.96 19.16 69.00
C TYR B 1108 -29.25 18.57 67.79
N LEU B 1109 -27.94 18.78 67.74
CA LEU B 1109 -27.03 18.14 66.81
C LEU B 1109 -26.36 16.94 67.47
N ASP B 1110 -26.11 15.90 66.66
CA ASP B 1110 -25.37 14.69 67.05
C ASP B 1110 -23.88 14.97 67.29
N THR B 1111 -23.39 16.18 67.00
CA THR B 1111 -21.98 16.56 67.17
C THR B 1111 -21.53 16.31 68.61
N PRO B 1112 -20.51 15.47 68.87
CA PRO B 1112 -20.05 15.37 70.27
C PRO B 1112 -19.44 16.66 70.79
N MET B 1113 -18.63 17.33 69.98
CA MET B 1113 -17.99 18.58 70.36
C MET B 1113 -18.86 19.74 69.88
N ALA B 1114 -18.45 20.96 70.18
CA ALA B 1114 -19.11 22.17 69.70
C ALA B 1114 -18.12 22.92 68.84
N PHE B 1115 -18.28 22.79 67.52
CA PHE B 1115 -17.35 23.39 66.59
C PHE B 1115 -17.62 24.88 66.50
N HIS B 1116 -16.59 25.63 66.10
CA HIS B 1116 -16.69 27.06 65.88
C HIS B 1116 -17.12 27.78 67.15
N THR B 1117 -16.60 27.31 68.30
CA THR B 1117 -16.84 27.96 69.58
C THR B 1117 -15.55 27.97 70.39
N GLY B 1118 -15.63 28.49 71.63
CA GLY B 1118 -14.47 28.60 72.51
C GLY B 1118 -13.81 27.29 72.86
N GLN B 1119 -14.50 26.19 72.61
CA GLN B 1119 -13.95 24.86 72.83
C GLN B 1119 -12.65 24.64 72.05
N VAL B 1120 -12.58 25.06 70.78
CA VAL B 1120 -11.46 24.66 69.91
C VAL B 1120 -10.22 25.54 70.09
N ASP B 1121 -10.17 26.37 71.13
CA ASP B 1121 -8.99 27.18 71.42
C ASP B 1121 -7.66 26.42 71.55
N PRO B 1122 -7.55 25.27 72.24
CA PRO B 1122 -6.21 24.69 72.42
C PRO B 1122 -5.59 24.14 71.14
N ILE B 1123 -6.39 23.71 70.17
CA ILE B 1123 -5.81 23.11 68.96
C ILE B 1123 -5.22 24.15 68.00
N LEU B 1124 -5.56 25.43 68.17
CA LEU B 1124 -5.21 26.43 67.16
C LEU B 1124 -3.70 26.63 66.96
N PRO B 1125 -2.84 26.71 67.99
CA PRO B 1125 -1.39 26.87 67.70
C PRO B 1125 -0.79 25.72 66.89
N GLU B 1126 -1.11 24.48 67.26
CA GLU B 1126 -0.55 23.35 66.51
C GLU B 1126 -1.20 23.30 65.14
N LEU B 1127 -2.51 23.60 65.08
CA LEU B 1127 -3.20 23.65 63.80
C LEU B 1127 -2.58 24.73 62.92
N LEU B 1128 -2.04 25.81 63.52
CA LEU B 1128 -1.39 26.85 62.74
C LEU B 1128 -0.14 26.29 62.09
N GLN B 1129 0.64 25.51 62.85
CA GLN B 1129 1.84 24.92 62.27
C GLN B 1129 1.48 23.99 61.12
N VAL B 1130 0.43 23.19 61.32
CA VAL B 1130 -0.03 22.28 60.30
C VAL B 1130 -0.77 23.02 59.18
N ALA B 1131 -1.17 24.27 59.42
CA ALA B 1131 -1.74 25.11 58.38
C ALA B 1131 -0.65 25.69 57.52
N ALA B 1132 0.50 26.01 58.13
CA ALA B 1132 1.69 26.32 57.37
C ALA B 1132 2.25 25.10 56.64
N ALA B 1133 1.90 23.88 57.07
CA ALA B 1133 2.32 22.68 56.36
C ALA B 1133 1.85 22.64 54.91
N CYS B 1134 0.80 23.38 54.57
CA CYS B 1134 0.22 23.31 53.24
C CYS B 1134 0.99 24.19 52.26
N SER B 1135 0.94 23.81 50.99
CA SER B 1135 1.37 24.64 49.89
C SER B 1135 0.15 25.29 49.26
N ILE B 1136 0.11 26.62 49.27
CA ILE B 1136 -1.08 27.40 48.96
C ILE B 1136 -0.90 28.01 47.59
N GLN B 1137 -1.98 28.02 46.79
CA GLN B 1137 -1.97 28.65 45.48
C GLN B 1137 -3.23 29.49 45.31
N ASP B 1138 -3.19 30.42 44.36
CA ASP B 1138 -4.31 31.29 44.07
C ASP B 1138 -5.50 30.45 43.59
N PRO B 1139 -6.75 30.79 43.97
CA PRO B 1139 -7.88 30.00 43.46
C PRO B 1139 -8.02 30.16 41.96
N GLN B 1140 -8.40 29.06 41.30
CA GLN B 1140 -8.74 29.12 39.88
C GLN B 1140 -10.10 29.77 39.65
N ILE B 1141 -11.05 29.55 40.57
CA ILE B 1141 -12.37 30.17 40.52
C ILE B 1141 -12.63 30.80 41.88
N PRO B 1142 -13.61 31.71 41.99
CA PRO B 1142 -13.83 32.37 43.28
C PRO B 1142 -14.28 31.38 44.35
N VAL B 1143 -13.87 31.69 45.58
CA VAL B 1143 -14.17 30.90 46.77
C VAL B 1143 -15.11 31.75 47.60
N ILE B 1144 -16.34 31.27 47.80
CA ILE B 1144 -17.26 31.91 48.71
C ILE B 1144 -16.87 31.37 50.08
N SER B 1145 -16.37 32.25 50.95
CA SER B 1145 -15.84 31.84 52.24
C SER B 1145 -16.79 32.27 53.34
N PRO B 1146 -17.52 31.32 53.93
CA PRO B 1146 -18.21 31.58 55.21
C PRO B 1146 -17.30 31.96 56.37
N ALA B 1147 -16.03 31.54 56.34
CA ALA B 1147 -15.10 31.88 57.41
C ALA B 1147 -15.04 33.38 57.61
N TYR B 1148 -14.69 34.11 56.56
CA TYR B 1148 -14.59 35.55 56.58
C TYR B 1148 -15.86 36.23 56.07
N GLY B 1149 -16.88 35.46 55.69
CA GLY B 1149 -18.09 36.05 55.14
C GLY B 1149 -17.86 36.81 53.85
N LYS B 1150 -17.00 36.29 52.96
CA LYS B 1150 -16.57 37.07 51.80
C LYS B 1150 -16.15 36.15 50.66
N VAL B 1151 -16.21 36.70 49.44
CA VAL B 1151 -15.72 36.05 48.22
C VAL B 1151 -14.22 36.33 48.03
N ILE B 1152 -13.40 35.28 48.10
CA ILE B 1152 -11.94 35.42 48.00
C ILE B 1152 -11.49 34.96 46.63
N ARG B 1153 -10.71 35.81 45.95
CA ARG B 1153 -10.00 35.45 44.73
C ARG B 1153 -8.47 35.32 44.89
N SER B 1154 -7.90 35.58 46.08
CA SER B 1154 -6.45 35.58 46.27
C SER B 1154 -5.98 34.69 47.42
N ALA B 1155 -4.78 34.10 47.20
CA ALA B 1155 -4.08 33.26 48.17
C ALA B 1155 -3.64 34.01 49.42
N LYS B 1156 -3.57 35.35 49.39
CA LYS B 1156 -3.20 36.11 50.58
C LYS B 1156 -4.13 35.86 51.76
N ASP B 1157 -5.39 35.49 51.51
CA ASP B 1157 -6.36 35.26 52.57
C ASP B 1157 -6.42 33.79 53.00
N PHE B 1158 -5.80 32.89 52.24
CA PHE B 1158 -5.68 31.47 52.57
C PHE B 1158 -4.40 31.15 53.35
N GLN B 1159 -3.66 32.18 53.81
CA GLN B 1159 -2.51 31.98 54.67
C GLN B 1159 -2.89 31.17 55.92
N PRO B 1160 -1.91 30.52 56.58
CA PRO B 1160 -2.21 29.56 57.67
C PRO B 1160 -3.15 30.04 58.77
N GLU B 1161 -3.22 31.35 58.99
CA GLU B 1161 -4.20 31.95 59.87
C GLU B 1161 -5.63 31.62 59.46
N TYR B 1162 -5.86 31.38 58.17
CA TYR B 1162 -7.19 31.05 57.67
C TYR B 1162 -7.74 29.81 58.35
N PHE B 1163 -6.93 28.77 58.46
CA PHE B 1163 -7.49 27.51 58.93
C PHE B 1163 -7.75 27.56 60.44
N THR B 1164 -6.94 28.34 61.17
CA THR B 1164 -7.22 28.60 62.58
C THR B 1164 -8.48 29.45 62.74
N HIS B 1165 -8.53 30.59 62.04
CA HIS B 1165 -9.71 31.45 62.03
C HIS B 1165 -10.95 30.66 61.67
N HIS B 1166 -10.84 29.85 60.62
CA HIS B 1166 -11.93 29.02 60.19
C HIS B 1166 -12.39 28.11 61.31
N CYS B 1167 -11.43 27.44 61.95
CA CYS B 1167 -11.78 26.50 63.00
C CYS B 1167 -12.49 27.20 64.14
N ARG B 1168 -12.00 28.39 64.53
CA ARG B 1168 -12.59 29.04 65.69
C ARG B 1168 -13.81 29.88 65.34
N SER B 1169 -13.82 30.52 64.17
CA SER B 1169 -14.82 31.55 63.88
C SER B 1169 -16.11 30.90 63.41
N SER B 1170 -17.19 31.67 63.51
CA SER B 1170 -18.48 31.16 63.10
C SER B 1170 -18.52 31.00 61.58
N VAL B 1171 -19.40 30.10 61.14
CA VAL B 1171 -19.61 29.86 59.71
C VAL B 1171 -20.74 30.79 59.30
N ASN B 1172 -20.42 31.84 58.56
CA ASN B 1172 -21.42 32.83 58.18
C ASN B 1172 -21.77 32.50 56.74
N MET B 1173 -22.87 31.78 56.55
CA MET B 1173 -23.33 31.52 55.20
C MET B 1173 -24.04 32.76 54.67
N VAL B 1174 -24.79 33.44 55.55
CA VAL B 1174 -25.58 34.59 55.08
C VAL B 1174 -24.66 35.70 54.58
N ASP B 1175 -23.53 35.92 55.24
CA ASP B 1175 -22.63 37.00 54.84
C ASP B 1175 -21.85 36.66 53.56
N ALA B 1176 -21.43 35.40 53.44
CA ALA B 1176 -20.71 34.98 52.24
C ALA B 1176 -21.63 34.98 51.02
N LEU B 1177 -22.84 34.42 51.19
CA LEU B 1177 -23.80 34.36 50.08
C LEU B 1177 -24.24 35.77 49.66
N GLN B 1178 -24.49 36.67 50.64
CA GLN B 1178 -24.88 38.02 50.25
C GLN B 1178 -23.73 38.70 49.51
N SER B 1179 -22.49 38.50 49.99
CA SER B 1179 -21.32 39.03 49.31
C SER B 1179 -21.21 38.50 47.88
N ALA B 1180 -21.65 37.26 47.66
CA ALA B 1180 -21.56 36.68 46.33
C ALA B 1180 -22.60 37.29 45.39
N VAL B 1181 -23.85 37.41 45.84
CA VAL B 1181 -24.91 37.97 45.00
C VAL B 1181 -24.68 39.44 44.70
N GLU B 1182 -24.15 40.20 45.67
CA GLU B 1182 -23.89 41.61 45.43
C GLU B 1182 -22.82 41.80 44.36
N GLU B 1183 -21.94 40.83 44.19
CA GLU B 1183 -20.95 40.88 43.11
C GLU B 1183 -21.50 40.39 41.78
N GLY B 1184 -22.73 39.87 41.72
CA GLY B 1184 -23.23 39.27 40.50
C GLY B 1184 -22.76 37.85 40.23
N LEU B 1185 -21.97 37.27 41.14
CA LEU B 1185 -21.49 35.91 40.95
C LEU B 1185 -22.62 34.88 40.98
N LEU B 1186 -23.71 35.15 41.73
CA LEU B 1186 -24.83 34.22 41.87
C LEU B 1186 -26.14 34.90 41.51
N ASP B 1187 -27.01 34.16 40.81
CA ASP B 1187 -28.35 34.63 40.50
C ASP B 1187 -29.23 33.43 40.21
N LYS B 1188 -30.48 33.69 39.82
CA LYS B 1188 -31.46 32.63 39.64
C LYS B 1188 -31.05 31.66 38.54
N ASN B 1189 -30.35 32.16 37.50
CA ASN B 1189 -29.99 31.32 36.37
C ASN B 1189 -28.88 30.34 36.72
N VAL B 1190 -28.17 30.53 37.83
CA VAL B 1190 -27.14 29.58 38.22
C VAL B 1190 -27.85 28.33 38.73
N ILE B 1191 -27.23 27.18 38.49
CA ILE B 1191 -27.77 25.88 38.89
C ILE B 1191 -26.86 25.35 39.97
N GLY B 1192 -27.38 25.24 41.19
CA GLY B 1192 -26.62 24.68 42.28
C GLY B 1192 -26.61 23.17 42.24
N LEU B 1193 -25.49 22.60 42.66
CA LEU B 1193 -25.29 21.15 42.69
C LEU B 1193 -24.67 20.75 44.01
N GLU B 1194 -25.35 19.90 44.76
CA GLU B 1194 -24.89 19.53 46.09
C GLU B 1194 -23.95 18.35 45.90
N ILE B 1195 -22.72 18.53 46.32
CA ILE B 1195 -21.71 17.50 46.34
C ILE B 1195 -21.63 17.14 47.82
N GLY B 1196 -22.24 16.03 48.20
CA GLY B 1196 -22.25 15.64 49.59
C GLY B 1196 -23.38 14.70 49.99
N PRO B 1197 -23.44 14.40 51.29
CA PRO B 1197 -24.45 13.45 51.78
C PRO B 1197 -25.88 13.92 51.74
N GLY B 1198 -26.13 15.20 52.03
CA GLY B 1198 -27.47 15.74 52.02
C GLY B 1198 -27.55 17.19 51.56
N PRO B 1199 -28.91 17.67 51.04
CA PRO B 1199 -29.09 19.04 50.53
C PRO B 1199 -29.41 20.07 51.61
N VAL B 1200 -28.46 20.26 52.53
CA VAL B 1200 -28.58 21.30 53.56
C VAL B 1200 -28.08 22.64 53.04
N VAL B 1201 -26.98 22.66 52.27
CA VAL B 1201 -26.40 23.91 51.80
C VAL B 1201 -27.12 24.49 50.59
N THR B 1202 -27.55 23.66 49.62
CA THR B 1202 -28.30 24.21 48.48
C THR B 1202 -29.54 24.97 48.93
N GLN B 1203 -30.21 24.50 49.98
CA GLN B 1203 -31.38 25.22 50.45
C GLN B 1203 -31.02 26.60 50.97
N PHE B 1204 -29.84 26.73 51.58
CA PHE B 1204 -29.34 28.03 52.02
C PHE B 1204 -29.03 28.93 50.83
N VAL B 1205 -28.37 28.38 49.79
CA VAL B 1205 -28.08 29.18 48.60
C VAL B 1205 -29.42 29.60 47.99
N LYS B 1206 -30.35 28.65 47.90
CA LYS B 1206 -31.66 28.86 47.30
C LYS B 1206 -32.36 30.01 48.02
N GLU B 1207 -32.30 29.98 49.36
CA GLU B 1207 -32.90 31.03 50.16
C GLU B 1207 -32.23 32.35 49.85
N ALA B 1208 -30.92 32.32 49.54
CA ALA B 1208 -30.19 33.56 49.38
C ALA B 1208 -30.58 34.23 48.06
N VAL B 1209 -30.53 33.50 46.94
CA VAL B 1209 -30.74 34.15 45.64
C VAL B 1209 -32.22 34.26 45.26
N GLY B 1210 -33.02 33.22 45.47
CA GLY B 1210 -34.40 33.26 45.06
C GLY B 1210 -35.02 31.89 45.10
N THR B 1211 -36.35 31.88 45.01
CA THR B 1211 -37.10 30.64 45.10
C THR B 1211 -37.06 29.79 43.84
N THR B 1212 -36.78 30.38 42.68
CA THR B 1212 -36.76 29.66 41.40
C THR B 1212 -35.40 29.09 41.02
N MET B 1213 -34.41 29.13 41.91
CA MET B 1213 -33.11 28.57 41.54
C MET B 1213 -33.23 27.06 41.47
N GLN B 1214 -32.61 26.49 40.45
CA GLN B 1214 -32.61 25.03 40.30
C GLN B 1214 -31.46 24.47 41.13
N THR B 1215 -31.80 23.55 42.03
CA THR B 1215 -30.86 22.87 42.89
C THR B 1215 -31.09 21.37 42.78
N PHE B 1216 -30.00 20.62 42.68
CA PHE B 1216 -30.06 19.17 42.55
C PHE B 1216 -28.97 18.57 43.41
N ALA B 1217 -29.31 17.51 44.13
CA ALA B 1217 -28.39 16.85 45.05
C ALA B 1217 -27.83 15.58 44.44
N SER B 1218 -26.56 15.34 44.71
CA SER B 1218 -25.88 14.18 44.15
C SER B 1218 -26.39 12.89 44.78
N ILE B 1219 -26.33 12.81 46.12
CA ILE B 1219 -26.65 11.59 46.86
C ILE B 1219 -27.69 11.92 47.92
N ASN B 1220 -28.64 10.99 48.09
CA ASN B 1220 -29.69 11.08 49.08
C ASN B 1220 -30.02 9.64 49.48
N LYS B 1221 -30.31 9.44 50.76
CA LYS B 1221 -30.52 8.09 51.26
C LYS B 1221 -31.73 7.41 50.62
N ASP B 1222 -32.75 8.17 50.24
CA ASP B 1222 -34.03 7.57 49.89
C ASP B 1222 -33.99 6.85 48.54
N LYS B 1223 -33.64 7.55 47.47
CA LYS B 1223 -33.90 7.01 46.13
C LYS B 1223 -32.70 6.26 45.57
N ASP B 1224 -32.94 5.64 44.41
CA ASP B 1224 -31.92 4.92 43.67
C ASP B 1224 -30.97 5.87 42.97
N THR B 1225 -29.67 5.54 43.03
CA THR B 1225 -28.61 6.44 42.59
C THR B 1225 -28.73 6.78 41.11
N TRP B 1226 -29.07 5.80 40.26
CA TRP B 1226 -29.08 6.03 38.82
C TRP B 1226 -30.28 6.83 38.34
N GLN B 1227 -31.39 6.80 39.06
CA GLN B 1227 -32.48 7.73 38.76
C GLN B 1227 -31.98 9.15 38.88
N LEU B 1228 -31.33 9.47 40.00
CA LEU B 1228 -30.77 10.80 40.20
C LEU B 1228 -29.70 11.10 39.15
N MET B 1229 -28.89 10.11 38.80
CA MET B 1229 -27.81 10.32 37.84
C MET B 1229 -28.36 10.67 36.46
N THR B 1230 -29.19 9.78 35.89
CA THR B 1230 -29.79 10.02 34.58
C THR B 1230 -30.56 11.32 34.57
N GLN B 1231 -31.38 11.55 35.60
CA GLN B 1231 -32.18 12.76 35.68
C GLN B 1231 -31.28 14.00 35.76
N ALA B 1232 -30.13 13.89 36.43
CA ALA B 1232 -29.23 15.03 36.52
C ALA B 1232 -28.58 15.30 35.18
N LEU B 1233 -28.09 14.26 34.51
CA LEU B 1233 -27.39 14.44 33.24
C LEU B 1233 -28.33 15.03 32.18
N ALA B 1234 -29.61 14.63 32.24
CA ALA B 1234 -30.59 15.10 31.26
C ALA B 1234 -30.68 16.62 31.19
N LYS B 1235 -30.75 17.29 32.35
CA LYS B 1235 -30.87 18.74 32.37
C LYS B 1235 -29.64 19.44 31.80
N PHE B 1236 -28.45 18.97 32.14
CA PHE B 1236 -27.23 19.60 31.62
C PHE B 1236 -27.10 19.35 30.13
N TYR B 1237 -27.39 18.13 29.71
CA TYR B 1237 -27.28 17.81 28.30
C TYR B 1237 -28.28 18.61 27.47
N LEU B 1238 -29.48 18.91 28.02
CA LEU B 1238 -30.43 19.73 27.26
C LEU B 1238 -30.02 21.20 27.30
N ALA B 1239 -29.55 21.69 28.46
CA ALA B 1239 -29.11 23.08 28.55
C ALA B 1239 -27.75 23.31 27.89
N GLY B 1240 -27.09 22.24 27.43
CA GLY B 1240 -25.84 22.27 26.72
C GLY B 1240 -24.72 21.94 27.67
N ALA B 1241 -23.80 21.10 27.19
CA ALA B 1241 -22.64 20.62 27.92
C ALA B 1241 -22.00 19.53 27.08
N SER B 1242 -20.77 19.18 27.39
CA SER B 1242 -20.09 18.05 26.75
C SER B 1242 -19.86 17.02 27.85
N VAL B 1243 -20.66 15.97 27.83
CA VAL B 1243 -20.56 14.85 28.77
C VAL B 1243 -19.82 13.74 28.06
N GLU B 1244 -18.97 13.02 28.79
CA GLU B 1244 -18.28 11.86 28.22
C GLU B 1244 -19.21 10.68 28.46
N TRP B 1245 -19.87 10.25 27.38
CA TRP B 1245 -20.81 9.15 27.43
C TRP B 1245 -20.13 7.80 27.31
N SER B 1246 -18.98 7.76 26.63
CA SER B 1246 -18.23 6.51 26.46
C SER B 1246 -17.88 5.91 27.81
N ARG B 1247 -17.56 6.76 28.80
CA ARG B 1247 -17.23 6.29 30.12
C ARG B 1247 -18.46 5.92 30.94
N TYR B 1248 -19.61 6.50 30.62
CA TYR B 1248 -20.83 6.19 31.38
C TYR B 1248 -21.21 4.72 31.22
N HIS B 1249 -20.99 4.15 30.05
CA HIS B 1249 -21.29 2.75 29.75
C HIS B 1249 -20.05 1.85 29.78
N GLU B 1250 -18.89 2.39 30.16
CA GLU B 1250 -17.64 1.64 30.01
C GLU B 1250 -17.60 0.41 30.91
N ASP B 1251 -18.12 0.51 32.13
CA ASP B 1251 -18.06 -0.59 33.09
C ASP B 1251 -19.25 -1.55 32.96
N PHE B 1252 -20.02 -1.45 31.87
CA PHE B 1252 -21.22 -2.27 31.64
C PHE B 1252 -21.12 -2.83 30.24
N PRO B 1253 -20.35 -3.92 30.04
CA PRO B 1253 -20.19 -4.47 28.68
C PRO B 1253 -21.49 -4.95 28.05
N GLY B 1254 -22.46 -5.41 28.85
CA GLY B 1254 -23.73 -5.84 28.30
C GLY B 1254 -24.45 -4.75 27.53
N ALA B 1255 -24.27 -3.50 27.94
CA ALA B 1255 -24.91 -2.39 27.26
C ALA B 1255 -24.18 -1.97 25.98
N GLN B 1256 -22.98 -2.50 25.71
CA GLN B 1256 -22.19 -2.00 24.58
C GLN B 1256 -22.51 -2.88 23.37
N LYS B 1257 -23.32 -2.32 22.48
CA LYS B 1257 -23.62 -2.90 21.17
C LYS B 1257 -24.22 -1.77 20.36
N VAL B 1258 -24.18 -1.91 19.04
CA VAL B 1258 -24.70 -0.89 18.13
C VAL B 1258 -25.95 -1.44 17.49
N LEU B 1259 -27.05 -0.76 17.74
CA LEU B 1259 -28.32 -1.15 17.19
C LEU B 1259 -28.48 -0.38 15.89
N GLU B 1260 -29.25 -0.94 14.98
CA GLU B 1260 -29.57 -0.25 13.74
C GLU B 1260 -30.81 0.58 14.01
N LEU B 1261 -30.62 1.89 14.09
CA LEU B 1261 -31.66 2.85 14.40
C LEU B 1261 -31.95 3.66 13.15
N PRO B 1262 -33.09 4.37 13.08
CA PRO B 1262 -33.36 5.19 11.90
C PRO B 1262 -32.27 6.21 11.65
N ALA B 1263 -32.05 6.49 10.37
CA ALA B 1263 -31.09 7.50 9.98
C ALA B 1263 -31.59 8.86 10.42
N TYR B 1264 -30.67 9.83 10.44
CA TYR B 1264 -31.00 11.19 10.83
C TYR B 1264 -32.17 11.69 9.99
N GLY B 1265 -33.14 12.32 10.64
CA GLY B 1265 -34.26 12.82 9.88
C GLY B 1265 -33.75 14.06 9.21
N TRP B 1266 -33.80 14.07 7.89
CA TRP B 1266 -33.31 15.19 7.12
C TRP B 1266 -34.40 16.19 6.84
N ALA B 1267 -34.06 17.47 6.99
CA ALA B 1267 -34.93 18.55 6.53
C ALA B 1267 -34.51 18.76 5.08
N LEU B 1268 -35.34 18.30 4.16
CA LEU B 1268 -34.96 18.22 2.76
C LEU B 1268 -35.75 19.25 1.97
N LYS B 1269 -35.08 19.84 0.98
CA LYS B 1269 -35.70 20.68 -0.02
C LYS B 1269 -35.07 20.37 -1.36
N ASN B 1270 -35.83 20.60 -2.42
CA ASN B 1270 -35.36 20.27 -3.76
C ASN B 1270 -34.51 21.43 -4.25
N TYR B 1271 -33.24 21.15 -4.56
CA TYR B 1271 -32.32 22.13 -5.10
C TYR B 1271 -31.89 21.61 -6.47
N TRP B 1272 -32.34 22.31 -7.50
CA TRP B 1272 -32.21 21.82 -8.87
C TRP B 1272 -32.14 23.02 -9.82
N LEU B 1273 -31.35 22.85 -10.88
CA LEU B 1273 -31.24 23.81 -11.98
C LEU B 1273 -31.73 23.10 -13.23
N GLN B 1274 -32.91 23.48 -13.71
CA GLN B 1274 -33.53 22.78 -14.83
C GLN B 1274 -32.72 22.96 -16.10
N TYR B 1275 -32.44 21.84 -16.76
CA TYR B 1275 -32.02 21.86 -18.15
C TYR B 1275 -33.22 22.19 -19.02
N VAL B 1276 -33.10 23.24 -19.84
CA VAL B 1276 -34.23 23.77 -20.59
C VAL B 1276 -33.84 24.02 -22.04
N ASN B 1277 -34.89 24.16 -22.86
CA ASN B 1277 -34.85 24.58 -24.27
C ASN B 1277 -34.00 23.71 -25.19
N ASP B 1278 -33.64 22.49 -24.77
CA ASP B 1278 -32.99 21.50 -25.62
C ASP B 1278 -31.78 22.04 -26.40
N TRP B 1279 -31.01 22.90 -25.73
CA TRP B 1279 -29.90 23.53 -26.45
C TRP B 1279 -28.78 22.55 -26.75
N SER B 1280 -28.78 21.34 -26.16
CA SER B 1280 -27.72 20.39 -26.45
C SER B 1280 -27.82 19.80 -27.84
N LEU B 1281 -29.02 19.82 -28.43
CA LEU B 1281 -29.15 19.30 -29.79
C LEU B 1281 -28.55 20.25 -30.81
N ARG B 1282 -28.49 21.54 -30.51
CA ARG B 1282 -27.99 22.56 -31.44
C ARG B 1282 -26.51 22.88 -31.23
N LYS B 1283 -25.76 22.05 -30.51
CA LYS B 1283 -24.34 22.32 -30.31
C LYS B 1283 -23.61 22.46 -31.63
N GLY B 1284 -22.87 23.55 -31.76
CA GLY B 1284 -22.12 23.87 -32.96
C GLY B 1284 -22.87 24.73 -33.95
N ASP B 1285 -24.20 24.79 -33.84
CA ASP B 1285 -25.02 25.62 -34.70
C ASP B 1285 -25.04 27.07 -34.24
N PRO B 1286 -25.32 28.02 -35.14
CA PRO B 1286 -25.43 29.43 -34.72
C PRO B 1286 -26.77 29.67 -34.04
N ALA B 1287 -26.98 30.92 -33.61
CA ALA B 1287 -28.20 31.30 -32.90
C ALA B 1287 -29.45 31.06 -33.73
N VAL B 1288 -29.61 31.83 -34.81
CA VAL B 1288 -30.78 31.73 -35.71
C VAL B 1288 -32.03 32.03 -34.89
N GLY C 12 -18.82 -7.68 -59.76
CA GLY C 12 -17.69 -6.79 -59.60
C GLY C 12 -18.05 -5.43 -59.02
N THR C 13 -19.30 -4.99 -59.20
CA THR C 13 -19.76 -3.74 -58.58
C THR C 13 -19.59 -3.79 -57.07
N VAL C 14 -20.09 -4.85 -56.46
CA VAL C 14 -20.02 -4.98 -55.01
C VAL C 14 -18.58 -5.20 -54.58
N TRP C 15 -17.77 -5.84 -55.43
CA TRP C 15 -16.33 -5.92 -55.19
C TRP C 15 -15.70 -4.54 -55.14
N ARG C 16 -16.18 -3.61 -55.99
CA ARG C 16 -15.63 -2.26 -56.00
C ARG C 16 -16.08 -1.47 -54.78
N ASP C 17 -17.35 -1.59 -54.39
CA ASP C 17 -17.87 -0.80 -53.27
C ASP C 17 -17.31 -1.26 -51.94
N ALA C 18 -17.14 -2.59 -51.77
CA ALA C 18 -16.70 -3.14 -50.49
C ALA C 18 -15.34 -2.59 -50.08
N LEU C 19 -14.45 -2.35 -51.06
CA LEU C 19 -13.14 -1.82 -50.77
C LEU C 19 -13.20 -0.43 -50.14
N LYS C 20 -14.12 0.42 -50.62
CA LYS C 20 -14.31 1.73 -50.02
C LYS C 20 -14.85 1.61 -48.60
N ILE C 21 -15.82 0.70 -48.41
CA ILE C 21 -16.33 0.43 -47.07
C ILE C 21 -15.22 -0.01 -46.13
N LEU C 22 -14.20 -0.71 -46.65
CA LEU C 22 -13.05 -1.07 -45.83
C LEU C 22 -12.20 0.14 -45.51
N SER C 23 -11.89 0.95 -46.53
CA SER C 23 -10.93 2.03 -46.35
C SER C 23 -11.40 3.06 -45.33
N GLU C 24 -12.71 3.29 -45.25
CA GLU C 24 -13.19 4.29 -44.31
C GLU C 24 -13.03 3.85 -42.86
N GLU C 25 -13.22 2.55 -42.58
CA GLU C 25 -13.11 2.02 -41.21
C GLU C 25 -11.66 1.67 -40.85
N SER C 26 -11.06 0.73 -41.57
CA SER C 26 -9.72 0.25 -41.26
C SER C 26 -8.70 1.39 -41.32
N SER C 46 -12.04 -5.51 -33.28
CA SER C 46 -13.27 -6.17 -33.70
C SER C 46 -14.47 -5.23 -33.74
N LEU C 47 -14.41 -4.14 -32.98
CA LEU C 47 -15.34 -3.03 -33.12
C LEU C 47 -15.48 -2.63 -34.59
N MET C 48 -14.36 -2.22 -35.21
CA MET C 48 -14.37 -1.83 -36.61
C MET C 48 -14.89 -2.96 -37.50
N SER C 49 -14.51 -4.21 -37.22
CA SER C 49 -14.94 -5.33 -38.05
C SER C 49 -16.46 -5.48 -38.07
N LEU C 50 -17.07 -5.51 -36.87
CA LEU C 50 -18.52 -5.55 -36.76
C LEU C 50 -19.16 -4.36 -37.45
N VAL C 51 -18.52 -3.19 -37.37
CA VAL C 51 -19.04 -2.02 -38.08
C VAL C 51 -18.99 -2.27 -39.58
N ILE C 52 -17.88 -2.81 -40.10
CA ILE C 52 -17.74 -3.01 -41.55
C ILE C 52 -18.83 -3.93 -42.06
N THR C 53 -19.01 -5.08 -41.40
CA THR C 53 -20.02 -6.02 -41.90
C THR C 53 -21.43 -5.47 -41.70
N SER C 54 -21.65 -4.70 -40.64
CA SER C 54 -22.94 -4.03 -40.47
C SER C 54 -23.19 -3.04 -41.59
N ARG C 55 -22.15 -2.36 -42.06
CA ARG C 55 -22.30 -1.43 -43.17
C ARG C 55 -22.50 -2.16 -44.49
N LEU C 56 -21.91 -3.35 -44.62
CA LEU C 56 -22.23 -4.19 -45.77
C LEU C 56 -23.72 -4.46 -45.81
N ARG C 57 -24.28 -4.94 -44.71
CA ARG C 57 -25.71 -5.23 -44.66
C ARG C 57 -26.56 -3.98 -44.91
N ASP C 58 -26.28 -2.91 -44.19
CA ASP C 58 -27.14 -1.72 -44.25
C ASP C 58 -26.95 -0.95 -45.55
N LEU C 69 -14.70 -9.77 -39.35
CA LEU C 69 -13.45 -9.82 -40.08
C LEU C 69 -12.22 -10.01 -39.20
N PHE C 70 -12.31 -9.72 -37.91
CA PHE C 70 -11.19 -10.04 -37.02
C PHE C 70 -10.99 -11.54 -36.88
N GLU C 71 -12.07 -12.32 -37.03
CA GLU C 71 -12.06 -13.76 -36.85
C GLU C 71 -12.28 -14.51 -38.16
N GLU C 72 -13.44 -14.30 -38.80
CA GLU C 72 -13.83 -15.09 -39.96
C GLU C 72 -13.19 -14.62 -41.26
N ILE C 76 -7.37 -9.23 -47.46
CA ILE C 76 -8.33 -8.62 -48.39
C ILE C 76 -8.86 -9.66 -49.36
N PHE C 77 -8.01 -10.58 -49.81
CA PHE C 77 -8.47 -11.58 -50.77
C PHE C 77 -9.41 -12.59 -50.13
N ASP C 78 -9.23 -12.89 -48.84
CA ASP C 78 -10.18 -13.78 -48.16
C ASP C 78 -11.57 -13.16 -48.14
N LEU C 79 -11.63 -11.84 -47.98
CA LEU C 79 -12.89 -11.11 -48.03
C LEU C 79 -13.49 -11.15 -49.43
N ARG C 80 -12.68 -10.76 -50.43
CA ARG C 80 -13.11 -10.71 -51.82
C ARG C 80 -13.62 -12.06 -52.30
N LYS C 81 -12.94 -13.15 -51.91
CA LYS C 81 -13.39 -14.48 -52.26
C LYS C 81 -14.58 -14.91 -51.42
N ARG C 82 -14.68 -14.44 -50.18
CA ARG C 82 -15.83 -14.77 -49.35
C ARG C 82 -17.12 -14.22 -49.94
N PHE C 83 -17.03 -13.15 -50.72
CA PHE C 83 -18.21 -12.67 -51.46
C PHE C 83 -18.75 -13.72 -52.42
N SER C 84 -17.86 -14.33 -53.22
CA SER C 84 -18.31 -15.35 -54.16
C SER C 84 -18.46 -16.71 -53.50
#